data_2K8S
#
_entry.id   2K8S
#
_entity_poly.entity_id   1
_entity_poly.type   'polypeptide(L)'
_entity_poly.pdbx_seq_one_letter_code
;VASKAIFYHAGCPVCVSAEQAVANAIDPSKYTVEIVHLGTDKARIAEAEKAGVKSVPALVIDGAAFHINFGAGIDDLKGS
;
_entity_poly.pdbx_strand_id   A,B
#
# COMPACT_ATOMS: atom_id res chain seq x y z
N VAL A 1 22.30 6.15 8.84
CA VAL A 1 21.69 5.38 7.73
C VAL A 1 20.25 5.04 8.03
N ALA A 2 19.53 4.55 7.03
CA ALA A 2 18.13 4.18 7.17
C ALA A 2 17.75 3.15 6.13
N SER A 3 16.53 2.65 6.22
CA SER A 3 16.04 1.67 5.25
C SER A 3 15.67 2.37 3.95
N LYS A 4 15.53 1.58 2.88
CA LYS A 4 15.26 2.13 1.56
C LYS A 4 13.81 1.87 1.15
N ALA A 5 13.11 2.94 0.80
CA ALA A 5 11.73 2.84 0.32
C ALA A 5 11.55 3.68 -0.94
N ILE A 6 11.58 3.02 -2.08
CA ILE A 6 11.50 3.73 -3.35
C ILE A 6 10.06 3.76 -3.85
N PHE A 7 9.54 4.96 -4.08
CA PHE A 7 8.14 5.13 -4.43
C PHE A 7 8.00 5.50 -5.90
N TYR A 8 7.59 4.53 -6.70
CA TYR A 8 7.41 4.75 -8.14
C TYR A 8 5.96 5.09 -8.45
N HIS A 9 5.74 6.16 -9.21
CA HIS A 9 4.41 6.49 -9.69
C HIS A 9 4.50 7.44 -10.88
N ALA A 10 3.43 7.49 -11.67
CA ALA A 10 3.44 8.27 -12.90
C ALA A 10 2.70 9.60 -12.74
N GLY A 11 2.43 9.98 -11.50
CA GLY A 11 1.72 11.23 -11.25
C GLY A 11 0.22 11.08 -11.38
N CYS A 12 -0.25 9.85 -11.43
CA CYS A 12 -1.67 9.58 -11.53
C CYS A 12 -2.39 10.02 -10.26
N PRO A 13 -3.68 10.38 -10.35
CA PRO A 13 -4.48 10.84 -9.19
C PRO A 13 -4.38 9.88 -8.01
N VAL A 14 -4.54 8.59 -8.30
CA VAL A 14 -4.47 7.55 -7.27
C VAL A 14 -3.08 7.53 -6.63
N CYS A 15 -2.06 7.81 -7.44
CA CYS A 15 -0.69 7.83 -6.97
C CYS A 15 -0.48 9.01 -6.02
N VAL A 16 -1.05 10.15 -6.38
CA VAL A 16 -0.96 11.36 -5.55
C VAL A 16 -1.57 11.11 -4.18
N SER A 17 -2.67 10.38 -4.15
CA SER A 17 -3.34 10.05 -2.90
C SER A 17 -2.41 9.23 -1.99
N ALA A 18 -1.74 8.24 -2.58
CA ALA A 18 -0.83 7.39 -1.83
C ALA A 18 0.42 8.14 -1.40
N GLU A 19 0.92 9.02 -2.26
CA GLU A 19 2.10 9.81 -1.96
C GLU A 19 1.80 10.79 -0.81
N GLN A 20 0.71 11.53 -0.96
CA GLN A 20 0.34 12.55 0.01
C GLN A 20 0.05 11.95 1.38
N ALA A 21 -0.55 10.77 1.41
CA ALA A 21 -0.92 10.14 2.67
C ALA A 21 0.17 9.20 3.16
N VAL A 22 0.37 8.10 2.46
CA VAL A 22 1.26 7.04 2.92
C VAL A 22 2.73 7.46 2.87
N ALA A 23 3.15 7.99 1.72
CA ALA A 23 4.55 8.35 1.52
C ALA A 23 4.96 9.54 2.40
N ASN A 24 3.99 10.30 2.88
CA ASN A 24 4.28 11.40 3.79
C ASN A 24 4.15 10.96 5.24
N ALA A 25 3.48 9.83 5.46
CA ALA A 25 3.34 9.26 6.79
C ALA A 25 4.61 8.51 7.18
N ILE A 26 5.38 8.11 6.17
CA ILE A 26 6.63 7.44 6.41
C ILE A 26 7.72 8.46 6.75
N ASP A 27 8.43 8.22 7.83
CA ASP A 27 9.47 9.12 8.28
C ASP A 27 10.80 8.75 7.65
N PRO A 28 11.53 9.76 7.14
CA PRO A 28 12.85 9.55 6.53
C PRO A 28 13.90 9.09 7.53
N SER A 29 13.52 9.04 8.80
CA SER A 29 14.40 8.57 9.85
C SER A 29 14.57 7.06 9.76
N LYS A 30 13.46 6.34 9.62
CA LYS A 30 13.50 4.89 9.46
C LYS A 30 13.61 4.51 7.99
N TYR A 31 12.83 5.16 7.14
CA TYR A 31 12.79 4.81 5.74
C TYR A 31 13.05 6.01 4.85
N THR A 32 14.07 5.90 4.01
CA THR A 32 14.37 6.94 3.05
C THR A 32 13.45 6.81 1.85
N VAL A 33 12.48 7.72 1.75
CA VAL A 33 11.49 7.67 0.68
C VAL A 33 12.06 8.29 -0.61
N GLU A 34 12.34 7.43 -1.57
CA GLU A 34 12.87 7.86 -2.85
C GLU A 34 11.77 7.82 -3.91
N ILE A 35 11.12 8.94 -4.14
CA ILE A 35 10.02 9.00 -5.09
C ILE A 35 10.55 9.15 -6.51
N VAL A 36 10.10 8.28 -7.40
CA VAL A 36 10.50 8.28 -8.79
C VAL A 36 9.29 8.49 -9.70
N HIS A 37 9.26 9.63 -10.37
CA HIS A 37 8.14 9.97 -11.24
C HIS A 37 8.33 9.33 -12.61
N LEU A 38 7.38 8.47 -12.99
CA LEU A 38 7.44 7.75 -14.26
C LEU A 38 6.53 8.40 -15.29
N GLY A 39 6.01 9.58 -14.98
CA GLY A 39 5.09 10.24 -15.87
C GLY A 39 5.78 11.23 -16.79
N THR A 40 7.06 10.99 -17.04
CA THR A 40 7.85 11.85 -17.90
C THR A 40 9.06 11.09 -18.44
N ASP A 41 9.80 10.47 -17.52
CA ASP A 41 11.00 9.73 -17.89
C ASP A 41 10.62 8.30 -18.30
N LYS A 42 10.73 8.03 -19.59
CA LYS A 42 10.35 6.72 -20.12
C LYS A 42 11.53 5.74 -20.08
N ALA A 43 12.69 6.24 -19.67
CA ALA A 43 13.87 5.40 -19.58
C ALA A 43 13.89 4.67 -18.25
N ARG A 44 13.31 5.28 -17.23
CA ARG A 44 13.25 4.69 -15.90
C ARG A 44 12.22 3.56 -15.86
N ILE A 45 11.39 3.45 -16.89
CA ILE A 45 10.41 2.38 -16.97
C ILE A 45 11.12 1.02 -16.97
N ALA A 46 12.23 0.95 -17.67
CA ALA A 46 13.04 -0.27 -17.72
C ALA A 46 13.59 -0.62 -16.35
N GLU A 47 13.81 0.41 -15.54
CA GLU A 47 14.28 0.24 -14.17
C GLU A 47 13.16 -0.29 -13.30
N ALA A 48 11.97 0.26 -13.48
CA ALA A 48 10.80 -0.13 -12.71
C ALA A 48 10.50 -1.62 -12.86
N GLU A 49 10.59 -2.11 -14.09
CA GLU A 49 10.35 -3.53 -14.39
C GLU A 49 11.16 -4.43 -13.47
N LYS A 50 12.43 -4.08 -13.31
CA LYS A 50 13.38 -4.91 -12.59
C LYS A 50 13.32 -4.65 -11.09
N ALA A 51 12.88 -3.46 -10.71
CA ALA A 51 12.70 -3.10 -9.32
C ALA A 51 11.54 -3.87 -8.71
N GLY A 52 10.62 -4.31 -9.56
CA GLY A 52 9.46 -5.04 -9.11
C GLY A 52 8.20 -4.25 -9.27
N VAL A 53 8.32 -3.08 -9.89
CA VAL A 53 7.20 -2.19 -10.09
C VAL A 53 6.39 -2.62 -11.30
N LYS A 54 5.27 -3.26 -11.05
CA LYS A 54 4.41 -3.75 -12.12
C LYS A 54 3.13 -2.93 -12.18
N SER A 55 2.97 -2.04 -11.21
CA SER A 55 1.85 -1.11 -11.19
C SER A 55 2.26 0.17 -10.45
N VAL A 56 1.45 1.21 -10.55
CA VAL A 56 1.71 2.45 -9.86
C VAL A 56 0.48 2.90 -9.08
N PRO A 57 0.67 3.46 -7.88
CA PRO A 57 1.99 3.66 -7.30
C PRO A 57 2.53 2.43 -6.56
N ALA A 58 3.85 2.27 -6.57
CA ALA A 58 4.49 1.14 -5.94
C ALA A 58 5.52 1.60 -4.92
N LEU A 59 5.39 1.09 -3.70
CA LEU A 59 6.34 1.41 -2.64
C LEU A 59 7.32 0.25 -2.46
N VAL A 60 8.52 0.43 -2.99
CA VAL A 60 9.54 -0.61 -2.96
C VAL A 60 10.31 -0.57 -1.64
N ILE A 61 9.98 -1.49 -0.76
CA ILE A 61 10.67 -1.61 0.53
C ILE A 61 11.50 -2.90 0.55
N ASP A 62 12.82 -2.74 0.64
CA ASP A 62 13.75 -3.89 0.66
C ASP A 62 13.64 -4.70 -0.63
N GLY A 63 13.21 -4.05 -1.71
CA GLY A 63 13.07 -4.73 -2.97
C GLY A 63 11.64 -5.14 -3.25
N ALA A 64 10.82 -5.21 -2.21
CA ALA A 64 9.43 -5.60 -2.35
C ALA A 64 8.56 -4.39 -2.68
N ALA A 65 8.03 -4.36 -3.89
CA ALA A 65 7.22 -3.24 -4.33
C ALA A 65 5.76 -3.41 -3.92
N PHE A 66 5.35 -2.69 -2.89
CA PHE A 66 3.98 -2.73 -2.42
C PHE A 66 3.14 -1.74 -3.24
N HIS A 67 2.34 -2.29 -4.14
CA HIS A 67 1.50 -1.47 -5.01
C HIS A 67 0.27 -0.96 -4.25
N ILE A 68 0.37 0.25 -3.73
CA ILE A 68 -0.68 0.80 -2.87
C ILE A 68 -1.74 1.51 -3.70
N ASN A 69 -2.94 0.93 -3.73
CA ASN A 69 -4.06 1.46 -4.52
C ASN A 69 -3.77 1.37 -6.01
N PHE A 70 -4.38 0.38 -6.66
CA PHE A 70 -4.13 0.14 -8.07
C PHE A 70 -4.78 1.22 -8.93
N GLY A 71 -3.95 2.15 -9.40
CA GLY A 71 -4.43 3.16 -10.31
C GLY A 71 -4.13 2.80 -11.75
N ALA A 72 -2.86 2.55 -12.02
CA ALA A 72 -2.43 2.11 -13.33
C ALA A 72 -1.37 1.03 -13.18
N GLY A 73 -1.25 0.17 -14.18
CA GLY A 73 -0.20 -0.82 -14.19
C GLY A 73 0.96 -0.37 -15.05
N ILE A 74 2.07 -1.09 -15.01
CA ILE A 74 3.21 -0.74 -15.83
C ILE A 74 2.88 -1.03 -17.29
N ASP A 75 1.93 -1.94 -17.51
CA ASP A 75 1.44 -2.25 -18.85
C ASP A 75 0.68 -1.05 -19.41
N ASP A 76 0.06 -0.28 -18.52
CA ASP A 76 -0.69 0.90 -18.94
C ASP A 76 0.25 2.00 -19.39
N LEU A 77 1.49 1.93 -18.93
CA LEU A 77 2.52 2.88 -19.34
C LEU A 77 3.28 2.32 -20.53
N LYS A 78 3.18 1.02 -20.71
CA LYS A 78 3.88 0.32 -21.78
C LYS A 78 3.01 0.27 -23.04
N GLY A 79 3.13 1.29 -23.87
CA GLY A 79 2.41 1.30 -25.13
C GLY A 79 3.07 0.41 -26.15
N SER A 80 4.18 0.90 -26.71
CA SER A 80 4.94 0.14 -27.67
C SER A 80 6.36 -0.06 -27.16
N VAL B 1 -0.94 14.43 16.35
CA VAL B 1 -2.08 13.51 16.57
C VAL B 1 -1.57 12.09 16.79
N ALA B 2 -2.50 11.18 17.06
CA ALA B 2 -2.17 9.78 17.25
C ALA B 2 -3.32 8.91 16.73
N SER B 3 -3.90 9.32 15.62
CA SER B 3 -5.03 8.61 15.03
C SER B 3 -4.60 7.20 14.60
N LYS B 4 -5.55 6.28 14.59
CA LYS B 4 -5.22 4.89 14.34
C LYS B 4 -5.28 4.56 12.84
N ALA B 5 -4.40 3.68 12.43
CA ALA B 5 -4.42 3.13 11.09
C ALA B 5 -4.98 1.71 11.17
N ILE B 6 -6.09 1.48 10.49
CA ILE B 6 -6.79 0.21 10.62
C ILE B 6 -6.36 -0.75 9.53
N PHE B 7 -5.63 -1.78 9.91
CA PHE B 7 -5.10 -2.74 8.96
C PHE B 7 -5.95 -4.01 8.95
N TYR B 8 -6.64 -4.23 7.84
CA TYR B 8 -7.44 -5.43 7.67
C TYR B 8 -6.64 -6.50 6.94
N HIS B 9 -6.66 -7.71 7.48
CA HIS B 9 -5.99 -8.82 6.82
C HIS B 9 -6.79 -10.10 6.99
N ALA B 10 -6.36 -11.17 6.33
CA ALA B 10 -7.11 -12.43 6.35
C ALA B 10 -6.18 -13.61 6.58
N GLY B 11 -4.99 -13.35 7.08
CA GLY B 11 -4.04 -14.42 7.38
C GLY B 11 -3.24 -14.84 6.17
N CYS B 12 -3.61 -14.33 5.00
CA CYS B 12 -2.90 -14.63 3.75
C CYS B 12 -1.43 -14.21 3.85
N PRO B 13 -0.54 -14.87 3.09
CA PRO B 13 0.90 -14.56 3.10
C PRO B 13 1.21 -13.08 2.90
N VAL B 14 0.44 -12.43 2.04
CA VAL B 14 0.63 -11.01 1.74
C VAL B 14 0.44 -10.14 3.00
N CYS B 15 -0.38 -10.63 3.94
CA CYS B 15 -0.63 -9.91 5.18
C CYS B 15 0.67 -9.74 5.95
N VAL B 16 1.44 -10.81 6.00
CA VAL B 16 2.70 -10.82 6.74
C VAL B 16 3.68 -9.81 6.17
N SER B 17 3.85 -9.84 4.87
CA SER B 17 4.77 -8.94 4.18
C SER B 17 4.42 -7.48 4.47
N ALA B 18 3.13 -7.15 4.34
CA ALA B 18 2.66 -5.80 4.58
C ALA B 18 2.84 -5.41 6.04
N GLU B 19 2.59 -6.36 6.93
CA GLU B 19 2.70 -6.11 8.36
C GLU B 19 4.16 -5.87 8.77
N GLN B 20 5.07 -6.63 8.18
CA GLN B 20 6.49 -6.50 8.50
C GLN B 20 7.03 -5.14 8.08
N ALA B 21 6.83 -4.80 6.80
CA ALA B 21 7.41 -3.58 6.26
C ALA B 21 6.54 -2.35 6.53
N VAL B 22 5.35 -2.34 5.95
CA VAL B 22 4.49 -1.16 5.96
C VAL B 22 4.04 -0.79 7.38
N ALA B 23 3.64 -1.80 8.15
CA ALA B 23 3.11 -1.57 9.49
C ALA B 23 4.21 -1.17 10.49
N ASN B 24 5.46 -1.28 10.08
CA ASN B 24 6.57 -0.82 10.92
C ASN B 24 7.10 0.51 10.42
N ALA B 25 6.89 0.79 9.13
CA ALA B 25 7.23 2.09 8.57
C ALA B 25 6.29 3.15 9.12
N ILE B 26 5.04 2.74 9.35
CA ILE B 26 4.07 3.59 10.02
C ILE B 26 3.93 3.13 11.47
N ASP B 27 4.85 3.58 12.30
CA ASP B 27 4.89 3.16 13.69
C ASP B 27 3.84 3.91 14.53
N PRO B 28 3.37 3.28 15.62
CA PRO B 28 2.30 3.81 16.48
C PRO B 28 2.62 5.15 17.14
N SER B 29 3.87 5.58 17.07
CA SER B 29 4.25 6.88 17.61
C SER B 29 3.66 7.98 16.73
N LYS B 30 3.42 7.63 15.47
CA LYS B 30 2.78 8.54 14.54
C LYS B 30 1.31 8.15 14.37
N TYR B 31 1.09 6.90 14.01
CA TYR B 31 -0.26 6.38 13.83
C TYR B 31 -0.37 4.99 14.45
N THR B 32 -1.27 4.83 15.40
CA THR B 32 -1.47 3.54 16.06
C THR B 32 -2.07 2.53 15.10
N VAL B 33 -1.30 1.53 14.72
CA VAL B 33 -1.77 0.52 13.77
C VAL B 33 -2.63 -0.51 14.49
N GLU B 34 -3.88 -0.62 14.06
CA GLU B 34 -4.82 -1.56 14.63
C GLU B 34 -4.98 -2.76 13.70
N ILE B 35 -4.47 -3.90 14.14
CA ILE B 35 -4.51 -5.12 13.33
C ILE B 35 -5.87 -5.80 13.44
N VAL B 36 -6.63 -5.80 12.34
CA VAL B 36 -7.94 -6.42 12.32
C VAL B 36 -7.92 -7.66 11.43
N HIS B 37 -8.10 -8.82 12.06
CA HIS B 37 -8.07 -10.09 11.35
C HIS B 37 -9.50 -10.58 11.10
N LEU B 38 -9.90 -10.57 9.83
CA LEU B 38 -11.23 -11.02 9.45
C LEU B 38 -11.36 -12.53 9.57
N GLY B 39 -10.21 -13.20 9.71
CA GLY B 39 -10.21 -14.63 9.92
C GLY B 39 -10.75 -14.99 11.28
N THR B 40 -10.62 -14.07 12.23
CA THR B 40 -11.14 -14.27 13.56
C THR B 40 -12.61 -13.87 13.63
N ASP B 41 -12.92 -12.67 13.14
CA ASP B 41 -14.27 -12.14 13.21
C ASP B 41 -14.84 -11.95 11.80
N LYS B 42 -15.80 -12.78 11.44
CA LYS B 42 -16.34 -12.79 10.09
C LYS B 42 -17.45 -11.76 9.93
N ALA B 43 -18.09 -11.42 11.04
CA ALA B 43 -19.18 -10.45 11.03
C ALA B 43 -18.64 -9.02 10.87
N ARG B 44 -17.34 -8.91 10.70
CA ARG B 44 -16.69 -7.61 10.59
C ARG B 44 -16.58 -7.18 9.12
N ILE B 45 -17.06 -8.03 8.23
CA ILE B 45 -17.11 -7.70 6.80
C ILE B 45 -17.93 -6.43 6.58
N ALA B 46 -19.06 -6.34 7.28
CA ALA B 46 -19.95 -5.19 7.19
C ALA B 46 -19.25 -3.91 7.63
N GLU B 47 -18.35 -4.05 8.61
CA GLU B 47 -17.57 -2.91 9.09
C GLU B 47 -16.57 -2.49 8.03
N ALA B 48 -15.88 -3.47 7.46
CA ALA B 48 -14.87 -3.22 6.44
C ALA B 48 -15.45 -2.45 5.26
N GLU B 49 -16.65 -2.86 4.83
CA GLU B 49 -17.35 -2.20 3.72
C GLU B 49 -17.47 -0.69 3.99
N LYS B 50 -17.99 -0.35 5.16
CA LYS B 50 -18.26 1.04 5.50
C LYS B 50 -16.97 1.82 5.75
N ALA B 51 -15.91 1.10 6.09
CA ALA B 51 -14.61 1.72 6.31
C ALA B 51 -13.95 2.07 4.98
N GLY B 52 -14.38 1.39 3.92
CA GLY B 52 -13.82 1.62 2.61
C GLY B 52 -12.90 0.49 2.18
N VAL B 53 -12.90 -0.57 2.96
CA VAL B 53 -12.04 -1.71 2.71
C VAL B 53 -12.66 -2.63 1.65
N LYS B 54 -12.12 -2.58 0.45
CA LYS B 54 -12.61 -3.39 -0.65
C LYS B 54 -11.81 -4.69 -0.73
N SER B 55 -10.66 -4.71 -0.08
CA SER B 55 -9.83 -5.89 -0.06
C SER B 55 -9.00 -5.95 1.21
N VAL B 56 -8.67 -7.16 1.65
CA VAL B 56 -7.75 -7.34 2.76
C VAL B 56 -6.32 -7.06 2.29
N PRO B 57 -5.26 -7.39 3.07
CA PRO B 57 -4.09 -6.57 3.27
C PRO B 57 -4.25 -5.14 2.73
N ALA B 58 -4.84 -4.31 3.58
CA ALA B 58 -5.05 -2.91 3.32
C ALA B 58 -5.14 -2.15 4.64
N LEU B 59 -4.82 -0.86 4.64
CA LEU B 59 -4.85 -0.09 5.87
C LEU B 59 -5.65 1.20 5.69
N VAL B 60 -6.45 1.52 6.68
CA VAL B 60 -7.25 2.73 6.68
C VAL B 60 -6.59 3.80 7.54
N ILE B 61 -6.11 4.86 6.91
CA ILE B 61 -5.42 5.94 7.62
C ILE B 61 -6.33 7.16 7.73
N ASP B 62 -6.76 7.46 8.96
CA ASP B 62 -7.59 8.64 9.25
C ASP B 62 -8.95 8.58 8.54
N GLY B 63 -9.25 7.44 7.93
CA GLY B 63 -10.50 7.29 7.22
C GLY B 63 -10.30 6.85 5.78
N ALA B 64 -9.13 7.18 5.25
CA ALA B 64 -8.80 6.83 3.87
C ALA B 64 -8.20 5.42 3.80
N ALA B 65 -8.86 4.54 3.05
CA ALA B 65 -8.42 3.16 2.93
C ALA B 65 -7.44 2.99 1.79
N PHE B 66 -6.27 2.44 2.11
CA PHE B 66 -5.25 2.18 1.10
C PHE B 66 -4.96 0.68 1.03
N HIS B 67 -5.12 0.12 -0.15
CA HIS B 67 -4.94 -1.31 -0.36
C HIS B 67 -3.48 -1.63 -0.66
N ILE B 68 -2.86 -2.45 0.17
CA ILE B 68 -1.44 -2.74 0.05
C ILE B 68 -1.20 -3.88 -0.92
N ASN B 69 -0.85 -3.52 -2.16
CA ASN B 69 -0.48 -4.49 -3.20
C ASN B 69 -1.69 -5.34 -3.60
N PHE B 70 -2.87 -4.92 -3.16
CA PHE B 70 -4.10 -5.66 -3.39
C PHE B 70 -3.99 -7.06 -2.79
N GLY B 71 -4.28 -7.17 -1.51
CA GLY B 71 -4.19 -8.45 -0.83
C GLY B 71 -5.21 -9.44 -1.36
N ALA B 72 -6.40 -9.42 -0.79
CA ALA B 72 -7.47 -10.29 -1.28
C ALA B 72 -8.80 -9.56 -1.30
N GLY B 73 -9.57 -9.74 -2.36
CA GLY B 73 -10.85 -9.07 -2.47
C GLY B 73 -11.80 -9.44 -1.33
N ILE B 74 -12.53 -8.46 -0.82
CA ILE B 74 -13.44 -8.68 0.30
C ILE B 74 -14.58 -9.61 -0.13
N ASP B 75 -14.91 -9.59 -1.41
CA ASP B 75 -16.01 -10.39 -1.94
C ASP B 75 -15.53 -11.82 -2.25
N ASP B 76 -14.24 -12.05 -2.06
CA ASP B 76 -13.68 -13.39 -2.21
C ASP B 76 -13.93 -14.21 -0.94
N LEU B 77 -14.07 -13.50 0.17
CA LEU B 77 -14.36 -14.13 1.45
C LEU B 77 -15.86 -14.16 1.68
N LYS B 78 -16.59 -13.58 0.75
CA LYS B 78 -18.02 -13.40 0.87
C LYS B 78 -18.76 -14.09 -0.26
N GLY B 79 -19.95 -14.60 0.03
CA GLY B 79 -20.79 -15.16 -1.00
C GLY B 79 -21.78 -14.12 -1.50
N SER B 80 -23.05 -14.41 -1.38
CA SER B 80 -24.09 -13.45 -1.73
C SER B 80 -25.19 -13.48 -0.67
N VAL A 1 18.72 3.86 12.67
CA VAL A 1 18.34 2.87 11.62
C VAL A 1 17.38 3.50 10.64
N ALA A 2 17.85 3.72 9.42
CA ALA A 2 17.04 4.30 8.37
C ALA A 2 17.20 3.54 7.07
N SER A 3 16.18 2.77 6.72
CA SER A 3 16.19 2.02 5.47
C SER A 3 15.85 2.95 4.30
N LYS A 4 15.65 2.40 3.13
CA LYS A 4 15.30 3.21 1.98
C LYS A 4 13.89 2.87 1.49
N ALA A 5 13.22 3.85 0.90
CA ALA A 5 11.88 3.64 0.39
C ALA A 5 11.71 4.35 -0.95
N ILE A 6 11.57 3.56 -2.01
CA ILE A 6 11.39 4.12 -3.35
C ILE A 6 9.92 4.15 -3.70
N PHE A 7 9.41 5.33 -4.02
CA PHE A 7 8.01 5.51 -4.32
C PHE A 7 7.80 5.74 -5.81
N TYR A 8 7.37 4.70 -6.52
CA TYR A 8 7.12 4.80 -7.95
C TYR A 8 5.66 5.16 -8.20
N HIS A 9 5.42 6.14 -9.06
CA HIS A 9 4.06 6.48 -9.45
C HIS A 9 4.05 7.20 -10.79
N ALA A 10 2.86 7.34 -11.38
CA ALA A 10 2.74 7.94 -12.70
C ALA A 10 2.06 9.31 -12.64
N GLY A 11 1.91 9.85 -11.44
CA GLY A 11 1.30 11.16 -11.29
C GLY A 11 -0.21 11.12 -11.23
N CYS A 12 -0.76 9.92 -11.19
CA CYS A 12 -2.21 9.75 -11.15
C CYS A 12 -2.76 10.14 -9.77
N PRO A 13 -4.01 10.61 -9.70
CA PRO A 13 -4.64 11.05 -8.44
C PRO A 13 -4.55 10.00 -7.34
N VAL A 14 -4.77 8.74 -7.71
CA VAL A 14 -4.69 7.63 -6.77
C VAL A 14 -3.30 7.56 -6.14
N CYS A 15 -2.29 7.87 -6.95
CA CYS A 15 -0.91 7.84 -6.49
C CYS A 15 -0.65 8.99 -5.52
N VAL A 16 -1.19 10.16 -5.85
CA VAL A 16 -1.00 11.36 -5.03
C VAL A 16 -1.59 11.15 -3.64
N SER A 17 -2.72 10.46 -3.58
CA SER A 17 -3.36 10.14 -2.31
C SER A 17 -2.43 9.30 -1.43
N ALA A 18 -1.83 8.27 -2.03
CA ALA A 18 -0.92 7.40 -1.31
C ALA A 18 0.33 8.16 -0.88
N GLU A 19 0.76 9.09 -1.72
CA GLU A 19 1.91 9.92 -1.43
C GLU A 19 1.65 10.81 -0.21
N GLN A 20 0.57 11.59 -0.29
CA GLN A 20 0.29 12.59 0.73
C GLN A 20 -0.26 11.96 2.02
N ALA A 21 -0.54 10.66 2.00
CA ALA A 21 -0.99 9.98 3.20
C ALA A 21 0.06 9.00 3.70
N VAL A 22 0.38 7.98 2.90
CA VAL A 22 1.29 6.93 3.33
C VAL A 22 2.72 7.42 3.39
N ALA A 23 3.14 8.17 2.36
CA ALA A 23 4.50 8.72 2.33
C ALA A 23 4.61 9.95 3.22
N ASN A 24 3.49 10.30 3.85
CA ASN A 24 3.47 11.34 4.87
C ASN A 24 3.53 10.69 6.25
N ALA A 25 3.06 9.45 6.31
CA ALA A 25 3.11 8.67 7.53
C ALA A 25 4.52 8.12 7.76
N ILE A 26 5.21 7.84 6.66
CA ILE A 26 6.60 7.39 6.74
C ILE A 26 7.49 8.57 7.12
N ASP A 27 8.32 8.37 8.13
CA ASP A 27 9.17 9.44 8.64
C ASP A 27 10.47 9.50 7.83
N PRO A 28 10.87 10.71 7.40
CA PRO A 28 12.08 10.91 6.59
C PRO A 28 13.36 10.50 7.31
N SER A 29 13.30 10.43 8.64
CA SER A 29 14.45 10.02 9.42
C SER A 29 14.34 8.55 9.80
N LYS A 30 13.35 7.88 9.23
CA LYS A 30 13.16 6.45 9.45
C LYS A 30 13.41 5.71 8.14
N TYR A 31 12.97 6.30 7.05
CA TYR A 31 13.17 5.74 5.71
C TYR A 31 13.63 6.82 4.75
N THR A 32 14.53 6.44 3.87
CA THR A 32 15.01 7.34 2.82
C THR A 32 14.06 7.29 1.64
N VAL A 33 13.12 8.23 1.60
CA VAL A 33 12.05 8.20 0.61
C VAL A 33 12.46 8.92 -0.67
N GLU A 34 12.53 8.19 -1.76
CA GLU A 34 12.78 8.77 -3.07
C GLU A 34 11.59 8.50 -3.99
N ILE A 35 10.90 9.55 -4.36
CA ILE A 35 9.75 9.43 -5.23
C ILE A 35 10.18 9.52 -6.69
N VAL A 36 9.76 8.54 -7.48
CA VAL A 36 10.15 8.46 -8.88
C VAL A 36 8.92 8.58 -9.78
N HIS A 37 8.88 9.62 -10.58
CA HIS A 37 7.76 9.86 -11.47
C HIS A 37 7.95 9.10 -12.78
N LEU A 38 7.13 8.08 -12.98
CA LEU A 38 7.21 7.23 -14.17
C LEU A 38 6.44 7.82 -15.34
N GLY A 39 5.81 8.97 -15.10
CA GLY A 39 5.05 9.61 -16.14
C GLY A 39 5.89 10.55 -16.97
N THR A 40 6.93 11.10 -16.36
CA THR A 40 7.81 12.05 -17.03
C THR A 40 8.74 11.31 -18.00
N ASP A 41 9.48 10.33 -17.48
CA ASP A 41 10.42 9.58 -18.30
C ASP A 41 10.00 8.12 -18.40
N LYS A 42 10.11 7.55 -19.60
CA LYS A 42 9.65 6.20 -19.84
C LYS A 42 10.75 5.18 -19.58
N ALA A 43 12.00 5.63 -19.56
CA ALA A 43 13.13 4.73 -19.35
C ALA A 43 13.15 4.22 -17.92
N ARG A 44 12.48 4.96 -17.04
CA ARG A 44 12.37 4.56 -15.63
C ARG A 44 11.51 3.31 -15.49
N ILE A 45 10.68 3.05 -16.50
CA ILE A 45 9.78 1.90 -16.48
C ILE A 45 10.59 0.59 -16.54
N ALA A 46 11.72 0.63 -17.23
CA ALA A 46 12.61 -0.51 -17.32
C ALA A 46 13.10 -0.91 -15.92
N GLU A 47 13.43 0.09 -15.12
CA GLU A 47 13.87 -0.12 -13.75
C GLU A 47 12.77 -0.80 -12.94
N ALA A 48 11.56 -0.29 -13.08
CA ALA A 48 10.40 -0.81 -12.36
C ALA A 48 10.13 -2.26 -12.74
N GLU A 49 10.14 -2.55 -14.03
CA GLU A 49 9.86 -3.89 -14.52
C GLU A 49 10.87 -4.90 -14.00
N LYS A 50 12.16 -4.54 -14.08
CA LYS A 50 13.22 -5.43 -13.67
C LYS A 50 13.33 -5.51 -12.14
N ALA A 51 12.65 -4.60 -11.46
CA ALA A 51 12.61 -4.62 -10.00
C ALA A 51 11.45 -5.45 -9.50
N GLY A 52 10.48 -5.70 -10.38
CA GLY A 52 9.32 -6.49 -10.00
C GLY A 52 8.11 -5.64 -9.69
N VAL A 53 8.09 -4.42 -10.21
CA VAL A 53 6.98 -3.50 -9.99
C VAL A 53 5.86 -3.80 -10.98
N LYS A 54 4.66 -4.02 -10.45
CA LYS A 54 3.51 -4.36 -11.28
C LYS A 54 2.62 -3.15 -11.50
N SER A 55 2.46 -2.34 -10.47
CA SER A 55 1.52 -1.23 -10.52
C SER A 55 2.04 -0.04 -9.74
N VAL A 56 1.37 1.10 -9.89
CA VAL A 56 1.71 2.29 -9.13
C VAL A 56 0.45 2.87 -8.49
N PRO A 57 0.60 3.56 -7.34
CA PRO A 57 1.91 3.83 -6.74
C PRO A 57 2.51 2.61 -6.06
N ALA A 58 3.81 2.45 -6.22
CA ALA A 58 4.54 1.35 -5.64
C ALA A 58 5.50 1.85 -4.56
N LEU A 59 5.68 1.05 -3.53
CA LEU A 59 6.54 1.42 -2.42
C LEU A 59 7.61 0.36 -2.23
N VAL A 60 8.81 0.66 -2.69
CA VAL A 60 9.94 -0.25 -2.54
C VAL A 60 10.59 -0.05 -1.18
N ILE A 61 10.26 -0.92 -0.25
CA ILE A 61 10.76 -0.82 1.11
C ILE A 61 12.05 -1.59 1.27
N ASP A 62 13.17 -0.87 1.21
CA ASP A 62 14.50 -1.41 1.46
C ASP A 62 14.86 -2.54 0.48
N GLY A 63 14.15 -2.60 -0.64
CA GLY A 63 14.43 -3.62 -1.63
C GLY A 63 13.23 -4.49 -1.93
N ALA A 64 12.20 -4.39 -1.10
CA ALA A 64 10.96 -5.15 -1.33
C ALA A 64 9.94 -4.27 -2.05
N ALA A 65 9.43 -4.76 -3.16
CA ALA A 65 8.53 -3.96 -4.00
C ALA A 65 7.08 -4.16 -3.60
N PHE A 66 6.52 -3.17 -2.92
CA PHE A 66 5.12 -3.22 -2.50
C PHE A 66 4.27 -2.29 -3.33
N HIS A 67 2.96 -2.48 -3.27
CA HIS A 67 2.02 -1.69 -4.05
C HIS A 67 0.94 -1.14 -3.13
N ILE A 68 0.51 0.09 -3.40
CA ILE A 68 -0.53 0.74 -2.61
C ILE A 68 -1.61 1.35 -3.50
N ASN A 69 -2.73 0.64 -3.62
CA ASN A 69 -3.86 1.04 -4.47
C ASN A 69 -3.51 1.01 -5.95
N PHE A 70 -4.26 0.23 -6.70
CA PHE A 70 -4.04 0.11 -8.13
C PHE A 70 -4.53 1.37 -8.84
N GLY A 71 -3.61 2.30 -9.08
CA GLY A 71 -3.94 3.48 -9.84
C GLY A 71 -3.62 3.28 -11.30
N ALA A 72 -2.39 2.85 -11.56
CA ALA A 72 -1.95 2.55 -12.90
C ALA A 72 -1.11 1.28 -12.91
N GLY A 73 -1.05 0.60 -14.04
CA GLY A 73 -0.31 -0.64 -14.12
C GLY A 73 0.81 -0.56 -15.14
N ILE A 74 1.94 -1.19 -14.85
CA ILE A 74 3.09 -1.13 -15.73
C ILE A 74 2.78 -1.76 -17.09
N ASP A 75 1.86 -2.72 -17.08
CA ASP A 75 1.40 -3.38 -18.30
C ASP A 75 0.71 -2.37 -19.23
N ASP A 76 0.01 -1.42 -18.62
CA ASP A 76 -0.68 -0.38 -19.37
C ASP A 76 0.28 0.75 -19.70
N LEU A 77 1.22 1.01 -18.79
CA LEU A 77 2.23 2.05 -18.99
C LEU A 77 2.99 1.80 -20.29
N LYS A 78 3.45 0.58 -20.49
CA LYS A 78 4.08 0.22 -21.75
C LYS A 78 3.01 0.12 -22.84
N GLY A 79 3.08 1.05 -23.78
CA GLY A 79 2.05 1.18 -24.78
C GLY A 79 1.42 2.57 -24.75
N SER A 80 1.85 3.37 -23.79
CA SER A 80 1.37 4.73 -23.66
C SER A 80 2.32 5.69 -24.38
N VAL B 1 -2.07 14.14 15.85
CA VAL B 1 -0.62 13.91 16.06
C VAL B 1 -0.24 12.50 15.61
N ALA B 2 -0.75 11.51 16.32
CA ALA B 2 -0.54 10.13 15.95
C ALA B 2 -1.79 9.57 15.29
N SER B 3 -1.94 9.86 14.01
CA SER B 3 -3.13 9.49 13.25
C SER B 3 -3.40 7.98 13.34
N LYS B 4 -4.67 7.61 13.28
CA LYS B 4 -5.08 6.23 13.44
C LYS B 4 -5.15 5.52 12.09
N ALA B 5 -4.35 4.47 11.95
CA ALA B 5 -4.36 3.66 10.74
C ALA B 5 -4.77 2.24 11.08
N ILE B 6 -5.80 1.75 10.42
CA ILE B 6 -6.32 0.42 10.70
C ILE B 6 -5.90 -0.56 9.61
N PHE B 7 -5.16 -1.58 10.01
CA PHE B 7 -4.64 -2.57 9.07
C PHE B 7 -5.57 -3.77 9.01
N TYR B 8 -6.05 -4.08 7.82
CA TYR B 8 -6.92 -5.23 7.62
C TYR B 8 -6.16 -6.34 6.93
N HIS B 9 -6.15 -7.52 7.54
CA HIS B 9 -5.49 -8.67 6.93
C HIS B 9 -6.38 -9.91 7.08
N ALA B 10 -5.98 -11.00 6.43
CA ALA B 10 -6.78 -12.21 6.42
C ALA B 10 -5.99 -13.40 6.97
N GLY B 11 -4.73 -13.16 7.34
CA GLY B 11 -3.90 -14.23 7.85
C GLY B 11 -3.17 -14.97 6.75
N CYS B 12 -3.44 -14.61 5.51
CA CYS B 12 -2.82 -15.24 4.35
C CYS B 12 -1.37 -14.78 4.19
N PRO B 13 -0.55 -15.54 3.45
CA PRO B 13 0.88 -15.21 3.22
C PRO B 13 1.10 -13.76 2.78
N VAL B 14 0.15 -13.20 2.06
CA VAL B 14 0.24 -11.83 1.58
C VAL B 14 0.31 -10.85 2.76
N CYS B 15 -0.33 -11.22 3.87
CA CYS B 15 -0.38 -10.38 5.05
C CYS B 15 1.00 -10.25 5.68
N VAL B 16 1.78 -11.31 5.58
CA VAL B 16 3.12 -11.36 6.17
C VAL B 16 4.01 -10.25 5.61
N SER B 17 4.01 -10.13 4.29
CA SER B 17 4.80 -9.12 3.60
C SER B 17 4.42 -7.72 4.07
N ALA B 18 3.12 -7.47 4.11
CA ALA B 18 2.61 -6.15 4.50
C ALA B 18 2.91 -5.86 5.97
N GLU B 19 2.84 -6.89 6.79
CA GLU B 19 3.08 -6.76 8.22
C GLU B 19 4.52 -6.34 8.50
N GLN B 20 5.46 -7.15 8.02
CA GLN B 20 6.87 -6.97 8.36
C GLN B 20 7.44 -5.69 7.75
N ALA B 21 6.92 -5.28 6.61
CA ALA B 21 7.45 -4.11 5.93
C ALA B 21 6.55 -2.88 6.15
N VAL B 22 5.34 -2.94 5.63
CA VAL B 22 4.46 -1.77 5.63
C VAL B 22 4.07 -1.36 7.05
N ALA B 23 3.69 -2.34 7.88
CA ALA B 23 3.26 -2.05 9.24
C ALA B 23 4.45 -1.68 10.15
N ASN B 24 5.65 -1.76 9.59
CA ASN B 24 6.85 -1.36 10.32
C ASN B 24 7.44 -0.09 9.72
N ALA B 25 7.02 0.23 8.49
CA ALA B 25 7.45 1.45 7.83
C ALA B 25 6.83 2.65 8.51
N ILE B 26 5.54 2.56 8.78
CA ILE B 26 4.85 3.57 9.57
C ILE B 26 5.12 3.33 11.04
N ASP B 27 5.88 4.22 11.65
CA ASP B 27 6.34 4.02 13.02
C ASP B 27 5.19 4.09 14.02
N PRO B 28 5.05 3.05 14.86
CA PRO B 28 3.96 2.96 15.86
C PRO B 28 4.04 4.04 16.93
N SER B 29 5.18 4.70 17.05
CA SER B 29 5.32 5.78 18.01
C SER B 29 4.91 7.10 17.36
N LYS B 30 4.82 7.08 16.05
CA LYS B 30 4.48 8.26 15.27
C LYS B 30 3.00 8.26 14.90
N TYR B 31 2.48 7.07 14.62
CA TYR B 31 1.07 6.91 14.29
C TYR B 31 0.50 5.69 15.00
N THR B 32 -0.82 5.65 15.13
CA THR B 32 -1.48 4.56 15.83
C THR B 32 -1.94 3.49 14.84
N VAL B 33 -1.24 2.37 14.81
CA VAL B 33 -1.58 1.28 13.92
C VAL B 33 -2.41 0.23 14.64
N GLU B 34 -3.68 0.11 14.24
CA GLU B 34 -4.58 -0.86 14.83
C GLU B 34 -4.84 -1.97 13.81
N ILE B 35 -4.56 -3.20 14.18
CA ILE B 35 -4.68 -4.33 13.26
C ILE B 35 -5.95 -5.12 13.52
N VAL B 36 -6.73 -5.32 12.46
CA VAL B 36 -7.98 -6.05 12.55
C VAL B 36 -7.98 -7.24 11.58
N HIS B 37 -8.37 -8.40 12.08
CA HIS B 37 -8.41 -9.61 11.28
C HIS B 37 -9.75 -9.71 10.55
N LEU B 38 -9.72 -9.63 9.23
CA LEU B 38 -10.93 -9.66 8.43
C LEU B 38 -11.00 -10.97 7.65
N GLY B 39 -10.17 -11.93 8.03
CA GLY B 39 -10.14 -13.21 7.36
C GLY B 39 -10.76 -14.31 8.20
N THR B 40 -11.72 -13.94 9.03
CA THR B 40 -12.40 -14.92 9.88
C THR B 40 -13.81 -14.46 10.22
N ASP B 41 -13.92 -13.25 10.77
CA ASP B 41 -15.22 -12.74 11.19
C ASP B 41 -15.92 -12.02 10.05
N LYS B 42 -17.00 -12.64 9.56
CA LYS B 42 -17.79 -12.07 8.48
C LYS B 42 -18.52 -10.81 8.97
N ALA B 43 -18.69 -10.72 10.28
CA ALA B 43 -19.33 -9.58 10.90
C ALA B 43 -18.50 -8.31 10.71
N ARG B 44 -17.20 -8.48 10.56
CA ARG B 44 -16.32 -7.33 10.39
C ARG B 44 -16.35 -6.85 8.94
N ILE B 45 -16.88 -7.69 8.07
CA ILE B 45 -17.03 -7.33 6.66
C ILE B 45 -18.00 -6.17 6.52
N ALA B 46 -19.06 -6.19 7.33
CA ALA B 46 -20.03 -5.11 7.36
C ALA B 46 -19.36 -3.81 7.80
N GLU B 47 -18.42 -3.92 8.73
CA GLU B 47 -17.65 -2.77 9.20
C GLU B 47 -16.71 -2.29 8.10
N ALA B 48 -16.12 -3.24 7.38
CA ALA B 48 -15.23 -2.92 6.27
C ALA B 48 -15.98 -2.14 5.19
N GLU B 49 -17.23 -2.50 4.97
CA GLU B 49 -18.05 -1.82 3.97
C GLU B 49 -18.48 -0.45 4.46
N LYS B 50 -18.31 -0.20 5.75
CA LYS B 50 -18.59 1.12 6.32
C LYS B 50 -17.44 2.07 6.01
N ALA B 51 -16.21 1.57 6.13
CA ALA B 51 -15.03 2.36 5.84
C ALA B 51 -14.79 2.45 4.34
N GLY B 52 -15.22 1.43 3.62
CA GLY B 52 -15.06 1.43 2.18
C GLY B 52 -13.95 0.51 1.72
N VAL B 53 -13.67 -0.51 2.53
CA VAL B 53 -12.61 -1.46 2.23
C VAL B 53 -13.06 -2.42 1.13
N LYS B 54 -12.26 -2.55 0.08
CA LYS B 54 -12.60 -3.41 -1.03
C LYS B 54 -11.75 -4.68 -1.04
N SER B 55 -10.65 -4.67 -0.30
CA SER B 55 -9.79 -5.85 -0.22
C SER B 55 -9.04 -5.90 1.10
N VAL B 56 -8.78 -7.13 1.57
CA VAL B 56 -7.87 -7.34 2.69
C VAL B 56 -6.44 -7.28 2.17
N PRO B 57 -5.43 -7.66 2.99
CA PRO B 57 -4.19 -6.93 3.13
C PRO B 57 -4.23 -5.52 2.54
N ALA B 58 -4.72 -4.62 3.39
CA ALA B 58 -4.86 -3.20 3.08
C ALA B 58 -4.71 -2.37 4.35
N LEU B 59 -4.42 -1.10 4.20
CA LEU B 59 -4.23 -0.21 5.34
C LEU B 59 -5.15 1.01 5.24
N VAL B 60 -6.07 1.12 6.18
CA VAL B 60 -7.02 2.23 6.19
C VAL B 60 -6.53 3.34 7.10
N ILE B 61 -6.00 4.40 6.50
CA ILE B 61 -5.49 5.52 7.26
C ILE B 61 -6.56 6.59 7.42
N ASP B 62 -7.21 6.58 8.59
CA ASP B 62 -8.24 7.55 8.93
C ASP B 62 -9.25 7.75 7.81
N GLY B 63 -10.13 6.77 7.64
CA GLY B 63 -11.15 6.86 6.62
C GLY B 63 -10.70 6.39 5.25
N ALA B 64 -9.48 6.76 4.87
CA ALA B 64 -8.98 6.45 3.54
C ALA B 64 -8.39 5.05 3.49
N ALA B 65 -9.01 4.17 2.71
CA ALA B 65 -8.56 2.80 2.60
C ALA B 65 -7.48 2.66 1.53
N PHE B 66 -6.24 2.47 1.97
CA PHE B 66 -5.14 2.27 1.06
C PHE B 66 -4.79 0.79 0.96
N HIS B 67 -5.25 0.16 -0.10
CA HIS B 67 -5.02 -1.26 -0.30
C HIS B 67 -3.56 -1.52 -0.63
N ILE B 68 -3.00 -2.56 -0.04
CA ILE B 68 -1.62 -2.90 -0.30
C ILE B 68 -1.59 -3.97 -1.39
N ASN B 69 -0.41 -4.51 -1.70
CA ASN B 69 -0.27 -5.72 -2.52
C ASN B 69 -1.50 -6.61 -2.38
N PHE B 70 -2.20 -6.79 -3.50
CA PHE B 70 -3.52 -7.42 -3.51
C PHE B 70 -3.58 -8.66 -2.63
N GLY B 71 -4.23 -8.51 -1.49
CA GLY B 71 -4.46 -9.64 -0.62
C GLY B 71 -5.66 -10.43 -1.06
N ALA B 72 -6.83 -10.06 -0.58
CA ALA B 72 -8.06 -10.72 -1.04
C ALA B 72 -9.18 -9.72 -1.22
N GLY B 73 -9.98 -9.90 -2.28
CA GLY B 73 -11.12 -9.02 -2.48
C GLY B 73 -12.18 -9.25 -1.42
N ILE B 74 -12.85 -8.18 -0.99
CA ILE B 74 -13.89 -8.30 0.01
C ILE B 74 -15.07 -9.11 -0.54
N ASP B 75 -15.20 -9.10 -1.85
CA ASP B 75 -16.22 -9.88 -2.53
C ASP B 75 -15.88 -11.37 -2.46
N ASP B 76 -14.59 -11.66 -2.45
CA ASP B 76 -14.11 -13.05 -2.38
C ASP B 76 -14.31 -13.60 -0.98
N LEU B 77 -14.31 -12.72 0.01
CA LEU B 77 -14.46 -13.11 1.40
C LEU B 77 -15.91 -13.49 1.71
N LYS B 78 -16.82 -13.10 0.82
CA LYS B 78 -18.22 -13.40 0.99
C LYS B 78 -18.58 -14.70 0.29
N GLY B 79 -18.61 -15.79 1.04
CA GLY B 79 -19.01 -17.07 0.48
C GLY B 79 -17.87 -18.05 0.38
N SER B 80 -16.65 -17.54 0.23
CA SER B 80 -15.49 -18.38 0.10
C SER B 80 -14.62 -18.29 1.36
N VAL A 1 16.26 2.52 13.20
CA VAL A 1 16.91 1.82 12.07
C VAL A 1 16.35 2.32 10.75
N ALA A 2 17.22 2.83 9.89
CA ALA A 2 16.80 3.36 8.60
C ALA A 2 16.96 2.30 7.52
N SER A 3 16.19 2.43 6.45
CA SER A 3 16.26 1.49 5.33
C SER A 3 15.87 2.16 4.02
N LYS A 4 16.08 1.44 2.93
CA LYS A 4 15.76 1.92 1.60
C LYS A 4 14.25 2.01 1.39
N ALA A 5 13.80 3.11 0.79
CA ALA A 5 12.39 3.28 0.48
C ALA A 5 12.22 3.98 -0.86
N ILE A 6 11.56 3.33 -1.79
CA ILE A 6 11.36 3.87 -3.13
C ILE A 6 9.88 4.03 -3.42
N PHE A 7 9.50 5.16 -3.98
CA PHE A 7 8.10 5.41 -4.32
C PHE A 7 7.96 5.63 -5.83
N TYR A 8 7.41 4.64 -6.51
CA TYR A 8 7.21 4.72 -7.95
C TYR A 8 5.81 5.19 -8.30
N HIS A 9 5.72 6.25 -9.10
CA HIS A 9 4.44 6.70 -9.62
C HIS A 9 4.65 7.60 -10.84
N ALA A 10 3.55 7.98 -11.50
CA ALA A 10 3.64 8.77 -12.73
C ALA A 10 2.99 10.14 -12.55
N GLY A 11 2.59 10.46 -11.34
CA GLY A 11 1.93 11.74 -11.08
C GLY A 11 0.44 11.65 -11.26
N CYS A 12 -0.09 10.44 -11.31
CA CYS A 12 -1.51 10.21 -11.47
C CYS A 12 -2.28 10.71 -10.24
N PRO A 13 -3.51 11.20 -10.42
CA PRO A 13 -4.33 11.73 -9.32
C PRO A 13 -4.49 10.72 -8.17
N VAL A 14 -4.41 9.44 -8.50
CA VAL A 14 -4.54 8.37 -7.52
C VAL A 14 -3.33 8.33 -6.59
N CYS A 15 -2.14 8.42 -7.16
CA CYS A 15 -0.92 8.29 -6.37
C CYS A 15 -0.57 9.57 -5.66
N VAL A 16 -1.17 10.68 -6.09
CA VAL A 16 -0.98 11.96 -5.41
C VAL A 16 -1.42 11.86 -3.96
N SER A 17 -2.59 11.25 -3.74
CA SER A 17 -3.11 11.06 -2.39
C SER A 17 -2.18 10.18 -1.57
N ALA A 18 -1.52 9.23 -2.24
CA ALA A 18 -0.61 8.32 -1.58
C ALA A 18 0.70 9.04 -1.20
N GLU A 19 1.15 9.92 -2.08
CA GLU A 19 2.35 10.71 -1.84
C GLU A 19 2.09 11.71 -0.70
N GLN A 20 0.84 12.04 -0.49
CA GLN A 20 0.46 12.92 0.60
C GLN A 20 0.33 12.16 1.91
N ALA A 21 -0.53 11.14 1.92
CA ALA A 21 -0.82 10.41 3.14
C ALA A 21 0.28 9.40 3.48
N VAL A 22 0.42 8.37 2.64
CA VAL A 22 1.32 7.26 2.94
C VAL A 22 2.77 7.73 2.98
N ALA A 23 3.14 8.62 2.06
CA ALA A 23 4.52 9.10 1.97
C ALA A 23 4.84 10.12 3.05
N ASN A 24 3.87 10.42 3.91
CA ASN A 24 4.13 11.22 5.11
C ASN A 24 3.93 10.39 6.37
N ALA A 25 3.38 9.19 6.20
CA ALA A 25 3.28 8.24 7.28
C ALA A 25 4.61 7.54 7.47
N ILE A 26 5.30 7.36 6.36
CA ILE A 26 6.65 6.84 6.36
C ILE A 26 7.62 7.99 6.08
N ASP A 27 8.25 8.50 7.13
CA ASP A 27 9.09 9.68 7.00
C ASP A 27 10.57 9.30 7.06
N PRO A 28 11.48 10.23 6.65
CA PRO A 28 12.92 9.97 6.53
C PRO A 28 13.62 9.61 7.85
N SER A 29 12.94 9.73 8.98
CA SER A 29 13.53 9.36 10.26
C SER A 29 13.57 7.84 10.38
N LYS A 30 12.70 7.18 9.64
CA LYS A 30 12.62 5.73 9.68
C LYS A 30 13.11 5.13 8.37
N TYR A 31 12.66 5.67 7.25
CA TYR A 31 13.05 5.17 5.94
C TYR A 31 13.42 6.32 5.03
N THR A 32 14.42 6.12 4.19
CA THR A 32 14.84 7.13 3.24
C THR A 32 13.97 7.05 1.99
N VAL A 33 12.88 7.80 1.98
CA VAL A 33 11.90 7.74 0.90
C VAL A 33 12.36 8.55 -0.30
N GLU A 34 12.68 7.84 -1.38
CA GLU A 34 13.05 8.47 -2.63
C GLU A 34 11.92 8.34 -3.65
N ILE A 35 11.39 9.48 -4.08
CA ILE A 35 10.32 9.50 -5.06
C ILE A 35 10.87 9.32 -6.47
N VAL A 36 10.31 8.39 -7.22
CA VAL A 36 10.72 8.15 -8.58
C VAL A 36 9.55 8.34 -9.54
N HIS A 37 9.63 9.39 -10.34
CA HIS A 37 8.58 9.72 -11.28
C HIS A 37 8.82 9.00 -12.61
N LEU A 38 7.89 8.12 -12.98
CA LEU A 38 8.02 7.32 -14.19
C LEU A 38 7.36 8.02 -15.38
N GLY A 39 6.81 9.20 -15.14
CA GLY A 39 6.12 9.91 -16.19
C GLY A 39 7.06 10.62 -17.13
N THR A 40 7.91 11.48 -16.58
CA THR A 40 8.86 12.24 -17.39
C THR A 40 9.95 11.34 -17.94
N ASP A 41 10.42 10.41 -17.12
CA ASP A 41 11.45 9.48 -17.55
C ASP A 41 10.83 8.11 -17.77
N LYS A 42 10.50 7.81 -19.01
CA LYS A 42 9.79 6.59 -19.35
C LYS A 42 10.74 5.41 -19.50
N ALA A 43 12.04 5.69 -19.46
CA ALA A 43 13.04 4.63 -19.52
C ALA A 43 13.11 3.92 -18.18
N ARG A 44 12.68 4.61 -17.14
CA ARG A 44 12.68 4.05 -15.79
C ARG A 44 11.57 3.04 -15.64
N ILE A 45 10.68 2.97 -16.63
CA ILE A 45 9.65 1.94 -16.65
C ILE A 45 10.31 0.57 -16.81
N ALA A 46 11.44 0.55 -17.51
CA ALA A 46 12.22 -0.67 -17.67
C ALA A 46 12.85 -1.06 -16.33
N GLU A 47 13.27 -0.05 -15.58
CA GLU A 47 13.86 -0.27 -14.26
C GLU A 47 12.77 -0.72 -13.27
N ALA A 48 11.55 -0.29 -13.51
CA ALA A 48 10.42 -0.69 -12.69
C ALA A 48 10.18 -2.19 -12.79
N GLU A 49 10.01 -2.69 -14.01
CA GLU A 49 9.80 -4.12 -14.23
C GLU A 49 11.03 -4.91 -13.81
N LYS A 50 12.19 -4.27 -13.92
CA LYS A 50 13.45 -4.86 -13.49
C LYS A 50 13.43 -5.15 -11.99
N ALA A 51 12.80 -4.26 -11.23
CA ALA A 51 12.69 -4.42 -9.78
C ALA A 51 11.49 -5.29 -9.42
N GLY A 52 10.51 -5.34 -10.30
CA GLY A 52 9.32 -6.16 -10.07
C GLY A 52 8.05 -5.35 -9.99
N VAL A 53 8.17 -4.05 -10.25
CA VAL A 53 7.02 -3.16 -10.22
C VAL A 53 6.09 -3.44 -11.39
N LYS A 54 4.90 -3.93 -11.09
CA LYS A 54 3.95 -4.31 -12.13
C LYS A 54 2.74 -3.39 -12.16
N SER A 55 2.61 -2.54 -11.15
CA SER A 55 1.53 -1.56 -11.11
C SER A 55 2.00 -0.27 -10.45
N VAL A 56 1.30 0.81 -10.71
CA VAL A 56 1.57 2.08 -10.05
C VAL A 56 0.33 2.57 -9.31
N PRO A 57 0.50 3.22 -8.15
CA PRO A 57 1.83 3.49 -7.58
C PRO A 57 2.41 2.28 -6.84
N ALA A 58 3.72 2.27 -6.69
CA ALA A 58 4.39 1.17 -6.02
C ALA A 58 5.30 1.68 -4.91
N LEU A 59 5.05 1.22 -3.69
CA LEU A 59 5.86 1.58 -2.55
C LEU A 59 6.85 0.45 -2.25
N VAL A 60 8.12 0.69 -2.52
CA VAL A 60 9.14 -0.31 -2.33
C VAL A 60 9.84 -0.11 -0.99
N ILE A 61 9.54 -0.98 -0.04
CA ILE A 61 10.17 -0.95 1.27
C ILE A 61 11.34 -1.92 1.30
N ASP A 62 12.56 -1.37 1.23
CA ASP A 62 13.79 -2.16 1.19
C ASP A 62 13.89 -2.96 -0.10
N GLY A 63 13.12 -4.03 -0.18
CA GLY A 63 13.09 -4.85 -1.37
C GLY A 63 11.72 -5.41 -1.65
N ALA A 64 10.73 -4.93 -0.91
CA ALA A 64 9.36 -5.39 -1.07
C ALA A 64 8.50 -4.29 -1.67
N ALA A 65 8.00 -4.53 -2.87
CA ALA A 65 7.19 -3.54 -3.58
C ALA A 65 5.70 -3.76 -3.32
N PHE A 66 5.09 -2.81 -2.65
CA PHE A 66 3.65 -2.87 -2.37
C PHE A 66 2.92 -1.86 -3.26
N HIS A 67 2.08 -2.37 -4.15
CA HIS A 67 1.33 -1.50 -5.05
C HIS A 67 0.18 -0.84 -4.28
N ILE A 68 0.27 0.46 -4.09
CA ILE A 68 -0.74 1.19 -3.33
C ILE A 68 -2.01 1.33 -4.16
N ASN A 69 -2.93 0.38 -3.97
CA ASN A 69 -4.15 0.25 -4.78
C ASN A 69 -3.78 -0.13 -6.21
N PHE A 70 -4.77 -0.48 -7.01
CA PHE A 70 -4.53 -0.78 -8.40
C PHE A 70 -4.90 0.42 -9.26
N GLY A 71 -3.93 1.28 -9.49
CA GLY A 71 -4.15 2.45 -10.32
C GLY A 71 -4.01 2.12 -11.79
N ALA A 72 -2.79 1.84 -12.20
CA ALA A 72 -2.51 1.46 -13.57
C ALA A 72 -1.48 0.34 -13.63
N GLY A 73 -1.80 -0.70 -14.38
CA GLY A 73 -0.86 -1.80 -14.56
C GLY A 73 0.25 -1.42 -15.53
N ILE A 74 1.45 -1.90 -15.28
CA ILE A 74 2.60 -1.53 -16.10
C ILE A 74 2.52 -2.18 -17.47
N ASP A 75 1.67 -3.20 -17.59
CA ASP A 75 1.42 -3.84 -18.89
C ASP A 75 0.45 -3.00 -19.69
N ASP A 76 -0.34 -2.19 -18.99
CA ASP A 76 -1.26 -1.27 -19.64
C ASP A 76 -0.50 -0.01 -20.07
N LEU A 77 0.53 0.31 -19.30
CA LEU A 77 1.42 1.41 -19.63
C LEU A 77 2.23 1.09 -20.89
N LYS A 78 2.41 -0.19 -21.16
CA LYS A 78 3.09 -0.64 -22.38
C LYS A 78 2.29 -0.27 -23.62
N GLY A 79 0.97 -0.38 -23.51
CA GLY A 79 0.11 -0.16 -24.64
C GLY A 79 0.20 -1.29 -25.65
N SER A 80 0.85 -1.02 -26.76
CA SER A 80 1.06 -2.03 -27.78
C SER A 80 2.30 -1.67 -28.60
N VAL B 1 0.75 14.47 13.82
CA VAL B 1 -0.04 14.03 14.99
C VAL B 1 -0.37 12.54 14.84
N ALA B 2 -0.47 11.83 15.95
CA ALA B 2 -0.78 10.41 15.92
C ALA B 2 -2.25 10.17 15.59
N SER B 3 -2.54 10.09 14.30
CA SER B 3 -3.87 9.75 13.83
C SER B 3 -4.05 8.23 13.84
N LYS B 4 -5.28 7.75 13.67
CA LYS B 4 -5.53 6.33 13.71
C LYS B 4 -5.48 5.70 12.32
N ALA B 5 -4.66 4.68 12.19
CA ALA B 5 -4.52 3.95 10.94
C ALA B 5 -4.82 2.47 11.18
N ILE B 6 -5.86 1.97 10.57
CA ILE B 6 -6.27 0.58 10.77
C ILE B 6 -5.90 -0.26 9.56
N PHE B 7 -5.20 -1.36 9.80
CA PHE B 7 -4.78 -2.25 8.74
C PHE B 7 -5.65 -3.50 8.74
N TYR B 8 -6.20 -3.83 7.57
CA TYR B 8 -7.05 -5.01 7.43
C TYR B 8 -6.37 -6.03 6.54
N HIS B 9 -6.37 -7.29 6.97
CA HIS B 9 -5.86 -8.37 6.14
C HIS B 9 -6.58 -9.68 6.45
N ALA B 10 -6.26 -10.74 5.71
CA ALA B 10 -7.00 -11.98 5.80
C ALA B 10 -6.09 -13.19 6.06
N GLY B 11 -4.84 -12.92 6.43
CA GLY B 11 -3.93 -13.99 6.78
C GLY B 11 -3.15 -14.56 5.60
N CYS B 12 -3.38 -14.01 4.41
CA CYS B 12 -2.67 -14.42 3.21
C CYS B 12 -1.16 -14.17 3.37
N PRO B 13 -0.31 -14.86 2.58
CA PRO B 13 1.15 -14.67 2.63
C PRO B 13 1.54 -13.20 2.44
N VAL B 14 0.80 -12.51 1.57
CA VAL B 14 1.03 -11.10 1.31
C VAL B 14 0.77 -10.27 2.58
N CYS B 15 -0.17 -10.74 3.39
CA CYS B 15 -0.55 -10.02 4.61
C CYS B 15 0.61 -10.00 5.59
N VAL B 16 1.28 -11.14 5.74
CA VAL B 16 2.41 -11.25 6.66
C VAL B 16 3.50 -10.25 6.29
N SER B 17 3.80 -10.15 5.00
CA SER B 17 4.80 -9.21 4.52
C SER B 17 4.32 -7.79 4.76
N ALA B 18 3.04 -7.54 4.49
CA ALA B 18 2.46 -6.22 4.67
C ALA B 18 2.52 -5.78 6.14
N GLU B 19 2.31 -6.72 7.04
CA GLU B 19 2.39 -6.43 8.47
C GLU B 19 3.81 -6.05 8.86
N GLN B 20 4.76 -6.91 8.53
CA GLN B 20 6.13 -6.73 8.97
C GLN B 20 6.83 -5.59 8.24
N ALA B 21 6.36 -5.24 7.06
CA ALA B 21 6.95 -4.14 6.30
C ALA B 21 6.14 -2.86 6.45
N VAL B 22 4.93 -2.83 5.89
CA VAL B 22 4.11 -1.61 5.87
C VAL B 22 3.61 -1.25 7.26
N ALA B 23 3.03 -2.22 7.95
CA ALA B 23 2.45 -1.97 9.27
C ALA B 23 3.52 -1.74 10.33
N ASN B 24 4.77 -1.95 9.95
CA ASN B 24 5.89 -1.66 10.86
C ASN B 24 6.67 -0.46 10.36
N ALA B 25 6.36 -0.01 9.15
CA ALA B 25 6.98 1.19 8.60
C ALA B 25 6.37 2.42 9.25
N ILE B 26 5.05 2.38 9.41
CA ILE B 26 4.36 3.40 10.16
C ILE B 26 4.54 3.12 11.64
N ASP B 27 5.26 4.01 12.31
CA ASP B 27 5.64 3.78 13.70
C ASP B 27 4.45 3.93 14.63
N PRO B 28 4.32 3.01 15.61
CA PRO B 28 3.24 3.06 16.61
C PRO B 28 3.29 4.31 17.48
N SER B 29 4.45 4.96 17.52
CA SER B 29 4.59 6.20 18.28
C SER B 29 4.46 7.40 17.34
N LYS B 30 4.18 7.13 16.08
CA LYS B 30 3.97 8.17 15.09
C LYS B 30 2.47 8.25 14.76
N TYR B 31 1.86 7.09 14.62
CA TYR B 31 0.42 6.99 14.39
C TYR B 31 -0.16 5.83 15.18
N THR B 32 -1.47 5.84 15.38
CA THR B 32 -2.13 4.75 16.09
C THR B 32 -2.47 3.63 15.12
N VAL B 33 -1.60 2.64 15.06
CA VAL B 33 -1.75 1.55 14.11
C VAL B 33 -2.41 0.33 14.76
N GLU B 34 -3.58 -0.03 14.26
CA GLU B 34 -4.26 -1.23 14.74
C GLU B 34 -4.47 -2.21 13.59
N ILE B 35 -3.90 -3.40 13.73
CA ILE B 35 -4.00 -4.42 12.70
C ILE B 35 -5.16 -5.38 13.02
N VAL B 36 -6.11 -5.47 12.10
CA VAL B 36 -7.28 -6.31 12.30
C VAL B 36 -7.26 -7.51 11.34
N HIS B 37 -7.27 -8.70 11.91
CA HIS B 37 -7.31 -9.92 11.14
C HIS B 37 -8.76 -10.24 10.77
N LEU B 38 -9.10 -10.08 9.50
CA LEU B 38 -10.48 -10.28 9.06
C LEU B 38 -10.77 -11.76 8.86
N GLY B 39 -9.73 -12.55 8.64
CA GLY B 39 -9.90 -13.98 8.43
C GLY B 39 -9.99 -14.74 9.74
N THR B 40 -10.78 -14.22 10.67
CA THR B 40 -10.94 -14.85 11.97
C THR B 40 -12.39 -14.73 12.43
N ASP B 41 -12.91 -13.50 12.42
CA ASP B 41 -14.28 -13.26 12.86
C ASP B 41 -15.12 -12.77 11.68
N LYS B 42 -16.30 -13.37 11.52
CA LYS B 42 -17.14 -13.09 10.35
C LYS B 42 -17.74 -11.68 10.41
N ALA B 43 -17.90 -11.13 11.60
CA ALA B 43 -18.51 -9.81 11.75
C ALA B 43 -17.54 -8.72 11.36
N ARG B 44 -16.25 -9.03 11.41
CA ARG B 44 -15.19 -8.09 11.05
C ARG B 44 -15.31 -7.68 9.59
N ILE B 45 -15.77 -8.62 8.76
CA ILE B 45 -15.91 -8.39 7.33
C ILE B 45 -16.88 -7.24 7.05
N ALA B 46 -18.04 -7.29 7.70
CA ALA B 46 -19.06 -6.26 7.52
C ALA B 46 -18.55 -4.90 7.96
N GLU B 47 -17.76 -4.88 9.02
CA GLU B 47 -17.18 -3.65 9.55
C GLU B 47 -16.26 -3.01 8.51
N ALA B 48 -15.43 -3.84 7.90
CA ALA B 48 -14.48 -3.38 6.90
C ALA B 48 -15.17 -2.82 5.67
N GLU B 49 -16.19 -3.54 5.18
CA GLU B 49 -16.91 -3.11 3.98
C GLU B 49 -17.56 -1.74 4.21
N LYS B 50 -18.11 -1.54 5.40
CA LYS B 50 -18.75 -0.27 5.74
C LYS B 50 -17.74 0.86 5.83
N ALA B 51 -16.50 0.52 6.20
CA ALA B 51 -15.44 1.51 6.31
C ALA B 51 -14.90 1.91 4.93
N GLY B 52 -15.32 1.16 3.91
CA GLY B 52 -14.89 1.45 2.55
C GLY B 52 -13.90 0.43 2.03
N VAL B 53 -13.60 -0.56 2.85
CA VAL B 53 -12.66 -1.60 2.48
C VAL B 53 -13.30 -2.58 1.51
N LYS B 54 -12.88 -2.52 0.26
CA LYS B 54 -13.42 -3.40 -0.78
C LYS B 54 -12.48 -4.55 -1.06
N SER B 55 -11.26 -4.46 -0.56
CA SER B 55 -10.32 -5.56 -0.68
C SER B 55 -9.46 -5.66 0.58
N VAL B 56 -9.11 -6.89 0.96
CA VAL B 56 -8.18 -7.10 2.06
C VAL B 56 -6.76 -6.81 1.57
N PRO B 57 -5.71 -7.11 2.37
CA PRO B 57 -4.61 -6.21 2.63
C PRO B 57 -4.86 -4.76 2.18
N ALA B 58 -5.35 -3.98 3.15
CA ALA B 58 -5.65 -2.57 2.95
C ALA B 58 -5.35 -1.78 4.22
N LEU B 59 -5.00 -0.51 4.06
CA LEU B 59 -4.65 0.35 5.18
C LEU B 59 -5.56 1.59 5.20
N VAL B 60 -6.31 1.76 6.27
CA VAL B 60 -7.21 2.90 6.39
C VAL B 60 -6.63 3.95 7.32
N ILE B 61 -6.13 5.04 6.76
CA ILE B 61 -5.50 6.09 7.53
C ILE B 61 -6.46 7.26 7.75
N ASP B 62 -6.98 7.36 8.97
CA ASP B 62 -7.85 8.48 9.37
C ASP B 62 -9.11 8.56 8.48
N GLY B 63 -9.46 7.42 7.88
CA GLY B 63 -10.63 7.39 7.02
C GLY B 63 -10.27 7.09 5.57
N ALA B 64 -9.04 7.43 5.20
CA ALA B 64 -8.59 7.23 3.82
C ALA B 64 -8.09 5.80 3.64
N ALA B 65 -8.81 5.03 2.85
CA ALA B 65 -8.51 3.62 2.65
C ALA B 65 -7.59 3.41 1.45
N PHE B 66 -6.36 3.00 1.74
CA PHE B 66 -5.39 2.67 0.70
C PHE B 66 -5.09 1.19 0.73
N HIS B 67 -5.51 0.47 -0.30
CA HIS B 67 -5.24 -0.96 -0.37
C HIS B 67 -3.74 -1.21 -0.52
N ILE B 68 -3.20 -2.08 0.33
CA ILE B 68 -1.77 -2.32 0.38
C ILE B 68 -1.42 -3.51 -0.49
N ASN B 69 -0.99 -3.21 -1.72
CA ASN B 69 -0.69 -4.21 -2.73
C ASN B 69 -1.97 -4.92 -3.14
N PHE B 70 -1.86 -5.94 -3.96
CA PHE B 70 -3.02 -6.71 -4.34
C PHE B 70 -3.21 -7.86 -3.38
N GLY B 71 -4.03 -7.64 -2.35
CA GLY B 71 -4.33 -8.68 -1.42
C GLY B 71 -5.43 -9.57 -1.95
N ALA B 72 -6.63 -9.40 -1.41
CA ALA B 72 -7.76 -10.18 -1.90
C ALA B 72 -9.02 -9.33 -1.98
N GLY B 73 -9.99 -9.74 -2.77
CA GLY B 73 -11.26 -9.07 -2.76
C GLY B 73 -12.06 -9.47 -1.54
N ILE B 74 -12.47 -8.50 -0.73
CA ILE B 74 -13.16 -8.81 0.52
C ILE B 74 -14.52 -9.45 0.24
N ASP B 75 -15.00 -9.25 -0.98
CA ASP B 75 -16.28 -9.82 -1.40
C ASP B 75 -16.17 -11.33 -1.53
N ASP B 76 -14.96 -11.82 -1.75
CA ASP B 76 -14.70 -13.25 -1.89
C ASP B 76 -14.98 -13.97 -0.59
N LEU B 77 -14.93 -13.23 0.51
CA LEU B 77 -15.15 -13.79 1.84
C LEU B 77 -16.62 -14.16 2.04
N LYS B 78 -17.47 -13.77 1.09
CA LYS B 78 -18.88 -14.14 1.13
C LYS B 78 -19.10 -15.45 0.39
N GLY B 79 -18.03 -15.96 -0.21
CA GLY B 79 -18.13 -17.18 -0.98
C GLY B 79 -18.70 -16.93 -2.35
N SER B 80 -19.99 -17.20 -2.49
CA SER B 80 -20.69 -16.98 -3.75
C SER B 80 -22.16 -16.67 -3.47
N VAL A 1 18.17 1.26 11.16
CA VAL A 1 18.68 1.12 9.77
C VAL A 1 18.03 2.17 8.87
N ALA A 2 18.83 3.11 8.40
CA ALA A 2 18.32 4.15 7.54
C ALA A 2 18.33 3.70 6.08
N SER A 3 17.32 2.95 5.71
CA SER A 3 17.13 2.55 4.33
C SER A 3 16.29 3.61 3.62
N LYS A 4 15.92 3.36 2.38
CA LYS A 4 15.09 4.31 1.67
C LYS A 4 13.84 3.63 1.13
N ALA A 5 12.88 4.45 0.73
CA ALA A 5 11.62 3.96 0.21
C ALA A 5 11.30 4.67 -1.09
N ILE A 6 11.31 3.93 -2.18
CA ILE A 6 11.11 4.54 -3.49
C ILE A 6 9.65 4.42 -3.91
N PHE A 7 9.03 5.56 -4.13
CA PHE A 7 7.62 5.61 -4.47
C PHE A 7 7.45 5.85 -5.96
N TYR A 8 7.12 4.79 -6.68
CA TYR A 8 6.93 4.86 -8.13
C TYR A 8 5.48 5.06 -8.48
N HIS A 9 5.18 6.08 -9.28
CA HIS A 9 3.83 6.28 -9.80
C HIS A 9 3.86 7.06 -11.11
N ALA A 10 2.69 7.31 -11.66
CA ALA A 10 2.59 7.95 -12.98
C ALA A 10 1.78 9.24 -12.92
N GLY A 11 1.62 9.79 -11.72
CA GLY A 11 0.89 11.03 -11.58
C GLY A 11 -0.61 10.82 -11.45
N CYS A 12 -1.00 9.99 -10.50
CA CYS A 12 -2.41 9.71 -10.27
C CYS A 12 -2.83 10.24 -8.90
N PRO A 13 -4.09 10.71 -8.78
CA PRO A 13 -4.61 11.27 -7.52
C PRO A 13 -4.51 10.29 -6.35
N VAL A 14 -4.71 9.00 -6.65
CA VAL A 14 -4.59 7.95 -5.66
C VAL A 14 -3.16 7.91 -5.11
N CYS A 15 -2.19 8.12 -5.99
CA CYS A 15 -0.79 8.13 -5.61
C CYS A 15 -0.50 9.34 -4.72
N VAL A 16 -1.02 10.49 -5.11
CA VAL A 16 -0.85 11.73 -4.34
C VAL A 16 -1.41 11.55 -2.94
N SER A 17 -2.53 10.83 -2.83
CA SER A 17 -3.15 10.55 -1.55
C SER A 17 -2.20 9.74 -0.66
N ALA A 18 -1.48 8.81 -1.28
CA ALA A 18 -0.53 7.97 -0.56
C ALA A 18 0.69 8.78 -0.14
N GLU A 19 1.05 9.78 -0.95
CA GLU A 19 2.19 10.65 -0.63
C GLU A 19 1.89 11.47 0.61
N GLN A 20 0.65 11.94 0.72
CA GLN A 20 0.27 12.80 1.84
C GLN A 20 0.01 12.00 3.10
N ALA A 21 -0.41 10.74 2.94
CA ALA A 21 -0.73 9.90 4.08
C ALA A 21 0.40 8.93 4.41
N VAL A 22 0.58 7.93 3.55
CA VAL A 22 1.54 6.85 3.80
C VAL A 22 2.98 7.37 3.82
N ALA A 23 3.33 8.16 2.80
CA ALA A 23 4.69 8.67 2.66
C ALA A 23 5.00 9.73 3.71
N ASN A 24 3.97 10.19 4.41
CA ASN A 24 4.15 11.15 5.50
C ASN A 24 4.02 10.46 6.85
N ALA A 25 3.62 9.19 6.82
CA ALA A 25 3.59 8.37 8.01
C ALA A 25 4.97 7.77 8.24
N ILE A 26 5.60 7.37 7.14
CA ILE A 26 6.98 6.94 7.17
C ILE A 26 7.89 8.16 7.29
N ASP A 27 8.61 8.24 8.40
CA ASP A 27 9.41 9.43 8.68
C ASP A 27 10.63 9.51 7.75
N PRO A 28 10.86 10.69 7.14
CA PRO A 28 11.94 10.89 6.15
C PRO A 28 13.33 10.57 6.68
N SER A 29 13.60 10.89 7.94
CA SER A 29 14.90 10.61 8.54
C SER A 29 14.95 9.19 9.10
N LYS A 30 13.85 8.46 8.93
CA LYS A 30 13.80 7.05 9.26
C LYS A 30 14.08 6.25 7.99
N TYR A 31 13.28 6.55 6.95
CA TYR A 31 13.48 5.97 5.63
C TYR A 31 13.31 7.05 4.59
N THR A 32 14.35 7.26 3.79
CA THR A 32 14.34 8.32 2.78
C THR A 32 13.39 7.97 1.63
N VAL A 33 12.27 8.68 1.57
CA VAL A 33 11.28 8.46 0.53
C VAL A 33 11.66 9.18 -0.76
N GLU A 34 11.77 8.43 -1.85
CA GLU A 34 12.08 9.01 -3.15
C GLU A 34 10.88 8.92 -4.07
N ILE A 35 10.34 10.06 -4.45
CA ILE A 35 9.18 10.10 -5.32
C ILE A 35 9.62 10.09 -6.79
N VAL A 36 9.23 9.05 -7.52
CA VAL A 36 9.64 8.92 -8.91
C VAL A 36 8.44 8.83 -9.85
N HIS A 37 8.43 9.71 -10.84
CA HIS A 37 7.36 9.76 -11.83
C HIS A 37 7.74 8.96 -13.07
N LEU A 38 7.11 7.80 -13.25
CA LEU A 38 7.43 6.91 -14.36
C LEU A 38 6.73 7.34 -15.64
N GLY A 39 5.80 8.28 -15.53
CA GLY A 39 5.06 8.72 -16.69
C GLY A 39 5.85 9.67 -17.56
N THR A 40 6.84 10.32 -16.95
CA THR A 40 7.67 11.28 -17.67
C THR A 40 8.93 10.61 -18.24
N ASP A 41 9.23 9.40 -17.77
CA ASP A 41 10.42 8.70 -18.22
C ASP A 41 10.12 7.23 -18.48
N LYS A 42 10.20 6.83 -19.74
CA LYS A 42 9.86 5.48 -20.15
C LYS A 42 11.06 4.55 -20.07
N ALA A 43 12.24 5.12 -19.84
CA ALA A 43 13.45 4.33 -19.68
C ALA A 43 13.46 3.68 -18.31
N ARG A 44 12.97 4.42 -17.31
CA ARG A 44 12.86 3.92 -15.95
C ARG A 44 11.79 2.83 -15.86
N ILE A 45 10.92 2.78 -16.86
CA ILE A 45 9.90 1.73 -16.93
C ILE A 45 10.56 0.35 -16.98
N ALA A 46 11.62 0.24 -17.78
CA ALA A 46 12.36 -1.00 -17.91
C ALA A 46 12.97 -1.40 -16.56
N GLU A 47 13.45 -0.40 -15.83
CA GLU A 47 14.00 -0.62 -14.50
C GLU A 47 12.91 -1.10 -13.55
N ALA A 48 11.74 -0.48 -13.64
CA ALA A 48 10.61 -0.86 -12.81
C ALA A 48 10.16 -2.28 -13.10
N GLU A 49 10.16 -2.63 -14.38
CA GLU A 49 9.80 -3.98 -14.80
C GLU A 49 10.73 -5.01 -14.17
N LYS A 50 12.03 -4.76 -14.26
CA LYS A 50 13.03 -5.67 -13.70
C LYS A 50 12.96 -5.68 -12.18
N ALA A 51 12.67 -4.52 -11.60
CA ALA A 51 12.56 -4.40 -10.14
C ALA A 51 11.38 -5.22 -9.62
N GLY A 52 10.27 -5.18 -10.34
CA GLY A 52 9.10 -5.94 -9.95
C GLY A 52 7.89 -5.06 -9.74
N VAL A 53 7.80 -4.00 -10.53
CA VAL A 53 6.68 -3.09 -10.46
C VAL A 53 5.66 -3.44 -11.55
N LYS A 54 4.51 -3.96 -11.13
CA LYS A 54 3.45 -4.30 -12.07
C LYS A 54 2.31 -3.31 -11.99
N SER A 55 2.26 -2.53 -10.92
CA SER A 55 1.21 -1.55 -10.75
C SER A 55 1.75 -0.29 -10.08
N VAL A 56 1.06 0.82 -10.29
CA VAL A 56 1.40 2.07 -9.63
C VAL A 56 0.19 2.59 -8.85
N PRO A 57 0.43 3.22 -7.70
CA PRO A 57 1.78 3.47 -7.18
C PRO A 57 2.37 2.26 -6.46
N ALA A 58 3.69 2.17 -6.48
CA ALA A 58 4.40 1.10 -5.80
C ALA A 58 5.43 1.68 -4.85
N LEU A 59 5.43 1.20 -3.62
CA LEU A 59 6.36 1.70 -2.61
C LEU A 59 7.46 0.66 -2.37
N VAL A 60 8.65 0.97 -2.84
CA VAL A 60 9.79 0.09 -2.68
C VAL A 60 10.51 0.39 -1.37
N ILE A 61 10.17 -0.36 -0.33
CA ILE A 61 10.77 -0.17 0.99
C ILE A 61 11.98 -1.08 1.13
N ASP A 62 13.15 -0.48 1.37
CA ASP A 62 14.44 -1.20 1.45
C ASP A 62 14.87 -1.68 0.06
N GLY A 63 13.98 -2.40 -0.59
CA GLY A 63 14.28 -3.02 -1.85
C GLY A 63 13.10 -3.79 -2.42
N ALA A 64 12.16 -4.17 -1.56
CA ALA A 64 10.97 -4.88 -1.99
C ALA A 64 9.88 -3.89 -2.41
N ALA A 65 9.21 -4.18 -3.51
CA ALA A 65 8.21 -3.28 -4.05
C ALA A 65 6.81 -3.66 -3.60
N PHE A 66 6.25 -2.87 -2.69
CA PHE A 66 4.90 -3.08 -2.21
C PHE A 66 3.95 -2.09 -2.86
N HIS A 67 3.02 -2.59 -3.66
CA HIS A 67 2.08 -1.73 -4.38
C HIS A 67 1.07 -1.14 -3.43
N ILE A 68 0.61 0.07 -3.73
CA ILE A 68 -0.42 0.72 -2.93
C ILE A 68 -1.64 0.99 -3.80
N ASN A 69 -2.68 0.16 -3.64
CA ASN A 69 -3.88 0.22 -4.47
C ASN A 69 -3.55 -0.17 -5.91
N PHE A 70 -4.54 -0.13 -6.77
CA PHE A 70 -4.34 -0.41 -8.18
C PHE A 70 -4.81 0.77 -9.02
N GLY A 71 -3.91 1.70 -9.27
CA GLY A 71 -4.24 2.83 -10.11
C GLY A 71 -4.06 2.51 -11.57
N ALA A 72 -2.83 2.20 -11.94
CA ALA A 72 -2.51 1.79 -13.30
C ALA A 72 -1.51 0.65 -13.28
N GLY A 73 -1.54 -0.18 -14.31
CA GLY A 73 -0.58 -1.25 -14.42
C GLY A 73 0.62 -0.84 -15.23
N ILE A 74 1.71 -1.58 -15.13
CA ILE A 74 2.91 -1.26 -15.89
C ILE A 74 2.71 -1.64 -17.36
N ASP A 75 1.83 -2.60 -17.60
CA ASP A 75 1.48 -3.01 -18.96
C ASP A 75 0.49 -2.01 -19.54
N ASP A 76 -0.35 -1.48 -18.67
CA ASP A 76 -1.33 -0.47 -19.06
C ASP A 76 -0.66 0.88 -19.23
N LEU A 77 0.54 1.00 -18.65
CA LEU A 77 1.32 2.23 -18.72
C LEU A 77 1.82 2.47 -20.13
N LYS A 78 2.12 1.37 -20.82
CA LYS A 78 2.58 1.44 -22.20
C LYS A 78 1.39 1.56 -23.14
N GLY A 79 0.97 2.79 -23.40
CA GLY A 79 -0.16 3.03 -24.26
C GLY A 79 0.26 3.23 -25.71
N SER A 80 -0.68 3.07 -26.62
CA SER A 80 -0.40 3.24 -28.03
C SER A 80 -0.66 4.69 -28.45
N VAL B 1 0.71 13.33 15.03
CA VAL B 1 -0.36 12.73 15.87
C VAL B 1 -0.56 11.27 15.50
N ALA B 2 -0.75 10.43 16.51
CA ALA B 2 -1.02 9.01 16.28
C ALA B 2 -2.44 8.82 15.73
N SER B 3 -2.55 8.74 14.41
CA SER B 3 -3.83 8.56 13.76
C SER B 3 -4.27 7.10 13.81
N LYS B 4 -5.54 6.86 13.45
CA LYS B 4 -6.10 5.51 13.52
C LYS B 4 -5.76 4.72 12.26
N ALA B 5 -4.63 4.05 12.28
CA ALA B 5 -4.20 3.24 11.14
C ALA B 5 -4.73 1.82 11.27
N ILE B 6 -5.75 1.50 10.48
CA ILE B 6 -6.39 0.21 10.57
C ILE B 6 -5.84 -0.74 9.50
N PHE B 7 -5.24 -1.82 9.94
CA PHE B 7 -4.70 -2.82 9.03
C PHE B 7 -5.68 -3.98 8.89
N TYR B 8 -6.14 -4.22 7.67
CA TYR B 8 -7.10 -5.28 7.40
C TYR B 8 -6.40 -6.47 6.78
N HIS B 9 -6.52 -7.63 7.42
CA HIS B 9 -5.93 -8.84 6.88
C HIS B 9 -6.86 -10.03 7.14
N ALA B 10 -6.51 -11.19 6.58
CA ALA B 10 -7.34 -12.38 6.72
C ALA B 10 -6.49 -13.60 7.04
N GLY B 11 -5.29 -13.37 7.55
CA GLY B 11 -4.39 -14.47 7.87
C GLY B 11 -3.77 -15.09 6.63
N CYS B 12 -2.97 -14.31 5.93
CA CYS B 12 -2.30 -14.76 4.71
C CYS B 12 -0.83 -14.37 4.75
N PRO B 13 0.03 -15.08 3.98
CA PRO B 13 1.47 -14.76 3.90
C PRO B 13 1.71 -13.32 3.49
N VAL B 14 0.83 -12.79 2.65
CA VAL B 14 0.90 -11.41 2.21
C VAL B 14 0.78 -10.46 3.40
N CYS B 15 -0.05 -10.84 4.36
CA CYS B 15 -0.32 -10.02 5.52
C CYS B 15 0.92 -9.92 6.42
N VAL B 16 1.66 -11.02 6.50
CA VAL B 16 2.87 -11.07 7.32
C VAL B 16 3.91 -10.08 6.79
N SER B 17 4.17 -10.16 5.49
CA SER B 17 5.14 -9.26 4.86
C SER B 17 4.70 -7.79 5.00
N ALA B 18 3.40 -7.55 4.84
CA ALA B 18 2.85 -6.22 4.92
C ALA B 18 3.06 -5.62 6.31
N GLU B 19 2.82 -6.42 7.35
CA GLU B 19 2.96 -5.97 8.72
C GLU B 19 4.43 -5.67 9.05
N GLN B 20 5.30 -6.64 8.77
CA GLN B 20 6.69 -6.54 9.17
C GLN B 20 7.45 -5.50 8.36
N ALA B 21 6.89 -5.08 7.24
CA ALA B 21 7.52 -4.06 6.41
C ALA B 21 6.84 -2.71 6.56
N VAL B 22 5.59 -2.63 6.11
CA VAL B 22 4.86 -1.37 6.09
C VAL B 22 4.50 -0.91 7.50
N ALA B 23 3.93 -1.81 8.29
CA ALA B 23 3.49 -1.47 9.64
C ALA B 23 4.66 -1.42 10.61
N ASN B 24 5.87 -1.57 10.08
CA ASN B 24 7.08 -1.39 10.87
C ASN B 24 7.77 -0.09 10.47
N ALA B 25 7.65 0.25 9.19
CA ALA B 25 8.13 1.53 8.69
C ALA B 25 7.33 2.66 9.33
N ILE B 26 6.05 2.40 9.53
CA ILE B 26 5.20 3.30 10.27
C ILE B 26 5.16 2.86 11.73
N ASP B 27 5.99 3.50 12.55
CA ASP B 27 6.09 3.13 13.97
C ASP B 27 4.76 3.25 14.67
N PRO B 28 4.39 2.24 15.47
CA PRO B 28 3.18 2.27 16.30
C PRO B 28 3.27 3.36 17.38
N SER B 29 4.49 3.86 17.59
CA SER B 29 4.72 4.96 18.51
C SER B 29 4.41 6.28 17.84
N LYS B 30 4.40 6.26 16.51
CA LYS B 30 4.18 7.45 15.70
C LYS B 30 2.72 7.51 15.27
N TYR B 31 2.19 6.36 14.85
CA TYR B 31 0.80 6.23 14.47
C TYR B 31 0.25 4.93 15.05
N THR B 32 -0.98 4.98 15.57
CA THR B 32 -1.58 3.82 16.20
C THR B 32 -2.08 2.82 15.15
N VAL B 33 -1.30 1.78 14.92
CA VAL B 33 -1.66 0.75 13.96
C VAL B 33 -2.48 -0.34 14.64
N GLU B 34 -3.69 -0.55 14.16
CA GLU B 34 -4.58 -1.56 14.71
C GLU B 34 -4.68 -2.74 13.75
N ILE B 35 -4.32 -3.91 14.24
CA ILE B 35 -4.38 -5.12 13.43
C ILE B 35 -5.77 -5.76 13.54
N VAL B 36 -6.54 -5.66 12.48
CA VAL B 36 -7.90 -6.17 12.46
C VAL B 36 -7.99 -7.45 11.63
N HIS B 37 -8.35 -8.54 12.30
CA HIS B 37 -8.47 -9.84 11.64
C HIS B 37 -9.87 -10.01 11.07
N LEU B 38 -9.95 -10.05 9.75
CA LEU B 38 -11.23 -10.20 9.05
C LEU B 38 -11.66 -11.66 9.01
N GLY B 39 -10.72 -12.56 9.29
CA GLY B 39 -11.04 -13.97 9.31
C GLY B 39 -11.71 -14.37 10.61
N THR B 40 -11.55 -13.53 11.62
CA THR B 40 -12.19 -13.74 12.90
C THR B 40 -13.69 -13.47 12.82
N ASP B 41 -14.04 -12.34 12.22
CA ASP B 41 -15.44 -11.92 12.15
C ASP B 41 -15.84 -11.61 10.73
N LYS B 42 -16.85 -12.31 10.24
CA LYS B 42 -17.39 -12.04 8.92
C LYS B 42 -18.22 -10.75 8.95
N ALA B 43 -18.61 -10.36 10.16
CA ALA B 43 -19.32 -9.10 10.36
C ALA B 43 -18.41 -7.92 10.03
N ARG B 44 -17.10 -8.17 10.08
CA ARG B 44 -16.12 -7.14 9.77
C ARG B 44 -16.03 -6.89 8.27
N ILE B 45 -16.53 -7.85 7.49
CA ILE B 45 -16.60 -7.68 6.04
C ILE B 45 -17.57 -6.56 5.72
N ALA B 46 -18.65 -6.48 6.49
CA ALA B 46 -19.63 -5.42 6.34
C ALA B 46 -19.06 -4.07 6.79
N GLU B 47 -18.09 -4.13 7.70
CA GLU B 47 -17.40 -2.92 8.15
C GLU B 47 -16.46 -2.42 7.06
N ALA B 48 -15.90 -3.35 6.30
CA ALA B 48 -15.06 -3.00 5.17
C ALA B 48 -15.89 -2.28 4.11
N GLU B 49 -17.15 -2.69 3.99
CA GLU B 49 -18.10 -2.04 3.10
C GLU B 49 -18.36 -0.61 3.54
N LYS B 50 -18.30 -0.38 4.85
CA LYS B 50 -18.52 0.95 5.40
C LYS B 50 -17.37 1.87 5.03
N ALA B 51 -16.15 1.41 5.30
CA ALA B 51 -14.95 2.20 5.03
C ALA B 51 -14.71 2.37 3.54
N GLY B 52 -15.20 1.42 2.75
CA GLY B 52 -15.03 1.49 1.31
C GLY B 52 -13.84 0.69 0.84
N VAL B 53 -13.69 -0.50 1.40
CA VAL B 53 -12.60 -1.39 1.06
C VAL B 53 -13.00 -2.33 -0.07
N LYS B 54 -12.27 -2.25 -1.19
CA LYS B 54 -12.57 -3.08 -2.34
C LYS B 54 -11.78 -4.38 -2.28
N SER B 55 -10.62 -4.34 -1.66
CA SER B 55 -9.76 -5.51 -1.54
C SER B 55 -9.12 -5.59 -0.16
N VAL B 56 -9.08 -6.80 0.40
CA VAL B 56 -8.44 -7.03 1.68
C VAL B 56 -6.91 -7.13 1.49
N PRO B 57 -6.14 -7.71 2.45
CA PRO B 57 -4.89 -7.15 2.92
C PRO B 57 -4.64 -5.71 2.47
N ALA B 58 -5.05 -4.80 3.34
CA ALA B 58 -5.02 -3.37 3.06
C ALA B 58 -4.70 -2.58 4.33
N LEU B 59 -4.54 -1.27 4.19
CA LEU B 59 -4.21 -0.40 5.30
C LEU B 59 -4.96 0.92 5.19
N VAL B 60 -5.82 1.21 6.16
CA VAL B 60 -6.57 2.45 6.18
C VAL B 60 -6.01 3.40 7.23
N ILE B 61 -5.31 4.43 6.78
CA ILE B 61 -4.67 5.38 7.69
C ILE B 61 -5.62 6.52 8.01
N ASP B 62 -6.37 6.35 9.11
CA ASP B 62 -7.27 7.37 9.63
C ASP B 62 -8.16 7.96 8.55
N GLY B 63 -9.08 7.14 8.04
CA GLY B 63 -10.01 7.60 7.03
C GLY B 63 -9.51 7.35 5.61
N ALA B 64 -8.20 7.46 5.41
CA ALA B 64 -7.64 7.27 4.08
C ALA B 64 -7.40 5.78 3.83
N ALA B 65 -8.16 5.23 2.90
CA ALA B 65 -8.11 3.81 2.62
C ALA B 65 -7.10 3.48 1.52
N PHE B 66 -6.15 2.62 1.84
CA PHE B 66 -5.18 2.12 0.88
C PHE B 66 -5.13 0.61 0.94
N HIS B 67 -4.73 -0.01 -0.16
CA HIS B 67 -4.57 -1.47 -0.20
C HIS B 67 -3.10 -1.81 -0.42
N ILE B 68 -2.61 -2.82 0.28
CA ILE B 68 -1.21 -3.22 0.17
C ILE B 68 -1.10 -4.37 -0.82
N ASN B 69 -0.64 -4.06 -2.03
CA ASN B 69 -0.70 -4.99 -3.15
C ASN B 69 -2.16 -5.35 -3.40
N PHE B 70 -2.39 -6.45 -4.09
CA PHE B 70 -3.74 -6.95 -4.24
C PHE B 70 -3.92 -8.16 -3.33
N GLY B 71 -4.41 -7.94 -2.12
CA GLY B 71 -4.67 -9.05 -1.24
C GLY B 71 -5.77 -9.92 -1.76
N ALA B 72 -6.99 -9.62 -1.40
CA ALA B 72 -8.12 -10.36 -1.97
C ALA B 72 -9.28 -9.42 -2.26
N GLY B 73 -9.80 -9.47 -3.48
CA GLY B 73 -10.98 -8.67 -3.80
C GLY B 73 -12.15 -9.05 -2.91
N ILE B 74 -12.88 -8.06 -2.40
CA ILE B 74 -13.99 -8.34 -1.50
C ILE B 74 -15.10 -9.11 -2.25
N ASP B 75 -15.05 -9.02 -3.57
CA ASP B 75 -15.93 -9.80 -4.43
C ASP B 75 -15.67 -11.28 -4.23
N ASP B 76 -14.39 -11.63 -4.18
CA ASP B 76 -13.97 -13.02 -3.98
C ASP B 76 -14.07 -13.38 -2.50
N LEU B 77 -13.97 -12.38 -1.65
CA LEU B 77 -14.03 -12.57 -0.20
C LEU B 77 -15.38 -13.14 0.21
N LYS B 78 -16.45 -12.61 -0.38
CA LYS B 78 -17.79 -13.09 -0.08
C LYS B 78 -18.08 -14.36 -0.87
N GLY B 79 -18.08 -15.49 -0.17
CA GLY B 79 -18.31 -16.76 -0.81
C GLY B 79 -17.48 -17.86 -0.20
N SER B 80 -16.39 -17.47 0.46
CA SER B 80 -15.53 -18.41 1.15
C SER B 80 -15.77 -18.34 2.65
N VAL A 1 19.12 2.01 9.32
CA VAL A 1 17.94 2.44 10.11
C VAL A 1 16.87 3.00 9.19
N ALA A 2 17.22 4.06 8.48
CA ALA A 2 16.33 4.66 7.51
C ALA A 2 16.42 3.93 6.19
N SER A 3 15.67 2.85 6.08
CA SER A 3 15.67 2.02 4.88
C SER A 3 15.20 2.81 3.67
N LYS A 4 15.73 2.46 2.52
CA LYS A 4 15.44 3.17 1.27
C LYS A 4 14.02 2.86 0.79
N ALA A 5 13.10 3.78 1.03
CA ALA A 5 11.74 3.62 0.56
C ALA A 5 11.56 4.34 -0.77
N ILE A 6 11.51 3.57 -1.85
CA ILE A 6 11.41 4.14 -3.18
C ILE A 6 9.96 4.15 -3.64
N PHE A 7 9.43 5.34 -3.85
CA PHE A 7 8.03 5.50 -4.25
C PHE A 7 7.91 5.71 -5.76
N TYR A 8 7.29 4.75 -6.43
CA TYR A 8 7.07 4.82 -7.86
C TYR A 8 5.66 5.28 -8.16
N HIS A 9 5.53 6.41 -8.85
CA HIS A 9 4.22 6.92 -9.21
C HIS A 9 4.20 7.47 -10.62
N ALA A 10 3.01 7.64 -11.19
CA ALA A 10 2.88 8.10 -12.56
C ALA A 10 2.38 9.54 -12.62
N GLY A 11 2.03 10.10 -11.47
CA GLY A 11 1.56 11.48 -11.42
C GLY A 11 0.05 11.61 -11.58
N CYS A 12 -0.67 10.56 -11.24
CA CYS A 12 -2.13 10.60 -11.29
C CYS A 12 -2.69 10.91 -9.91
N PRO A 13 -4.00 11.23 -9.79
CA PRO A 13 -4.63 11.55 -8.50
C PRO A 13 -4.34 10.51 -7.42
N VAL A 14 -4.33 9.24 -7.81
CA VAL A 14 -4.05 8.14 -6.89
C VAL A 14 -2.63 8.26 -6.32
N CYS A 15 -1.71 8.75 -7.16
CA CYS A 15 -0.33 8.92 -6.76
C CYS A 15 -0.20 10.06 -5.74
N VAL A 16 -0.96 11.13 -5.98
CA VAL A 16 -0.97 12.27 -5.08
C VAL A 16 -1.46 11.86 -3.70
N SER A 17 -2.54 11.08 -3.68
CA SER A 17 -3.11 10.58 -2.43
C SER A 17 -2.09 9.72 -1.68
N ALA A 18 -1.44 8.82 -2.40
CA ALA A 18 -0.44 7.95 -1.81
C ALA A 18 0.72 8.76 -1.24
N GLU A 19 1.10 9.81 -1.95
CA GLU A 19 2.16 10.71 -1.49
C GLU A 19 1.74 11.45 -0.22
N GLN A 20 0.53 12.00 -0.24
CA GLN A 20 0.07 12.86 0.84
C GLN A 20 -0.43 12.05 2.04
N ALA A 21 -0.45 10.73 1.92
CA ALA A 21 -0.85 9.88 3.03
C ALA A 21 0.21 8.85 3.37
N VAL A 22 0.47 7.94 2.45
CA VAL A 22 1.42 6.85 2.68
C VAL A 22 2.83 7.40 2.86
N ALA A 23 3.24 8.28 1.95
CA ALA A 23 4.58 8.86 2.00
C ALA A 23 4.68 9.97 3.05
N ASN A 24 3.59 10.16 3.79
CA ASN A 24 3.58 11.11 4.89
C ASN A 24 3.58 10.35 6.21
N ALA A 25 3.01 9.14 6.18
CA ALA A 25 3.03 8.26 7.33
C ALA A 25 4.43 7.70 7.55
N ILE A 26 5.12 7.45 6.45
CA ILE A 26 6.50 7.02 6.48
C ILE A 26 7.39 8.19 6.11
N ASP A 27 7.85 8.93 7.11
CA ASP A 27 8.64 10.13 6.87
C ASP A 27 10.14 9.81 6.94
N PRO A 28 10.95 10.61 6.23
CA PRO A 28 12.40 10.37 6.06
C PRO A 28 13.19 10.29 7.37
N SER A 29 12.58 10.73 8.46
CA SER A 29 13.23 10.69 9.76
C SER A 29 13.38 9.25 10.24
N LYS A 30 12.41 8.43 9.90
CA LYS A 30 12.44 7.02 10.26
C LYS A 30 12.89 6.18 9.06
N TYR A 31 12.30 6.45 7.90
CA TYR A 31 12.67 5.79 6.66
C TYR A 31 12.74 6.81 5.54
N THR A 32 13.88 6.89 4.87
CA THR A 32 14.10 7.90 3.87
C THR A 32 13.47 7.52 2.53
N VAL A 33 12.59 8.39 2.03
CA VAL A 33 11.79 8.09 0.86
C VAL A 33 12.34 8.77 -0.40
N GLU A 34 12.39 8.01 -1.49
CA GLU A 34 12.79 8.51 -2.80
C GLU A 34 11.57 8.59 -3.71
N ILE A 35 11.47 9.65 -4.48
CA ILE A 35 10.31 9.84 -5.35
C ILE A 35 10.68 9.63 -6.81
N VAL A 36 10.07 8.64 -7.44
CA VAL A 36 10.32 8.36 -8.86
C VAL A 36 9.07 8.62 -9.69
N HIS A 37 9.22 9.49 -10.69
CA HIS A 37 8.10 9.86 -11.54
C HIS A 37 8.16 9.07 -12.86
N LEU A 38 7.17 8.22 -13.07
CA LEU A 38 7.14 7.38 -14.26
C LEU A 38 6.43 8.08 -15.42
N GLY A 39 5.81 9.21 -15.13
CA GLY A 39 5.05 9.92 -16.14
C GLY A 39 5.88 10.97 -16.85
N THR A 40 7.14 10.65 -17.11
CA THR A 40 8.05 11.55 -17.80
C THR A 40 9.11 10.76 -18.57
N ASP A 41 10.00 10.10 -17.84
CA ASP A 41 11.04 9.31 -18.46
C ASP A 41 10.58 7.87 -18.69
N LYS A 42 10.88 7.34 -19.86
CA LYS A 42 10.46 5.99 -20.23
C LYS A 42 11.42 4.95 -19.68
N ALA A 43 12.65 5.35 -19.40
CA ALA A 43 13.65 4.44 -18.86
C ALA A 43 13.29 4.06 -17.42
N ARG A 44 12.63 4.99 -16.73
CA ARG A 44 12.10 4.73 -15.40
C ARG A 44 11.23 3.46 -15.41
N ILE A 45 10.43 3.33 -16.46
CA ILE A 45 9.55 2.17 -16.62
C ILE A 45 10.36 0.90 -16.79
N ALA A 46 11.39 0.97 -17.63
CA ALA A 46 12.27 -0.18 -17.87
C ALA A 46 12.92 -0.64 -16.56
N GLU A 47 13.37 0.32 -15.77
CA GLU A 47 13.96 0.04 -14.46
C GLU A 47 12.94 -0.63 -13.54
N ALA A 48 11.71 -0.15 -13.60
CA ALA A 48 10.63 -0.71 -12.78
C ALA A 48 10.37 -2.17 -13.16
N GLU A 49 10.53 -2.49 -14.44
CA GLU A 49 10.36 -3.87 -14.90
C GLU A 49 11.54 -4.74 -14.51
N LYS A 50 12.64 -4.10 -14.11
CA LYS A 50 13.80 -4.82 -13.63
C LYS A 50 13.65 -5.13 -12.15
N ALA A 51 13.10 -4.17 -11.41
CA ALA A 51 12.84 -4.35 -9.99
C ALA A 51 11.66 -5.29 -9.77
N GLY A 52 10.69 -5.22 -10.68
CA GLY A 52 9.55 -6.12 -10.60
C GLY A 52 8.28 -5.42 -10.15
N VAL A 53 8.08 -4.20 -10.65
CA VAL A 53 6.86 -3.46 -10.35
C VAL A 53 5.72 -3.93 -11.25
N LYS A 54 4.57 -4.18 -10.66
CA LYS A 54 3.41 -4.68 -11.40
C LYS A 54 2.42 -3.56 -11.68
N SER A 55 2.22 -2.69 -10.70
CA SER A 55 1.26 -1.60 -10.84
C SER A 55 1.74 -0.35 -10.10
N VAL A 56 1.09 0.76 -10.38
CA VAL A 56 1.40 2.01 -9.70
C VAL A 56 0.18 2.57 -9.00
N PRO A 57 0.37 3.32 -7.91
CA PRO A 57 1.70 3.63 -7.36
C PRO A 57 2.32 2.45 -6.60
N ALA A 58 3.64 2.44 -6.53
CA ALA A 58 4.35 1.37 -5.87
C ALA A 58 5.28 1.92 -4.79
N LEU A 59 5.58 1.10 -3.80
CA LEU A 59 6.43 1.50 -2.69
C LEU A 59 7.45 0.41 -2.39
N VAL A 60 8.70 0.67 -2.79
CA VAL A 60 9.77 -0.28 -2.57
C VAL A 60 10.47 0.00 -1.23
N ILE A 61 10.23 -0.86 -0.26
CA ILE A 61 10.79 -0.69 1.07
C ILE A 61 12.11 -1.45 1.20
N ASP A 62 13.22 -0.74 1.02
CA ASP A 62 14.58 -1.26 1.22
C ASP A 62 14.98 -2.25 0.12
N GLY A 63 14.00 -2.81 -0.55
CA GLY A 63 14.25 -3.81 -1.58
C GLY A 63 13.00 -4.55 -1.97
N ALA A 64 12.05 -4.65 -1.05
CA ALA A 64 10.79 -5.31 -1.31
C ALA A 64 9.81 -4.35 -1.98
N ALA A 65 9.21 -4.79 -3.07
CA ALA A 65 8.33 -3.93 -3.86
C ALA A 65 6.86 -4.15 -3.49
N PHE A 66 6.28 -3.16 -2.84
CA PHE A 66 4.86 -3.19 -2.51
C PHE A 66 4.10 -2.25 -3.43
N HIS A 67 2.78 -2.40 -3.47
CA HIS A 67 1.95 -1.55 -4.30
C HIS A 67 0.90 -0.86 -3.45
N ILE A 68 0.50 0.34 -3.87
CA ILE A 68 -0.50 1.10 -3.15
C ILE A 68 -1.78 1.20 -3.97
N ASN A 69 -2.77 0.42 -3.59
CA ASN A 69 -4.04 0.33 -4.33
C ASN A 69 -3.81 -0.27 -5.71
N PHE A 70 -4.81 -0.20 -6.56
CA PHE A 70 -4.68 -0.66 -7.93
C PHE A 70 -5.04 0.47 -8.89
N GLY A 71 -4.06 1.32 -9.17
CA GLY A 71 -4.30 2.45 -10.04
C GLY A 71 -4.13 2.09 -11.50
N ALA A 72 -2.90 1.85 -11.90
CA ALA A 72 -2.60 1.51 -13.29
C ALA A 72 -1.56 0.41 -13.36
N GLY A 73 -1.66 -0.45 -14.36
CA GLY A 73 -0.70 -1.51 -14.55
C GLY A 73 0.46 -1.05 -15.40
N ILE A 74 1.66 -1.49 -15.03
CA ILE A 74 2.87 -1.03 -15.70
C ILE A 74 2.97 -1.56 -17.13
N ASP A 75 2.34 -2.70 -17.38
CA ASP A 75 2.42 -3.34 -18.68
C ASP A 75 1.53 -2.61 -19.68
N ASP A 76 0.40 -2.10 -19.20
CA ASP A 76 -0.53 -1.36 -20.05
C ASP A 76 0.08 -0.03 -20.48
N LEU A 77 1.00 0.47 -19.67
CA LEU A 77 1.62 1.77 -19.90
C LEU A 77 2.52 1.77 -21.14
N LYS A 78 2.85 0.58 -21.64
CA LYS A 78 3.67 0.45 -22.83
C LYS A 78 2.93 1.02 -24.04
N GLY A 79 1.61 0.87 -24.03
CA GLY A 79 0.81 1.39 -25.11
C GLY A 79 0.70 2.90 -25.06
N SER A 80 1.20 3.55 -26.09
CA SER A 80 1.17 5.01 -26.16
C SER A 80 0.37 5.46 -27.37
N VAL B 1 0.88 13.08 19.30
CA VAL B 1 -0.03 13.03 18.15
C VAL B 1 0.02 11.67 17.49
N ALA B 2 -1.14 11.07 17.26
CA ALA B 2 -1.22 9.77 16.61
C ALA B 2 -2.52 9.65 15.81
N SER B 3 -2.39 9.62 14.49
CA SER B 3 -3.53 9.47 13.61
C SER B 3 -3.87 8.00 13.44
N LYS B 4 -4.99 7.72 12.78
CA LYS B 4 -5.46 6.35 12.60
C LYS B 4 -4.58 5.59 11.62
N ALA B 5 -4.17 4.39 11.98
CA ALA B 5 -3.45 3.50 11.09
C ALA B 5 -3.95 2.07 11.27
N ILE B 6 -5.02 1.73 10.58
CA ILE B 6 -5.68 0.46 10.78
C ILE B 6 -5.43 -0.48 9.61
N PHE B 7 -4.82 -1.63 9.89
CA PHE B 7 -4.53 -2.61 8.87
C PHE B 7 -5.59 -3.71 8.86
N TYR B 8 -6.12 -3.98 7.67
CA TYR B 8 -7.16 -5.01 7.51
C TYR B 8 -6.62 -6.19 6.73
N HIS B 9 -6.82 -7.40 7.26
CA HIS B 9 -6.43 -8.61 6.56
C HIS B 9 -7.23 -9.80 7.08
N ALA B 10 -7.27 -10.86 6.29
CA ALA B 10 -8.05 -12.05 6.65
C ALA B 10 -7.13 -13.25 6.91
N GLY B 11 -5.87 -12.97 7.19
CA GLY B 11 -4.91 -14.03 7.43
C GLY B 11 -4.49 -14.73 6.14
N CYS B 12 -3.45 -14.22 5.51
CA CYS B 12 -2.95 -14.78 4.26
C CYS B 12 -1.48 -14.40 4.08
N PRO B 13 -0.74 -15.12 3.23
CA PRO B 13 0.69 -14.85 2.99
C PRO B 13 0.96 -13.42 2.53
N VAL B 14 0.00 -12.86 1.78
CA VAL B 14 0.14 -11.52 1.22
C VAL B 14 0.21 -10.46 2.31
N CYS B 15 -0.67 -10.55 3.29
CA CYS B 15 -0.75 -9.53 4.33
C CYS B 15 0.38 -9.66 5.34
N VAL B 16 0.95 -10.85 5.45
CA VAL B 16 2.08 -11.07 6.33
C VAL B 16 3.26 -10.21 5.90
N SER B 17 3.41 -10.03 4.59
CA SER B 17 4.43 -9.16 4.04
C SER B 17 4.20 -7.73 4.51
N ALA B 18 2.98 -7.25 4.37
CA ALA B 18 2.62 -5.90 4.79
C ALA B 18 2.78 -5.75 6.30
N GLU B 19 2.38 -6.78 7.03
CA GLU B 19 2.47 -6.80 8.49
C GLU B 19 3.91 -6.64 8.95
N GLN B 20 4.81 -7.44 8.39
CA GLN B 20 6.19 -7.47 8.84
C GLN B 20 7.06 -6.45 8.12
N ALA B 21 6.49 -5.70 7.19
CA ALA B 21 7.25 -4.67 6.50
C ALA B 21 6.60 -3.30 6.63
N VAL B 22 5.44 -3.12 5.99
CA VAL B 22 4.76 -1.83 5.98
C VAL B 22 4.31 -1.44 7.39
N ALA B 23 3.76 -2.40 8.12
CA ALA B 23 3.28 -2.15 9.47
C ALA B 23 4.42 -2.09 10.47
N ASN B 24 5.64 -2.28 9.98
CA ASN B 24 6.84 -2.11 10.79
C ASN B 24 7.54 -0.81 10.39
N ALA B 25 7.17 -0.30 9.21
CA ALA B 25 7.67 0.97 8.74
C ALA B 25 6.92 2.12 9.39
N ILE B 26 5.62 1.92 9.57
CA ILE B 26 4.81 2.89 10.29
C ILE B 26 5.07 2.77 11.79
N ASP B 27 5.66 3.80 12.36
CA ASP B 27 6.07 3.77 13.75
C ASP B 27 4.88 3.64 14.70
N PRO B 28 4.93 2.66 15.61
CA PRO B 28 3.83 2.38 16.55
C PRO B 28 3.47 3.54 17.47
N SER B 29 4.40 4.46 17.69
CA SER B 29 4.14 5.59 18.57
C SER B 29 3.92 6.86 17.75
N LYS B 30 4.07 6.74 16.44
CA LYS B 30 3.86 7.86 15.52
C LYS B 30 2.38 7.95 15.18
N TYR B 31 1.75 6.79 14.99
CA TYR B 31 0.33 6.73 14.70
C TYR B 31 -0.28 5.55 15.45
N THR B 32 -1.60 5.56 15.57
CA THR B 32 -2.31 4.47 16.23
C THR B 32 -2.43 3.28 15.28
N VAL B 33 -1.48 2.36 15.37
CA VAL B 33 -1.46 1.18 14.54
C VAL B 33 -2.37 0.11 15.12
N GLU B 34 -3.44 -0.18 14.42
CA GLU B 34 -4.39 -1.19 14.85
C GLU B 34 -4.50 -2.28 13.80
N ILE B 35 -4.62 -3.52 14.25
CA ILE B 35 -4.69 -4.65 13.35
C ILE B 35 -6.05 -5.33 13.45
N VAL B 36 -6.82 -5.29 12.37
CA VAL B 36 -8.13 -5.92 12.35
C VAL B 36 -8.09 -7.22 11.58
N HIS B 37 -8.29 -8.33 12.28
CA HIS B 37 -8.24 -9.64 11.67
C HIS B 37 -9.64 -10.05 11.20
N LEU B 38 -9.81 -10.12 9.90
CA LEU B 38 -11.10 -10.43 9.30
C LEU B 38 -11.25 -11.93 9.10
N GLY B 39 -10.17 -12.67 9.35
CA GLY B 39 -10.18 -14.11 9.14
C GLY B 39 -10.55 -14.89 10.38
N THR B 40 -11.50 -14.35 11.13
CA THR B 40 -11.98 -15.01 12.35
C THR B 40 -13.39 -14.51 12.67
N ASP B 41 -13.58 -13.20 12.59
CA ASP B 41 -14.89 -12.61 12.81
C ASP B 41 -15.45 -12.08 11.50
N LYS B 42 -16.63 -12.58 11.13
CA LYS B 42 -17.25 -12.23 9.87
C LYS B 42 -17.97 -10.89 9.97
N ALA B 43 -18.29 -10.47 11.20
CA ALA B 43 -18.96 -9.19 11.41
C ALA B 43 -18.03 -8.05 11.02
N ARG B 44 -16.74 -8.24 11.26
CA ARG B 44 -15.72 -7.28 10.85
C ARG B 44 -15.72 -7.09 9.34
N ILE B 45 -16.04 -8.15 8.61
CA ILE B 45 -16.11 -8.08 7.15
C ILE B 45 -17.21 -7.11 6.72
N ALA B 46 -18.37 -7.22 7.37
CA ALA B 46 -19.50 -6.35 7.08
C ALA B 46 -19.23 -4.93 7.58
N GLU B 47 -18.17 -4.76 8.35
CA GLU B 47 -17.77 -3.45 8.82
C GLU B 47 -16.73 -2.84 7.89
N ALA B 48 -15.86 -3.70 7.35
CA ALA B 48 -14.85 -3.28 6.40
C ALA B 48 -15.50 -2.71 5.13
N GLU B 49 -16.61 -3.34 4.72
CA GLU B 49 -17.35 -2.89 3.55
C GLU B 49 -18.05 -1.56 3.82
N LYS B 50 -18.20 -1.20 5.09
CA LYS B 50 -18.77 0.11 5.44
C LYS B 50 -17.73 1.19 5.23
N ALA B 51 -16.55 0.99 5.82
CA ALA B 51 -15.46 1.95 5.75
C ALA B 51 -15.00 2.17 4.30
N GLY B 52 -15.07 1.11 3.51
CA GLY B 52 -14.67 1.22 2.13
C GLY B 52 -13.47 0.36 1.81
N VAL B 53 -13.38 -0.79 2.47
CA VAL B 53 -12.33 -1.75 2.18
C VAL B 53 -12.77 -2.63 1.02
N LYS B 54 -12.21 -2.39 -0.16
CA LYS B 54 -12.64 -3.09 -1.36
C LYS B 54 -12.05 -4.49 -1.40
N SER B 55 -10.87 -4.64 -0.81
CA SER B 55 -10.21 -5.94 -0.74
C SER B 55 -9.33 -6.02 0.50
N VAL B 56 -9.09 -7.23 0.99
CA VAL B 56 -8.16 -7.44 2.09
C VAL B 56 -6.72 -7.22 1.60
N PRO B 57 -5.69 -7.60 2.40
CA PRO B 57 -4.50 -6.80 2.62
C PRO B 57 -4.59 -5.35 2.16
N ALA B 58 -5.01 -4.51 3.11
CA ALA B 58 -5.14 -3.07 2.91
C ALA B 58 -4.92 -2.34 4.23
N LEU B 59 -4.49 -1.09 4.17
CA LEU B 59 -4.24 -0.32 5.38
C LEU B 59 -4.90 1.05 5.28
N VAL B 60 -5.66 1.42 6.30
CA VAL B 60 -6.35 2.69 6.34
C VAL B 60 -5.52 3.73 7.09
N ILE B 61 -5.03 4.71 6.36
CA ILE B 61 -4.21 5.77 6.94
C ILE B 61 -5.07 7.01 7.19
N ASP B 62 -5.16 7.41 8.45
CA ASP B 62 -5.95 8.55 8.91
C ASP B 62 -7.45 8.30 8.71
N GLY B 63 -7.87 8.25 7.47
CA GLY B 63 -9.25 7.95 7.16
C GLY B 63 -9.41 7.51 5.71
N ALA B 64 -8.30 7.10 5.11
CA ALA B 64 -8.31 6.68 3.71
C ALA B 64 -7.74 5.28 3.58
N ALA B 65 -8.43 4.42 2.84
CA ALA B 65 -8.03 3.04 2.70
C ALA B 65 -7.06 2.85 1.53
N PHE B 66 -5.84 2.45 1.85
CA PHE B 66 -4.84 2.16 0.84
C PHE B 66 -4.48 0.68 0.86
N HIS B 67 -4.82 -0.01 -0.22
CA HIS B 67 -4.57 -1.44 -0.31
C HIS B 67 -3.07 -1.69 -0.50
N ILE B 68 -2.52 -2.60 0.29
CA ILE B 68 -1.12 -2.98 0.18
C ILE B 68 -1.00 -4.16 -0.77
N ASN B 69 -0.66 -3.88 -2.00
CA ASN B 69 -0.74 -4.85 -3.10
C ASN B 69 -2.22 -5.16 -3.34
N PHE B 70 -2.48 -6.16 -4.16
CA PHE B 70 -3.84 -6.63 -4.32
C PHE B 70 -4.02 -7.89 -3.49
N GLY B 71 -4.64 -7.75 -2.33
CA GLY B 71 -4.86 -8.89 -1.48
C GLY B 71 -5.97 -9.75 -2.01
N ALA B 72 -7.14 -9.62 -1.43
CA ALA B 72 -8.28 -10.44 -1.88
C ALA B 72 -9.57 -9.62 -1.90
N GLY B 73 -10.31 -9.69 -2.99
CA GLY B 73 -11.55 -8.93 -3.11
C GLY B 73 -12.53 -9.29 -2.00
N ILE B 74 -12.98 -8.29 -1.25
CA ILE B 74 -13.80 -8.55 -0.07
C ILE B 74 -15.17 -9.12 -0.46
N ASP B 75 -15.61 -8.82 -1.68
CA ASP B 75 -16.86 -9.38 -2.16
C ASP B 75 -16.64 -10.81 -2.63
N ASP B 76 -15.42 -11.07 -3.11
CA ASP B 76 -15.02 -12.42 -3.52
C ASP B 76 -14.86 -13.30 -2.29
N LEU B 77 -14.61 -12.65 -1.14
CA LEU B 77 -14.49 -13.35 0.13
C LEU B 77 -15.84 -13.86 0.61
N LYS B 78 -16.91 -13.40 -0.04
CA LYS B 78 -18.24 -13.92 0.24
C LYS B 78 -18.39 -15.31 -0.37
N GLY B 79 -17.45 -15.64 -1.24
CA GLY B 79 -17.40 -16.97 -1.80
C GLY B 79 -16.58 -17.89 -0.92
N SER B 80 -17.19 -18.33 0.17
CA SER B 80 -16.55 -19.23 1.11
C SER B 80 -16.25 -20.57 0.45
N VAL A 1 16.63 3.84 10.97
CA VAL A 1 17.61 3.29 10.01
C VAL A 1 17.23 3.69 8.58
N ALA A 2 18.17 4.31 7.89
CA ALA A 2 17.91 4.81 6.55
C ALA A 2 17.91 3.70 5.51
N SER A 3 16.79 2.99 5.43
CA SER A 3 16.57 2.02 4.37
C SER A 3 15.93 2.72 3.18
N LYS A 4 16.34 2.36 1.98
CA LYS A 4 15.85 3.03 0.78
C LYS A 4 14.46 2.54 0.39
N ALA A 5 13.48 3.41 0.54
CA ALA A 5 12.12 3.13 0.13
C ALA A 5 11.77 3.93 -1.11
N ILE A 6 11.70 3.25 -2.25
CA ILE A 6 11.53 3.93 -3.52
C ILE A 6 10.05 3.95 -3.91
N PHE A 7 9.49 5.15 -3.99
CA PHE A 7 8.07 5.29 -4.29
C PHE A 7 7.86 5.66 -5.75
N TYR A 8 7.55 4.66 -6.56
CA TYR A 8 7.26 4.87 -7.98
C TYR A 8 5.79 5.22 -8.16
N HIS A 9 5.50 6.47 -8.47
CA HIS A 9 4.13 6.90 -8.65
C HIS A 9 3.89 7.42 -10.06
N ALA A 10 2.63 7.48 -10.47
CA ALA A 10 2.28 7.91 -11.81
C ALA A 10 1.86 9.38 -11.83
N GLY A 11 1.77 9.98 -10.66
CA GLY A 11 1.36 11.37 -10.56
C GLY A 11 -0.14 11.53 -10.56
N CYS A 12 -0.85 10.42 -10.65
CA CYS A 12 -2.31 10.42 -10.63
C CYS A 12 -2.82 10.87 -9.25
N PRO A 13 -4.06 11.38 -9.18
CA PRO A 13 -4.67 11.84 -7.92
C PRO A 13 -4.56 10.80 -6.81
N VAL A 14 -4.78 9.53 -7.15
CA VAL A 14 -4.66 8.44 -6.19
C VAL A 14 -3.24 8.36 -5.64
N CYS A 15 -2.26 8.60 -6.50
CA CYS A 15 -0.86 8.58 -6.09
C CYS A 15 -0.58 9.74 -5.14
N VAL A 16 -1.21 10.88 -5.41
CA VAL A 16 -1.06 12.06 -4.56
C VAL A 16 -1.62 11.78 -3.16
N SER A 17 -2.82 11.21 -3.10
CA SER A 17 -3.43 10.86 -1.83
C SER A 17 -2.56 9.87 -1.05
N ALA A 18 -1.95 8.93 -1.77
CA ALA A 18 -1.05 7.96 -1.16
C ALA A 18 0.17 8.67 -0.58
N GLU A 19 0.64 9.69 -1.28
CA GLU A 19 1.78 10.47 -0.82
C GLU A 19 1.41 11.28 0.43
N GLN A 20 0.27 11.97 0.36
CA GLN A 20 -0.19 12.83 1.45
C GLN A 20 -0.33 12.05 2.75
N ALA A 21 -0.76 10.79 2.65
CA ALA A 21 -1.00 9.98 3.84
C ALA A 21 0.17 9.04 4.12
N VAL A 22 0.38 8.08 3.23
CA VAL A 22 1.36 7.02 3.46
C VAL A 22 2.79 7.56 3.43
N ALA A 23 3.12 8.35 2.42
CA ALA A 23 4.48 8.87 2.27
C ALA A 23 4.80 9.92 3.33
N ASN A 24 3.76 10.40 4.00
CA ASN A 24 3.96 11.33 5.11
C ASN A 24 3.79 10.61 6.44
N ALA A 25 3.43 9.34 6.37
CA ALA A 25 3.34 8.50 7.56
C ALA A 25 4.70 7.87 7.84
N ILE A 26 5.44 7.61 6.78
CA ILE A 26 6.79 7.10 6.88
C ILE A 26 7.77 8.26 6.81
N ASP A 27 8.20 8.75 7.97
CA ASP A 27 9.13 9.87 8.03
C ASP A 27 10.42 9.56 7.29
N PRO A 28 10.86 10.48 6.41
CA PRO A 28 12.10 10.32 5.62
C PRO A 28 13.34 10.22 6.51
N SER A 29 13.21 10.60 7.77
CA SER A 29 14.31 10.45 8.73
C SER A 29 14.26 9.08 9.38
N LYS A 30 13.07 8.48 9.38
CA LYS A 30 12.87 7.15 9.91
C LYS A 30 13.34 6.14 8.88
N TYR A 31 12.89 6.35 7.63
CA TYR A 31 13.35 5.57 6.49
C TYR A 31 13.52 6.50 5.30
N THR A 32 14.59 6.32 4.54
CA THR A 32 14.89 7.20 3.41
C THR A 32 13.99 6.88 2.22
N VAL A 33 12.96 7.71 2.03
CA VAL A 33 12.03 7.54 0.94
C VAL A 33 12.50 8.30 -0.30
N GLU A 34 12.48 7.63 -1.44
CA GLU A 34 12.86 8.23 -2.70
C GLU A 34 11.66 8.29 -3.64
N ILE A 35 11.08 9.48 -3.78
CA ILE A 35 9.93 9.68 -4.66
C ILE A 35 10.38 9.67 -6.13
N VAL A 36 9.86 8.74 -6.90
CA VAL A 36 10.19 8.63 -8.32
C VAL A 36 8.93 8.57 -9.17
N HIS A 37 8.85 9.46 -10.15
CA HIS A 37 7.70 9.49 -11.06
C HIS A 37 7.94 8.52 -12.20
N LEU A 38 7.06 7.54 -12.34
CA LEU A 38 7.18 6.53 -13.39
C LEU A 38 6.08 6.70 -14.43
N GLY A 39 5.28 7.74 -14.27
CA GLY A 39 4.19 7.99 -15.19
C GLY A 39 4.66 8.61 -16.50
N THR A 40 5.70 9.42 -16.41
CA THR A 40 6.22 10.11 -17.58
C THR A 40 7.35 9.32 -18.24
N ASP A 41 8.22 8.75 -17.40
CA ASP A 41 9.40 8.06 -17.87
C ASP A 41 9.05 6.68 -18.42
N LYS A 42 9.00 6.56 -19.74
CA LYS A 42 8.70 5.29 -20.40
C LYS A 42 9.95 4.43 -20.51
N ALA A 43 11.11 5.02 -20.23
CA ALA A 43 12.37 4.28 -20.28
C ALA A 43 12.55 3.50 -18.98
N ARG A 44 12.07 4.06 -17.89
CA ARG A 44 12.16 3.42 -16.59
C ARG A 44 11.16 2.28 -16.43
N ILE A 45 10.42 1.97 -17.48
CA ILE A 45 9.60 0.76 -17.48
C ILE A 45 10.52 -0.46 -17.41
N ALA A 46 11.69 -0.34 -18.02
CA ALA A 46 12.71 -1.38 -17.91
C ALA A 46 13.25 -1.42 -16.49
N GLU A 47 13.32 -0.26 -15.86
CA GLU A 47 13.78 -0.15 -14.48
C GLU A 47 12.70 -0.68 -13.53
N ALA A 48 11.45 -0.61 -13.96
CA ALA A 48 10.35 -1.18 -13.21
C ALA A 48 10.55 -2.67 -13.06
N GLU A 49 10.82 -3.36 -14.18
CA GLU A 49 11.11 -4.79 -14.16
C GLU A 49 12.42 -5.05 -13.42
N LYS A 50 13.30 -4.06 -13.45
CA LYS A 50 14.61 -4.14 -12.82
C LYS A 50 14.49 -4.12 -11.28
N ALA A 51 13.57 -3.30 -10.79
CA ALA A 51 13.36 -3.15 -9.35
C ALA A 51 12.31 -4.14 -8.84
N GLY A 52 11.29 -4.39 -9.66
CA GLY A 52 10.21 -5.26 -9.24
C GLY A 52 8.89 -4.52 -9.15
N VAL A 53 8.81 -3.38 -9.83
CA VAL A 53 7.60 -2.58 -9.84
C VAL A 53 6.64 -3.13 -10.89
N LYS A 54 5.57 -3.74 -10.42
CA LYS A 54 4.62 -4.41 -11.30
C LYS A 54 3.38 -3.55 -11.53
N SER A 55 3.20 -2.56 -10.67
CA SER A 55 2.10 -1.61 -10.81
C SER A 55 2.47 -0.28 -10.15
N VAL A 56 1.71 0.75 -10.45
CA VAL A 56 1.91 2.05 -9.82
C VAL A 56 0.62 2.54 -9.17
N PRO A 57 0.75 3.25 -8.03
CA PRO A 57 2.03 3.55 -7.41
C PRO A 57 2.56 2.40 -6.54
N ALA A 58 3.87 2.24 -6.52
CA ALA A 58 4.50 1.18 -5.75
C ALA A 58 5.56 1.74 -4.83
N LEU A 59 5.46 1.43 -3.55
CA LEU A 59 6.44 1.84 -2.57
C LEU A 59 7.38 0.69 -2.28
N VAL A 60 8.56 0.73 -2.86
CA VAL A 60 9.56 -0.31 -2.69
C VAL A 60 10.38 -0.07 -1.43
N ILE A 61 10.01 -0.73 -0.35
CA ILE A 61 10.67 -0.53 0.93
C ILE A 61 11.82 -1.51 1.08
N ASP A 62 13.05 -1.00 0.97
CA ASP A 62 14.27 -1.80 1.14
C ASP A 62 14.52 -2.73 -0.04
N GLY A 63 13.45 -3.06 -0.76
CA GLY A 63 13.55 -4.01 -1.85
C GLY A 63 12.23 -4.73 -2.09
N ALA A 64 11.30 -4.56 -1.17
CA ALA A 64 9.97 -5.13 -1.33
C ALA A 64 9.00 -4.07 -1.85
N ALA A 65 8.46 -4.32 -3.03
CA ALA A 65 7.56 -3.38 -3.68
C ALA A 65 6.13 -3.53 -3.17
N PHE A 66 5.64 -2.52 -2.47
CA PHE A 66 4.28 -2.51 -1.99
C PHE A 66 3.43 -1.57 -2.83
N HIS A 67 2.57 -2.15 -3.64
CA HIS A 67 1.72 -1.38 -4.54
C HIS A 67 0.53 -0.80 -3.78
N ILE A 68 0.45 0.52 -3.74
CA ILE A 68 -0.58 1.20 -2.97
C ILE A 68 -1.72 1.65 -3.87
N ASN A 69 -2.80 0.84 -3.88
CA ASN A 69 -3.97 1.08 -4.73
C ASN A 69 -3.63 0.89 -6.21
N PHE A 70 -4.34 -0.03 -6.85
CA PHE A 70 -4.08 -0.35 -8.23
C PHE A 70 -4.55 0.76 -9.15
N GLY A 71 -3.60 1.62 -9.54
CA GLY A 71 -3.91 2.65 -10.50
C GLY A 71 -3.65 2.18 -11.92
N ALA A 72 -2.39 1.84 -12.19
CA ALA A 72 -2.00 1.32 -13.48
C ALA A 72 -1.00 0.18 -13.32
N GLY A 73 -1.20 -0.90 -14.05
CA GLY A 73 -0.28 -2.02 -13.98
C GLY A 73 0.77 -1.95 -15.06
N ILE A 74 1.88 -2.64 -14.87
CA ILE A 74 2.96 -2.63 -15.84
C ILE A 74 2.48 -3.22 -17.17
N ASP A 75 1.56 -4.17 -17.10
CA ASP A 75 0.99 -4.81 -18.28
C ASP A 75 0.25 -3.78 -19.12
N ASP A 76 -0.35 -2.81 -18.45
CA ASP A 76 -1.12 -1.78 -19.13
C ASP A 76 -0.20 -0.75 -19.78
N LEU A 77 0.83 -0.36 -19.06
CA LEU A 77 1.76 0.67 -19.51
C LEU A 77 2.73 0.11 -20.56
N LYS A 78 2.96 -1.19 -20.50
CA LYS A 78 3.91 -1.85 -21.39
C LYS A 78 3.17 -2.69 -22.43
N GLY A 79 1.89 -2.37 -22.61
CA GLY A 79 1.08 -3.08 -23.59
C GLY A 79 1.29 -2.54 -24.99
N SER A 80 0.81 -3.29 -25.99
CA SER A 80 0.98 -2.88 -27.38
C SER A 80 -0.13 -1.91 -27.78
N VAL B 1 -0.88 14.28 18.10
CA VAL B 1 -2.01 13.41 17.74
C VAL B 1 -1.49 12.09 17.17
N ALA B 2 -2.14 11.00 17.53
CA ALA B 2 -1.82 9.70 16.97
C ALA B 2 -3.02 9.18 16.20
N SER B 3 -3.07 9.49 14.92
CA SER B 3 -4.20 9.14 14.08
C SER B 3 -4.35 7.63 13.96
N LYS B 4 -5.59 7.19 13.75
CA LYS B 4 -5.92 5.79 13.60
C LYS B 4 -5.21 5.17 12.40
N ALA B 5 -4.72 3.95 12.56
CA ALA B 5 -4.16 3.20 11.44
C ALA B 5 -4.54 1.74 11.57
N ILE B 6 -5.59 1.34 10.87
CA ILE B 6 -6.11 -0.02 10.98
C ILE B 6 -5.71 -0.84 9.78
N PHE B 7 -4.95 -1.89 10.00
CA PHE B 7 -4.50 -2.76 8.92
C PHE B 7 -5.35 -4.02 8.87
N TYR B 8 -5.99 -4.26 7.74
CA TYR B 8 -6.81 -5.45 7.55
C TYR B 8 -6.07 -6.48 6.71
N HIS B 9 -6.02 -7.72 7.19
CA HIS B 9 -5.46 -8.81 6.40
C HIS B 9 -6.12 -10.14 6.76
N ALA B 10 -5.80 -11.18 5.99
CA ALA B 10 -6.47 -12.47 6.14
C ALA B 10 -5.51 -13.57 6.59
N GLY B 11 -4.22 -13.27 6.64
CA GLY B 11 -3.25 -14.26 7.06
C GLY B 11 -2.50 -14.90 5.91
N CYS B 12 -2.88 -14.54 4.69
CA CYS B 12 -2.23 -15.04 3.48
C CYS B 12 -0.78 -14.54 3.41
N PRO B 13 0.07 -15.18 2.56
CA PRO B 13 1.48 -14.77 2.38
C PRO B 13 1.65 -13.27 2.16
N VAL B 14 0.78 -12.70 1.33
CA VAL B 14 0.80 -11.26 1.04
C VAL B 14 0.60 -10.45 2.31
N CYS B 15 -0.21 -10.97 3.22
CA CYS B 15 -0.51 -10.29 4.46
C CYS B 15 0.74 -10.19 5.34
N VAL B 16 1.51 -11.27 5.36
CA VAL B 16 2.73 -11.33 6.16
C VAL B 16 3.71 -10.24 5.74
N SER B 17 3.97 -10.17 4.45
CA SER B 17 4.91 -9.18 3.91
C SER B 17 4.47 -7.76 4.25
N ALA B 18 3.17 -7.50 4.09
CA ALA B 18 2.63 -6.17 4.34
C ALA B 18 2.67 -5.82 5.82
N GLU B 19 2.21 -6.73 6.67
CA GLU B 19 2.18 -6.50 8.11
C GLU B 19 3.60 -6.33 8.66
N GLN B 20 4.54 -7.05 8.06
CA GLN B 20 5.92 -7.01 8.51
C GLN B 20 6.56 -5.65 8.22
N ALA B 21 6.66 -5.30 6.94
CA ALA B 21 7.40 -4.12 6.53
C ALA B 21 6.62 -2.84 6.76
N VAL B 22 5.37 -2.80 6.31
CA VAL B 22 4.60 -1.55 6.31
C VAL B 22 4.27 -1.10 7.73
N ALA B 23 3.91 -2.05 8.60
CA ALA B 23 3.53 -1.71 9.97
C ALA B 23 4.72 -1.20 10.77
N ASN B 24 5.93 -1.57 10.34
CA ASN B 24 7.15 -1.09 10.99
C ASN B 24 7.74 0.09 10.23
N ALA B 25 7.12 0.43 9.10
CA ALA B 25 7.53 1.60 8.32
C ALA B 25 6.78 2.82 8.82
N ILE B 26 5.48 2.65 9.06
CA ILE B 26 4.68 3.69 9.67
C ILE B 26 5.00 3.75 11.16
N ASP B 27 5.36 4.93 11.64
CA ASP B 27 5.81 5.08 13.01
C ASP B 27 4.66 4.89 14.00
N PRO B 28 4.83 3.96 14.95
CA PRO B 28 3.79 3.62 15.94
C PRO B 28 3.55 4.73 16.96
N SER B 29 4.43 5.72 16.99
CA SER B 29 4.24 6.86 17.87
C SER B 29 3.66 8.03 17.08
N LYS B 30 3.63 7.86 15.77
CA LYS B 30 3.08 8.86 14.86
C LYS B 30 1.62 8.55 14.60
N TYR B 31 1.34 7.28 14.33
CA TYR B 31 -0.02 6.80 14.11
C TYR B 31 -0.28 5.59 14.99
N THR B 32 -1.52 5.41 15.41
CA THR B 32 -1.88 4.26 16.21
C THR B 32 -2.23 3.08 15.30
N VAL B 33 -1.24 2.27 15.01
CA VAL B 33 -1.41 1.13 14.11
C VAL B 33 -1.95 -0.08 14.85
N GLU B 34 -3.16 -0.49 14.49
CA GLU B 34 -3.77 -1.68 15.04
C GLU B 34 -4.11 -2.65 13.92
N ILE B 35 -3.78 -3.91 14.14
CA ILE B 35 -3.94 -4.93 13.11
C ILE B 35 -5.25 -5.69 13.33
N VAL B 36 -6.08 -5.74 12.31
CA VAL B 36 -7.36 -6.40 12.38
C VAL B 36 -7.47 -7.50 11.33
N HIS B 37 -7.82 -8.70 11.76
CA HIS B 37 -7.94 -9.83 10.87
C HIS B 37 -9.32 -9.85 10.23
N LEU B 38 -9.34 -9.87 8.90
CA LEU B 38 -10.59 -9.89 8.16
C LEU B 38 -10.58 -11.05 7.18
N GLY B 39 -11.40 -12.03 7.49
CA GLY B 39 -11.49 -13.22 6.65
C GLY B 39 -12.32 -14.29 7.32
N THR B 40 -11.90 -14.70 8.50
CA THR B 40 -12.66 -15.67 9.30
C THR B 40 -13.79 -14.97 10.03
N ASP B 41 -13.75 -13.64 9.99
CA ASP B 41 -14.77 -12.80 10.61
C ASP B 41 -15.71 -12.25 9.55
N LYS B 42 -16.92 -12.77 9.51
CA LYS B 42 -17.92 -12.35 8.54
C LYS B 42 -18.74 -11.18 9.07
N ALA B 43 -18.57 -10.88 10.36
CA ALA B 43 -19.35 -9.85 11.01
C ALA B 43 -18.81 -8.46 10.68
N ARG B 44 -17.51 -8.29 10.84
CA ARG B 44 -16.87 -6.99 10.63
C ARG B 44 -16.58 -6.73 9.16
N ILE B 45 -17.12 -7.58 8.28
CA ILE B 45 -17.06 -7.32 6.85
C ILE B 45 -17.82 -6.03 6.53
N ALA B 46 -18.91 -5.80 7.26
CA ALA B 46 -19.69 -4.58 7.11
C ALA B 46 -18.89 -3.36 7.55
N GLU B 47 -17.99 -3.57 8.51
CA GLU B 47 -17.12 -2.50 8.99
C GLU B 47 -16.13 -2.10 7.91
N ALA B 48 -15.62 -3.09 7.20
CA ALA B 48 -14.73 -2.84 6.07
C ALA B 48 -15.43 -2.01 5.01
N GLU B 49 -16.71 -2.32 4.79
CA GLU B 49 -17.53 -1.60 3.82
C GLU B 49 -17.74 -0.15 4.26
N LYS B 50 -17.71 0.08 5.57
CA LYS B 50 -17.86 1.43 6.12
C LYS B 50 -16.59 2.25 5.86
N ALA B 51 -15.44 1.61 6.03
CA ALA B 51 -14.16 2.27 5.84
C ALA B 51 -13.85 2.45 4.36
N GLY B 52 -14.37 1.56 3.54
CA GLY B 52 -14.13 1.62 2.11
C GLY B 52 -13.10 0.59 1.67
N VAL B 53 -12.95 -0.46 2.47
CA VAL B 53 -12.00 -1.51 2.17
C VAL B 53 -12.59 -2.49 1.17
N LYS B 54 -12.17 -2.37 -0.08
CA LYS B 54 -12.69 -3.22 -1.14
C LYS B 54 -11.89 -4.51 -1.25
N SER B 55 -10.71 -4.51 -0.66
CA SER B 55 -9.88 -5.71 -0.64
C SER B 55 -9.05 -5.77 0.63
N VAL B 56 -8.87 -6.99 1.16
CA VAL B 56 -7.94 -7.19 2.26
C VAL B 56 -6.51 -7.04 1.74
N PRO B 57 -5.47 -7.40 2.54
CA PRO B 57 -4.27 -6.62 2.71
C PRO B 57 -4.39 -5.17 2.24
N ALA B 58 -4.86 -4.35 3.17
CA ALA B 58 -5.01 -2.92 2.99
C ALA B 58 -4.95 -2.23 4.35
N LEU B 59 -4.53 -0.98 4.39
CA LEU B 59 -4.39 -0.26 5.64
C LEU B 59 -5.22 1.03 5.60
N VAL B 60 -6.04 1.22 6.61
CA VAL B 60 -6.90 2.39 6.71
C VAL B 60 -6.28 3.44 7.63
N ILE B 61 -5.82 4.54 7.04
CA ILE B 61 -5.24 5.62 7.81
C ILE B 61 -6.32 6.62 8.19
N ASP B 62 -6.76 6.54 9.45
CA ASP B 62 -7.79 7.40 10.01
C ASP B 62 -9.14 7.18 9.36
N GLY B 63 -9.25 7.60 8.11
CA GLY B 63 -10.48 7.39 7.35
C GLY B 63 -10.20 7.12 5.89
N ALA B 64 -8.93 6.93 5.56
CA ALA B 64 -8.52 6.66 4.18
C ALA B 64 -7.92 5.27 4.06
N ALA B 65 -8.62 4.40 3.35
CA ALA B 65 -8.17 3.03 3.15
C ALA B 65 -7.26 2.92 1.94
N PHE B 66 -6.04 2.46 2.16
CA PHE B 66 -5.08 2.25 1.07
C PHE B 66 -4.77 0.77 0.93
N HIS B 67 -5.04 0.22 -0.24
CA HIS B 67 -4.78 -1.19 -0.50
C HIS B 67 -3.29 -1.39 -0.77
N ILE B 68 -2.64 -2.20 0.07
CA ILE B 68 -1.21 -2.39 -0.03
C ILE B 68 -0.89 -3.77 -0.57
N ASN B 69 -0.69 -3.84 -1.88
CA ASN B 69 -0.59 -5.10 -2.61
C ASN B 69 -1.91 -5.83 -2.57
N PHE B 70 -2.50 -6.05 -3.74
CA PHE B 70 -3.83 -6.62 -3.85
C PHE B 70 -3.92 -7.94 -3.10
N GLY B 71 -4.50 -7.90 -1.91
CA GLY B 71 -4.68 -9.10 -1.13
C GLY B 71 -5.84 -9.91 -1.64
N ALA B 72 -7.02 -9.67 -1.10
CA ALA B 72 -8.20 -10.41 -1.54
C ALA B 72 -9.42 -9.50 -1.65
N GLY B 73 -10.18 -9.63 -2.72
CA GLY B 73 -11.31 -8.76 -2.93
C GLY B 73 -12.48 -9.10 -2.02
N ILE B 74 -13.09 -8.08 -1.41
CA ILE B 74 -14.24 -8.29 -0.53
C ILE B 74 -15.43 -8.76 -1.37
N ASP B 75 -15.40 -8.41 -2.65
CA ASP B 75 -16.44 -8.79 -3.60
C ASP B 75 -16.49 -10.30 -3.76
N ASP B 76 -15.36 -10.94 -3.51
CA ASP B 76 -15.23 -12.40 -3.63
C ASP B 76 -15.94 -13.08 -2.47
N LEU B 77 -15.87 -12.47 -1.30
CA LEU B 77 -16.52 -13.00 -0.11
C LEU B 77 -18.02 -12.73 -0.18
N LYS B 78 -18.38 -11.69 -0.92
CA LYS B 78 -19.77 -11.33 -1.12
C LYS B 78 -20.48 -12.34 -2.00
N GLY B 79 -21.26 -13.21 -1.36
CA GLY B 79 -21.99 -14.25 -2.09
C GLY B 79 -23.24 -13.73 -2.76
N SER B 80 -23.08 -12.69 -3.56
CA SER B 80 -24.18 -12.10 -4.30
C SER B 80 -23.61 -11.39 -5.53
N VAL A 1 20.32 4.24 10.37
CA VAL A 1 20.66 3.88 8.98
C VAL A 1 19.38 3.80 8.15
N ALA A 2 19.14 4.82 7.35
CA ALA A 2 17.91 4.92 6.59
C ALA A 2 18.05 4.26 5.22
N SER A 3 17.16 3.33 4.93
CA SER A 3 17.08 2.72 3.62
C SER A 3 16.19 3.57 2.72
N LYS A 4 16.38 3.48 1.42
CA LYS A 4 15.58 4.29 0.52
C LYS A 4 14.30 3.57 0.10
N ALA A 5 13.21 4.31 0.06
CA ALA A 5 11.94 3.80 -0.38
C ALA A 5 11.49 4.57 -1.62
N ILE A 6 11.45 3.89 -2.75
CA ILE A 6 11.16 4.54 -4.02
C ILE A 6 9.67 4.44 -4.34
N PHE A 7 9.03 5.57 -4.50
CA PHE A 7 7.61 5.62 -4.78
C PHE A 7 7.39 5.95 -6.25
N TYR A 8 7.05 4.93 -7.03
CA TYR A 8 6.77 5.10 -8.45
C TYR A 8 5.30 5.39 -8.67
N HIS A 9 5.01 6.52 -9.30
CA HIS A 9 3.63 6.90 -9.57
C HIS A 9 3.47 7.36 -11.01
N ALA A 10 2.24 7.64 -11.42
CA ALA A 10 1.96 8.05 -12.79
C ALA A 10 1.27 9.42 -12.83
N GLY A 11 1.40 10.17 -11.75
CA GLY A 11 0.81 11.50 -11.70
C GLY A 11 -0.69 11.47 -11.49
N CYS A 12 -1.20 10.36 -10.99
CA CYS A 12 -2.62 10.21 -10.74
C CYS A 12 -2.97 10.81 -9.38
N PRO A 13 -4.22 11.29 -9.21
CA PRO A 13 -4.68 11.89 -7.95
C PRO A 13 -4.46 10.96 -6.75
N VAL A 14 -4.68 9.67 -6.97
CA VAL A 14 -4.50 8.66 -5.93
C VAL A 14 -3.05 8.64 -5.45
N CYS A 15 -2.12 8.86 -6.37
CA CYS A 15 -0.71 8.87 -6.04
C CYS A 15 -0.38 10.03 -5.11
N VAL A 16 -1.00 11.17 -5.38
CA VAL A 16 -0.80 12.37 -4.55
C VAL A 16 -1.32 12.13 -3.14
N SER A 17 -2.47 11.47 -3.04
CA SER A 17 -3.05 11.15 -1.76
C SER A 17 -2.14 10.22 -0.96
N ALA A 18 -1.50 9.28 -1.66
CA ALA A 18 -0.55 8.38 -1.02
C ALA A 18 0.70 9.14 -0.58
N GLU A 19 1.09 10.13 -1.37
CA GLU A 19 2.24 10.96 -1.05
C GLU A 19 2.01 11.76 0.24
N GLN A 20 0.81 12.31 0.38
CA GLN A 20 0.49 13.17 1.51
C GLN A 20 0.19 12.36 2.77
N ALA A 21 -0.19 11.10 2.60
CA ALA A 21 -0.55 10.27 3.74
C ALA A 21 0.56 9.28 4.08
N VAL A 22 0.79 8.32 3.19
CA VAL A 22 1.73 7.23 3.44
C VAL A 22 3.15 7.75 3.58
N ALA A 23 3.54 8.65 2.68
CA ALA A 23 4.90 9.19 2.69
C ALA A 23 5.11 10.19 3.82
N ASN A 24 4.04 10.48 4.56
CA ASN A 24 4.13 11.34 5.73
C ASN A 24 4.12 10.51 7.01
N ALA A 25 3.73 9.24 6.87
CA ALA A 25 3.75 8.31 7.99
C ALA A 25 5.12 7.65 8.10
N ILE A 26 5.76 7.44 6.96
CA ILE A 26 7.10 6.91 6.93
C ILE A 26 8.11 8.02 7.24
N ASP A 27 8.69 7.96 8.43
CA ASP A 27 9.59 9.01 8.88
C ASP A 27 10.90 8.98 8.10
N PRO A 28 11.32 10.14 7.57
CA PRO A 28 12.57 10.27 6.79
C PRO A 28 13.81 9.88 7.59
N SER A 29 13.69 9.85 8.91
CA SER A 29 14.80 9.46 9.77
C SER A 29 14.97 7.94 9.76
N LYS A 30 13.93 7.24 9.31
CA LYS A 30 13.95 5.78 9.26
C LYS A 30 14.15 5.30 7.83
N TYR A 31 13.43 5.93 6.91
CA TYR A 31 13.53 5.58 5.50
C TYR A 31 13.53 6.83 4.64
N THR A 32 14.34 6.81 3.59
CA THR A 32 14.42 7.93 2.67
C THR A 32 13.42 7.76 1.54
N VAL A 33 12.37 8.55 1.56
CA VAL A 33 11.30 8.44 0.58
C VAL A 33 11.65 9.17 -0.70
N GLU A 34 11.87 8.43 -1.77
CA GLU A 34 12.16 9.02 -3.06
C GLU A 34 10.99 8.80 -4.01
N ILE A 35 10.25 9.87 -4.26
CA ILE A 35 9.08 9.79 -5.12
C ILE A 35 9.48 10.06 -6.57
N VAL A 36 9.18 9.12 -7.45
CA VAL A 36 9.59 9.21 -8.84
C VAL A 36 8.40 9.02 -9.78
N HIS A 37 8.22 9.96 -10.70
CA HIS A 37 7.18 9.86 -11.71
C HIS A 37 7.62 8.86 -12.78
N LEU A 38 7.01 7.68 -12.76
CA LEU A 38 7.42 6.59 -13.63
C LEU A 38 6.92 6.81 -15.06
N GLY A 39 6.02 7.79 -15.22
CA GLY A 39 5.48 8.08 -16.52
C GLY A 39 6.34 9.07 -17.29
N THR A 40 7.32 9.64 -16.61
CA THR A 40 8.22 10.60 -17.24
C THR A 40 9.37 9.90 -17.96
N ASP A 41 9.91 8.86 -17.34
CA ASP A 41 11.06 8.15 -17.89
C ASP A 41 10.70 6.71 -18.23
N LYS A 42 10.87 6.36 -19.49
CA LYS A 42 10.45 5.05 -19.99
C LYS A 42 11.50 3.98 -19.68
N ALA A 43 12.75 4.39 -19.53
CA ALA A 43 13.82 3.47 -19.21
C ALA A 43 13.69 2.98 -17.77
N ARG A 44 13.23 3.86 -16.90
CA ARG A 44 13.02 3.54 -15.50
C ARG A 44 11.89 2.52 -15.35
N ILE A 45 11.00 2.47 -16.33
CA ILE A 45 9.93 1.47 -16.34
C ILE A 45 10.53 0.08 -16.41
N ALA A 46 11.54 -0.07 -17.27
CA ALA A 46 12.23 -1.35 -17.41
C ALA A 46 13.06 -1.64 -16.17
N GLU A 47 13.50 -0.59 -15.47
CA GLU A 47 14.20 -0.74 -14.21
C GLU A 47 13.24 -1.24 -13.13
N ALA A 48 12.04 -0.67 -13.13
CA ALA A 48 11.01 -1.04 -12.17
C ALA A 48 10.64 -2.51 -12.29
N GLU A 49 10.66 -3.01 -13.53
CA GLU A 49 10.37 -4.43 -13.78
C GLU A 49 11.46 -5.32 -13.19
N LYS A 50 12.67 -4.78 -13.03
CA LYS A 50 13.76 -5.54 -12.45
C LYS A 50 13.68 -5.52 -10.93
N ALA A 51 13.06 -4.48 -10.39
CA ALA A 51 12.89 -4.35 -8.95
C ALA A 51 11.70 -5.17 -8.48
N GLY A 52 10.59 -5.08 -9.20
CA GLY A 52 9.40 -5.84 -8.83
C GLY A 52 8.14 -5.02 -8.88
N VAL A 53 8.15 -3.96 -9.68
CA VAL A 53 6.97 -3.12 -9.86
C VAL A 53 6.09 -3.70 -10.95
N LYS A 54 4.83 -3.94 -10.62
CA LYS A 54 3.90 -4.56 -11.57
C LYS A 54 2.67 -3.68 -11.77
N SER A 55 2.53 -2.66 -10.94
CA SER A 55 1.41 -1.73 -11.04
C SER A 55 1.82 -0.36 -10.49
N VAL A 56 0.95 0.62 -10.65
CA VAL A 56 1.20 1.95 -10.12
C VAL A 56 -0.02 2.47 -9.36
N PRO A 57 0.20 3.22 -8.27
CA PRO A 57 1.55 3.55 -7.79
C PRO A 57 2.16 2.44 -6.94
N ALA A 58 3.48 2.44 -6.85
CA ALA A 58 4.20 1.39 -6.13
C ALA A 58 5.20 1.99 -5.15
N LEU A 59 5.10 1.56 -3.89
CA LEU A 59 6.03 1.98 -2.86
C LEU A 59 7.08 0.90 -2.64
N VAL A 60 8.25 1.11 -3.20
CA VAL A 60 9.33 0.13 -3.10
C VAL A 60 10.19 0.40 -1.87
N ILE A 61 9.90 -0.30 -0.79
CA ILE A 61 10.63 -0.11 0.46
C ILE A 61 11.83 -1.04 0.53
N ASP A 62 13.01 -0.50 0.18
CA ASP A 62 14.28 -1.22 0.32
C ASP A 62 14.37 -2.43 -0.63
N GLY A 63 13.35 -2.59 -1.47
CA GLY A 63 13.31 -3.70 -2.40
C GLY A 63 11.93 -4.28 -2.55
N ALA A 64 11.14 -4.20 -1.49
CA ALA A 64 9.78 -4.72 -1.52
C ALA A 64 8.82 -3.69 -2.08
N ALA A 65 8.24 -3.99 -3.23
CA ALA A 65 7.33 -3.06 -3.89
C ALA A 65 5.89 -3.29 -3.44
N PHE A 66 5.35 -2.32 -2.73
CA PHE A 66 3.97 -2.36 -2.28
C PHE A 66 3.12 -1.39 -3.09
N HIS A 67 2.25 -1.93 -3.91
CA HIS A 67 1.40 -1.13 -4.78
C HIS A 67 0.25 -0.52 -3.98
N ILE A 68 0.31 0.79 -3.76
CA ILE A 68 -0.67 1.47 -2.93
C ILE A 68 -1.89 1.86 -3.76
N ASN A 69 -2.96 1.09 -3.59
CA ASN A 69 -4.21 1.28 -4.34
C ASN A 69 -4.01 1.06 -5.83
N PHE A 70 -4.44 -0.11 -6.29
CA PHE A 70 -4.29 -0.49 -7.70
C PHE A 70 -5.03 0.49 -8.61
N GLY A 71 -4.26 1.34 -9.26
CA GLY A 71 -4.83 2.25 -10.24
C GLY A 71 -4.66 1.70 -11.64
N ALA A 72 -3.41 1.51 -12.04
CA ALA A 72 -3.10 0.91 -13.33
C ALA A 72 -1.93 -0.06 -13.18
N GLY A 73 -1.74 -0.92 -14.16
CA GLY A 73 -0.62 -1.84 -14.12
C GLY A 73 0.58 -1.26 -14.84
N ILE A 74 1.75 -1.87 -14.65
CA ILE A 74 2.95 -1.40 -15.33
C ILE A 74 2.87 -1.78 -16.81
N ASP A 75 1.98 -2.71 -17.12
CA ASP A 75 1.74 -3.12 -18.49
C ASP A 75 0.83 -2.12 -19.18
N ASP A 76 0.03 -1.41 -18.39
CA ASP A 76 -0.79 -0.32 -18.91
C ASP A 76 0.08 0.84 -19.34
N LEU A 77 1.24 0.96 -18.71
CA LEU A 77 2.21 1.99 -19.05
C LEU A 77 2.90 1.66 -20.38
N LYS A 78 2.91 0.38 -20.71
CA LYS A 78 3.46 -0.07 -21.98
C LYS A 78 2.48 0.22 -23.11
N GLY A 79 1.22 0.37 -22.74
CA GLY A 79 0.20 0.72 -23.70
C GLY A 79 0.26 2.18 -24.08
N SER A 80 0.22 2.45 -25.37
CA SER A 80 0.29 3.81 -25.88
C SER A 80 -1.01 4.55 -25.56
N VAL B 1 0.50 12.68 19.59
CA VAL B 1 -0.78 11.95 19.52
C VAL B 1 -0.76 11.02 18.32
N ALA B 2 -1.68 10.06 18.30
CA ALA B 2 -1.71 9.07 17.24
C ALA B 2 -3.13 8.72 16.83
N SER B 3 -3.43 8.90 15.55
CA SER B 3 -4.67 8.41 14.99
C SER B 3 -4.48 6.94 14.63
N LYS B 4 -5.55 6.16 14.61
CA LYS B 4 -5.40 4.74 14.37
C LYS B 4 -5.42 4.43 12.88
N ALA B 5 -4.50 3.56 12.49
CA ALA B 5 -4.42 3.08 11.13
C ALA B 5 -4.79 1.61 11.11
N ILE B 6 -5.82 1.27 10.35
CA ILE B 6 -6.39 -0.07 10.40
C ILE B 6 -5.80 -0.95 9.30
N PHE B 7 -5.16 -2.02 9.72
CA PHE B 7 -4.57 -2.96 8.78
C PHE B 7 -5.48 -4.16 8.60
N TYR B 8 -6.17 -4.20 7.47
CA TYR B 8 -7.07 -5.31 7.18
C TYR B 8 -6.34 -6.39 6.40
N HIS B 9 -6.35 -7.60 6.94
CA HIS B 9 -5.72 -8.72 6.26
C HIS B 9 -6.52 -10.00 6.50
N ALA B 10 -6.05 -11.09 5.91
CA ALA B 10 -6.78 -12.36 5.99
C ALA B 10 -5.88 -13.49 6.49
N GLY B 11 -4.68 -13.14 6.96
CA GLY B 11 -3.78 -14.14 7.49
C GLY B 11 -2.84 -14.72 6.44
N CYS B 12 -3.26 -14.66 5.18
CA CYS B 12 -2.44 -15.16 4.06
C CYS B 12 -1.03 -14.58 4.10
N PRO B 13 -0.03 -15.35 3.64
CA PRO B 13 1.39 -14.93 3.66
C PRO B 13 1.62 -13.55 3.05
N VAL B 14 0.79 -13.16 2.09
CA VAL B 14 0.86 -11.82 1.50
C VAL B 14 0.70 -10.74 2.56
N CYS B 15 -0.17 -11.01 3.53
CA CYS B 15 -0.43 -10.07 4.62
C CYS B 15 0.81 -9.92 5.48
N VAL B 16 1.50 -11.03 5.71
CA VAL B 16 2.68 -11.05 6.56
C VAL B 16 3.79 -10.20 5.96
N SER B 17 3.98 -10.30 4.65
CA SER B 17 4.99 -9.53 3.94
C SER B 17 4.72 -8.03 4.11
N ALA B 18 3.48 -7.63 3.89
CA ALA B 18 3.08 -6.23 4.03
C ALA B 18 3.25 -5.77 5.47
N GLU B 19 2.80 -6.60 6.41
CA GLU B 19 2.89 -6.32 7.83
C GLU B 19 4.34 -6.09 8.24
N GLN B 20 5.20 -7.05 7.91
CA GLN B 20 6.60 -7.00 8.33
C GLN B 20 7.26 -5.69 7.92
N ALA B 21 7.14 -5.33 6.66
CA ALA B 21 7.85 -4.17 6.14
C ALA B 21 7.19 -2.85 6.57
N VAL B 22 5.91 -2.70 6.30
CA VAL B 22 5.24 -1.42 6.46
C VAL B 22 4.98 -1.09 7.94
N ALA B 23 4.63 -2.11 8.73
CA ALA B 23 4.27 -1.88 10.14
C ALA B 23 5.50 -1.56 10.99
N ASN B 24 6.69 -1.80 10.45
CA ASN B 24 7.92 -1.41 11.15
C ASN B 24 8.41 -0.07 10.63
N ALA B 25 8.00 0.26 9.41
CA ALA B 25 8.33 1.56 8.83
C ALA B 25 7.56 2.67 9.55
N ILE B 26 6.25 2.49 9.65
CA ILE B 26 5.40 3.45 10.32
C ILE B 26 5.41 3.19 11.83
N ASP B 27 5.79 4.19 12.61
CA ASP B 27 5.86 4.05 14.05
C ASP B 27 4.46 4.08 14.66
N PRO B 28 4.15 3.12 15.54
CA PRO B 28 2.88 3.09 16.27
C PRO B 28 2.70 4.33 17.15
N SER B 29 3.79 5.02 17.40
CA SER B 29 3.76 6.26 18.17
C SER B 29 3.17 7.39 17.33
N LYS B 30 3.32 7.29 16.00
CA LYS B 30 2.74 8.26 15.09
C LYS B 30 1.28 7.92 14.83
N TYR B 31 1.06 6.66 14.47
CA TYR B 31 -0.27 6.15 14.21
C TYR B 31 -0.46 4.80 14.87
N THR B 32 -1.56 4.62 15.56
CA THR B 32 -1.84 3.37 16.23
C THR B 32 -2.26 2.31 15.22
N VAL B 33 -1.42 1.31 15.03
CA VAL B 33 -1.69 0.28 14.04
C VAL B 33 -2.69 -0.75 14.58
N GLU B 34 -3.88 -0.72 14.03
CA GLU B 34 -4.95 -1.62 14.45
C GLU B 34 -5.02 -2.82 13.50
N ILE B 35 -4.53 -3.96 13.96
CA ILE B 35 -4.50 -5.17 13.15
C ILE B 35 -5.86 -5.86 13.21
N VAL B 36 -6.46 -6.09 12.04
CA VAL B 36 -7.77 -6.76 11.99
C VAL B 36 -7.71 -7.97 11.06
N HIS B 37 -8.00 -9.13 11.62
CA HIS B 37 -7.99 -10.38 10.87
C HIS B 37 -9.37 -10.68 10.32
N LEU B 38 -9.59 -10.36 9.04
CA LEU B 38 -10.90 -10.55 8.42
C LEU B 38 -11.11 -11.98 8.00
N GLY B 39 -10.10 -12.81 8.22
CA GLY B 39 -10.24 -14.23 7.96
C GLY B 39 -10.86 -14.95 9.14
N THR B 40 -11.12 -14.19 10.20
CA THR B 40 -11.70 -14.74 11.41
C THR B 40 -13.04 -14.06 11.72
N ASP B 41 -13.04 -12.75 11.82
CA ASP B 41 -14.23 -12.01 12.21
C ASP B 41 -14.98 -11.48 10.99
N LYS B 42 -16.24 -11.90 10.86
CA LYS B 42 -17.07 -11.49 9.73
C LYS B 42 -17.82 -10.19 10.03
N ALA B 43 -17.95 -9.87 11.31
CA ALA B 43 -18.66 -8.66 11.73
C ALA B 43 -17.98 -7.41 11.18
N ARG B 44 -16.67 -7.34 11.37
CA ARG B 44 -15.89 -6.21 10.90
C ARG B 44 -15.84 -6.17 9.37
N ILE B 45 -15.98 -7.34 8.74
CA ILE B 45 -15.98 -7.43 7.27
C ILE B 45 -17.09 -6.57 6.67
N ALA B 46 -18.32 -6.80 7.13
CA ALA B 46 -19.47 -6.07 6.61
C ALA B 46 -19.34 -4.58 6.87
N GLU B 47 -18.74 -4.24 8.00
CA GLU B 47 -18.50 -2.85 8.36
C GLU B 47 -17.49 -2.23 7.41
N ALA B 48 -16.44 -3.00 7.09
CA ALA B 48 -15.40 -2.55 6.19
C ALA B 48 -15.95 -2.33 4.78
N GLU B 49 -16.86 -3.20 4.37
CA GLU B 49 -17.53 -3.07 3.07
C GLU B 49 -18.21 -1.71 2.96
N LYS B 50 -18.86 -1.29 4.04
CA LYS B 50 -19.58 -0.02 4.05
C LYS B 50 -18.64 1.15 4.31
N ALA B 51 -17.47 0.86 4.85
CA ALA B 51 -16.48 1.89 5.13
C ALA B 51 -15.76 2.32 3.86
N GLY B 52 -15.62 1.39 2.93
CA GLY B 52 -14.95 1.70 1.67
C GLY B 52 -13.78 0.78 1.40
N VAL B 53 -13.62 -0.23 2.24
CA VAL B 53 -12.56 -1.21 2.07
C VAL B 53 -12.96 -2.22 1.00
N LYS B 54 -12.28 -2.17 -0.14
CA LYS B 54 -12.65 -2.99 -1.28
C LYS B 54 -11.93 -4.34 -1.25
N SER B 55 -10.78 -4.39 -0.60
CA SER B 55 -10.00 -5.62 -0.53
C SER B 55 -9.21 -5.72 0.77
N VAL B 56 -8.87 -6.95 1.15
CA VAL B 56 -7.92 -7.18 2.22
C VAL B 56 -6.50 -6.99 1.67
N PRO B 57 -5.44 -7.39 2.41
CA PRO B 57 -4.24 -6.60 2.59
C PRO B 57 -4.37 -5.15 2.14
N ALA B 58 -4.91 -4.35 3.06
CA ALA B 58 -5.09 -2.92 2.87
C ALA B 58 -4.86 -2.18 4.18
N LEU B 59 -4.36 -0.96 4.10
CA LEU B 59 -4.08 -0.17 5.29
C LEU B 59 -4.91 1.11 5.26
N VAL B 60 -5.86 1.21 6.17
CA VAL B 60 -6.71 2.39 6.26
C VAL B 60 -6.10 3.41 7.21
N ILE B 61 -5.49 4.44 6.65
CA ILE B 61 -4.84 5.47 7.43
C ILE B 61 -5.82 6.59 7.74
N ASP B 62 -6.44 6.51 8.92
CA ASP B 62 -7.36 7.54 9.42
C ASP B 62 -8.36 7.98 8.35
N GLY B 63 -9.35 7.15 8.10
CA GLY B 63 -10.40 7.51 7.16
C GLY B 63 -10.09 7.13 5.73
N ALA B 64 -8.84 7.28 5.32
CA ALA B 64 -8.45 7.00 3.94
C ALA B 64 -7.91 5.58 3.80
N ALA B 65 -8.51 4.81 2.91
CA ALA B 65 -8.11 3.42 2.72
C ALA B 65 -7.05 3.30 1.63
N PHE B 66 -5.88 2.80 2.00
CA PHE B 66 -4.81 2.57 1.05
C PHE B 66 -4.48 1.09 0.97
N HIS B 67 -4.94 0.44 -0.09
CA HIS B 67 -4.70 -0.98 -0.29
C HIS B 67 -3.21 -1.22 -0.55
N ILE B 68 -2.62 -2.13 0.22
CA ILE B 68 -1.21 -2.43 0.10
C ILE B 68 -1.04 -3.67 -0.77
N ASN B 69 -0.85 -3.44 -2.06
CA ASN B 69 -0.91 -4.49 -3.08
C ASN B 69 -2.35 -4.94 -3.26
N PHE B 70 -2.60 -5.77 -4.25
CA PHE B 70 -3.93 -6.31 -4.42
C PHE B 70 -4.03 -7.62 -3.66
N GLY B 71 -4.47 -7.53 -2.41
CA GLY B 71 -4.61 -8.72 -1.60
C GLY B 71 -5.76 -9.57 -2.05
N ALA B 72 -6.91 -9.41 -1.40
CA ALA B 72 -8.08 -10.18 -1.81
C ALA B 72 -9.34 -9.34 -1.76
N GLY B 73 -10.14 -9.40 -2.82
CA GLY B 73 -11.40 -8.68 -2.83
C GLY B 73 -12.27 -9.05 -1.65
N ILE B 74 -12.75 -8.06 -0.92
CA ILE B 74 -13.53 -8.30 0.29
C ILE B 74 -14.86 -8.95 -0.05
N ASP B 75 -15.30 -8.73 -1.28
CA ASP B 75 -16.52 -9.31 -1.79
C ASP B 75 -16.30 -10.79 -2.13
N ASP B 76 -15.08 -11.09 -2.56
CA ASP B 76 -14.68 -12.45 -2.92
C ASP B 76 -14.56 -13.32 -1.68
N LEU B 77 -14.38 -12.68 -0.53
CA LEU B 77 -14.18 -13.39 0.74
C LEU B 77 -15.46 -14.10 1.18
N LYS B 78 -16.59 -13.71 0.61
CA LYS B 78 -17.86 -14.34 0.95
C LYS B 78 -17.87 -15.79 0.46
N GLY B 79 -17.34 -16.00 -0.74
CA GLY B 79 -17.25 -17.32 -1.30
C GLY B 79 -18.57 -17.82 -1.85
N SER B 80 -19.03 -17.18 -2.91
CA SER B 80 -20.26 -17.58 -3.58
C SER B 80 -20.21 -17.18 -5.05
N VAL A 1 21.10 2.87 11.58
CA VAL A 1 21.13 2.63 10.12
C VAL A 1 19.72 2.58 9.54
N ALA A 2 19.48 3.40 8.53
CA ALA A 2 18.19 3.45 7.88
C ALA A 2 18.34 3.20 6.38
N SER A 3 17.58 2.23 5.87
CA SER A 3 17.65 1.89 4.47
C SER A 3 16.75 2.81 3.64
N LYS A 4 16.39 2.40 2.43
CA LYS A 4 15.68 3.29 1.51
C LYS A 4 14.32 2.74 1.11
N ALA A 5 13.41 3.65 0.76
CA ALA A 5 12.10 3.30 0.27
C ALA A 5 11.79 4.10 -0.98
N ILE A 6 11.63 3.42 -2.10
CA ILE A 6 11.46 4.08 -3.38
C ILE A 6 10.00 4.06 -3.82
N PHE A 7 9.41 5.23 -3.97
CA PHE A 7 8.02 5.33 -4.38
C PHE A 7 7.93 5.58 -5.89
N TYR A 8 7.38 4.62 -6.60
CA TYR A 8 7.22 4.72 -8.04
C TYR A 8 5.78 5.08 -8.38
N HIS A 9 5.60 6.12 -9.18
CA HIS A 9 4.26 6.51 -9.61
C HIS A 9 4.32 7.13 -11.01
N ALA A 10 3.15 7.50 -11.54
CA ALA A 10 3.08 8.03 -12.89
C ALA A 10 2.47 9.42 -12.93
N GLY A 11 2.30 10.02 -11.76
CA GLY A 11 1.70 11.35 -11.70
C GLY A 11 0.20 11.31 -11.53
N CYS A 12 -0.39 10.14 -11.79
CA CYS A 12 -1.83 9.93 -11.64
C CYS A 12 -2.28 10.24 -10.21
N PRO A 13 -3.41 10.95 -10.06
CA PRO A 13 -3.92 11.41 -8.75
C PRO A 13 -3.96 10.31 -7.69
N VAL A 14 -4.03 9.06 -8.12
CA VAL A 14 -4.05 7.92 -7.19
C VAL A 14 -2.79 7.90 -6.32
N CYS A 15 -1.66 8.32 -6.88
CA CYS A 15 -0.41 8.30 -6.15
C CYS A 15 -0.34 9.46 -5.16
N VAL A 16 -1.05 10.53 -5.46
CA VAL A 16 -1.09 11.70 -4.59
C VAL A 16 -1.66 11.31 -3.23
N SER A 17 -2.78 10.60 -3.27
CA SER A 17 -3.41 10.10 -2.05
C SER A 17 -2.44 9.23 -1.26
N ALA A 18 -1.79 8.31 -1.97
CA ALA A 18 -0.86 7.37 -1.36
C ALA A 18 0.36 8.08 -0.78
N GLU A 19 0.90 9.04 -1.53
CA GLU A 19 2.10 9.75 -1.11
C GLU A 19 1.83 10.58 0.14
N GLN A 20 0.82 11.44 0.07
CA GLN A 20 0.54 12.37 1.16
C GLN A 20 0.06 11.64 2.42
N ALA A 21 -0.42 10.42 2.25
CA ALA A 21 -0.85 9.64 3.41
C ALA A 21 0.25 8.70 3.89
N VAL A 22 0.62 7.72 3.06
CA VAL A 22 1.51 6.65 3.47
C VAL A 22 2.97 7.09 3.44
N ALA A 23 3.40 7.67 2.31
CA ALA A 23 4.79 8.08 2.15
C ALA A 23 5.13 9.23 3.09
N ASN A 24 4.12 10.01 3.44
CA ASN A 24 4.29 11.11 4.38
C ASN A 24 4.27 10.60 5.82
N ALA A 25 3.63 9.45 6.02
CA ALA A 25 3.63 8.81 7.33
C ALA A 25 5.02 8.29 7.67
N ILE A 26 5.73 7.83 6.64
CA ILE A 26 7.09 7.36 6.81
C ILE A 26 8.07 8.52 6.80
N ASP A 27 8.65 8.81 7.96
CA ASP A 27 9.60 9.91 8.09
C ASP A 27 10.89 9.60 7.35
N PRO A 28 11.45 10.60 6.65
CA PRO A 28 12.71 10.46 5.92
C PRO A 28 13.91 10.33 6.87
N SER A 29 13.63 10.42 8.16
CA SER A 29 14.65 10.20 9.18
C SER A 29 14.58 8.76 9.68
N LYS A 30 13.49 8.07 9.34
CA LYS A 30 13.31 6.69 9.73
C LYS A 30 13.70 5.79 8.56
N TYR A 31 13.32 6.22 7.36
CA TYR A 31 13.70 5.53 6.13
C TYR A 31 14.02 6.55 5.05
N THR A 32 14.98 6.22 4.18
CA THR A 32 15.38 7.12 3.11
C THR A 32 14.35 7.09 1.98
N VAL A 33 13.47 8.07 1.96
CA VAL A 33 12.39 8.12 0.97
C VAL A 33 12.89 8.69 -0.35
N GLU A 34 12.81 7.88 -1.40
CA GLU A 34 13.18 8.32 -2.74
C GLU A 34 12.00 8.08 -3.68
N ILE A 35 11.60 9.12 -4.41
CA ILE A 35 10.43 9.02 -5.28
C ILE A 35 10.82 9.17 -6.74
N VAL A 36 10.32 8.28 -7.58
CA VAL A 36 10.64 8.29 -9.01
C VAL A 36 9.37 8.44 -9.85
N HIS A 37 9.36 9.45 -10.71
CA HIS A 37 8.24 9.69 -11.61
C HIS A 37 8.40 8.86 -12.88
N LEU A 38 7.58 7.84 -13.02
CA LEU A 38 7.66 6.94 -14.17
C LEU A 38 6.81 7.46 -15.33
N GLY A 39 5.87 8.33 -15.03
CA GLY A 39 4.94 8.81 -16.04
C GLY A 39 5.52 9.92 -16.89
N THR A 40 6.82 9.84 -17.14
CA THR A 40 7.52 10.82 -17.94
C THR A 40 8.61 10.15 -18.77
N ASP A 41 9.52 9.47 -18.09
CA ASP A 41 10.66 8.84 -18.75
C ASP A 41 10.37 7.37 -19.03
N LYS A 42 10.37 7.02 -20.31
CA LYS A 42 10.18 5.64 -20.72
C LYS A 42 11.36 4.78 -20.28
N ALA A 43 12.54 5.40 -20.23
CA ALA A 43 13.74 4.72 -19.76
C ALA A 43 13.61 4.35 -18.28
N ARG A 44 12.82 5.12 -17.54
CA ARG A 44 12.60 4.86 -16.13
C ARG A 44 11.65 3.67 -15.93
N ILE A 45 10.87 3.39 -16.97
CA ILE A 45 10.00 2.22 -16.94
C ILE A 45 10.83 0.95 -16.88
N ALA A 46 11.99 0.98 -17.52
CA ALA A 46 12.92 -0.14 -17.48
C ALA A 46 13.46 -0.34 -16.07
N GLU A 47 13.71 0.76 -15.37
CA GLU A 47 14.17 0.71 -13.99
C GLU A 47 13.08 0.14 -13.09
N ALA A 48 11.84 0.53 -13.37
CA ALA A 48 10.68 0.01 -12.64
C ALA A 48 10.53 -1.49 -12.86
N GLU A 49 10.69 -1.91 -14.12
CA GLU A 49 10.63 -3.32 -14.48
C GLU A 49 11.68 -4.12 -13.70
N LYS A 50 12.87 -3.55 -13.59
CA LYS A 50 13.97 -4.19 -12.86
C LYS A 50 13.68 -4.26 -11.37
N ALA A 51 12.89 -3.31 -10.87
CA ALA A 51 12.56 -3.25 -9.45
C ALA A 51 11.36 -4.13 -9.13
N GLY A 52 10.67 -4.61 -10.17
CA GLY A 52 9.52 -5.47 -9.96
C GLY A 52 8.22 -4.71 -9.89
N VAL A 53 8.23 -3.49 -10.44
CA VAL A 53 7.03 -2.66 -10.46
C VAL A 53 6.10 -3.13 -11.56
N LYS A 54 4.96 -3.69 -11.17
CA LYS A 54 3.99 -4.20 -12.12
C LYS A 54 2.90 -3.17 -12.39
N SER A 55 2.63 -2.34 -11.40
CA SER A 55 1.60 -1.32 -11.52
C SER A 55 1.97 -0.09 -10.70
N VAL A 56 1.27 1.01 -10.95
CA VAL A 56 1.48 2.23 -10.19
C VAL A 56 0.19 2.65 -9.49
N PRO A 57 0.30 3.25 -8.30
CA PRO A 57 1.59 3.54 -7.66
C PRO A 57 2.12 2.36 -6.85
N ALA A 58 3.44 2.27 -6.76
CA ALA A 58 4.07 1.18 -6.03
C ALA A 58 5.21 1.70 -5.15
N LEU A 59 5.15 1.39 -3.87
CA LEU A 59 6.18 1.80 -2.93
C LEU A 59 7.09 0.63 -2.64
N VAL A 60 8.31 0.70 -3.15
CA VAL A 60 9.28 -0.37 -2.97
C VAL A 60 10.18 -0.08 -1.78
N ILE A 61 9.96 -0.80 -0.69
CA ILE A 61 10.77 -0.64 0.50
C ILE A 61 11.96 -1.58 0.44
N ASP A 62 13.11 -1.03 0.03
CA ASP A 62 14.34 -1.79 -0.15
C ASP A 62 14.23 -2.81 -1.28
N GLY A 63 13.58 -3.92 -0.99
CA GLY A 63 13.41 -4.96 -1.99
C GLY A 63 12.01 -5.51 -2.00
N ALA A 64 11.10 -4.85 -1.29
CA ALA A 64 9.71 -5.28 -1.24
C ALA A 64 8.80 -4.24 -1.88
N ALA A 65 8.14 -4.61 -2.96
CA ALA A 65 7.30 -3.67 -3.70
C ALA A 65 5.85 -3.75 -3.23
N PHE A 66 5.36 -2.66 -2.70
CA PHE A 66 3.99 -2.60 -2.23
C PHE A 66 3.16 -1.67 -3.12
N HIS A 67 2.34 -2.27 -3.98
CA HIS A 67 1.46 -1.51 -4.85
C HIS A 67 0.31 -0.93 -4.04
N ILE A 68 0.25 0.38 -3.98
CA ILE A 68 -0.79 1.04 -3.20
C ILE A 68 -2.03 1.26 -4.06
N ASN A 69 -2.96 0.32 -3.95
CA ASN A 69 -4.15 0.28 -4.80
C ASN A 69 -3.76 -0.02 -6.24
N PHE A 70 -4.70 0.12 -7.17
CA PHE A 70 -4.43 -0.16 -8.56
C PHE A 70 -4.88 0.98 -9.45
N GLY A 71 -3.93 1.73 -9.97
CA GLY A 71 -4.25 2.82 -10.87
C GLY A 71 -4.02 2.43 -12.32
N ALA A 72 -2.77 2.21 -12.68
CA ALA A 72 -2.42 1.79 -14.02
C ALA A 72 -1.33 0.72 -13.97
N GLY A 73 -1.34 -0.19 -14.93
CA GLY A 73 -0.30 -1.19 -15.02
C GLY A 73 0.91 -0.66 -15.77
N ILE A 74 2.03 -1.36 -15.68
CA ILE A 74 3.25 -0.92 -16.35
C ILE A 74 3.09 -0.98 -17.86
N ASP A 75 2.28 -1.91 -18.35
CA ASP A 75 2.02 -2.04 -19.78
C ASP A 75 1.07 -0.95 -20.26
N ASP A 76 0.28 -0.40 -19.34
CA ASP A 76 -0.57 0.73 -19.66
C ASP A 76 0.27 1.97 -19.89
N LEU A 77 1.43 2.00 -19.26
CA LEU A 77 2.39 3.09 -19.45
C LEU A 77 3.21 2.87 -20.71
N LYS A 78 3.37 1.61 -21.09
CA LYS A 78 4.09 1.26 -22.31
C LYS A 78 3.28 1.67 -23.53
N GLY A 79 2.07 1.14 -23.63
CA GLY A 79 1.21 1.44 -24.75
C GLY A 79 1.18 0.30 -25.75
N SER A 80 0.92 0.62 -27.00
CA SER A 80 0.90 -0.37 -28.06
C SER A 80 1.19 0.31 -29.40
N VAL B 1 -1.44 13.86 20.20
CA VAL B 1 -2.28 12.66 19.99
C VAL B 1 -1.95 12.01 18.66
N ALA B 2 -1.77 10.69 18.68
CA ALA B 2 -1.48 9.93 17.47
C ALA B 2 -2.77 9.46 16.83
N SER B 3 -2.83 9.52 15.51
CA SER B 3 -4.02 9.12 14.79
C SER B 3 -4.09 7.61 14.61
N LYS B 4 -5.28 7.11 14.32
CA LYS B 4 -5.52 5.68 14.25
C LYS B 4 -5.34 5.14 12.84
N ALA B 5 -4.62 4.03 12.73
CA ALA B 5 -4.42 3.35 11.46
C ALA B 5 -4.77 1.88 11.61
N ILE B 6 -5.85 1.45 10.97
CA ILE B 6 -6.32 0.08 11.12
C ILE B 6 -5.87 -0.77 9.94
N PHE B 7 -5.15 -1.84 10.24
CA PHE B 7 -4.69 -2.76 9.21
C PHE B 7 -5.60 -3.97 9.15
N TYR B 8 -6.19 -4.22 7.99
CA TYR B 8 -7.09 -5.35 7.83
C TYR B 8 -6.42 -6.45 7.03
N HIS B 9 -6.53 -7.68 7.53
CA HIS B 9 -6.01 -8.84 6.84
C HIS B 9 -6.93 -10.03 7.05
N ALA B 10 -6.62 -11.15 6.42
CA ALA B 10 -7.45 -12.34 6.54
C ALA B 10 -6.67 -13.61 6.20
N GLY B 11 -5.34 -13.52 6.19
CA GLY B 11 -4.56 -14.67 5.82
C GLY B 11 -3.25 -14.74 6.58
N CYS B 12 -2.17 -14.47 5.88
CA CYS B 12 -0.83 -14.59 6.45
C CYS B 12 0.26 -14.14 5.47
N PRO B 13 0.33 -14.70 4.24
CA PRO B 13 1.44 -14.44 3.31
C PRO B 13 1.74 -12.96 3.10
N VAL B 14 0.79 -12.23 2.52
CA VAL B 14 0.97 -10.81 2.26
C VAL B 14 0.76 -10.01 3.55
N CYS B 15 0.00 -10.59 4.47
CA CYS B 15 -0.37 -9.92 5.71
C CYS B 15 0.84 -9.70 6.60
N VAL B 16 1.66 -10.74 6.76
CA VAL B 16 2.86 -10.65 7.59
C VAL B 16 3.92 -9.79 6.90
N SER B 17 3.93 -9.81 5.57
CA SER B 17 4.87 -9.00 4.80
C SER B 17 4.64 -7.52 5.09
N ALA B 18 3.40 -7.09 4.94
CA ALA B 18 3.04 -5.69 5.18
C ALA B 18 3.23 -5.33 6.65
N GLU B 19 3.08 -6.31 7.53
CA GLU B 19 3.22 -6.09 8.96
C GLU B 19 4.67 -5.78 9.33
N GLN B 20 5.60 -6.49 8.71
CA GLN B 20 7.02 -6.37 9.07
C GLN B 20 7.76 -5.40 8.16
N ALA B 21 7.07 -4.88 7.15
CA ALA B 21 7.67 -3.90 6.26
C ALA B 21 6.95 -2.56 6.33
N VAL B 22 5.67 -2.56 5.97
CA VAL B 22 4.89 -1.32 5.93
C VAL B 22 4.62 -0.81 7.35
N ALA B 23 4.12 -1.69 8.22
CA ALA B 23 3.82 -1.31 9.59
C ALA B 23 5.10 -1.12 10.40
N ASN B 24 6.22 -1.45 9.80
CA ASN B 24 7.52 -1.24 10.42
C ASN B 24 8.10 0.10 9.96
N ALA B 25 7.71 0.52 8.76
CA ALA B 25 8.16 1.78 8.20
C ALA B 25 7.38 2.94 8.80
N ILE B 26 6.09 2.71 9.03
CA ILE B 26 5.26 3.69 9.70
C ILE B 26 5.40 3.54 11.20
N ASP B 27 5.83 4.60 11.88
CA ASP B 27 6.13 4.52 13.31
C ASP B 27 4.83 4.44 14.11
N PRO B 28 4.70 3.40 14.97
CA PRO B 28 3.47 3.15 15.75
C PRO B 28 3.14 4.29 16.73
N SER B 29 4.14 5.06 17.11
CA SER B 29 3.93 6.16 18.03
C SER B 29 3.48 7.41 17.26
N LYS B 30 3.59 7.36 15.95
CA LYS B 30 3.14 8.43 15.08
C LYS B 30 1.73 8.12 14.59
N TYR B 31 1.55 6.89 14.14
CA TYR B 31 0.24 6.38 13.76
C TYR B 31 -0.04 5.08 14.48
N THR B 32 -1.11 5.05 15.24
CA THR B 32 -1.45 3.89 16.04
C THR B 32 -2.03 2.79 15.15
N VAL B 33 -1.18 1.86 14.74
CA VAL B 33 -1.59 0.77 13.87
C VAL B 33 -2.22 -0.35 14.66
N GLU B 34 -3.47 -0.64 14.37
CA GLU B 34 -4.18 -1.74 15.01
C GLU B 34 -4.61 -2.75 13.94
N ILE B 35 -4.22 -3.99 14.12
CA ILE B 35 -4.47 -5.02 13.12
C ILE B 35 -5.76 -5.79 13.44
N VAL B 36 -6.64 -5.87 12.45
CA VAL B 36 -7.90 -6.58 12.60
C VAL B 36 -8.00 -7.71 11.57
N HIS B 37 -8.32 -8.90 12.06
CA HIS B 37 -8.46 -10.07 11.21
C HIS B 37 -9.90 -10.22 10.74
N LEU B 38 -10.10 -10.23 9.42
CA LEU B 38 -11.43 -10.37 8.85
C LEU B 38 -11.65 -11.77 8.30
N GLY B 39 -10.70 -12.67 8.58
CA GLY B 39 -10.75 -13.99 8.00
C GLY B 39 -11.49 -14.99 8.86
N THR B 40 -12.47 -14.51 9.62
CA THR B 40 -13.29 -15.38 10.46
C THR B 40 -14.65 -14.75 10.73
N ASP B 41 -14.66 -13.66 11.48
CA ASP B 41 -15.91 -12.98 11.83
C ASP B 41 -16.51 -12.31 10.61
N LYS B 42 -17.75 -12.67 10.29
CA LYS B 42 -18.43 -12.16 9.11
C LYS B 42 -19.05 -10.80 9.39
N ALA B 43 -19.35 -10.55 10.65
CA ALA B 43 -20.00 -9.31 11.06
C ALA B 43 -19.08 -8.10 10.81
N ARG B 44 -17.79 -8.28 11.04
CA ARG B 44 -16.81 -7.23 10.77
C ARG B 44 -16.54 -7.08 9.28
N ILE B 45 -16.78 -8.15 8.52
CA ILE B 45 -16.69 -8.06 7.08
C ILE B 45 -17.79 -7.12 6.56
N ALA B 46 -18.96 -7.23 7.16
CA ALA B 46 -20.07 -6.34 6.85
C ALA B 46 -19.70 -4.90 7.20
N GLU B 47 -18.96 -4.72 8.30
CA GLU B 47 -18.50 -3.40 8.69
C GLU B 47 -17.52 -2.85 7.66
N ALA B 48 -16.63 -3.72 7.17
CA ALA B 48 -15.62 -3.33 6.20
C ALA B 48 -16.25 -2.69 4.96
N GLU B 49 -17.33 -3.30 4.47
CA GLU B 49 -18.06 -2.77 3.32
C GLU B 49 -18.44 -1.31 3.53
N LYS B 50 -18.95 -1.04 4.72
CA LYS B 50 -19.54 0.26 5.04
C LYS B 50 -18.46 1.24 5.48
N ALA B 51 -17.30 0.72 5.85
CA ALA B 51 -16.19 1.56 6.28
C ALA B 51 -15.37 2.03 5.09
N GLY B 52 -15.34 1.23 4.04
CA GLY B 52 -14.60 1.60 2.84
C GLY B 52 -13.54 0.58 2.49
N VAL B 53 -13.41 -0.44 3.33
CA VAL B 53 -12.44 -1.50 3.09
C VAL B 53 -13.01 -2.50 2.08
N LYS B 54 -12.50 -2.44 0.85
CA LYS B 54 -13.07 -3.23 -0.22
C LYS B 54 -12.17 -4.41 -0.57
N SER B 55 -11.00 -4.47 0.05
CA SER B 55 -10.14 -5.63 -0.07
C SER B 55 -9.30 -5.81 1.20
N VAL B 56 -9.03 -7.06 1.56
CA VAL B 56 -8.09 -7.34 2.64
C VAL B 56 -6.66 -7.16 2.12
N PRO B 57 -5.63 -7.53 2.92
CA PRO B 57 -4.42 -6.75 3.09
C PRO B 57 -4.50 -5.32 2.58
N ALA B 58 -4.95 -4.46 3.50
CA ALA B 58 -5.09 -3.03 3.27
C ALA B 58 -4.90 -2.27 4.57
N LEU B 59 -4.56 -0.99 4.48
CA LEU B 59 -4.31 -0.18 5.66
C LEU B 59 -5.19 1.06 5.65
N VAL B 60 -6.01 1.21 6.68
CA VAL B 60 -6.88 2.38 6.82
C VAL B 60 -6.21 3.43 7.68
N ILE B 61 -5.66 4.45 7.04
CA ILE B 61 -4.93 5.49 7.73
C ILE B 61 -5.84 6.65 8.09
N ASP B 62 -6.11 6.79 9.39
CA ASP B 62 -6.89 7.91 9.95
C ASP B 62 -8.38 7.80 9.62
N GLY B 63 -8.69 7.17 8.49
CA GLY B 63 -10.06 7.06 8.04
C GLY B 63 -10.14 6.64 6.59
N ALA B 64 -9.08 6.91 5.85
CA ALA B 64 -9.03 6.53 4.44
C ALA B 64 -8.36 5.17 4.28
N ALA B 65 -9.02 4.28 3.55
CA ALA B 65 -8.52 2.93 3.34
C ALA B 65 -7.61 2.85 2.13
N PHE B 66 -6.37 2.44 2.35
CA PHE B 66 -5.40 2.26 1.26
C PHE B 66 -5.01 0.80 1.17
N HIS B 67 -5.36 0.18 0.05
CA HIS B 67 -5.04 -1.24 -0.17
C HIS B 67 -3.56 -1.38 -0.52
N ILE B 68 -2.87 -2.29 0.17
CA ILE B 68 -1.43 -2.42 -0.01
C ILE B 68 -1.09 -3.79 -0.58
N ASN B 69 -0.82 -3.83 -1.88
CA ASN B 69 -0.68 -5.07 -2.64
C ASN B 69 -1.98 -5.84 -2.57
N PHE B 70 -2.80 -5.70 -3.61
CA PHE B 70 -4.14 -6.27 -3.67
C PHE B 70 -4.20 -7.67 -3.07
N GLY B 71 -4.69 -7.74 -1.84
CA GLY B 71 -4.83 -9.02 -1.19
C GLY B 71 -6.04 -9.75 -1.69
N ALA B 72 -7.17 -9.53 -1.04
CA ALA B 72 -8.40 -10.20 -1.46
C ALA B 72 -9.60 -9.27 -1.41
N GLY B 73 -10.25 -9.07 -2.54
CA GLY B 73 -11.38 -8.17 -2.59
C GLY B 73 -12.59 -8.73 -1.87
N ILE B 74 -13.51 -7.85 -1.49
CA ILE B 74 -14.75 -8.24 -0.82
C ILE B 74 -15.52 -9.23 -1.68
N ASP B 75 -15.56 -8.98 -2.98
CA ASP B 75 -16.27 -9.85 -3.91
C ASP B 75 -15.64 -11.25 -3.95
N ASP B 76 -14.34 -11.32 -3.70
CA ASP B 76 -13.62 -12.59 -3.74
C ASP B 76 -13.90 -13.40 -2.48
N LEU B 77 -13.87 -12.73 -1.33
CA LEU B 77 -14.12 -13.38 -0.05
C LEU B 77 -15.60 -13.71 0.12
N LYS B 78 -16.45 -12.88 -0.47
CA LYS B 78 -17.89 -13.03 -0.36
C LYS B 78 -18.37 -14.17 -1.27
N GLY B 79 -17.93 -14.15 -2.52
CA GLY B 79 -18.37 -15.14 -3.48
C GLY B 79 -19.76 -14.84 -4.01
N SER B 80 -20.72 -14.79 -3.10
CA SER B 80 -22.09 -14.43 -3.41
C SER B 80 -22.75 -13.83 -2.18
N VAL A 1 17.10 0.09 9.19
CA VAL A 1 16.30 1.09 9.92
C VAL A 1 15.96 2.27 9.02
N ALA A 2 16.98 3.00 8.61
CA ALA A 2 16.79 4.15 7.73
C ALA A 2 17.22 3.78 6.32
N SER A 3 16.56 2.79 5.74
CA SER A 3 16.90 2.31 4.41
C SER A 3 16.17 3.09 3.34
N LYS A 4 16.39 2.74 2.10
CA LYS A 4 15.77 3.42 0.98
C LYS A 4 14.36 2.90 0.72
N ALA A 5 13.44 3.83 0.53
CA ALA A 5 12.08 3.52 0.13
C ALA A 5 11.77 4.19 -1.20
N ILE A 6 11.63 3.40 -2.26
CA ILE A 6 11.49 3.96 -3.59
C ILE A 6 10.03 3.97 -4.02
N PHE A 7 9.47 5.16 -4.19
CA PHE A 7 8.08 5.30 -4.56
C PHE A 7 7.94 5.58 -6.05
N TYR A 8 7.45 4.59 -6.79
CA TYR A 8 7.23 4.74 -8.22
C TYR A 8 5.77 5.01 -8.50
N HIS A 9 5.48 6.08 -9.23
CA HIS A 9 4.11 6.40 -9.59
C HIS A 9 4.05 7.15 -10.91
N ALA A 10 2.84 7.56 -11.32
CA ALA A 10 2.65 8.21 -12.60
C ALA A 10 1.92 9.54 -12.45
N GLY A 11 1.88 10.07 -11.24
CA GLY A 11 1.25 11.37 -11.01
C GLY A 11 -0.26 11.29 -10.94
N CYS A 12 -0.77 10.08 -10.78
CA CYS A 12 -2.21 9.87 -10.72
C CYS A 12 -2.76 10.32 -9.36
N PRO A 13 -4.06 10.68 -9.30
CA PRO A 13 -4.71 11.10 -8.05
C PRO A 13 -4.53 10.06 -6.94
N VAL A 14 -4.53 8.79 -7.32
CA VAL A 14 -4.32 7.70 -6.38
C VAL A 14 -2.94 7.82 -5.73
N CYS A 15 -1.96 8.22 -6.52
CA CYS A 15 -0.59 8.36 -6.05
C CYS A 15 -0.48 9.54 -5.08
N VAL A 16 -1.27 10.58 -5.34
CA VAL A 16 -1.29 11.77 -4.49
C VAL A 16 -1.72 11.39 -3.07
N SER A 17 -2.79 10.62 -2.97
CA SER A 17 -3.30 10.17 -1.69
C SER A 17 -2.23 9.35 -0.95
N ALA A 18 -1.57 8.46 -1.69
CA ALA A 18 -0.52 7.63 -1.13
C ALA A 18 0.63 8.47 -0.61
N GLU A 19 1.00 9.50 -1.37
CA GLU A 19 2.08 10.38 -1.00
C GLU A 19 1.74 11.20 0.25
N GLN A 20 0.57 11.82 0.23
CA GLN A 20 0.18 12.75 1.30
C GLN A 20 -0.26 12.04 2.57
N ALA A 21 -0.45 10.72 2.50
CA ALA A 21 -0.86 9.96 3.68
C ALA A 21 0.16 8.89 4.06
N VAL A 22 0.46 7.98 3.15
CA VAL A 22 1.39 6.89 3.43
C VAL A 22 2.81 7.41 3.62
N ALA A 23 3.24 8.26 2.69
CA ALA A 23 4.57 8.85 2.78
C ALA A 23 4.62 9.94 3.85
N ASN A 24 3.46 10.20 4.45
CA ASN A 24 3.37 11.11 5.58
C ASN A 24 3.58 10.32 6.87
N ALA A 25 3.10 9.08 6.86
CA ALA A 25 3.28 8.19 7.99
C ALA A 25 4.72 7.66 8.03
N ILE A 26 5.30 7.46 6.86
CA ILE A 26 6.68 7.04 6.75
C ILE A 26 7.58 8.27 6.64
N ASP A 27 8.11 8.71 7.77
CA ASP A 27 8.94 9.92 7.82
C ASP A 27 10.18 9.77 6.95
N PRO A 28 10.53 10.83 6.22
CA PRO A 28 11.75 10.86 5.40
C PRO A 28 13.03 10.78 6.23
N SER A 29 12.89 11.02 7.53
CA SER A 29 14.00 10.89 8.46
C SER A 29 14.06 9.47 9.00
N LYS A 30 12.95 8.75 8.90
CA LYS A 30 12.89 7.37 9.36
C LYS A 30 13.32 6.43 8.24
N TYR A 31 12.86 6.74 7.02
CA TYR A 31 13.27 6.00 5.83
C TYR A 31 13.61 6.98 4.71
N THR A 32 14.58 6.62 3.88
CA THR A 32 14.99 7.47 2.78
C THR A 32 14.06 7.29 1.59
N VAL A 33 13.03 8.10 1.53
CA VAL A 33 12.02 7.97 0.48
C VAL A 33 12.45 8.70 -0.79
N GLU A 34 12.65 7.93 -1.86
CA GLU A 34 12.95 8.48 -3.17
C GLU A 34 11.76 8.25 -4.09
N ILE A 35 11.17 9.33 -4.56
CA ILE A 35 10.01 9.24 -5.42
C ILE A 35 10.40 9.40 -6.89
N VAL A 36 10.01 8.44 -7.71
CA VAL A 36 10.33 8.45 -9.12
C VAL A 36 9.05 8.51 -9.96
N HIS A 37 9.01 9.42 -10.90
CA HIS A 37 7.84 9.60 -11.74
C HIS A 37 8.02 8.83 -13.05
N LEU A 38 7.30 7.72 -13.17
CA LEU A 38 7.43 6.84 -14.33
C LEU A 38 6.77 7.44 -15.56
N GLY A 39 5.89 8.41 -15.35
CA GLY A 39 5.16 9.02 -16.44
C GLY A 39 5.93 10.15 -17.09
N THR A 40 7.17 10.35 -16.65
CA THR A 40 8.00 11.42 -17.18
C THR A 40 9.04 10.88 -18.15
N ASP A 41 9.45 9.62 -17.96
CA ASP A 41 10.56 9.06 -18.72
C ASP A 41 10.25 7.63 -19.17
N LYS A 42 10.80 7.26 -20.33
CA LYS A 42 10.59 5.94 -20.89
C LYS A 42 11.53 4.90 -20.27
N ALA A 43 12.77 5.31 -20.02
CA ALA A 43 13.80 4.39 -19.53
C ALA A 43 13.46 3.89 -18.13
N ARG A 44 12.81 4.73 -17.34
CA ARG A 44 12.41 4.37 -15.98
C ARG A 44 11.49 3.14 -15.98
N ILE A 45 10.72 2.97 -17.06
CA ILE A 45 9.83 1.82 -17.18
C ILE A 45 10.64 0.52 -17.22
N ALA A 46 11.72 0.54 -17.98
CA ALA A 46 12.57 -0.63 -18.13
C ALA A 46 13.27 -0.98 -16.82
N GLU A 47 13.58 0.06 -16.04
CA GLU A 47 14.19 -0.13 -14.73
C GLU A 47 13.16 -0.65 -13.73
N ALA A 48 11.94 -0.13 -13.82
CA ALA A 48 10.87 -0.50 -12.91
C ALA A 48 10.54 -1.98 -13.00
N GLU A 49 10.50 -2.51 -14.23
CA GLU A 49 10.21 -3.93 -14.44
C GLU A 49 11.32 -4.81 -13.87
N LYS A 50 12.51 -4.24 -13.73
CA LYS A 50 13.63 -4.95 -13.14
C LYS A 50 13.56 -4.90 -11.62
N ALA A 51 13.21 -3.73 -11.09
CA ALA A 51 13.09 -3.54 -9.66
C ALA A 51 11.96 -4.39 -9.08
N GLY A 52 10.88 -4.53 -9.84
CA GLY A 52 9.75 -5.33 -9.40
C GLY A 52 8.45 -4.55 -9.37
N VAL A 53 8.43 -3.42 -10.06
CA VAL A 53 7.24 -2.59 -10.13
C VAL A 53 6.34 -3.04 -11.26
N LYS A 54 5.25 -3.71 -10.92
CA LYS A 54 4.35 -4.27 -11.92
C LYS A 54 3.12 -3.38 -12.09
N SER A 55 2.84 -2.56 -11.10
CA SER A 55 1.72 -1.65 -11.15
C SER A 55 2.05 -0.34 -10.46
N VAL A 56 1.22 0.68 -10.66
CA VAL A 56 1.43 1.96 -10.02
C VAL A 56 0.18 2.39 -9.24
N PRO A 57 0.38 3.06 -8.10
CA PRO A 57 1.72 3.36 -7.57
C PRO A 57 2.29 2.23 -6.71
N ALA A 58 3.61 2.16 -6.65
CA ALA A 58 4.29 1.12 -5.89
C ALA A 58 5.40 1.72 -5.04
N LEU A 59 5.43 1.38 -3.77
CA LEU A 59 6.45 1.86 -2.86
C LEU A 59 7.36 0.71 -2.45
N VAL A 60 8.59 0.75 -2.90
CA VAL A 60 9.58 -0.26 -2.55
C VAL A 60 10.24 0.09 -1.23
N ILE A 61 9.74 -0.49 -0.15
CA ILE A 61 10.22 -0.19 1.19
C ILE A 61 11.35 -1.13 1.57
N ASP A 62 12.55 -0.58 1.73
CA ASP A 62 13.72 -1.33 2.22
C ASP A 62 14.25 -2.31 1.17
N GLY A 63 13.44 -2.57 0.15
CA GLY A 63 13.79 -3.53 -0.87
C GLY A 63 12.59 -4.32 -1.35
N ALA A 64 11.53 -4.33 -0.55
CA ALA A 64 10.31 -5.04 -0.91
C ALA A 64 9.29 -4.07 -1.51
N ALA A 65 8.70 -4.45 -2.64
CA ALA A 65 7.78 -3.59 -3.35
C ALA A 65 6.35 -3.75 -2.82
N PHE A 66 5.74 -2.64 -2.46
CA PHE A 66 4.35 -2.63 -2.01
C PHE A 66 3.52 -1.67 -2.85
N HIS A 67 2.65 -2.22 -3.67
CA HIS A 67 1.76 -1.42 -4.51
C HIS A 67 0.67 -0.81 -3.65
N ILE A 68 0.56 0.51 -3.65
CA ILE A 68 -0.40 1.21 -2.81
C ILE A 68 -1.64 1.58 -3.62
N ASN A 69 -2.69 0.78 -3.47
CA ASN A 69 -3.94 0.95 -4.24
C ASN A 69 -3.71 0.63 -5.71
N PHE A 70 -4.25 -0.51 -6.13
CA PHE A 70 -4.08 -0.96 -7.51
C PHE A 70 -4.79 -0.01 -8.48
N GLY A 71 -4.03 0.94 -9.01
CA GLY A 71 -4.58 1.87 -9.97
C GLY A 71 -4.44 1.34 -11.38
N ALA A 72 -3.22 1.33 -11.89
CA ALA A 72 -2.95 0.86 -13.24
C ALA A 72 -1.69 0.01 -13.28
N GLY A 73 -1.62 -0.86 -14.28
CA GLY A 73 -0.43 -1.67 -14.45
C GLY A 73 0.59 -0.98 -15.34
N ILE A 74 1.86 -1.11 -15.02
CA ILE A 74 2.91 -0.44 -15.78
C ILE A 74 3.04 -1.07 -17.17
N ASP A 75 2.61 -2.31 -17.29
CA ASP A 75 2.67 -3.03 -18.56
C ASP A 75 1.70 -2.41 -19.57
N ASP A 76 0.65 -1.77 -19.05
CA ASP A 76 -0.35 -1.14 -19.90
C ASP A 76 0.16 0.19 -20.43
N LEU A 77 1.21 0.70 -19.80
CA LEU A 77 1.76 2.01 -20.17
C LEU A 77 2.75 1.88 -21.32
N LYS A 78 2.85 0.68 -21.87
CA LYS A 78 3.78 0.41 -22.97
C LYS A 78 3.09 0.65 -24.31
N GLY A 79 1.77 0.71 -24.29
CA GLY A 79 1.03 0.84 -25.52
C GLY A 79 0.22 2.12 -25.57
N SER A 80 -0.38 2.36 -26.72
CA SER A 80 -1.20 3.54 -26.92
C SER A 80 -2.60 3.32 -26.36
N VAL B 1 -0.24 13.06 15.77
CA VAL B 1 -0.26 12.59 17.17
C VAL B 1 -0.20 11.07 17.22
N ALA B 2 -1.35 10.43 17.03
CA ALA B 2 -1.40 8.97 16.97
C ALA B 2 -2.47 8.51 15.98
N SER B 3 -3.68 9.05 16.13
CA SER B 3 -4.79 8.74 15.22
C SER B 3 -5.06 7.24 15.17
N LYS B 4 -5.68 6.75 14.11
CA LYS B 4 -5.91 5.33 13.98
C LYS B 4 -5.56 4.84 12.57
N ALA B 5 -4.71 3.83 12.51
CA ALA B 5 -4.35 3.20 11.26
C ALA B 5 -4.78 1.73 11.31
N ILE B 6 -5.89 1.42 10.68
CA ILE B 6 -6.50 0.10 10.79
C ILE B 6 -6.14 -0.76 9.59
N PHE B 7 -5.48 -1.88 9.86
CA PHE B 7 -5.07 -2.80 8.82
C PHE B 7 -6.07 -3.96 8.73
N TYR B 8 -6.68 -4.13 7.57
CA TYR B 8 -7.66 -5.18 7.35
C TYR B 8 -7.06 -6.30 6.53
N HIS B 9 -7.21 -7.54 6.99
CA HIS B 9 -6.69 -8.68 6.26
C HIS B 9 -7.40 -9.97 6.69
N ALA B 10 -7.00 -11.09 6.07
CA ALA B 10 -7.60 -12.38 6.36
C ALA B 10 -6.53 -13.44 6.62
N GLY B 11 -5.34 -13.00 7.03
CA GLY B 11 -4.28 -13.94 7.33
C GLY B 11 -3.57 -14.45 6.09
N CYS B 12 -3.65 -13.68 5.02
CA CYS B 12 -3.04 -14.05 3.75
C CYS B 12 -1.53 -13.78 3.79
N PRO B 13 -0.72 -14.60 3.09
CA PRO B 13 0.73 -14.42 3.05
C PRO B 13 1.13 -13.02 2.59
N VAL B 14 0.29 -12.41 1.78
CA VAL B 14 0.53 -11.06 1.26
C VAL B 14 0.58 -10.04 2.40
N CYS B 15 -0.43 -10.05 3.25
CA CYS B 15 -0.54 -9.08 4.33
C CYS B 15 0.44 -9.39 5.46
N VAL B 16 0.88 -10.64 5.53
CA VAL B 16 1.91 -11.03 6.49
C VAL B 16 3.18 -10.21 6.24
N SER B 17 3.65 -10.24 4.99
CA SER B 17 4.83 -9.48 4.60
C SER B 17 4.60 -7.98 4.81
N ALA B 18 3.37 -7.54 4.57
CA ALA B 18 3.01 -6.14 4.75
C ALA B 18 3.14 -5.74 6.22
N GLU B 19 2.77 -6.65 7.11
CA GLU B 19 2.87 -6.39 8.54
C GLU B 19 4.33 -6.33 8.98
N GLN B 20 5.19 -7.07 8.30
CA GLN B 20 6.60 -7.16 8.67
C GLN B 20 7.40 -5.98 8.10
N ALA B 21 6.86 -5.34 7.08
CA ALA B 21 7.58 -4.26 6.42
C ALA B 21 6.85 -2.93 6.56
N VAL B 22 5.64 -2.86 6.01
CA VAL B 22 4.89 -1.61 6.00
C VAL B 22 4.51 -1.19 7.42
N ALA B 23 4.11 -2.15 8.24
CA ALA B 23 3.71 -1.87 9.61
C ALA B 23 4.92 -1.54 10.48
N ASN B 24 6.11 -1.72 9.94
CA ASN B 24 7.33 -1.30 10.64
C ASN B 24 7.91 -0.05 9.98
N ALA B 25 7.35 0.31 8.83
CA ALA B 25 7.70 1.56 8.18
C ALA B 25 6.86 2.67 8.76
N ILE B 26 5.57 2.40 8.92
CA ILE B 26 4.69 3.27 9.65
C ILE B 26 4.91 3.03 11.14
N ASP B 27 5.55 3.99 11.80
CA ASP B 27 5.95 3.82 13.19
C ASP B 27 4.73 3.56 14.09
N PRO B 28 4.74 2.44 14.81
CA PRO B 28 3.62 2.02 15.67
C PRO B 28 3.34 3.00 16.81
N SER B 29 4.29 3.85 17.11
CA SER B 29 4.13 4.84 18.16
C SER B 29 3.86 6.22 17.54
N LYS B 30 3.97 6.31 16.23
CA LYS B 30 3.66 7.52 15.50
C LYS B 30 2.19 7.53 15.14
N TYR B 31 1.68 6.36 14.79
CA TYR B 31 0.27 6.17 14.50
C TYR B 31 -0.22 4.90 15.17
N THR B 32 -1.43 4.95 15.72
CA THR B 32 -2.01 3.79 16.37
C THR B 32 -2.38 2.73 15.34
N VAL B 33 -1.48 1.79 15.13
CA VAL B 33 -1.72 0.71 14.17
C VAL B 33 -2.60 -0.36 14.80
N GLU B 34 -3.78 -0.52 14.25
CA GLU B 34 -4.73 -1.50 14.75
C GLU B 34 -5.05 -2.50 13.64
N ILE B 35 -4.84 -3.77 13.91
CA ILE B 35 -5.00 -4.79 12.89
C ILE B 35 -6.26 -5.62 13.12
N VAL B 36 -7.12 -5.66 12.11
CA VAL B 36 -8.36 -6.42 12.18
C VAL B 36 -8.27 -7.67 11.31
N HIS B 37 -8.50 -8.82 11.93
CA HIS B 37 -8.40 -10.09 11.24
C HIS B 37 -9.80 -10.61 10.92
N LEU B 38 -10.08 -10.82 9.64
CA LEU B 38 -11.39 -11.31 9.20
C LEU B 38 -11.57 -12.78 9.57
N GLY B 39 -10.47 -13.44 9.91
CA GLY B 39 -10.51 -14.83 10.32
C GLY B 39 -11.17 -14.98 11.68
N THR B 40 -11.19 -13.89 12.44
CA THR B 40 -11.86 -13.88 13.73
C THR B 40 -13.35 -13.62 13.55
N ASP B 41 -13.68 -12.48 12.97
CA ASP B 41 -15.08 -12.10 12.80
C ASP B 41 -15.39 -11.82 11.33
N LYS B 42 -16.29 -12.60 10.76
CA LYS B 42 -16.75 -12.36 9.41
C LYS B 42 -17.65 -11.12 9.38
N ALA B 43 -18.11 -10.71 10.55
CA ALA B 43 -18.92 -9.51 10.69
C ALA B 43 -18.11 -8.26 10.37
N ARG B 44 -16.78 -8.39 10.46
CA ARG B 44 -15.88 -7.26 10.23
C ARG B 44 -15.86 -6.86 8.75
N ILE B 45 -16.39 -7.72 7.89
CA ILE B 45 -16.43 -7.46 6.46
C ILE B 45 -17.24 -6.21 6.16
N ALA B 46 -18.46 -6.15 6.70
CA ALA B 46 -19.33 -4.99 6.50
C ALA B 46 -18.72 -3.73 7.10
N GLU B 47 -17.99 -3.91 8.19
CA GLU B 47 -17.29 -2.81 8.84
C GLU B 47 -16.18 -2.28 7.96
N ALA B 48 -15.45 -3.20 7.34
CA ALA B 48 -14.37 -2.84 6.42
C ALA B 48 -14.93 -2.11 5.20
N GLU B 49 -16.09 -2.53 4.73
CA GLU B 49 -16.73 -1.88 3.61
C GLU B 49 -17.08 -0.44 3.94
N LYS B 50 -17.48 -0.20 5.19
CA LYS B 50 -17.75 1.15 5.65
C LYS B 50 -16.48 1.98 5.70
N ALA B 51 -15.36 1.33 5.96
CA ALA B 51 -14.07 2.02 6.03
C ALA B 51 -13.55 2.37 4.64
N GLY B 52 -14.24 1.88 3.62
CA GLY B 52 -13.84 2.16 2.25
C GLY B 52 -12.95 1.08 1.69
N VAL B 53 -12.96 -0.08 2.33
CA VAL B 53 -12.15 -1.20 1.92
C VAL B 53 -12.86 -2.02 0.84
N LYS B 54 -12.26 -2.10 -0.34
CA LYS B 54 -12.83 -2.87 -1.43
C LYS B 54 -12.12 -4.21 -1.56
N SER B 55 -10.93 -4.29 -0.99
CA SER B 55 -10.15 -5.52 -1.05
C SER B 55 -9.36 -5.73 0.25
N VAL B 56 -9.20 -6.98 0.63
CA VAL B 56 -8.37 -7.32 1.78
C VAL B 56 -6.88 -7.17 1.39
N PRO B 57 -5.93 -7.60 2.26
CA PRO B 57 -4.73 -6.88 2.58
C PRO B 57 -4.71 -5.41 2.15
N ALA B 58 -5.21 -4.57 3.06
CA ALA B 58 -5.25 -3.12 2.89
C ALA B 58 -5.17 -2.44 4.25
N LEU B 59 -4.70 -1.19 4.26
CA LEU B 59 -4.57 -0.45 5.51
C LEU B 59 -5.28 0.90 5.39
N VAL B 60 -6.14 1.19 6.35
CA VAL B 60 -6.90 2.43 6.36
C VAL B 60 -6.31 3.43 7.37
N ILE B 61 -5.76 4.52 6.86
CA ILE B 61 -5.25 5.58 7.71
C ILE B 61 -6.34 6.59 7.98
N ASP B 62 -6.87 6.57 9.20
CA ASP B 62 -8.01 7.39 9.60
C ASP B 62 -9.24 7.06 8.79
N GLY B 63 -9.33 7.63 7.59
CA GLY B 63 -10.47 7.42 6.73
C GLY B 63 -10.06 7.16 5.30
N ALA B 64 -8.77 6.97 5.08
CA ALA B 64 -8.24 6.72 3.75
C ALA B 64 -7.76 5.28 3.63
N ALA B 65 -8.37 4.54 2.72
CA ALA B 65 -8.07 3.12 2.56
C ALA B 65 -7.00 2.89 1.51
N PHE B 66 -5.87 2.34 1.94
CA PHE B 66 -4.78 2.05 1.03
C PHE B 66 -4.55 0.55 0.94
N HIS B 67 -4.93 -0.03 -0.18
CA HIS B 67 -4.73 -1.45 -0.42
C HIS B 67 -3.25 -1.71 -0.67
N ILE B 68 -2.62 -2.48 0.21
CA ILE B 68 -1.18 -2.68 0.17
C ILE B 68 -0.83 -3.99 -0.51
N ASN B 69 -0.49 -3.92 -1.79
CA ASN B 69 -0.33 -5.10 -2.64
C ASN B 69 -1.64 -5.82 -2.74
N PHE B 70 -2.34 -5.59 -3.85
CA PHE B 70 -3.70 -6.09 -4.07
C PHE B 70 -3.88 -7.50 -3.53
N GLY B 71 -4.52 -7.60 -2.37
CA GLY B 71 -4.75 -8.89 -1.76
C GLY B 71 -5.89 -9.61 -2.42
N ALA B 72 -7.08 -9.48 -1.85
CA ALA B 72 -8.24 -10.19 -2.39
C ALA B 72 -9.48 -9.31 -2.37
N GLY B 73 -10.38 -9.53 -3.33
CA GLY B 73 -11.62 -8.79 -3.31
C GLY B 73 -12.46 -9.11 -2.09
N ILE B 74 -12.88 -8.08 -1.36
CA ILE B 74 -13.63 -8.29 -0.12
C ILE B 74 -15.05 -8.77 -0.43
N ASP B 75 -15.55 -8.40 -1.60
CA ASP B 75 -16.89 -8.78 -2.01
C ASP B 75 -16.86 -10.20 -2.54
N ASP B 76 -15.68 -10.63 -2.96
CA ASP B 76 -15.46 -11.99 -3.45
C ASP B 76 -15.49 -12.97 -2.30
N LEU B 77 -15.09 -12.51 -1.12
CA LEU B 77 -15.04 -13.35 0.07
C LEU B 77 -16.44 -13.67 0.58
N LYS B 78 -17.42 -12.91 0.12
CA LYS B 78 -18.80 -13.10 0.52
C LYS B 78 -19.37 -14.36 -0.14
N GLY B 79 -19.37 -15.45 0.59
CA GLY B 79 -19.89 -16.69 0.07
C GLY B 79 -20.10 -17.72 1.16
N SER B 80 -19.00 -18.15 1.76
CA SER B 80 -19.06 -19.12 2.83
C SER B 80 -17.79 -19.02 3.69
N VAL A 1 16.95 -0.63 9.52
CA VAL A 1 16.71 0.54 10.38
C VAL A 1 16.30 1.74 9.53
N ALA A 2 17.29 2.45 8.99
CA ALA A 2 17.02 3.55 8.08
C ALA A 2 17.25 3.11 6.65
N SER A 3 16.26 2.42 6.10
CA SER A 3 16.38 1.82 4.79
C SER A 3 16.03 2.82 3.69
N LYS A 4 16.17 2.37 2.45
CA LYS A 4 15.84 3.17 1.29
C LYS A 4 14.51 2.72 0.70
N ALA A 5 13.61 3.65 0.51
CA ALA A 5 12.29 3.36 -0.03
C ALA A 5 12.07 4.11 -1.33
N ILE A 6 11.90 3.38 -2.40
CA ILE A 6 11.69 3.98 -3.71
C ILE A 6 10.22 3.91 -4.11
N PHE A 7 9.59 5.08 -4.22
CA PHE A 7 8.17 5.14 -4.50
C PHE A 7 7.94 5.44 -5.99
N TYR A 8 7.50 4.43 -6.72
CA TYR A 8 7.20 4.58 -8.14
C TYR A 8 5.73 4.90 -8.33
N HIS A 9 5.44 5.94 -9.11
CA HIS A 9 4.06 6.24 -9.47
C HIS A 9 4.01 7.04 -10.78
N ALA A 10 2.80 7.25 -11.28
CA ALA A 10 2.62 7.89 -12.58
C ALA A 10 2.00 9.28 -12.47
N GLY A 11 1.55 9.63 -11.27
CA GLY A 11 1.00 10.96 -11.06
C GLY A 11 -0.52 10.99 -11.04
N CYS A 12 -1.16 9.86 -11.36
CA CYS A 12 -2.60 9.78 -11.32
C CYS A 12 -3.13 9.93 -9.89
N PRO A 13 -4.41 10.30 -9.71
CA PRO A 13 -5.01 10.53 -8.39
C PRO A 13 -4.71 9.42 -7.38
N VAL A 14 -4.75 8.17 -7.85
CA VAL A 14 -4.46 7.02 -6.99
C VAL A 14 -3.07 7.13 -6.38
N CYS A 15 -2.12 7.62 -7.17
CA CYS A 15 -0.75 7.80 -6.73
C CYS A 15 -0.65 8.94 -5.73
N VAL A 16 -1.39 10.02 -6.00
CA VAL A 16 -1.37 11.19 -5.15
C VAL A 16 -1.86 10.86 -3.73
N SER A 17 -2.94 10.09 -3.66
CA SER A 17 -3.50 9.66 -2.38
C SER A 17 -2.45 8.89 -1.56
N ALA A 18 -1.73 8.00 -2.24
CA ALA A 18 -0.72 7.19 -1.59
C ALA A 18 0.48 8.02 -1.15
N GLU A 19 0.87 8.97 -1.99
CA GLU A 19 2.01 9.81 -1.71
C GLU A 19 1.71 10.75 -0.54
N GLN A 20 0.55 11.39 -0.58
CA GLN A 20 0.18 12.37 0.43
C GLN A 20 -0.08 11.72 1.80
N ALA A 21 -0.51 10.47 1.78
CA ALA A 21 -0.81 9.78 3.03
C ALA A 21 0.34 8.89 3.49
N VAL A 22 0.57 7.81 2.76
CA VAL A 22 1.54 6.80 3.18
C VAL A 22 2.96 7.35 3.19
N ALA A 23 3.35 8.00 2.11
CA ALA A 23 4.71 8.52 1.99
C ALA A 23 4.94 9.75 2.85
N ASN A 24 3.88 10.20 3.52
CA ASN A 24 3.97 11.36 4.40
C ASN A 24 3.99 10.89 5.86
N ALA A 25 3.39 9.74 6.11
CA ALA A 25 3.32 9.18 7.45
C ALA A 25 4.65 8.55 7.84
N ILE A 26 5.39 8.08 6.85
CA ILE A 26 6.70 7.48 7.08
C ILE A 26 7.72 8.56 7.43
N ASP A 27 8.47 8.32 8.50
CA ASP A 27 9.48 9.27 8.97
C ASP A 27 10.61 9.40 7.94
N PRO A 28 10.88 10.63 7.47
CA PRO A 28 11.88 10.89 6.43
C PRO A 28 13.30 10.48 6.83
N SER A 29 13.56 10.47 8.12
CA SER A 29 14.89 10.10 8.61
C SER A 29 14.95 8.62 8.95
N LYS A 30 13.77 8.00 9.07
CA LYS A 30 13.69 6.58 9.35
C LYS A 30 13.77 5.78 8.05
N TYR A 31 13.24 6.35 6.99
CA TYR A 31 13.30 5.74 5.67
C TYR A 31 13.65 6.78 4.62
N THR A 32 14.70 6.52 3.86
CA THR A 32 15.07 7.38 2.76
C THR A 32 14.12 7.17 1.59
N VAL A 33 13.09 8.00 1.53
CA VAL A 33 12.04 7.84 0.54
C VAL A 33 12.34 8.69 -0.70
N GLU A 34 12.69 8.02 -1.79
CA GLU A 34 12.90 8.69 -3.06
C GLU A 34 11.74 8.36 -3.99
N ILE A 35 11.14 9.40 -4.55
CA ILE A 35 9.98 9.23 -5.41
C ILE A 35 10.40 9.22 -6.87
N VAL A 36 9.87 8.27 -7.63
CA VAL A 36 10.15 8.18 -9.05
C VAL A 36 8.87 8.34 -9.85
N HIS A 37 8.80 9.41 -10.63
CA HIS A 37 7.62 9.71 -11.43
C HIS A 37 7.78 9.09 -12.82
N LEU A 38 7.06 8.01 -13.07
CA LEU A 38 7.19 7.28 -14.34
C LEU A 38 6.57 8.05 -15.50
N GLY A 39 5.75 9.05 -15.18
CA GLY A 39 5.17 9.89 -16.21
C GLY A 39 6.14 10.95 -16.68
N THR A 40 7.22 11.11 -15.93
CA THR A 40 8.25 12.09 -16.25
C THR A 40 9.23 11.53 -17.28
N ASP A 41 9.66 10.30 -17.09
CA ASP A 41 10.64 9.69 -17.99
C ASP A 41 10.30 8.24 -18.28
N LYS A 42 10.32 7.88 -19.55
CA LYS A 42 9.95 6.55 -20.01
C LYS A 42 11.06 5.54 -19.74
N ALA A 43 12.28 6.03 -19.63
CA ALA A 43 13.42 5.15 -19.39
C ALA A 43 13.39 4.60 -17.97
N ARG A 44 12.80 5.36 -17.05
CA ARG A 44 12.70 4.93 -15.67
C ARG A 44 11.61 3.86 -15.52
N ILE A 45 10.74 3.77 -16.53
CA ILE A 45 9.70 2.75 -16.54
C ILE A 45 10.33 1.37 -16.62
N ALA A 46 11.40 1.26 -17.39
CA ALA A 46 12.16 0.01 -17.50
C ALA A 46 12.76 -0.35 -16.15
N GLU A 47 13.23 0.67 -15.43
CA GLU A 47 13.80 0.48 -14.10
C GLU A 47 12.75 -0.09 -13.14
N ALA A 48 11.50 0.32 -13.35
CA ALA A 48 10.40 -0.19 -12.55
C ALA A 48 10.24 -1.69 -12.72
N GLU A 49 10.27 -2.14 -13.98
CA GLU A 49 10.18 -3.57 -14.28
C GLU A 49 11.39 -4.31 -13.71
N LYS A 50 12.54 -3.65 -13.70
CA LYS A 50 13.76 -4.24 -13.14
C LYS A 50 13.61 -4.46 -11.64
N ALA A 51 12.97 -3.50 -10.96
CA ALA A 51 12.76 -3.58 -9.53
C ALA A 51 11.64 -4.55 -9.18
N GLY A 52 10.78 -4.83 -10.16
CA GLY A 52 9.69 -5.75 -9.94
C GLY A 52 8.36 -5.05 -9.74
N VAL A 53 8.26 -3.83 -10.26
CA VAL A 53 7.04 -3.05 -10.15
C VAL A 53 6.09 -3.41 -11.29
N LYS A 54 4.95 -3.99 -10.93
CA LYS A 54 3.97 -4.41 -11.93
C LYS A 54 2.86 -3.37 -12.07
N SER A 55 2.68 -2.55 -11.06
CA SER A 55 1.60 -1.57 -11.07
C SER A 55 2.02 -0.29 -10.34
N VAL A 56 1.30 0.78 -10.58
CA VAL A 56 1.54 2.03 -9.88
C VAL A 56 0.30 2.44 -9.08
N PRO A 57 0.50 3.06 -7.91
CA PRO A 57 1.83 3.32 -7.35
C PRO A 57 2.38 2.14 -6.55
N ALA A 58 3.71 2.08 -6.44
CA ALA A 58 4.36 1.01 -5.71
C ALA A 58 5.49 1.56 -4.84
N LEU A 59 5.50 1.14 -3.58
CA LEU A 59 6.53 1.59 -2.65
C LEU A 59 7.55 0.48 -2.43
N VAL A 60 8.73 0.65 -2.99
CA VAL A 60 9.78 -0.36 -2.92
C VAL A 60 10.65 -0.17 -1.68
N ILE A 61 10.48 -1.06 -0.72
CA ILE A 61 11.27 -1.03 0.51
C ILE A 61 12.35 -2.10 0.47
N ASP A 62 13.60 -1.67 0.29
CA ASP A 62 14.76 -2.59 0.26
C ASP A 62 14.60 -3.65 -0.81
N GLY A 63 13.90 -3.32 -1.88
CA GLY A 63 13.72 -4.26 -2.97
C GLY A 63 12.32 -4.85 -3.02
N ALA A 64 11.60 -4.75 -1.91
CA ALA A 64 10.24 -5.27 -1.84
C ALA A 64 9.25 -4.21 -2.30
N ALA A 65 8.62 -4.45 -3.44
CA ALA A 65 7.69 -3.50 -4.01
C ALA A 65 6.28 -3.70 -3.44
N PHE A 66 5.86 -2.78 -2.60
CA PHE A 66 4.52 -2.81 -2.04
C PHE A 66 3.61 -1.86 -2.83
N HIS A 67 2.80 -2.43 -3.70
CA HIS A 67 1.88 -1.64 -4.50
C HIS A 67 0.78 -1.08 -3.61
N ILE A 68 0.54 0.22 -3.71
CA ILE A 68 -0.43 0.88 -2.86
C ILE A 68 -1.66 1.28 -3.67
N ASN A 69 -2.69 0.43 -3.61
CA ASN A 69 -3.91 0.61 -4.39
C ASN A 69 -3.64 0.39 -5.88
N PHE A 70 -4.28 -0.64 -6.43
CA PHE A 70 -4.12 -0.95 -7.84
C PHE A 70 -4.77 0.12 -8.70
N GLY A 71 -3.96 1.07 -9.15
CA GLY A 71 -4.45 2.10 -10.03
C GLY A 71 -4.26 1.74 -11.48
N ALA A 72 -3.00 1.62 -11.90
CA ALA A 72 -2.70 1.26 -13.28
C ALA A 72 -1.53 0.28 -13.32
N GLY A 73 -1.65 -0.73 -14.17
CA GLY A 73 -0.55 -1.66 -14.35
C GLY A 73 0.50 -1.10 -15.28
N ILE A 74 1.75 -1.48 -15.07
CA ILE A 74 2.85 -0.97 -15.90
C ILE A 74 2.76 -1.53 -17.31
N ASP A 75 2.17 -2.71 -17.43
CA ASP A 75 1.95 -3.34 -18.73
C ASP A 75 0.90 -2.55 -19.52
N ASP A 76 -0.05 -1.97 -18.79
CA ASP A 76 -1.11 -1.18 -19.39
C ASP A 76 -0.59 0.17 -19.86
N LEU A 77 0.57 0.55 -19.35
CA LEU A 77 1.17 1.84 -19.69
C LEU A 77 1.86 1.77 -21.04
N LYS A 78 2.24 0.56 -21.45
CA LYS A 78 2.96 0.39 -22.70
C LYS A 78 1.99 0.35 -23.88
N GLY A 79 2.51 0.53 -25.08
CA GLY A 79 1.67 0.60 -26.26
C GLY A 79 1.79 -0.63 -27.13
N SER A 80 3.00 -0.94 -27.54
CA SER A 80 3.25 -2.07 -28.43
C SER A 80 4.68 -2.58 -28.27
N VAL B 1 -0.16 14.01 16.49
CA VAL B 1 -0.35 13.62 15.08
C VAL B 1 -0.82 12.17 14.98
N ALA B 2 -1.13 11.58 16.13
CA ALA B 2 -1.51 10.17 16.18
C ALA B 2 -2.94 9.97 15.69
N SER B 3 -3.09 9.72 14.40
CA SER B 3 -4.37 9.34 13.83
C SER B 3 -4.48 7.82 13.84
N LYS B 4 -5.66 7.29 13.58
CA LYS B 4 -5.88 5.85 13.66
C LYS B 4 -5.76 5.20 12.28
N ALA B 5 -5.00 4.13 12.22
CA ALA B 5 -4.88 3.34 11.01
C ALA B 5 -5.21 1.89 11.32
N ILE B 6 -5.98 1.26 10.44
CA ILE B 6 -6.40 -0.11 10.67
C ILE B 6 -5.91 -1.01 9.54
N PHE B 7 -5.20 -2.07 9.90
CA PHE B 7 -4.70 -3.02 8.94
C PHE B 7 -5.59 -4.26 8.91
N TYR B 8 -6.22 -4.50 7.78
CA TYR B 8 -7.07 -5.67 7.62
C TYR B 8 -6.31 -6.78 6.93
N HIS B 9 -6.33 -7.97 7.51
CA HIS B 9 -5.66 -9.11 6.91
C HIS B 9 -6.53 -10.35 6.99
N ALA B 10 -6.09 -11.43 6.34
CA ALA B 10 -6.85 -12.66 6.28
C ALA B 10 -5.96 -13.88 6.45
N GLY B 11 -4.76 -13.66 6.98
CA GLY B 11 -3.81 -14.75 7.12
C GLY B 11 -3.20 -15.17 5.79
N CYS B 12 -2.46 -14.25 5.18
CA CYS B 12 -1.84 -14.50 3.89
C CYS B 12 -0.40 -14.01 3.90
N PRO B 13 0.44 -14.48 2.95
CA PRO B 13 1.84 -14.03 2.85
C PRO B 13 1.96 -12.53 2.70
N VAL B 14 0.99 -11.92 2.03
CA VAL B 14 0.93 -10.48 1.86
C VAL B 14 0.80 -9.78 3.21
N CYS B 15 0.02 -10.39 4.10
CA CYS B 15 -0.23 -9.82 5.42
C CYS B 15 1.06 -9.72 6.22
N VAL B 16 1.80 -10.82 6.28
CA VAL B 16 3.04 -10.90 7.03
C VAL B 16 4.04 -9.86 6.51
N SER B 17 4.18 -9.79 5.19
CA SER B 17 5.12 -8.87 4.56
C SER B 17 4.76 -7.42 4.88
N ALA B 18 3.49 -7.09 4.71
CA ALA B 18 3.02 -5.72 4.93
C ALA B 18 3.11 -5.34 6.40
N GLU B 19 2.87 -6.31 7.28
CA GLU B 19 2.89 -6.07 8.72
C GLU B 19 4.31 -5.76 9.19
N GLN B 20 5.24 -6.64 8.86
CA GLN B 20 6.61 -6.54 9.39
C GLN B 20 7.42 -5.48 8.66
N ALA B 21 6.92 -5.01 7.52
CA ALA B 21 7.61 -3.96 6.77
C ALA B 21 6.89 -2.62 6.87
N VAL B 22 5.66 -2.56 6.36
CA VAL B 22 4.93 -1.31 6.28
C VAL B 22 4.43 -0.85 7.65
N ALA B 23 3.85 -1.77 8.41
CA ALA B 23 3.31 -1.41 9.72
C ALA B 23 4.43 -1.07 10.70
N ASN B 24 5.57 -1.71 10.54
CA ASN B 24 6.74 -1.41 11.37
C ASN B 24 7.40 -0.11 10.93
N ALA B 25 7.20 0.26 9.67
CA ALA B 25 7.73 1.52 9.16
C ALA B 25 7.04 2.70 9.83
N ILE B 26 5.74 2.60 10.00
CA ILE B 26 4.97 3.62 10.69
C ILE B 26 5.14 3.47 12.20
N ASP B 27 5.77 4.45 12.81
CA ASP B 27 6.03 4.41 14.25
C ASP B 27 4.74 4.38 15.05
N PRO B 28 4.61 3.42 15.98
CA PRO B 28 3.43 3.31 16.84
C PRO B 28 3.30 4.52 17.77
N SER B 29 4.41 5.23 17.94
CA SER B 29 4.43 6.44 18.75
C SER B 29 4.15 7.66 17.87
N LYS B 30 3.93 7.41 16.58
CA LYS B 30 3.65 8.47 15.64
C LYS B 30 2.18 8.41 15.24
N TYR B 31 1.72 7.22 14.89
CA TYR B 31 0.32 6.97 14.56
C TYR B 31 -0.19 5.76 15.32
N THR B 32 -1.49 5.68 15.50
CA THR B 32 -2.10 4.56 16.19
C THR B 32 -2.60 3.53 15.19
N VAL B 33 -1.82 2.48 14.99
CA VAL B 33 -2.16 1.45 14.02
C VAL B 33 -2.66 0.19 14.72
N GLU B 34 -3.84 -0.26 14.33
CA GLU B 34 -4.39 -1.50 14.86
C GLU B 34 -4.58 -2.51 13.73
N ILE B 35 -4.37 -3.78 14.05
CA ILE B 35 -4.43 -4.83 13.05
C ILE B 35 -5.58 -5.78 13.35
N VAL B 36 -6.43 -6.01 12.36
CA VAL B 36 -7.63 -6.84 12.54
C VAL B 36 -7.73 -7.91 11.45
N HIS B 37 -7.95 -9.15 11.87
CA HIS B 37 -8.20 -10.24 10.94
C HIS B 37 -9.66 -10.20 10.49
N LEU B 38 -9.87 -10.10 9.19
CA LEU B 38 -11.22 -9.99 8.65
C LEU B 38 -11.54 -11.15 7.72
N GLY B 39 -10.65 -12.14 7.68
CA GLY B 39 -10.82 -13.26 6.77
C GLY B 39 -11.59 -14.40 7.40
N THR B 40 -12.48 -14.09 8.32
CA THR B 40 -13.28 -15.10 9.00
C THR B 40 -14.58 -14.51 9.53
N ASP B 41 -14.50 -13.34 10.15
CA ASP B 41 -15.68 -12.70 10.71
C ASP B 41 -16.40 -11.87 9.65
N LYS B 42 -17.60 -12.29 9.28
CA LYS B 42 -18.36 -11.62 8.23
C LYS B 42 -19.24 -10.51 8.80
N ALA B 43 -19.11 -10.24 10.09
CA ALA B 43 -19.89 -9.19 10.73
C ALA B 43 -19.14 -7.87 10.68
N ARG B 44 -17.84 -7.94 10.95
CA ARG B 44 -17.00 -6.75 10.94
C ARG B 44 -16.69 -6.30 9.52
N ILE B 45 -17.16 -7.07 8.54
CA ILE B 45 -17.08 -6.66 7.14
C ILE B 45 -17.89 -5.38 6.94
N ALA B 46 -18.93 -5.21 7.74
CA ALA B 46 -19.73 -4.00 7.70
C ALA B 46 -18.91 -2.79 8.13
N GLU B 47 -17.97 -3.01 9.04
CA GLU B 47 -17.06 -1.96 9.47
C GLU B 47 -16.14 -1.58 8.33
N ALA B 48 -15.72 -2.59 7.57
CA ALA B 48 -14.90 -2.37 6.38
C ALA B 48 -15.66 -1.51 5.37
N GLU B 49 -16.92 -1.88 5.13
CA GLU B 49 -17.78 -1.11 4.23
C GLU B 49 -18.00 0.30 4.77
N LYS B 50 -18.17 0.39 6.08
CA LYS B 50 -18.42 1.66 6.77
C LYS B 50 -17.25 2.63 6.57
N ALA B 51 -16.03 2.10 6.56
CA ALA B 51 -14.85 2.92 6.39
C ALA B 51 -14.58 3.18 4.91
N GLY B 52 -14.70 2.14 4.10
CA GLY B 52 -14.44 2.27 2.67
C GLY B 52 -13.44 1.25 2.19
N VAL B 53 -13.41 0.10 2.84
CA VAL B 53 -12.52 -0.98 2.46
C VAL B 53 -13.26 -1.96 1.55
N LYS B 54 -12.61 -2.37 0.47
CA LYS B 54 -13.23 -3.30 -0.47
C LYS B 54 -12.40 -4.56 -0.62
N SER B 55 -11.14 -4.48 -0.22
CA SER B 55 -10.26 -5.63 -0.30
C SER B 55 -9.42 -5.75 0.98
N VAL B 56 -9.15 -6.98 1.39
CA VAL B 56 -8.30 -7.23 2.54
C VAL B 56 -6.83 -7.31 2.10
N PRO B 57 -5.90 -7.86 2.92
CA PRO B 57 -4.58 -7.33 3.11
C PRO B 57 -4.39 -5.92 2.54
N ALA B 58 -4.78 -4.95 3.36
CA ALA B 58 -4.73 -3.54 3.01
C ALA B 58 -4.52 -2.69 4.26
N LEU B 59 -3.98 -1.50 4.08
CA LEU B 59 -3.75 -0.59 5.21
C LEU B 59 -4.67 0.60 5.12
N VAL B 60 -5.61 0.70 6.06
CA VAL B 60 -6.58 1.77 6.06
C VAL B 60 -6.17 2.88 7.01
N ILE B 61 -5.66 3.97 6.46
CA ILE B 61 -5.16 5.07 7.25
C ILE B 61 -6.22 6.15 7.38
N ASP B 62 -6.73 6.32 8.62
CA ASP B 62 -7.68 7.39 8.94
C ASP B 62 -9.02 7.20 8.19
N GLY B 63 -9.16 6.07 7.53
CA GLY B 63 -10.38 5.82 6.77
C GLY B 63 -10.09 5.61 5.30
N ALA B 64 -8.89 5.97 4.87
CA ALA B 64 -8.49 5.75 3.49
C ALA B 64 -7.87 4.37 3.33
N ALA B 65 -8.55 3.51 2.59
CA ALA B 65 -8.10 2.13 2.42
C ALA B 65 -7.04 2.02 1.34
N PHE B 66 -5.80 1.77 1.75
CA PHE B 66 -4.71 1.56 0.82
C PHE B 66 -4.43 0.07 0.68
N HIS B 67 -4.98 -0.52 -0.36
CA HIS B 67 -4.84 -1.95 -0.59
C HIS B 67 -3.41 -2.29 -1.01
N ILE B 68 -2.79 -3.21 -0.29
CA ILE B 68 -1.38 -3.49 -0.50
C ILE B 68 -1.18 -4.67 -1.45
N ASN B 69 -0.64 -4.37 -2.63
CA ASN B 69 -0.45 -5.36 -3.70
C ASN B 69 -1.79 -5.93 -4.14
N PHE B 70 -2.20 -6.99 -3.47
CA PHE B 70 -3.47 -7.66 -3.72
C PHE B 70 -3.61 -8.84 -2.78
N GLY B 71 -4.20 -8.61 -1.62
CA GLY B 71 -4.47 -9.69 -0.71
C GLY B 71 -5.70 -10.45 -1.13
N ALA B 72 -6.84 -10.03 -0.61
CA ALA B 72 -8.11 -10.58 -1.06
C ALA B 72 -9.11 -9.45 -1.14
N GLY B 73 -10.36 -9.76 -1.44
CA GLY B 73 -11.36 -8.72 -1.48
C GLY B 73 -12.66 -9.14 -0.83
N ILE B 74 -13.63 -8.23 -0.79
CA ILE B 74 -14.95 -8.54 -0.31
C ILE B 74 -15.58 -9.62 -1.18
N ASP B 75 -15.22 -9.61 -2.47
CA ASP B 75 -15.67 -10.64 -3.41
C ASP B 75 -15.37 -12.04 -2.87
N ASP B 76 -14.21 -12.20 -2.25
CA ASP B 76 -13.79 -13.49 -1.72
C ASP B 76 -14.53 -13.84 -0.44
N LEU B 77 -14.55 -12.88 0.48
CA LEU B 77 -15.11 -13.10 1.82
C LEU B 77 -16.64 -13.22 1.78
N LYS B 78 -17.26 -12.46 0.90
CA LYS B 78 -18.71 -12.44 0.79
C LYS B 78 -19.19 -13.58 -0.11
N GLY B 79 -18.31 -14.03 -1.01
CA GLY B 79 -18.62 -15.16 -1.87
C GLY B 79 -19.54 -14.79 -3.01
N SER B 80 -20.79 -14.48 -2.69
CA SER B 80 -21.77 -14.12 -3.69
C SER B 80 -21.96 -12.60 -3.72
N VAL A 1 16.80 -0.21 11.03
CA VAL A 1 17.31 1.14 11.35
C VAL A 1 16.81 2.15 10.33
N ALA A 2 17.33 2.06 9.11
CA ALA A 2 16.96 2.95 8.03
C ALA A 2 17.47 2.40 6.71
N SER A 3 16.63 1.61 6.05
CA SER A 3 17.01 1.00 4.78
C SER A 3 16.67 1.91 3.60
N LYS A 4 15.48 1.74 3.04
CA LYS A 4 15.06 2.52 1.87
C LYS A 4 13.62 2.21 1.51
N ALA A 5 12.90 3.25 1.11
CA ALA A 5 11.53 3.10 0.64
C ALA A 5 11.34 3.86 -0.66
N ILE A 6 11.21 3.12 -1.75
CA ILE A 6 11.09 3.73 -3.07
C ILE A 6 9.62 3.84 -3.44
N PHE A 7 9.24 4.97 -4.01
CA PHE A 7 7.85 5.21 -4.34
C PHE A 7 7.69 5.50 -5.83
N TYR A 8 7.34 4.47 -6.59
CA TYR A 8 7.08 4.62 -8.02
C TYR A 8 5.65 5.06 -8.25
N HIS A 9 5.46 6.16 -8.98
CA HIS A 9 4.13 6.63 -9.28
C HIS A 9 4.09 7.23 -10.68
N ALA A 10 2.92 7.72 -11.09
CA ALA A 10 2.75 8.25 -12.44
C ALA A 10 2.29 9.71 -12.42
N GLY A 11 2.33 10.33 -11.25
CA GLY A 11 1.91 11.71 -11.13
C GLY A 11 0.42 11.88 -11.35
N CYS A 12 -0.37 11.34 -10.45
CA CYS A 12 -1.81 11.46 -10.52
C CYS A 12 -2.37 11.68 -9.11
N PRO A 13 -3.63 12.15 -8.99
CA PRO A 13 -4.27 12.40 -7.69
C PRO A 13 -4.10 11.23 -6.71
N VAL A 14 -4.24 10.01 -7.21
CA VAL A 14 -4.09 8.81 -6.39
C VAL A 14 -2.69 8.74 -5.78
N CYS A 15 -1.70 9.18 -6.54
CA CYS A 15 -0.32 9.19 -6.08
C CYS A 15 -0.15 10.23 -4.98
N VAL A 16 -0.80 11.37 -5.15
CA VAL A 16 -0.73 12.45 -4.18
C VAL A 16 -1.38 12.04 -2.87
N SER A 17 -2.48 11.30 -2.95
CA SER A 17 -3.14 10.76 -1.78
C SER A 17 -2.18 9.87 -0.99
N ALA A 18 -1.53 8.95 -1.70
CA ALA A 18 -0.56 8.05 -1.08
C ALA A 18 0.65 8.82 -0.55
N GLU A 19 0.97 9.91 -1.23
CA GLU A 19 2.08 10.76 -0.83
C GLU A 19 1.80 11.45 0.50
N GLN A 20 0.64 12.06 0.62
CA GLN A 20 0.29 12.84 1.80
C GLN A 20 -0.26 11.95 2.92
N ALA A 21 -0.43 10.67 2.65
CA ALA A 21 -0.88 9.74 3.68
C ALA A 21 0.21 8.72 4.02
N VAL A 22 0.50 7.84 3.07
CA VAL A 22 1.46 6.76 3.29
C VAL A 22 2.88 7.30 3.35
N ALA A 23 3.26 8.06 2.33
CA ALA A 23 4.62 8.61 2.24
C ALA A 23 4.80 9.77 3.22
N ASN A 24 3.74 10.09 3.94
CA ASN A 24 3.80 11.12 4.97
C ASN A 24 4.11 10.49 6.31
N ALA A 25 3.61 9.27 6.49
CA ALA A 25 3.86 8.51 7.70
C ALA A 25 5.26 7.91 7.67
N ILE A 26 5.71 7.54 6.49
CA ILE A 26 7.06 7.04 6.31
C ILE A 26 8.04 8.19 6.44
N ASP A 27 8.57 8.35 7.65
CA ASP A 27 9.48 9.45 7.96
C ASP A 27 10.76 9.34 7.13
N PRO A 28 11.18 10.46 6.52
CA PRO A 28 12.39 10.51 5.67
C PRO A 28 13.69 10.32 6.46
N SER A 29 13.60 10.34 7.78
CA SER A 29 14.75 10.06 8.64
C SER A 29 14.61 8.65 9.22
N LYS A 30 13.48 8.02 8.95
CA LYS A 30 13.23 6.66 9.38
C LYS A 30 13.62 5.70 8.26
N TYR A 31 13.27 6.08 7.04
CA TYR A 31 13.65 5.32 5.85
C TYR A 31 13.94 6.27 4.70
N THR A 32 14.93 5.94 3.89
CA THR A 32 15.28 6.75 2.74
C THR A 32 14.18 6.69 1.68
N VAL A 33 13.33 7.70 1.64
CA VAL A 33 12.23 7.76 0.70
C VAL A 33 12.70 8.23 -0.67
N GLU A 34 12.58 7.37 -1.65
CA GLU A 34 13.00 7.67 -3.02
C GLU A 34 11.77 7.71 -3.93
N ILE A 35 11.25 8.91 -4.18
CA ILE A 35 10.06 9.05 -5.00
C ILE A 35 10.43 9.11 -6.49
N VAL A 36 9.80 8.26 -7.29
CA VAL A 36 10.09 8.15 -8.71
C VAL A 36 8.85 8.39 -9.54
N HIS A 37 8.88 9.43 -10.36
CA HIS A 37 7.79 9.70 -11.29
C HIS A 37 8.00 8.88 -12.56
N LEU A 38 7.57 7.62 -12.52
CA LEU A 38 7.79 6.70 -13.62
C LEU A 38 6.89 7.05 -14.80
N GLY A 39 5.92 7.93 -14.54
CA GLY A 39 5.03 8.38 -15.59
C GLY A 39 5.78 9.07 -16.72
N THR A 40 6.78 9.86 -16.37
CA THR A 40 7.60 10.52 -17.36
C THR A 40 9.01 9.91 -17.41
N ASP A 41 9.36 9.16 -16.36
CA ASP A 41 10.67 8.51 -16.29
C ASP A 41 10.60 7.15 -17.00
N LYS A 42 9.97 7.17 -18.18
CA LYS A 42 9.69 5.96 -18.95
C LYS A 42 10.97 5.22 -19.32
N ALA A 43 12.07 5.95 -19.42
CA ALA A 43 13.35 5.35 -19.80
C ALA A 43 13.85 4.38 -18.72
N ARG A 44 13.32 4.52 -17.52
CA ARG A 44 13.72 3.67 -16.40
C ARG A 44 12.69 2.56 -16.18
N ILE A 45 11.82 2.36 -17.16
CA ILE A 45 10.84 1.26 -17.11
C ILE A 45 11.55 -0.08 -16.96
N ALA A 46 12.78 -0.16 -17.49
CA ALA A 46 13.58 -1.37 -17.41
C ALA A 46 13.92 -1.71 -15.95
N GLU A 47 14.09 -0.67 -15.13
CA GLU A 47 14.40 -0.86 -13.73
C GLU A 47 13.15 -1.29 -12.97
N ALA A 48 12.01 -0.74 -13.37
CA ALA A 48 10.74 -1.11 -12.77
C ALA A 48 10.48 -2.61 -12.94
N GLU A 49 10.83 -3.12 -14.11
CA GLU A 49 10.71 -4.56 -14.41
C GLU A 49 11.52 -5.39 -13.43
N LYS A 50 12.69 -4.87 -13.06
CA LYS A 50 13.62 -5.60 -12.21
C LYS A 50 13.31 -5.39 -10.73
N ALA A 51 12.66 -4.28 -10.42
CA ALA A 51 12.22 -4.00 -9.06
C ALA A 51 10.95 -4.77 -8.75
N GLY A 52 10.13 -4.99 -9.77
CA GLY A 52 8.89 -5.71 -9.59
C GLY A 52 7.68 -4.78 -9.57
N VAL A 53 7.80 -3.66 -10.27
CA VAL A 53 6.73 -2.68 -10.34
C VAL A 53 5.78 -3.03 -11.48
N LYS A 54 4.62 -3.57 -11.12
CA LYS A 54 3.63 -3.98 -12.11
C LYS A 54 2.53 -2.92 -12.24
N SER A 55 2.41 -2.08 -11.23
CA SER A 55 1.42 -1.02 -11.24
C SER A 55 1.92 0.18 -10.44
N VAL A 56 1.24 1.31 -10.58
CA VAL A 56 1.57 2.49 -9.82
C VAL A 56 0.33 3.06 -9.14
N PRO A 57 0.48 3.66 -7.95
CA PRO A 57 1.78 3.80 -7.29
C PRO A 57 2.25 2.51 -6.61
N ALA A 58 3.56 2.37 -6.47
CA ALA A 58 4.14 1.19 -5.85
C ALA A 58 5.18 1.58 -4.82
N LEU A 59 5.06 1.02 -3.63
CA LEU A 59 6.01 1.29 -2.55
C LEU A 59 6.99 0.13 -2.41
N VAL A 60 8.22 0.37 -2.83
CA VAL A 60 9.26 -0.64 -2.78
C VAL A 60 10.14 -0.43 -1.55
N ILE A 61 9.86 -1.20 -0.51
CA ILE A 61 10.61 -1.08 0.74
C ILE A 61 11.76 -2.09 0.77
N ASP A 62 12.99 -1.55 0.76
CA ASP A 62 14.23 -2.35 0.81
C ASP A 62 14.45 -3.12 -0.50
N GLY A 63 13.37 -3.44 -1.20
CA GLY A 63 13.47 -4.22 -2.41
C GLY A 63 12.18 -4.94 -2.73
N ALA A 64 11.29 -5.02 -1.76
CA ALA A 64 9.98 -5.65 -1.95
C ALA A 64 8.96 -4.62 -2.42
N ALA A 65 8.19 -4.98 -3.44
CA ALA A 65 7.25 -4.04 -4.04
C ALA A 65 5.83 -4.22 -3.50
N PHE A 66 5.34 -3.20 -2.81
CA PHE A 66 3.98 -3.17 -2.31
C PHE A 66 3.19 -2.07 -3.02
N HIS A 67 2.33 -2.45 -3.94
CA HIS A 67 1.56 -1.49 -4.72
C HIS A 67 0.48 -0.85 -3.84
N ILE A 68 0.19 0.41 -4.09
CA ILE A 68 -0.82 1.12 -3.34
C ILE A 68 -2.03 1.37 -4.22
N ASN A 69 -3.09 0.57 -4.01
CA ASN A 69 -4.28 0.63 -4.85
C ASN A 69 -3.94 0.25 -6.30
N PHE A 70 -4.82 0.58 -7.23
CA PHE A 70 -4.55 0.34 -8.63
C PHE A 70 -4.95 1.56 -9.46
N GLY A 71 -3.99 2.43 -9.70
CA GLY A 71 -4.24 3.58 -10.54
C GLY A 71 -3.98 3.28 -11.99
N ALA A 72 -2.74 2.95 -12.30
CA ALA A 72 -2.35 2.58 -13.64
C ALA A 72 -1.39 1.41 -13.61
N GLY A 73 -1.49 0.54 -14.60
CA GLY A 73 -0.58 -0.58 -14.68
C GLY A 73 0.58 -0.30 -15.62
N ILE A 74 1.75 -0.83 -15.32
CA ILE A 74 2.93 -0.59 -16.14
C ILE A 74 2.73 -1.20 -17.53
N ASP A 75 1.88 -2.23 -17.58
CA ASP A 75 1.54 -2.90 -18.83
C ASP A 75 0.89 -1.93 -19.81
N ASP A 76 0.14 -0.97 -19.28
CA ASP A 76 -0.59 -0.01 -20.09
C ASP A 76 0.38 0.95 -20.78
N LEU A 77 1.48 1.24 -20.09
CA LEU A 77 2.49 2.14 -20.62
C LEU A 77 3.34 1.45 -21.67
N LYS A 78 3.36 0.12 -21.63
CA LYS A 78 4.17 -0.67 -22.53
C LYS A 78 3.54 -0.75 -23.92
N GLY A 79 3.98 0.12 -24.80
CA GLY A 79 3.52 0.11 -26.16
C GLY A 79 2.14 0.73 -26.33
N SER A 80 1.61 0.63 -27.53
CA SER A 80 0.29 1.13 -27.85
C SER A 80 -0.27 0.35 -29.03
N VAL B 1 -3.24 14.05 16.29
CA VAL B 1 -2.01 13.92 15.48
C VAL B 1 -1.86 12.49 14.95
N ALA B 2 -1.81 11.54 15.87
CA ALA B 2 -1.67 10.14 15.49
C ALA B 2 -3.03 9.53 15.17
N SER B 3 -3.46 9.73 13.94
CA SER B 3 -4.74 9.22 13.46
C SER B 3 -4.77 7.69 13.50
N LYS B 4 -5.96 7.12 13.59
CA LYS B 4 -6.10 5.67 13.65
C LYS B 4 -5.87 5.05 12.28
N ALA B 5 -4.85 4.21 12.19
CA ALA B 5 -4.54 3.50 10.96
C ALA B 5 -4.87 2.02 11.13
N ILE B 6 -5.96 1.59 10.49
CA ILE B 6 -6.44 0.23 10.66
C ILE B 6 -5.91 -0.67 9.56
N PHE B 7 -5.11 -1.65 9.93
CA PHE B 7 -4.56 -2.59 8.98
C PHE B 7 -5.43 -3.84 8.91
N TYR B 8 -6.22 -3.94 7.85
CA TYR B 8 -7.10 -5.08 7.65
C TYR B 8 -6.44 -6.10 6.72
N HIS B 9 -6.11 -7.26 7.25
CA HIS B 9 -5.52 -8.32 6.44
C HIS B 9 -6.20 -9.65 6.72
N ALA B 10 -6.18 -10.54 5.75
CA ALA B 10 -6.85 -11.82 5.87
C ALA B 10 -6.32 -12.83 4.86
N GLY B 11 -5.15 -13.39 5.14
CA GLY B 11 -4.63 -14.46 4.34
C GLY B 11 -3.39 -15.04 4.98
N CYS B 12 -2.25 -14.71 4.40
CA CYS B 12 -0.95 -15.21 4.85
C CYS B 12 0.21 -14.52 4.11
N PRO B 13 0.35 -14.73 2.77
CA PRO B 13 1.55 -14.31 2.04
C PRO B 13 1.79 -12.80 2.08
N VAL B 14 0.85 -12.05 1.51
CA VAL B 14 1.02 -10.60 1.41
C VAL B 14 0.87 -9.95 2.78
N CYS B 15 0.15 -10.63 3.67
CA CYS B 15 -0.21 -10.07 4.97
C CYS B 15 1.02 -9.89 5.86
N VAL B 16 1.82 -10.95 6.00
CA VAL B 16 2.99 -10.92 6.86
C VAL B 16 3.97 -9.83 6.42
N SER B 17 4.32 -9.85 5.14
CA SER B 17 5.29 -8.90 4.60
C SER B 17 4.77 -7.47 4.66
N ALA B 18 3.47 -7.27 4.42
CA ALA B 18 2.89 -5.94 4.49
C ALA B 18 2.99 -5.38 5.90
N GLU B 19 2.75 -6.24 6.88
CA GLU B 19 2.82 -5.85 8.28
C GLU B 19 4.27 -5.57 8.69
N GLN B 20 5.19 -6.41 8.20
CA GLN B 20 6.60 -6.29 8.56
C GLN B 20 7.29 -5.14 7.83
N ALA B 21 6.64 -4.60 6.81
CA ALA B 21 7.23 -3.52 6.02
C ALA B 21 6.44 -2.23 6.15
N VAL B 22 5.22 -2.23 5.59
CA VAL B 22 4.40 -1.02 5.56
C VAL B 22 3.96 -0.62 6.96
N ALA B 23 3.50 -1.60 7.74
CA ALA B 23 3.05 -1.35 9.10
C ALA B 23 4.24 -1.19 10.05
N ASN B 24 5.44 -1.35 9.51
CA ASN B 24 6.66 -1.13 10.28
C ASN B 24 7.17 0.28 10.02
N ALA B 25 6.93 0.77 8.79
CA ALA B 25 7.28 2.13 8.42
C ALA B 25 6.32 3.11 9.10
N ILE B 26 5.06 2.72 9.19
CA ILE B 26 4.08 3.51 9.92
C ILE B 26 3.96 2.98 11.34
N ASP B 27 4.84 3.48 12.21
CA ASP B 27 4.89 3.02 13.59
C ASP B 27 4.08 3.96 14.50
N PRO B 28 3.74 3.52 15.73
CA PRO B 28 2.91 4.29 16.69
C PRO B 28 3.41 5.71 16.98
N SER B 29 4.66 6.03 16.60
CA SER B 29 5.18 7.37 16.82
C SER B 29 4.69 8.31 15.71
N LYS B 30 4.01 7.75 14.73
CA LYS B 30 3.44 8.52 13.64
C LYS B 30 1.91 8.48 13.70
N TYR B 31 1.36 7.28 13.80
CA TYR B 31 -0.09 7.10 13.82
C TYR B 31 -0.48 6.03 14.84
N THR B 32 -1.77 5.92 15.12
CA THR B 32 -2.28 4.88 16.00
C THR B 32 -2.61 3.64 15.17
N VAL B 33 -1.69 2.69 15.18
CA VAL B 33 -1.80 1.51 14.34
C VAL B 33 -2.75 0.47 14.96
N GLU B 34 -3.84 0.21 14.27
CA GLU B 34 -4.81 -0.79 14.70
C GLU B 34 -4.87 -1.93 13.69
N ILE B 35 -4.16 -3.00 13.98
CA ILE B 35 -4.11 -4.15 13.07
C ILE B 35 -5.23 -5.12 13.38
N VAL B 36 -6.09 -5.37 12.39
CA VAL B 36 -7.22 -6.26 12.56
C VAL B 36 -7.20 -7.36 11.50
N HIS B 37 -7.13 -8.60 11.96
CA HIS B 37 -7.18 -9.73 11.04
C HIS B 37 -8.63 -10.01 10.67
N LEU B 38 -8.95 -9.88 9.40
CA LEU B 38 -10.32 -10.02 8.92
C LEU B 38 -10.67 -11.48 8.67
N GLY B 39 -9.65 -12.33 8.63
CA GLY B 39 -9.86 -13.73 8.34
C GLY B 39 -10.03 -14.56 9.59
N THR B 40 -10.96 -14.13 10.43
CA THR B 40 -11.25 -14.83 11.68
C THR B 40 -12.72 -14.65 12.04
N ASP B 41 -13.15 -13.39 12.11
CA ASP B 41 -14.54 -13.09 12.41
C ASP B 41 -15.26 -12.63 11.15
N LYS B 42 -16.27 -13.37 10.75
CA LYS B 42 -16.99 -13.10 9.50
C LYS B 42 -17.92 -11.89 9.64
N ALA B 43 -18.23 -11.51 10.88
CA ALA B 43 -19.15 -10.40 11.13
C ALA B 43 -18.45 -9.06 10.96
N ARG B 44 -17.11 -9.09 10.99
CA ARG B 44 -16.31 -7.88 10.78
C ARG B 44 -16.51 -7.34 9.37
N ILE B 45 -16.99 -8.19 8.48
CA ILE B 45 -17.12 -7.88 7.05
C ILE B 45 -18.06 -6.70 6.81
N ALA B 46 -19.09 -6.57 7.64
CA ALA B 46 -20.09 -5.52 7.48
C ALA B 46 -19.48 -4.14 7.75
N GLU B 47 -18.62 -4.08 8.76
CA GLU B 47 -17.98 -2.83 9.12
C GLU B 47 -16.86 -2.52 8.14
N ALA B 48 -16.24 -3.57 7.61
CA ALA B 48 -15.20 -3.42 6.61
C ALA B 48 -15.76 -2.75 5.36
N GLU B 49 -16.95 -3.16 4.95
CA GLU B 49 -17.63 -2.55 3.80
C GLU B 49 -17.88 -1.07 4.04
N LYS B 50 -18.27 -0.72 5.27
CA LYS B 50 -18.51 0.66 5.63
C LYS B 50 -17.22 1.47 5.60
N ALA B 51 -16.15 0.89 6.14
CA ALA B 51 -14.86 1.55 6.17
C ALA B 51 -14.33 1.80 4.77
N GLY B 52 -14.75 0.98 3.82
CA GLY B 52 -14.32 1.13 2.45
C GLY B 52 -13.33 0.08 2.03
N VAL B 53 -13.30 -1.02 2.78
CA VAL B 53 -12.40 -2.11 2.47
C VAL B 53 -13.02 -3.02 1.41
N LYS B 54 -12.76 -2.70 0.15
CA LYS B 54 -13.28 -3.49 -0.95
C LYS B 54 -12.33 -4.66 -1.22
N SER B 55 -11.07 -4.45 -0.97
CA SER B 55 -10.08 -5.50 -1.05
C SER B 55 -9.37 -5.63 0.29
N VAL B 56 -9.12 -6.86 0.72
CA VAL B 56 -8.44 -7.08 1.97
C VAL B 56 -6.93 -6.89 1.76
N PRO B 57 -6.02 -7.47 2.58
CA PRO B 57 -4.82 -6.79 3.04
C PRO B 57 -4.66 -5.34 2.55
N ALA B 58 -5.20 -4.43 3.34
CA ALA B 58 -5.17 -3.01 3.04
C ALA B 58 -5.01 -2.20 4.33
N LEU B 59 -4.56 -0.97 4.21
CA LEU B 59 -4.33 -0.12 5.37
C LEU B 59 -5.25 1.09 5.33
N VAL B 60 -6.17 1.16 6.29
CA VAL B 60 -7.13 2.25 6.37
C VAL B 60 -6.60 3.36 7.27
N ILE B 61 -6.06 4.41 6.67
CA ILE B 61 -5.48 5.50 7.43
C ILE B 61 -6.52 6.58 7.71
N ASP B 62 -6.99 6.61 8.96
CA ASP B 62 -7.95 7.63 9.45
C ASP B 62 -9.33 7.45 8.82
N GLY B 63 -9.43 6.56 7.85
CA GLY B 63 -10.67 6.36 7.13
C GLY B 63 -10.43 6.08 5.66
N ALA B 64 -9.28 6.53 5.17
CA ALA B 64 -8.91 6.28 3.78
C ALA B 64 -8.25 4.91 3.64
N ALA B 65 -8.92 3.99 2.97
CA ALA B 65 -8.42 2.65 2.80
C ALA B 65 -7.45 2.55 1.62
N PHE B 66 -6.18 2.37 1.93
CA PHE B 66 -5.17 2.18 0.90
C PHE B 66 -4.82 0.70 0.78
N HIS B 67 -5.19 0.12 -0.36
CA HIS B 67 -4.98 -1.30 -0.59
C HIS B 67 -3.50 -1.59 -0.84
N ILE B 68 -2.96 -2.56 -0.13
CA ILE B 68 -1.55 -2.93 -0.28
C ILE B 68 -1.45 -4.15 -1.17
N ASN B 69 -1.14 -3.92 -2.45
CA ASN B 69 -1.20 -4.95 -3.48
C ASN B 69 -2.64 -5.44 -3.60
N PHE B 70 -2.84 -6.52 -4.33
CA PHE B 70 -4.14 -7.17 -4.35
C PHE B 70 -4.16 -8.21 -3.25
N GLY B 71 -4.49 -7.78 -2.04
CA GLY B 71 -4.51 -8.67 -0.91
C GLY B 71 -5.58 -9.73 -1.05
N ALA B 72 -6.81 -9.37 -0.70
CA ALA B 72 -7.92 -10.29 -0.90
C ALA B 72 -9.14 -9.54 -1.41
N GLY B 73 -10.20 -10.27 -1.71
CA GLY B 73 -11.45 -9.64 -2.10
C GLY B 73 -12.50 -9.78 -1.03
N ILE B 74 -13.11 -8.68 -0.60
CA ILE B 74 -14.09 -8.75 0.47
C ILE B 74 -15.35 -9.47 -0.01
N ASP B 75 -15.66 -9.33 -1.29
CA ASP B 75 -16.84 -9.97 -1.87
C ASP B 75 -16.58 -11.46 -2.05
N ASP B 76 -15.30 -11.80 -2.16
CA ASP B 76 -14.87 -13.19 -2.31
C ASP B 76 -15.14 -13.98 -1.04
N LEU B 77 -15.00 -13.32 0.10
CA LEU B 77 -15.13 -13.98 1.39
C LEU B 77 -16.57 -13.93 1.90
N LYS B 78 -17.49 -13.45 1.07
CA LYS B 78 -18.89 -13.38 1.46
C LYS B 78 -19.52 -14.76 1.40
N GLY B 79 -19.26 -15.47 0.32
CA GLY B 79 -19.69 -16.85 0.21
C GLY B 79 -18.60 -17.79 0.68
N SER B 80 -18.96 -19.00 1.06
CA SER B 80 -17.99 -19.96 1.55
C SER B 80 -17.53 -20.86 0.41
N VAL A 1 17.97 9.46 7.95
CA VAL A 1 17.46 8.39 7.07
C VAL A 1 18.27 7.11 7.28
N ALA A 2 17.69 5.98 6.89
CA ALA A 2 18.37 4.69 7.04
C ALA A 2 18.17 3.80 5.83
N SER A 3 16.96 3.29 5.66
CA SER A 3 16.68 2.35 4.58
C SER A 3 16.01 3.05 3.39
N LYS A 4 16.02 2.37 2.25
CA LYS A 4 15.54 2.95 0.99
C LYS A 4 14.10 2.54 0.72
N ALA A 5 13.26 3.53 0.38
CA ALA A 5 11.88 3.28 -0.01
C ALA A 5 11.53 4.10 -1.24
N ILE A 6 11.54 3.44 -2.40
CA ILE A 6 11.30 4.13 -3.65
C ILE A 6 9.84 4.03 -4.07
N PHE A 7 9.23 5.18 -4.33
CA PHE A 7 7.81 5.25 -4.64
C PHE A 7 7.60 5.61 -6.10
N TYR A 8 7.11 4.65 -6.88
CA TYR A 8 6.91 4.86 -8.32
C TYR A 8 5.45 5.13 -8.61
N HIS A 9 5.19 6.06 -9.52
CA HIS A 9 3.82 6.33 -9.97
C HIS A 9 3.82 7.08 -11.29
N ALA A 10 2.63 7.38 -11.80
CA ALA A 10 2.48 8.02 -13.09
C ALA A 10 1.72 9.34 -12.97
N GLY A 11 1.63 9.87 -11.75
CA GLY A 11 0.91 11.10 -11.53
C GLY A 11 -0.59 10.92 -11.54
N CYS A 12 -1.07 10.01 -10.70
CA CYS A 12 -2.50 9.76 -10.60
C CYS A 12 -3.04 10.36 -9.30
N PRO A 13 -4.35 10.68 -9.25
CA PRO A 13 -4.97 11.28 -8.06
C PRO A 13 -4.72 10.47 -6.80
N VAL A 14 -4.77 9.14 -6.92
CA VAL A 14 -4.54 8.25 -5.78
C VAL A 14 -3.13 8.43 -5.23
N CYS A 15 -2.19 8.72 -6.11
CA CYS A 15 -0.79 8.88 -5.72
C CYS A 15 -0.62 10.09 -4.81
N VAL A 16 -1.46 11.11 -5.04
CA VAL A 16 -1.41 12.33 -4.23
C VAL A 16 -1.84 12.02 -2.79
N SER A 17 -2.91 11.25 -2.65
CA SER A 17 -3.37 10.84 -1.34
C SER A 17 -2.36 9.94 -0.66
N ALA A 18 -1.75 9.04 -1.43
CA ALA A 18 -0.73 8.14 -0.91
C ALA A 18 0.49 8.91 -0.43
N GLU A 19 0.80 10.01 -1.11
CA GLU A 19 1.91 10.86 -0.75
C GLU A 19 1.65 11.60 0.56
N GLN A 20 0.47 12.19 0.68
CA GLN A 20 0.15 13.03 1.82
C GLN A 20 -0.22 12.18 3.05
N ALA A 21 -0.51 10.90 2.84
CA ALA A 21 -0.87 10.02 3.93
C ALA A 21 0.22 8.99 4.21
N VAL A 22 0.41 8.06 3.28
CA VAL A 22 1.34 6.94 3.50
C VAL A 22 2.78 7.43 3.56
N ALA A 23 3.20 8.18 2.54
CA ALA A 23 4.58 8.66 2.46
C ALA A 23 4.84 9.81 3.42
N ASN A 24 3.83 10.14 4.21
CA ASN A 24 3.92 11.22 5.19
C ASN A 24 3.91 10.63 6.60
N ALA A 25 3.30 9.46 6.75
CA ALA A 25 3.26 8.76 8.03
C ALA A 25 4.59 8.09 8.30
N ILE A 26 5.29 7.71 7.23
CA ILE A 26 6.62 7.14 7.35
C ILE A 26 7.60 8.20 7.85
N ASP A 27 8.45 7.84 8.78
CA ASP A 27 9.42 8.77 9.32
C ASP A 27 10.72 8.69 8.54
N PRO A 28 11.28 9.84 8.14
CA PRO A 28 12.52 9.91 7.35
C PRO A 28 13.69 9.17 8.02
N SER A 29 13.70 9.12 9.34
CA SER A 29 14.77 8.44 10.06
C SER A 29 14.71 6.93 9.80
N LYS A 30 13.49 6.44 9.56
CA LYS A 30 13.29 5.05 9.24
C LYS A 30 13.60 4.79 7.77
N TYR A 31 12.72 5.24 6.90
CA TYR A 31 12.84 4.99 5.47
C TYR A 31 12.89 6.31 4.71
N THR A 32 13.75 6.37 3.71
CA THR A 32 13.82 7.55 2.86
C THR A 32 12.90 7.36 1.64
N VAL A 33 11.86 8.19 1.56
CA VAL A 33 10.89 8.08 0.49
C VAL A 33 11.41 8.77 -0.77
N GLU A 34 11.81 7.95 -1.73
CA GLU A 34 12.31 8.45 -3.00
C GLU A 34 11.24 8.28 -4.08
N ILE A 35 10.58 9.37 -4.42
CA ILE A 35 9.49 9.34 -5.38
C ILE A 35 10.02 9.42 -6.81
N VAL A 36 9.59 8.48 -7.65
CA VAL A 36 10.03 8.43 -9.04
C VAL A 36 8.83 8.41 -9.98
N HIS A 37 8.75 9.42 -10.85
CA HIS A 37 7.68 9.49 -11.83
C HIS A 37 8.07 8.70 -13.08
N LEU A 38 7.23 7.73 -13.44
CA LEU A 38 7.52 6.84 -14.57
C LEU A 38 7.16 7.50 -15.90
N GLY A 39 6.54 8.66 -15.85
CA GLY A 39 6.14 9.34 -17.06
C GLY A 39 7.18 10.34 -17.52
N THR A 40 8.44 9.96 -17.40
CA THR A 40 9.55 10.84 -17.74
C THR A 40 10.57 10.12 -18.63
N ASP A 41 11.16 9.05 -18.10
CA ASP A 41 12.25 8.37 -18.80
C ASP A 41 11.90 6.92 -19.09
N LYS A 42 12.19 6.48 -20.32
CA LYS A 42 11.84 5.13 -20.75
C LYS A 42 12.78 4.08 -20.18
N ALA A 43 14.01 4.46 -19.91
CA ALA A 43 15.00 3.53 -19.38
C ALA A 43 14.70 3.22 -17.92
N ARG A 44 14.23 4.23 -17.19
CA ARG A 44 13.88 4.06 -15.79
C ARG A 44 12.59 3.26 -15.63
N ILE A 45 11.88 3.04 -16.74
CA ILE A 45 10.74 2.13 -16.72
C ILE A 45 11.24 0.71 -16.49
N ALA A 46 12.39 0.39 -17.06
CA ALA A 46 13.04 -0.89 -16.85
C ALA A 46 13.56 -0.99 -15.43
N GLU A 47 13.90 0.15 -14.85
CA GLU A 47 14.32 0.22 -13.45
C GLU A 47 13.17 -0.20 -12.54
N ALA A 48 11.97 0.28 -12.86
CA ALA A 48 10.77 -0.09 -12.13
C ALA A 48 10.52 -1.58 -12.21
N GLU A 49 10.78 -2.15 -13.38
CA GLU A 49 10.63 -3.58 -13.58
C GLU A 49 11.61 -4.35 -12.69
N LYS A 50 12.81 -3.82 -12.54
CA LYS A 50 13.82 -4.42 -11.68
C LYS A 50 13.39 -4.35 -10.21
N ALA A 51 12.77 -3.22 -9.84
CA ALA A 51 12.28 -3.02 -8.50
C ALA A 51 11.13 -3.98 -8.19
N GLY A 52 10.32 -4.26 -9.20
CA GLY A 52 9.20 -5.17 -9.03
C GLY A 52 7.87 -4.48 -9.25
N VAL A 53 7.92 -3.24 -9.73
CA VAL A 53 6.73 -2.46 -10.01
C VAL A 53 5.92 -3.08 -11.14
N LYS A 54 4.66 -3.38 -10.85
CA LYS A 54 3.78 -3.96 -11.84
C LYS A 54 2.54 -3.09 -12.04
N SER A 55 2.36 -2.14 -11.14
CA SER A 55 1.26 -1.19 -11.24
C SER A 55 1.61 0.08 -10.47
N VAL A 56 0.80 1.11 -10.65
CA VAL A 56 1.04 2.38 -9.98
C VAL A 56 -0.19 2.80 -9.17
N PRO A 57 0.02 3.43 -8.01
CA PRO A 57 1.37 3.70 -7.49
C PRO A 57 1.95 2.51 -6.72
N ALA A 58 3.28 2.45 -6.68
CA ALA A 58 3.97 1.33 -6.04
C ALA A 58 5.04 1.83 -5.07
N LEU A 59 5.03 1.30 -3.86
CA LEU A 59 6.04 1.63 -2.87
C LEU A 59 7.01 0.48 -2.72
N VAL A 60 8.21 0.64 -3.26
CA VAL A 60 9.21 -0.40 -3.20
C VAL A 60 10.10 -0.21 -1.98
N ILE A 61 9.85 -0.99 -0.95
CA ILE A 61 10.59 -0.90 0.28
C ILE A 61 11.74 -1.89 0.28
N ASP A 62 12.97 -1.36 0.28
CA ASP A 62 14.21 -2.15 0.31
C ASP A 62 14.46 -2.87 -1.02
N GLY A 63 13.41 -3.47 -1.56
CA GLY A 63 13.53 -4.26 -2.77
C GLY A 63 12.22 -4.89 -3.18
N ALA A 64 11.32 -5.07 -2.22
CA ALA A 64 10.00 -5.62 -2.50
C ALA A 64 9.02 -4.49 -2.84
N ALA A 65 8.17 -4.73 -3.82
CA ALA A 65 7.25 -3.71 -4.28
C ALA A 65 5.86 -3.88 -3.66
N PHE A 66 5.45 -2.89 -2.89
CA PHE A 66 4.13 -2.88 -2.29
C PHE A 66 3.28 -1.80 -2.94
N HIS A 67 2.35 -2.22 -3.78
CA HIS A 67 1.50 -1.29 -4.51
C HIS A 67 0.47 -0.68 -3.56
N ILE A 68 0.14 0.59 -3.77
CA ILE A 68 -0.79 1.28 -2.90
C ILE A 68 -2.02 1.73 -3.69
N ASN A 69 -3.07 0.90 -3.64
CA ASN A 69 -4.30 1.13 -4.41
C ASN A 69 -4.05 1.03 -5.90
N PHE A 70 -4.46 -0.09 -6.48
CA PHE A 70 -4.28 -0.34 -7.91
C PHE A 70 -5.06 0.69 -8.74
N GLY A 71 -4.32 1.59 -9.37
CA GLY A 71 -4.94 2.54 -10.26
C GLY A 71 -4.70 2.18 -11.71
N ALA A 72 -3.43 2.03 -12.07
CA ALA A 72 -3.05 1.62 -13.40
C ALA A 72 -1.89 0.63 -13.33
N GLY A 73 -1.63 -0.07 -14.43
CA GLY A 73 -0.56 -1.04 -14.43
C GLY A 73 0.67 -0.53 -15.15
N ILE A 74 1.80 -1.20 -14.98
CA ILE A 74 3.03 -0.81 -15.65
C ILE A 74 2.89 -1.01 -17.16
N ASP A 75 2.05 -1.97 -17.54
CA ASP A 75 1.81 -2.30 -18.93
C ASP A 75 1.16 -1.14 -19.67
N ASP A 76 0.44 -0.30 -18.92
CA ASP A 76 -0.20 0.88 -19.50
C ASP A 76 0.84 1.85 -20.05
N LEU A 77 1.97 1.94 -19.37
CA LEU A 77 3.06 2.82 -19.80
C LEU A 77 4.06 2.05 -20.64
N LYS A 78 4.07 0.74 -20.47
CA LYS A 78 4.98 -0.14 -21.19
C LYS A 78 4.49 -0.38 -22.62
N GLY A 79 3.18 -0.31 -22.80
CA GLY A 79 2.60 -0.45 -24.12
C GLY A 79 2.42 -1.91 -24.52
N SER A 80 3.52 -2.64 -24.52
CA SER A 80 3.51 -4.05 -24.85
C SER A 80 4.40 -4.81 -23.87
N VAL B 1 0.40 6.99 21.45
CA VAL B 1 -0.39 6.98 20.20
C VAL B 1 -0.75 8.41 19.79
N ALA B 2 -1.23 8.57 18.57
CA ALA B 2 -1.65 9.88 18.09
C ALA B 2 -2.79 9.72 17.08
N SER B 3 -2.43 9.32 15.88
CA SER B 3 -3.42 9.11 14.83
C SER B 3 -3.72 7.60 14.70
N LYS B 4 -4.60 7.26 13.78
CA LYS B 4 -5.12 5.91 13.65
C LYS B 4 -4.65 5.26 12.35
N ALA B 5 -4.18 4.03 12.45
CA ALA B 5 -3.78 3.25 11.27
C ALA B 5 -4.26 1.81 11.40
N ILE B 6 -5.35 1.50 10.74
CA ILE B 6 -5.96 0.18 10.86
C ILE B 6 -5.50 -0.72 9.73
N PHE B 7 -5.17 -1.97 10.06
CA PHE B 7 -4.72 -2.93 9.07
C PHE B 7 -5.68 -4.11 9.02
N TYR B 8 -6.33 -4.29 7.88
CA TYR B 8 -7.28 -5.38 7.72
C TYR B 8 -6.71 -6.49 6.85
N HIS B 9 -6.80 -7.72 7.35
CA HIS B 9 -6.39 -8.88 6.59
C HIS B 9 -7.12 -10.11 7.09
N ALA B 10 -7.11 -11.19 6.31
CA ALA B 10 -7.81 -12.41 6.69
C ALA B 10 -6.86 -13.59 6.74
N GLY B 11 -5.56 -13.30 6.72
CA GLY B 11 -4.58 -14.36 6.76
C GLY B 11 -4.14 -14.81 5.37
N CYS B 12 -3.00 -14.29 4.93
CA CYS B 12 -2.41 -14.67 3.64
C CYS B 12 -1.01 -14.08 3.52
N PRO B 13 -0.13 -14.67 2.69
CA PRO B 13 1.26 -14.22 2.53
C PRO B 13 1.35 -12.73 2.17
N VAL B 14 0.32 -12.21 1.51
CA VAL B 14 0.29 -10.81 1.10
C VAL B 14 0.46 -9.88 2.29
N CYS B 15 -0.35 -10.10 3.34
CA CYS B 15 -0.32 -9.22 4.49
C CYS B 15 0.88 -9.49 5.38
N VAL B 16 1.40 -10.71 5.31
CA VAL B 16 2.58 -11.08 6.09
C VAL B 16 3.76 -10.18 5.73
N SER B 17 4.08 -10.11 4.45
CA SER B 17 5.17 -9.27 3.98
C SER B 17 4.83 -7.79 4.17
N ALA B 18 3.56 -7.45 4.00
CA ALA B 18 3.10 -6.08 4.16
C ALA B 18 3.31 -5.60 5.60
N GLU B 19 3.03 -6.47 6.54
CA GLU B 19 3.23 -6.18 7.95
C GLU B 19 4.70 -5.93 8.26
N GLN B 20 5.56 -6.76 7.67
CA GLN B 20 6.99 -6.66 7.89
C GLN B 20 7.56 -5.35 7.38
N ALA B 21 7.08 -4.89 6.24
CA ALA B 21 7.61 -3.68 5.63
C ALA B 21 6.80 -2.44 5.97
N VAL B 22 5.54 -2.43 5.55
CA VAL B 22 4.70 -1.22 5.64
C VAL B 22 4.38 -0.87 7.10
N ALA B 23 4.02 -1.88 7.89
CA ALA B 23 3.64 -1.66 9.28
C ALA B 23 4.86 -1.31 10.14
N ASN B 24 6.05 -1.46 9.57
CA ASN B 24 7.28 -1.07 10.26
C ASN B 24 7.84 0.21 9.66
N ALA B 25 7.23 0.66 8.57
CA ALA B 25 7.63 1.91 7.93
C ALA B 25 7.00 3.09 8.63
N ILE B 26 5.76 2.92 9.06
CA ILE B 26 5.06 3.96 9.80
C ILE B 26 5.44 3.87 11.27
N ASP B 27 5.74 5.01 11.88
CA ASP B 27 6.17 5.04 13.27
C ASP B 27 4.98 5.07 14.22
N PRO B 28 4.93 4.13 15.17
CA PRO B 28 3.81 3.98 16.12
C PRO B 28 3.60 5.20 17.02
N SER B 29 4.62 6.05 17.12
CA SER B 29 4.53 7.26 17.93
C SER B 29 3.52 8.23 17.31
N LYS B 30 3.32 8.12 16.00
CA LYS B 30 2.42 9.00 15.29
C LYS B 30 1.14 8.26 14.88
N TYR B 31 1.25 6.99 14.56
CA TYR B 31 0.10 6.21 14.14
C TYR B 31 0.03 4.90 14.91
N THR B 32 -1.11 4.63 15.52
CA THR B 32 -1.32 3.36 16.20
C THR B 32 -1.82 2.32 15.21
N VAL B 33 -1.08 1.24 15.08
CA VAL B 33 -1.40 0.20 14.12
C VAL B 33 -2.42 -0.78 14.70
N GLU B 34 -3.66 -0.66 14.26
CA GLU B 34 -4.73 -1.52 14.72
C GLU B 34 -4.98 -2.63 13.71
N ILE B 35 -4.34 -3.77 13.93
CA ILE B 35 -4.47 -4.90 13.01
C ILE B 35 -5.70 -5.73 13.36
N VAL B 36 -6.61 -5.86 12.42
CA VAL B 36 -7.83 -6.63 12.62
C VAL B 36 -7.85 -7.85 11.71
N HIS B 37 -8.01 -9.02 12.33
CA HIS B 37 -8.03 -10.27 11.59
C HIS B 37 -9.47 -10.58 11.18
N LEU B 38 -9.75 -10.46 9.90
CA LEU B 38 -11.09 -10.68 9.37
C LEU B 38 -11.39 -12.17 9.19
N GLY B 39 -10.38 -12.99 9.42
CA GLY B 39 -10.59 -14.43 9.40
C GLY B 39 -11.09 -14.91 10.76
N THR B 40 -10.59 -14.26 11.80
CA THR B 40 -11.05 -14.51 13.15
C THR B 40 -12.43 -13.89 13.36
N ASP B 41 -12.60 -12.66 12.89
CA ASP B 41 -13.86 -11.96 13.04
C ASP B 41 -14.38 -11.50 11.69
N LYS B 42 -15.38 -12.20 11.19
CA LYS B 42 -15.96 -11.88 9.89
C LYS B 42 -17.10 -10.88 10.03
N ALA B 43 -17.31 -10.38 11.24
CA ALA B 43 -18.32 -9.36 11.48
C ALA B 43 -17.75 -7.99 11.16
N ARG B 44 -16.45 -7.84 11.36
CA ARG B 44 -15.73 -6.62 11.02
C ARG B 44 -15.73 -6.39 9.51
N ILE B 45 -15.99 -7.47 8.76
CA ILE B 45 -16.08 -7.39 7.31
C ILE B 45 -17.24 -6.47 6.90
N ALA B 46 -18.32 -6.53 7.67
CA ALA B 46 -19.48 -5.68 7.42
C ALA B 46 -19.10 -4.22 7.59
N GLU B 47 -18.25 -3.94 8.58
CA GLU B 47 -17.77 -2.57 8.84
C GLU B 47 -16.98 -2.06 7.65
N ALA B 48 -16.09 -2.91 7.14
CA ALA B 48 -15.28 -2.57 5.98
C ALA B 48 -16.15 -2.32 4.76
N GLU B 49 -17.20 -3.12 4.65
CA GLU B 49 -18.15 -3.00 3.54
C GLU B 49 -18.86 -1.64 3.60
N LYS B 50 -19.16 -1.18 4.81
CA LYS B 50 -19.77 0.14 5.01
C LYS B 50 -18.87 1.24 4.45
N ALA B 51 -17.62 1.22 4.88
CA ALA B 51 -16.65 2.25 4.49
C ALA B 51 -16.38 2.20 3.00
N GLY B 52 -16.18 1.00 2.47
CA GLY B 52 -15.90 0.84 1.06
C GLY B 52 -14.58 0.15 0.80
N VAL B 53 -14.22 -0.78 1.68
CA VAL B 53 -13.01 -1.56 1.51
C VAL B 53 -13.25 -2.65 0.48
N LYS B 54 -12.55 -2.58 -0.64
CA LYS B 54 -12.76 -3.48 -1.76
C LYS B 54 -12.02 -4.79 -1.58
N SER B 55 -10.88 -4.74 -0.92
CA SER B 55 -10.05 -5.92 -0.74
C SER B 55 -9.32 -5.90 0.60
N VAL B 56 -9.05 -7.09 1.14
CA VAL B 56 -8.21 -7.22 2.31
C VAL B 56 -6.73 -7.12 1.91
N PRO B 57 -5.77 -7.55 2.76
CA PRO B 57 -4.54 -6.83 3.01
C PRO B 57 -4.51 -5.40 2.47
N ALA B 58 -5.02 -4.50 3.30
CA ALA B 58 -5.07 -3.08 3.00
C ALA B 58 -4.87 -2.28 4.28
N LEU B 59 -4.38 -1.06 4.14
CA LEU B 59 -4.11 -0.20 5.28
C LEU B 59 -5.04 1.01 5.30
N VAL B 60 -5.80 1.15 6.37
CA VAL B 60 -6.70 2.27 6.53
C VAL B 60 -6.07 3.34 7.41
N ILE B 61 -5.59 4.40 6.78
CA ILE B 61 -4.92 5.47 7.49
C ILE B 61 -5.92 6.57 7.86
N ASP B 62 -6.24 6.63 9.15
CA ASP B 62 -7.17 7.62 9.72
C ASP B 62 -8.61 7.42 9.20
N GLY B 63 -8.79 7.63 7.92
CA GLY B 63 -10.09 7.43 7.30
C GLY B 63 -9.99 7.11 5.82
N ALA B 64 -8.78 6.84 5.36
CA ALA B 64 -8.53 6.54 3.95
C ALA B 64 -7.98 5.14 3.78
N ALA B 65 -8.59 4.37 2.87
CA ALA B 65 -8.19 3.00 2.65
C ALA B 65 -7.15 2.89 1.54
N PHE B 66 -5.99 2.36 1.88
CA PHE B 66 -4.93 2.14 0.92
C PHE B 66 -4.63 0.65 0.81
N HIS B 67 -5.11 0.03 -0.26
CA HIS B 67 -4.90 -1.39 -0.49
C HIS B 67 -3.43 -1.67 -0.76
N ILE B 68 -2.83 -2.55 0.04
CA ILE B 68 -1.43 -2.89 -0.11
C ILE B 68 -1.30 -4.10 -1.01
N ASN B 69 -0.95 -3.86 -2.26
CA ASN B 69 -0.98 -4.88 -3.30
C ASN B 69 -2.42 -5.37 -3.46
N PHE B 70 -2.60 -6.53 -4.04
CA PHE B 70 -3.92 -7.14 -4.08
C PHE B 70 -3.99 -8.26 -3.06
N GLY B 71 -4.54 -7.99 -1.90
CA GLY B 71 -4.71 -9.01 -0.90
C GLY B 71 -5.78 -9.98 -1.32
N ALA B 72 -7.00 -9.74 -0.85
CA ALA B 72 -8.13 -10.57 -1.30
C ALA B 72 -9.37 -9.72 -1.52
N GLY B 73 -9.99 -9.84 -2.68
CA GLY B 73 -11.19 -9.10 -2.96
C GLY B 73 -12.30 -9.45 -1.98
N ILE B 74 -13.03 -8.45 -1.50
CA ILE B 74 -14.09 -8.70 -0.52
C ILE B 74 -15.23 -9.47 -1.16
N ASP B 75 -15.36 -9.34 -2.48
CA ASP B 75 -16.32 -10.14 -3.25
C ASP B 75 -15.85 -11.58 -3.33
N ASP B 76 -14.54 -11.76 -3.44
CA ASP B 76 -13.93 -13.09 -3.47
C ASP B 76 -14.07 -13.76 -2.10
N LEU B 77 -14.16 -12.95 -1.05
CA LEU B 77 -14.33 -13.46 0.30
C LEU B 77 -15.81 -13.70 0.62
N LYS B 78 -16.61 -12.66 0.51
CA LYS B 78 -18.03 -12.71 0.89
C LYS B 78 -18.84 -13.51 -0.11
N GLY B 79 -18.52 -13.37 -1.38
CA GLY B 79 -19.30 -14.00 -2.43
C GLY B 79 -20.41 -13.11 -2.91
N SER B 80 -20.07 -11.90 -3.32
CA SER B 80 -21.05 -10.93 -3.76
C SER B 80 -20.44 -10.00 -4.82
N VAL A 1 22.40 5.57 5.55
CA VAL A 1 22.11 5.06 6.91
C VAL A 1 20.79 4.30 6.89
N ALA A 2 19.73 4.98 6.47
CA ALA A 2 18.44 4.36 6.29
C ALA A 2 18.24 4.03 4.82
N SER A 3 17.63 2.89 4.54
CA SER A 3 17.38 2.50 3.17
C SER A 3 16.36 3.43 2.52
N LYS A 4 16.53 3.69 1.24
CA LYS A 4 15.65 4.62 0.55
C LYS A 4 14.40 3.94 0.05
N ALA A 5 13.26 4.41 0.52
CA ALA A 5 11.98 3.89 0.10
C ALA A 5 11.54 4.61 -1.17
N ILE A 6 11.45 3.88 -2.27
CA ILE A 6 11.18 4.48 -3.55
C ILE A 6 9.68 4.43 -3.87
N PHE A 7 9.09 5.60 -4.02
CA PHE A 7 7.69 5.71 -4.35
C PHE A 7 7.53 5.95 -5.84
N TYR A 8 7.16 4.90 -6.57
CA TYR A 8 6.96 5.00 -8.01
C TYR A 8 5.51 5.31 -8.33
N HIS A 9 5.28 6.37 -9.07
CA HIS A 9 3.93 6.70 -9.53
C HIS A 9 3.99 7.42 -10.88
N ALA A 10 2.83 7.60 -11.50
CA ALA A 10 2.77 8.19 -12.82
C ALA A 10 1.87 9.43 -12.85
N GLY A 11 1.60 9.99 -11.68
CA GLY A 11 0.73 11.15 -11.58
C GLY A 11 -0.74 10.78 -11.67
N CYS A 12 -1.04 9.55 -11.29
CA CYS A 12 -2.41 9.07 -11.27
C CYS A 12 -3.15 9.66 -10.06
N PRO A 13 -4.44 9.99 -10.21
CA PRO A 13 -5.26 10.56 -9.14
C PRO A 13 -5.19 9.73 -7.84
N VAL A 14 -4.91 8.45 -7.98
CA VAL A 14 -4.84 7.54 -6.84
C VAL A 14 -3.53 7.72 -6.07
N CYS A 15 -2.43 7.92 -6.79
CA CYS A 15 -1.12 7.95 -6.15
C CYS A 15 -0.88 9.24 -5.40
N VAL A 16 -1.65 10.27 -5.72
CA VAL A 16 -1.56 11.55 -5.02
C VAL A 16 -1.86 11.35 -3.53
N SER A 17 -2.91 10.59 -3.25
CA SER A 17 -3.28 10.28 -1.88
C SER A 17 -2.20 9.45 -1.20
N ALA A 18 -1.71 8.44 -1.92
CA ALA A 18 -0.71 7.53 -1.38
C ALA A 18 0.58 8.27 -1.04
N GLU A 19 0.92 9.25 -1.87
CA GLU A 19 2.13 10.04 -1.67
C GLU A 19 2.04 10.86 -0.38
N GLN A 20 0.96 11.62 -0.25
CA GLN A 20 0.83 12.56 0.85
C GLN A 20 0.28 11.90 2.11
N ALA A 21 0.02 10.60 2.04
CA ALA A 21 -0.40 9.86 3.22
C ALA A 21 0.68 8.84 3.62
N VAL A 22 0.87 7.83 2.78
CA VAL A 22 1.79 6.74 3.10
C VAL A 22 3.24 7.18 2.99
N ALA A 23 3.58 7.80 1.86
CA ALA A 23 4.95 8.23 1.62
C ALA A 23 5.30 9.45 2.47
N ASN A 24 4.27 10.08 3.03
CA ASN A 24 4.48 11.22 3.92
C ASN A 24 4.71 10.74 5.34
N ALA A 25 4.02 9.66 5.71
CA ALA A 25 4.16 9.07 7.04
C ALA A 25 5.58 8.57 7.25
N ILE A 26 6.20 8.07 6.18
CA ILE A 26 7.60 7.68 6.23
C ILE A 26 8.47 8.91 6.06
N ASP A 27 8.85 9.52 7.17
CA ASP A 27 9.67 10.73 7.16
C ASP A 27 11.15 10.35 7.08
N PRO A 28 12.04 11.31 6.74
CA PRO A 28 13.48 11.06 6.61
C PRO A 28 14.13 10.45 7.86
N SER A 29 13.52 10.63 9.02
CA SER A 29 14.05 10.05 10.25
C SER A 29 13.67 8.58 10.36
N LYS A 30 12.71 8.16 9.54
CA LYS A 30 12.34 6.76 9.46
C LYS A 30 13.14 6.08 8.37
N TYR A 31 13.00 6.58 7.15
CA TYR A 31 13.74 6.08 6.00
C TYR A 31 13.98 7.20 5.01
N THR A 32 14.90 7.00 4.08
CA THR A 32 15.19 7.99 3.07
C THR A 32 14.11 7.96 1.99
N VAL A 33 13.43 9.07 1.77
CA VAL A 33 12.32 9.12 0.83
C VAL A 33 12.83 9.41 -0.59
N GLU A 34 12.45 8.55 -1.53
CA GLU A 34 12.83 8.72 -2.92
C GLU A 34 11.60 8.54 -3.81
N ILE A 35 11.18 9.60 -4.49
CA ILE A 35 9.99 9.54 -5.33
C ILE A 35 10.37 9.62 -6.81
N VAL A 36 9.83 8.70 -7.60
CA VAL A 36 10.14 8.66 -9.02
C VAL A 36 8.86 8.72 -9.86
N HIS A 37 8.84 9.62 -10.82
CA HIS A 37 7.70 9.79 -11.70
C HIS A 37 7.90 8.95 -12.97
N LEU A 38 7.03 7.97 -13.17
CA LEU A 38 7.16 7.05 -14.29
C LEU A 38 6.28 7.47 -15.47
N GLY A 39 5.49 8.51 -15.28
CA GLY A 39 4.53 8.90 -16.30
C GLY A 39 5.12 9.85 -17.32
N THR A 40 6.35 9.61 -17.72
CA THR A 40 7.02 10.43 -18.72
C THR A 40 8.17 9.66 -19.36
N ASP A 41 9.18 9.34 -18.57
CA ASP A 41 10.36 8.65 -19.07
C ASP A 41 10.15 7.15 -19.07
N LYS A 42 10.08 6.58 -20.26
CA LYS A 42 9.74 5.18 -20.45
C LYS A 42 10.91 4.27 -20.08
N ALA A 43 12.12 4.82 -20.11
CA ALA A 43 13.31 4.06 -19.75
C ALA A 43 13.27 3.64 -18.29
N ARG A 44 12.49 4.35 -17.49
CA ARG A 44 12.40 4.07 -16.08
C ARG A 44 11.40 2.95 -15.79
N ILE A 45 10.46 2.73 -16.72
CA ILE A 45 9.50 1.64 -16.58
C ILE A 45 10.22 0.29 -16.60
N ALA A 46 11.17 0.16 -17.53
CA ALA A 46 11.93 -1.07 -17.69
C ALA A 46 12.71 -1.40 -16.42
N GLU A 47 13.18 -0.36 -15.74
CA GLU A 47 13.96 -0.53 -14.53
C GLU A 47 13.05 -0.73 -13.32
N ALA A 48 11.93 -0.03 -13.30
CA ALA A 48 10.97 -0.13 -12.21
C ALA A 48 10.38 -1.53 -12.12
N GLU A 49 10.12 -2.13 -13.27
CA GLU A 49 9.60 -3.49 -13.32
C GLU A 49 10.62 -4.48 -12.74
N LYS A 50 11.90 -4.17 -12.89
CA LYS A 50 12.95 -4.97 -12.26
C LYS A 50 12.82 -4.89 -10.75
N ALA A 51 12.53 -3.69 -10.26
CA ALA A 51 12.42 -3.44 -8.82
C ALA A 51 11.17 -4.06 -8.22
N GLY A 52 10.27 -4.52 -9.08
CA GLY A 52 9.07 -5.19 -8.61
C GLY A 52 7.83 -4.36 -8.79
N VAL A 53 7.97 -3.24 -9.49
CA VAL A 53 6.84 -2.37 -9.75
C VAL A 53 6.02 -2.89 -10.91
N LYS A 54 4.87 -3.46 -10.61
CA LYS A 54 3.96 -3.97 -11.62
C LYS A 54 2.76 -3.04 -11.78
N SER A 55 2.54 -2.21 -10.78
CA SER A 55 1.44 -1.25 -10.81
C SER A 55 1.86 0.03 -10.11
N VAL A 56 1.07 1.07 -10.26
CA VAL A 56 1.33 2.33 -9.59
C VAL A 56 0.11 2.78 -8.80
N PRO A 57 0.32 3.39 -7.63
CA PRO A 57 1.66 3.65 -7.10
C PRO A 57 2.27 2.44 -6.39
N ALA A 58 3.59 2.34 -6.46
CA ALA A 58 4.31 1.26 -5.79
C ALA A 58 5.40 1.84 -4.92
N LEU A 59 5.36 1.54 -3.64
CA LEU A 59 6.35 2.03 -2.71
C LEU A 59 7.31 0.90 -2.32
N VAL A 60 8.54 1.02 -2.77
CA VAL A 60 9.55 0.01 -2.49
C VAL A 60 10.17 0.27 -1.12
N ILE A 61 9.76 -0.52 -0.14
CA ILE A 61 10.24 -0.38 1.23
C ILE A 61 11.35 -1.37 1.51
N ASP A 62 12.59 -0.86 1.55
CA ASP A 62 13.77 -1.65 1.89
C ASP A 62 13.92 -2.84 0.94
N GLY A 63 13.64 -2.60 -0.34
CA GLY A 63 13.79 -3.65 -1.34
C GLY A 63 12.48 -4.33 -1.68
N ALA A 64 11.52 -4.28 -0.76
CA ALA A 64 10.23 -4.93 -0.97
C ALA A 64 9.21 -3.95 -1.54
N ALA A 65 8.74 -4.22 -2.75
CA ALA A 65 7.79 -3.33 -3.41
C ALA A 65 6.37 -3.56 -2.91
N PHE A 66 5.79 -2.51 -2.35
CA PHE A 66 4.40 -2.56 -1.89
C PHE A 66 3.56 -1.55 -2.65
N HIS A 67 2.62 -2.06 -3.44
CA HIS A 67 1.71 -1.23 -4.20
C HIS A 67 0.64 -0.65 -3.27
N ILE A 68 0.32 0.61 -3.44
CA ILE A 68 -0.66 1.26 -2.57
C ILE A 68 -1.88 1.70 -3.36
N ASN A 69 -2.92 0.85 -3.33
CA ASN A 69 -4.15 1.09 -4.08
C ASN A 69 -3.91 1.00 -5.59
N PHE A 70 -4.38 -0.09 -6.18
CA PHE A 70 -4.20 -0.32 -7.61
C PHE A 70 -4.95 0.73 -8.43
N GLY A 71 -4.20 1.65 -9.01
CA GLY A 71 -4.79 2.65 -9.87
C GLY A 71 -4.46 2.40 -11.33
N ALA A 72 -3.19 2.18 -11.61
CA ALA A 72 -2.73 1.91 -12.97
C ALA A 72 -1.69 0.82 -12.99
N GLY A 73 -1.51 0.19 -14.13
CA GLY A 73 -0.51 -0.84 -14.27
C GLY A 73 0.69 -0.35 -15.05
N ILE A 74 1.88 -0.82 -14.69
CA ILE A 74 3.10 -0.35 -15.34
C ILE A 74 3.21 -0.97 -16.74
N ASP A 75 2.52 -2.09 -16.94
CA ASP A 75 2.54 -2.79 -18.21
C ASP A 75 1.68 -2.05 -19.23
N ASP A 76 0.67 -1.35 -18.73
CA ASP A 76 -0.20 -0.55 -19.60
C ASP A 76 0.57 0.65 -20.14
N LEU A 77 1.58 1.08 -19.40
CA LEU A 77 2.36 2.27 -19.74
C LEU A 77 3.46 1.94 -20.74
N LYS A 78 3.41 0.74 -21.30
CA LYS A 78 4.41 0.30 -22.27
C LYS A 78 3.87 0.46 -23.69
N GLY A 79 2.69 1.04 -23.81
CA GLY A 79 2.06 1.16 -25.11
C GLY A 79 1.68 2.58 -25.45
N SER A 80 0.41 2.91 -25.23
CA SER A 80 -0.12 4.22 -25.59
C SER A 80 -0.05 5.16 -24.40
N VAL B 1 -4.75 11.73 20.13
CA VAL B 1 -3.37 12.22 19.97
C VAL B 1 -2.76 11.67 18.69
N ALA B 2 -2.60 10.35 18.63
CA ALA B 2 -2.05 9.70 17.46
C ALA B 2 -3.14 8.90 16.76
N SER B 3 -3.26 9.11 15.45
CA SER B 3 -4.23 8.38 14.66
C SER B 3 -3.83 6.91 14.56
N LYS B 4 -4.67 6.09 13.94
CA LYS B 4 -4.40 4.66 13.90
C LYS B 4 -4.41 4.11 12.49
N ALA B 5 -3.74 2.98 12.32
CA ALA B 5 -3.70 2.28 11.06
C ALA B 5 -4.34 0.91 11.21
N ILE B 6 -5.46 0.71 10.54
CA ILE B 6 -6.19 -0.54 10.64
C ILE B 6 -5.82 -1.47 9.49
N PHE B 7 -5.13 -2.55 9.82
CA PHE B 7 -4.71 -3.50 8.80
C PHE B 7 -5.69 -4.66 8.73
N TYR B 8 -6.39 -4.77 7.61
CA TYR B 8 -7.35 -5.83 7.39
C TYR B 8 -6.72 -6.96 6.59
N HIS B 9 -6.77 -8.17 7.13
CA HIS B 9 -6.21 -9.33 6.45
C HIS B 9 -7.05 -10.57 6.71
N ALA B 10 -6.61 -11.70 6.15
CA ALA B 10 -7.31 -12.96 6.31
C ALA B 10 -6.32 -14.12 6.34
N GLY B 11 -5.06 -13.84 6.63
CA GLY B 11 -4.05 -14.88 6.61
C GLY B 11 -3.44 -15.05 5.24
N CYS B 12 -2.55 -14.16 4.89
CA CYS B 12 -1.90 -14.20 3.58
C CYS B 12 -0.41 -13.87 3.73
N PRO B 13 0.44 -14.43 2.85
CA PRO B 13 1.88 -14.14 2.83
C PRO B 13 2.15 -12.65 2.73
N VAL B 14 1.32 -11.96 1.95
CA VAL B 14 1.42 -10.51 1.79
C VAL B 14 1.28 -9.81 3.14
N CYS B 15 0.38 -10.33 3.98
CA CYS B 15 0.09 -9.73 5.27
C CYS B 15 1.30 -9.82 6.19
N VAL B 16 2.03 -10.91 6.10
CA VAL B 16 3.20 -11.13 6.93
C VAL B 16 4.27 -10.09 6.63
N SER B 17 4.65 -9.99 5.36
CA SER B 17 5.66 -9.04 4.94
C SER B 17 5.18 -7.59 5.15
N ALA B 18 3.89 -7.35 4.92
CA ALA B 18 3.33 -6.02 5.10
C ALA B 18 3.41 -5.57 6.55
N GLU B 19 3.21 -6.52 7.47
CA GLU B 19 3.27 -6.24 8.90
C GLU B 19 4.71 -5.94 9.31
N GLN B 20 5.66 -6.60 8.68
CA GLN B 20 7.07 -6.46 9.06
C GLN B 20 7.75 -5.36 8.24
N ALA B 21 7.03 -4.74 7.31
CA ALA B 21 7.58 -3.66 6.51
C ALA B 21 6.73 -2.40 6.61
N VAL B 22 5.51 -2.45 6.08
CA VAL B 22 4.61 -1.30 6.07
C VAL B 22 4.21 -0.94 7.49
N ALA B 23 3.78 -1.95 8.25
CA ALA B 23 3.38 -1.74 9.64
C ALA B 23 4.59 -1.63 10.56
N ASN B 24 5.77 -1.57 9.95
CA ASN B 24 7.00 -1.36 10.69
C ASN B 24 7.52 0.05 10.42
N ALA B 25 7.27 0.52 9.19
CA ALA B 25 7.57 1.89 8.81
C ALA B 25 6.68 2.84 9.59
N ILE B 26 5.43 2.42 9.80
CA ILE B 26 4.52 3.16 10.64
C ILE B 26 4.59 2.60 12.06
N ASP B 27 5.53 3.12 12.84
CA ASP B 27 5.72 2.65 14.21
C ASP B 27 4.76 3.36 15.15
N PRO B 28 4.47 2.75 16.32
CA PRO B 28 3.47 3.27 17.28
C PRO B 28 3.81 4.65 17.85
N SER B 29 4.99 5.16 17.53
CA SER B 29 5.38 6.49 17.97
C SER B 29 4.82 7.53 17.01
N LYS B 30 4.39 7.05 15.85
CA LYS B 30 3.73 7.91 14.87
C LYS B 30 2.24 7.66 14.90
N TYR B 31 1.85 6.41 14.66
CA TYR B 31 0.44 6.02 14.64
C TYR B 31 0.28 4.67 15.30
N THR B 32 -0.91 4.37 15.80
CA THR B 32 -1.17 3.10 16.43
C THR B 32 -1.68 2.08 15.42
N VAL B 33 -1.08 0.90 15.39
CA VAL B 33 -1.44 -0.11 14.40
C VAL B 33 -2.39 -1.14 15.00
N GLU B 34 -3.51 -1.35 14.33
CA GLU B 34 -4.48 -2.35 14.77
C GLU B 34 -4.68 -3.39 13.68
N ILE B 35 -4.39 -4.65 14.00
CA ILE B 35 -4.50 -5.73 13.03
C ILE B 35 -5.86 -6.42 13.17
N VAL B 36 -6.60 -6.51 12.09
CA VAL B 36 -7.93 -7.12 12.11
C VAL B 36 -8.03 -8.27 11.11
N HIS B 37 -8.42 -9.44 11.59
CA HIS B 37 -8.62 -10.60 10.73
C HIS B 37 -10.08 -10.67 10.30
N LEU B 38 -10.34 -10.37 9.03
CA LEU B 38 -11.71 -10.31 8.53
C LEU B 38 -12.32 -11.70 8.38
N GLY B 39 -11.47 -12.72 8.41
CA GLY B 39 -11.95 -14.08 8.32
C GLY B 39 -12.44 -14.59 9.67
N THR B 40 -12.50 -13.69 10.64
CA THR B 40 -12.95 -14.05 11.98
C THR B 40 -14.33 -13.46 12.27
N ASP B 41 -14.73 -12.44 11.52
CA ASP B 41 -16.00 -11.76 11.76
C ASP B 41 -16.62 -11.26 10.46
N LYS B 42 -17.89 -11.58 10.24
CA LYS B 42 -18.57 -11.19 9.00
C LYS B 42 -19.08 -9.76 9.09
N ALA B 43 -19.44 -9.32 10.28
CA ALA B 43 -19.99 -7.98 10.47
C ALA B 43 -18.97 -6.92 10.10
N ARG B 44 -17.73 -7.12 10.54
CA ARG B 44 -16.64 -6.20 10.26
C ARG B 44 -16.36 -6.12 8.77
N ILE B 45 -16.74 -7.17 8.03
CA ILE B 45 -16.60 -7.18 6.58
C ILE B 45 -17.47 -6.08 5.97
N ALA B 46 -18.74 -6.06 6.36
CA ALA B 46 -19.67 -5.02 5.88
C ALA B 46 -19.21 -3.65 6.37
N GLU B 47 -18.65 -3.62 7.57
CA GLU B 47 -18.15 -2.38 8.14
C GLU B 47 -16.96 -1.85 7.34
N ALA B 48 -16.12 -2.77 6.88
CA ALA B 48 -14.98 -2.41 6.05
C ALA B 48 -15.44 -1.81 4.73
N GLU B 49 -16.50 -2.39 4.16
CA GLU B 49 -17.06 -1.88 2.92
C GLU B 49 -17.62 -0.48 3.11
N LYS B 50 -18.10 -0.19 4.33
CA LYS B 50 -18.57 1.15 4.66
C LYS B 50 -17.42 2.15 4.58
N ALA B 51 -16.28 1.76 5.13
CA ALA B 51 -15.11 2.64 5.19
C ALA B 51 -14.46 2.81 3.83
N GLY B 52 -14.72 1.86 2.93
CA GLY B 52 -14.17 1.93 1.59
C GLY B 52 -13.19 0.81 1.30
N VAL B 53 -13.14 -0.17 2.20
CA VAL B 53 -12.27 -1.32 2.01
C VAL B 53 -12.95 -2.35 1.13
N LYS B 54 -12.43 -2.53 -0.07
CA LYS B 54 -13.03 -3.46 -1.02
C LYS B 54 -12.14 -4.68 -1.23
N SER B 55 -10.97 -4.68 -0.60
CA SER B 55 -10.06 -5.80 -0.72
C SER B 55 -9.32 -6.06 0.59
N VAL B 56 -8.98 -7.31 0.83
CA VAL B 56 -8.12 -7.68 1.94
C VAL B 56 -6.66 -7.55 1.49
N PRO B 57 -5.67 -8.06 2.26
CA PRO B 57 -4.44 -7.34 2.57
C PRO B 57 -4.46 -5.87 2.19
N ALA B 58 -4.98 -5.07 3.11
CA ALA B 58 -5.09 -3.63 2.97
C ALA B 58 -4.93 -2.96 4.33
N LEU B 59 -4.55 -1.68 4.32
CA LEU B 59 -4.34 -0.96 5.57
C LEU B 59 -4.99 0.42 5.50
N VAL B 60 -5.78 0.73 6.52
CA VAL B 60 -6.48 2.01 6.59
C VAL B 60 -5.76 2.97 7.53
N ILE B 61 -5.22 4.05 6.97
CA ILE B 61 -4.54 5.06 7.78
C ILE B 61 -5.52 6.13 8.22
N ASP B 62 -5.79 6.17 9.53
CA ASP B 62 -6.69 7.16 10.12
C ASP B 62 -8.14 6.92 9.72
N GLY B 63 -8.42 7.14 8.45
CA GLY B 63 -9.73 6.93 7.91
C GLY B 63 -9.70 6.76 6.40
N ALA B 64 -8.51 6.50 5.86
CA ALA B 64 -8.34 6.33 4.42
C ALA B 64 -7.82 4.93 4.12
N ALA B 65 -8.52 4.21 3.26
CA ALA B 65 -8.18 2.84 2.95
C ALA B 65 -7.08 2.75 1.88
N PHE B 66 -5.97 2.14 2.24
CA PHE B 66 -4.87 1.93 1.30
C PHE B 66 -4.61 0.43 1.16
N HIS B 67 -5.07 -0.13 0.05
CA HIS B 67 -4.87 -1.55 -0.23
C HIS B 67 -3.41 -1.81 -0.54
N ILE B 68 -2.80 -2.74 0.18
CA ILE B 68 -1.38 -3.03 0.02
C ILE B 68 -1.18 -4.20 -0.92
N ASN B 69 -0.70 -3.89 -2.13
CA ASN B 69 -0.59 -4.88 -3.19
C ASN B 69 -1.98 -5.39 -3.56
N PHE B 70 -2.05 -6.53 -4.21
CA PHE B 70 -3.31 -7.15 -4.48
C PHE B 70 -3.47 -8.40 -3.63
N GLY B 71 -4.10 -8.25 -2.47
CA GLY B 71 -4.39 -9.38 -1.65
C GLY B 71 -5.56 -10.16 -2.18
N ALA B 72 -6.73 -9.91 -1.65
CA ALA B 72 -7.93 -10.54 -2.18
C ALA B 72 -9.07 -9.56 -2.19
N GLY B 73 -10.13 -9.85 -2.93
CA GLY B 73 -11.31 -9.02 -2.87
C GLY B 73 -12.07 -9.27 -1.58
N ILE B 74 -12.78 -8.26 -1.09
CA ILE B 74 -13.53 -8.43 0.14
C ILE B 74 -14.70 -9.37 -0.09
N ASP B 75 -15.07 -9.54 -1.35
CA ASP B 75 -16.14 -10.45 -1.73
C ASP B 75 -15.63 -11.88 -1.77
N ASP B 76 -14.31 -12.05 -1.78
CA ASP B 76 -13.69 -13.37 -1.72
C ASP B 76 -14.02 -14.05 -0.42
N LEU B 77 -14.13 -13.26 0.64
CA LEU B 77 -14.46 -13.76 1.97
C LEU B 77 -15.92 -14.21 2.01
N LYS B 78 -16.73 -13.60 1.16
CA LYS B 78 -18.16 -13.87 1.13
C LYS B 78 -18.43 -15.20 0.41
N GLY B 79 -17.54 -15.55 -0.51
CA GLY B 79 -17.70 -16.78 -1.25
C GLY B 79 -18.64 -16.60 -2.42
N SER B 80 -19.22 -17.70 -2.88
CA SER B 80 -20.17 -17.65 -3.99
C SER B 80 -21.55 -17.22 -3.48
N VAL A 1 18.26 2.84 11.32
CA VAL A 1 18.74 3.01 9.93
C VAL A 1 17.60 3.40 9.02
N ALA A 2 17.78 4.50 8.28
CA ALA A 2 16.81 4.92 7.30
C ALA A 2 16.84 3.98 6.10
N SER A 3 15.81 3.17 5.95
CA SER A 3 15.75 2.18 4.88
C SER A 3 15.34 2.85 3.58
N LYS A 4 15.84 2.31 2.47
CA LYS A 4 15.58 2.86 1.15
C LYS A 4 14.17 2.50 0.69
N ALA A 5 13.32 3.51 0.54
CA ALA A 5 11.95 3.28 0.12
C ALA A 5 11.60 4.12 -1.10
N ILE A 6 11.49 3.47 -2.24
CA ILE A 6 11.20 4.17 -3.48
C ILE A 6 9.71 4.17 -3.77
N PHE A 7 9.15 5.34 -3.97
CA PHE A 7 7.75 5.50 -4.28
C PHE A 7 7.58 5.70 -5.79
N TYR A 8 7.20 4.63 -6.47
CA TYR A 8 6.99 4.68 -7.91
C TYR A 8 5.55 5.08 -8.23
N HIS A 9 5.39 6.08 -9.07
CA HIS A 9 4.08 6.45 -9.57
C HIS A 9 4.21 7.01 -10.98
N ALA A 10 3.14 6.97 -11.77
CA ALA A 10 3.22 7.36 -13.17
C ALA A 10 1.98 8.11 -13.62
N GLY A 11 1.14 8.53 -12.69
CA GLY A 11 -0.05 9.24 -13.06
C GLY A 11 -0.19 10.54 -12.30
N CYS A 12 -1.16 10.57 -11.40
CA CYS A 12 -1.44 11.76 -10.61
C CYS A 12 -2.51 11.48 -9.54
N PRO A 13 -3.77 11.15 -9.94
CA PRO A 13 -4.90 11.04 -8.99
C PRO A 13 -4.59 10.18 -7.77
N VAL A 14 -4.53 8.86 -7.98
CA VAL A 14 -4.29 7.92 -6.88
C VAL A 14 -2.86 8.05 -6.35
N CYS A 15 -1.98 8.58 -7.18
CA CYS A 15 -0.58 8.72 -6.82
C CYS A 15 -0.39 9.79 -5.74
N VAL A 16 -1.02 10.94 -5.94
CA VAL A 16 -0.93 12.04 -5.00
C VAL A 16 -1.60 11.67 -3.68
N SER A 17 -2.65 10.86 -3.76
CA SER A 17 -3.34 10.37 -2.57
C SER A 17 -2.36 9.67 -1.64
N ALA A 18 -1.52 8.81 -2.22
CA ALA A 18 -0.54 8.07 -1.44
C ALA A 18 0.63 8.96 -1.06
N GLU A 19 0.95 9.92 -1.91
CA GLU A 19 2.06 10.84 -1.66
C GLU A 19 1.77 11.71 -0.43
N GLN A 20 0.54 12.20 -0.34
CA GLN A 20 0.17 13.09 0.75
C GLN A 20 -0.13 12.32 2.04
N ALA A 21 -0.63 11.10 1.90
CA ALA A 21 -1.00 10.31 3.05
C ALA A 21 0.15 9.40 3.52
N VAL A 22 0.50 8.43 2.68
CA VAL A 22 1.47 7.41 3.06
C VAL A 22 2.88 7.99 3.19
N ALA A 23 3.29 8.77 2.18
CA ALA A 23 4.66 9.30 2.15
C ALA A 23 4.89 10.35 3.24
N ASN A 24 3.82 10.86 3.82
CA ASN A 24 3.94 11.83 4.91
C ASN A 24 3.69 11.17 6.25
N ALA A 25 3.12 9.96 6.22
CA ALA A 25 2.92 9.19 7.43
C ALA A 25 4.23 8.55 7.87
N ILE A 26 5.05 8.24 6.88
CA ILE A 26 6.39 7.71 7.15
C ILE A 26 7.37 8.86 7.31
N ASP A 27 8.29 8.74 8.25
CA ASP A 27 9.26 9.79 8.51
C ASP A 27 10.45 9.65 7.58
N PRO A 28 10.87 10.74 6.91
CA PRO A 28 11.99 10.73 5.96
C PRO A 28 13.34 10.44 6.62
N SER A 29 13.40 10.51 7.94
CA SER A 29 14.61 10.15 8.66
C SER A 29 14.48 8.74 9.25
N LYS A 30 13.33 8.14 9.01
CA LYS A 30 13.08 6.76 9.40
C LYS A 30 13.24 5.88 8.17
N TYR A 31 12.71 6.36 7.06
CA TYR A 31 12.85 5.71 5.77
C TYR A 31 13.16 6.75 4.71
N THR A 32 14.07 6.43 3.81
CA THR A 32 14.45 7.33 2.74
C THR A 32 13.46 7.23 1.59
N VAL A 33 12.45 8.09 1.61
CA VAL A 33 11.39 8.07 0.61
C VAL A 33 11.85 8.77 -0.68
N GLU A 34 11.98 8.00 -1.74
CA GLU A 34 12.38 8.53 -3.04
C GLU A 34 11.20 8.50 -3.99
N ILE A 35 10.69 9.67 -4.34
CA ILE A 35 9.53 9.77 -5.22
C ILE A 35 9.96 9.77 -6.68
N VAL A 36 9.56 8.75 -7.42
CA VAL A 36 9.94 8.61 -8.83
C VAL A 36 8.72 8.52 -9.72
N HIS A 37 8.65 9.41 -10.71
CA HIS A 37 7.53 9.43 -11.65
C HIS A 37 7.91 8.70 -12.94
N LEU A 38 7.31 7.54 -13.15
CA LEU A 38 7.62 6.71 -14.31
C LEU A 38 7.02 7.30 -15.58
N GLY A 39 6.16 8.29 -15.42
CA GLY A 39 5.56 8.93 -16.57
C GLY A 39 6.47 9.97 -17.18
N THR A 40 7.44 10.43 -16.40
CA THR A 40 8.39 11.43 -16.86
C THR A 40 9.66 10.77 -17.40
N ASP A 41 10.05 9.67 -16.78
CA ASP A 41 11.27 8.98 -17.17
C ASP A 41 10.95 7.58 -17.68
N LYS A 42 11.30 7.31 -18.94
CA LYS A 42 10.98 6.04 -19.57
C LYS A 42 12.01 4.97 -19.22
N ALA A 43 13.18 5.39 -18.74
CA ALA A 43 14.25 4.47 -18.42
C ALA A 43 13.98 3.80 -17.07
N ARG A 44 13.39 4.56 -16.16
CA ARG A 44 13.01 4.04 -14.86
C ARG A 44 11.96 2.94 -14.98
N ILE A 45 11.25 2.92 -16.10
CA ILE A 45 10.27 1.87 -16.37
C ILE A 45 10.97 0.52 -16.45
N ALA A 46 12.13 0.49 -17.10
CA ALA A 46 12.92 -0.72 -17.21
C ALA A 46 13.48 -1.10 -15.84
N GLU A 47 13.89 -0.10 -15.08
CA GLU A 47 14.38 -0.31 -13.71
C GLU A 47 13.29 -0.92 -12.85
N ALA A 48 12.10 -0.34 -12.92
CA ALA A 48 10.95 -0.82 -12.15
C ALA A 48 10.57 -2.24 -12.56
N GLU A 49 10.65 -2.53 -13.86
CA GLU A 49 10.32 -3.86 -14.37
C GLU A 49 11.29 -4.90 -13.80
N LYS A 50 12.58 -4.57 -13.79
CA LYS A 50 13.60 -5.46 -13.26
C LYS A 50 13.42 -5.66 -11.76
N ALA A 51 12.94 -4.62 -11.09
CA ALA A 51 12.68 -4.68 -9.65
C ALA A 51 11.45 -5.52 -9.36
N GLY A 52 10.46 -5.45 -10.25
CA GLY A 52 9.25 -6.24 -10.08
C GLY A 52 8.02 -5.39 -9.87
N VAL A 53 8.12 -4.10 -10.19
CA VAL A 53 7.00 -3.18 -10.03
C VAL A 53 5.99 -3.38 -11.15
N LYS A 54 4.78 -3.80 -10.78
CA LYS A 54 3.75 -4.11 -11.76
C LYS A 54 2.81 -2.93 -11.96
N SER A 55 2.57 -2.18 -10.91
CA SER A 55 1.63 -1.07 -10.98
C SER A 55 2.06 0.08 -10.10
N VAL A 56 1.44 1.24 -10.29
CA VAL A 56 1.73 2.41 -9.49
C VAL A 56 0.44 3.02 -8.97
N PRO A 57 0.48 3.71 -7.82
CA PRO A 57 1.73 3.94 -7.08
C PRO A 57 2.17 2.70 -6.29
N ALA A 58 3.47 2.56 -6.12
CA ALA A 58 4.03 1.42 -5.40
C ALA A 58 5.15 1.89 -4.47
N LEU A 59 5.10 1.43 -3.23
CA LEU A 59 6.12 1.75 -2.25
C LEU A 59 7.10 0.60 -2.13
N VAL A 60 8.27 0.76 -2.74
CA VAL A 60 9.29 -0.27 -2.72
C VAL A 60 10.23 -0.07 -1.54
N ILE A 61 9.99 -0.82 -0.48
CA ILE A 61 10.81 -0.71 0.73
C ILE A 61 11.92 -1.75 0.72
N ASP A 62 13.15 -1.28 0.47
CA ASP A 62 14.34 -2.12 0.52
C ASP A 62 14.23 -3.28 -0.48
N GLY A 63 13.50 -3.06 -1.56
CA GLY A 63 13.34 -4.08 -2.57
C GLY A 63 11.95 -4.67 -2.60
N ALA A 64 11.24 -4.58 -1.49
CA ALA A 64 9.89 -5.11 -1.40
C ALA A 64 8.88 -4.10 -1.94
N ALA A 65 8.26 -4.42 -3.07
CA ALA A 65 7.32 -3.52 -3.71
C ALA A 65 5.92 -3.68 -3.13
N PHE A 66 5.46 -2.66 -2.44
CA PHE A 66 4.10 -2.65 -1.91
C PHE A 66 3.24 -1.70 -2.73
N HIS A 67 2.45 -2.27 -3.62
CA HIS A 67 1.56 -1.49 -4.48
C HIS A 67 0.46 -0.85 -3.65
N ILE A 68 0.24 0.44 -3.85
CA ILE A 68 -0.77 1.17 -3.08
C ILE A 68 -1.96 1.50 -3.96
N ASN A 69 -3.01 0.70 -3.82
CA ASN A 69 -4.21 0.82 -4.66
C ASN A 69 -3.85 0.55 -6.13
N PHE A 70 -4.73 0.91 -7.04
CA PHE A 70 -4.45 0.72 -8.46
C PHE A 70 -4.65 2.01 -9.23
N GLY A 71 -3.57 2.58 -9.70
CA GLY A 71 -3.65 3.78 -10.52
C GLY A 71 -3.33 3.48 -11.96
N ALA A 72 -2.09 3.06 -12.22
CA ALA A 72 -1.66 2.68 -13.55
C ALA A 72 -0.78 1.45 -13.49
N GLY A 73 -0.78 0.64 -14.54
CA GLY A 73 0.08 -0.52 -14.57
C GLY A 73 1.22 -0.34 -15.54
N ILE A 74 2.33 -1.04 -15.28
CA ILE A 74 3.49 -0.97 -16.16
C ILE A 74 3.16 -1.61 -17.49
N ASP A 75 2.20 -2.52 -17.47
CA ASP A 75 1.73 -3.19 -18.68
C ASP A 75 1.00 -2.21 -19.59
N ASP A 76 0.48 -1.15 -19.00
CA ASP A 76 -0.22 -0.11 -19.75
C ASP A 76 0.77 0.90 -20.31
N LEU A 77 1.84 1.12 -19.57
CA LEU A 77 2.84 2.13 -19.93
C LEU A 77 3.62 1.74 -21.17
N LYS A 78 3.61 0.45 -21.49
CA LYS A 78 4.34 -0.05 -22.65
C LYS A 78 3.62 0.27 -23.96
N GLY A 79 3.80 1.50 -24.43
CA GLY A 79 3.28 1.89 -25.72
C GLY A 79 1.82 2.29 -25.69
N SER A 80 1.00 1.47 -25.01
CA SER A 80 -0.45 1.66 -24.99
C SER A 80 -1.03 1.44 -26.38
N VAL B 1 -2.28 14.53 19.07
CA VAL B 1 -2.90 13.18 19.14
C VAL B 1 -2.52 12.36 17.92
N ALA B 2 -2.10 11.12 18.16
CA ALA B 2 -1.71 10.24 17.07
C ALA B 2 -2.92 9.63 16.40
N SER B 3 -3.05 9.86 15.09
CA SER B 3 -4.13 9.26 14.32
C SER B 3 -3.90 7.77 14.15
N LYS B 4 -4.94 7.00 13.89
CA LYS B 4 -4.78 5.56 13.80
C LYS B 4 -4.87 5.06 12.37
N ALA B 5 -4.17 3.97 12.11
CA ALA B 5 -4.18 3.34 10.80
C ALA B 5 -4.62 1.89 10.95
N ILE B 6 -5.73 1.56 10.33
CA ILE B 6 -6.30 0.23 10.46
C ILE B 6 -5.96 -0.64 9.26
N PHE B 7 -5.27 -1.74 9.52
CA PHE B 7 -4.83 -2.65 8.47
C PHE B 7 -5.77 -3.86 8.43
N TYR B 8 -6.41 -4.05 7.29
CA TYR B 8 -7.39 -5.11 7.14
C TYR B 8 -6.83 -6.27 6.32
N HIS B 9 -6.96 -7.48 6.87
CA HIS B 9 -6.59 -8.68 6.14
C HIS B 9 -7.31 -9.88 6.75
N ALA B 10 -7.31 -11.00 6.05
CA ALA B 10 -8.05 -12.18 6.49
C ALA B 10 -7.13 -13.38 6.63
N GLY B 11 -5.84 -13.13 6.81
CA GLY B 11 -4.88 -14.22 6.89
C GLY B 11 -4.42 -14.64 5.51
N CYS B 12 -3.58 -13.82 4.90
CA CYS B 12 -3.09 -14.08 3.56
C CYS B 12 -1.56 -14.01 3.54
N PRO B 13 -0.92 -14.80 2.67
CA PRO B 13 0.55 -14.78 2.55
C PRO B 13 1.07 -13.42 2.08
N VAL B 14 0.18 -12.62 1.51
CA VAL B 14 0.53 -11.30 1.01
C VAL B 14 0.61 -10.28 2.14
N CYS B 15 -0.36 -10.33 3.05
CA CYS B 15 -0.46 -9.31 4.08
C CYS B 15 0.56 -9.53 5.19
N VAL B 16 1.09 -10.75 5.30
CA VAL B 16 2.13 -11.04 6.28
C VAL B 16 3.32 -10.11 6.10
N SER B 17 3.78 -9.99 4.85
CA SER B 17 4.90 -9.12 4.53
C SER B 17 4.55 -7.66 4.81
N ALA B 18 3.33 -7.26 4.47
CA ALA B 18 2.88 -5.89 4.68
C ALA B 18 2.78 -5.56 6.16
N GLU B 19 2.31 -6.53 6.94
CA GLU B 19 2.13 -6.34 8.37
C GLU B 19 3.48 -6.20 9.09
N GLN B 20 4.51 -6.84 8.53
CA GLN B 20 5.83 -6.79 9.15
C GLN B 20 6.70 -5.67 8.58
N ALA B 21 6.40 -5.23 7.35
CA ALA B 21 7.19 -4.20 6.71
C ALA B 21 6.51 -2.84 6.77
N VAL B 22 5.32 -2.74 6.18
CA VAL B 22 4.61 -1.47 6.11
C VAL B 22 4.21 -0.99 7.50
N ALA B 23 3.78 -1.93 8.34
CA ALA B 23 3.39 -1.61 9.70
C ALA B 23 4.61 -1.50 10.61
N ASN B 24 5.79 -1.50 10.00
CA ASN B 24 7.02 -1.16 10.72
C ASN B 24 7.57 0.15 10.17
N ALA B 25 7.16 0.49 8.95
CA ALA B 25 7.46 1.80 8.38
C ALA B 25 6.68 2.86 9.12
N ILE B 26 5.40 2.57 9.34
CA ILE B 26 4.57 3.38 10.20
C ILE B 26 4.44 2.68 11.55
N ASP B 27 5.25 3.10 12.50
CA ASP B 27 5.30 2.45 13.80
C ASP B 27 4.14 2.91 14.68
N PRO B 28 3.61 1.99 15.51
CA PRO B 28 2.45 2.26 16.38
C PRO B 28 2.69 3.41 17.35
N SER B 29 3.95 3.76 17.57
CA SER B 29 4.30 4.85 18.46
C SER B 29 4.30 6.19 17.72
N LYS B 30 4.21 6.13 16.40
CA LYS B 30 4.10 7.33 15.58
C LYS B 30 2.64 7.55 15.21
N TYR B 31 2.02 6.47 14.74
CA TYR B 31 0.59 6.45 14.46
C TYR B 31 0.01 5.16 15.01
N THR B 32 -1.20 5.21 15.55
CA THR B 32 -1.80 4.05 16.19
C THR B 32 -2.20 3.00 15.15
N VAL B 33 -1.33 2.03 14.93
CA VAL B 33 -1.60 0.96 13.96
C VAL B 33 -2.47 -0.12 14.59
N GLU B 34 -3.62 -0.37 13.98
CA GLU B 34 -4.56 -1.37 14.47
C GLU B 34 -4.80 -2.43 13.40
N ILE B 35 -4.47 -3.67 13.72
CA ILE B 35 -4.65 -4.78 12.79
C ILE B 35 -6.04 -5.38 12.93
N VAL B 36 -6.74 -5.50 11.82
CA VAL B 36 -8.08 -6.08 11.82
C VAL B 36 -8.08 -7.39 11.03
N HIS B 37 -8.11 -8.50 11.75
CA HIS B 37 -8.07 -9.82 11.15
C HIS B 37 -9.49 -10.32 10.86
N LEU B 38 -9.84 -10.36 9.58
CA LEU B 38 -11.18 -10.74 9.16
C LEU B 38 -11.39 -12.24 9.27
N GLY B 39 -10.31 -12.98 9.41
CA GLY B 39 -10.39 -14.42 9.59
C GLY B 39 -10.75 -14.78 11.01
N THR B 40 -10.52 -13.83 11.92
CA THR B 40 -10.87 -14.00 13.32
C THR B 40 -12.35 -13.70 13.53
N ASP B 41 -12.83 -12.63 12.93
CA ASP B 41 -14.24 -12.25 13.05
C ASP B 41 -14.82 -11.92 11.69
N LYS B 42 -15.85 -12.65 11.30
CA LYS B 42 -16.58 -12.33 10.08
C LYS B 42 -17.35 -11.03 10.25
N ALA B 43 -17.52 -10.64 11.51
CA ALA B 43 -18.13 -9.37 11.84
C ALA B 43 -17.24 -8.21 11.41
N ARG B 44 -15.93 -8.44 11.45
CA ARG B 44 -14.96 -7.42 11.06
C ARG B 44 -14.98 -7.22 9.56
N ILE B 45 -15.48 -8.22 8.83
CA ILE B 45 -15.68 -8.10 7.39
C ILE B 45 -16.65 -6.96 7.10
N ALA B 46 -17.70 -6.90 7.91
CA ALA B 46 -18.69 -5.83 7.79
C ALA B 46 -18.06 -4.49 8.14
N GLU B 47 -17.19 -4.49 9.15
CA GLU B 47 -16.51 -3.27 9.58
C GLU B 47 -15.62 -2.74 8.47
N ALA B 48 -15.01 -3.64 7.72
CA ALA B 48 -14.21 -3.27 6.57
C ALA B 48 -15.07 -2.51 5.55
N GLU B 49 -16.25 -3.05 5.27
CA GLU B 49 -17.18 -2.40 4.35
C GLU B 49 -17.64 -1.05 4.91
N LYS B 50 -17.77 -0.97 6.23
CA LYS B 50 -18.15 0.28 6.91
C LYS B 50 -17.10 1.37 6.64
N ALA B 51 -15.84 0.97 6.60
CA ALA B 51 -14.74 1.90 6.35
C ALA B 51 -14.57 2.16 4.86
N GLY B 52 -15.04 1.22 4.05
CA GLY B 52 -14.95 1.37 2.60
C GLY B 52 -13.93 0.45 1.98
N VAL B 53 -13.44 -0.51 2.77
CA VAL B 53 -12.45 -1.47 2.31
C VAL B 53 -13.09 -2.43 1.31
N LYS B 54 -12.54 -2.46 0.11
CA LYS B 54 -13.14 -3.23 -0.97
C LYS B 54 -12.36 -4.50 -1.24
N SER B 55 -11.13 -4.57 -0.75
CA SER B 55 -10.33 -5.76 -0.88
C SER B 55 -9.46 -5.98 0.36
N VAL B 56 -9.21 -7.25 0.69
CA VAL B 56 -8.30 -7.59 1.76
C VAL B 56 -6.86 -7.36 1.30
N PRO B 57 -5.83 -7.71 2.12
CA PRO B 57 -4.67 -6.91 2.36
C PRO B 57 -4.75 -5.46 1.89
N ALA B 58 -5.24 -4.61 2.81
CA ALA B 58 -5.36 -3.18 2.60
C ALA B 58 -5.13 -2.44 3.91
N LEU B 59 -4.66 -1.20 3.83
CA LEU B 59 -4.39 -0.40 5.02
C LEU B 59 -5.15 0.94 4.93
N VAL B 60 -5.92 1.24 5.96
CA VAL B 60 -6.74 2.45 5.98
C VAL B 60 -6.17 3.47 6.97
N ILE B 61 -5.75 4.62 6.46
CA ILE B 61 -5.20 5.68 7.30
C ILE B 61 -6.29 6.70 7.64
N ASP B 62 -6.75 6.69 8.90
CA ASP B 62 -7.79 7.61 9.40
C ASP B 62 -9.16 7.34 8.78
N GLY B 63 -9.18 6.90 7.55
CA GLY B 63 -10.43 6.70 6.83
C GLY B 63 -10.19 6.49 5.34
N ALA B 64 -9.02 6.89 4.86
CA ALA B 64 -8.66 6.67 3.47
C ALA B 64 -8.08 5.27 3.29
N ALA B 65 -8.70 4.48 2.43
CA ALA B 65 -8.30 3.10 2.23
C ALA B 65 -7.23 2.96 1.16
N PHE B 66 -6.09 2.40 1.55
CA PHE B 66 -5.01 2.14 0.62
C PHE B 66 -4.71 0.64 0.58
N HIS B 67 -5.15 -0.03 -0.47
CA HIS B 67 -4.89 -1.45 -0.64
C HIS B 67 -3.39 -1.68 -0.84
N ILE B 68 -2.79 -2.49 0.00
CA ILE B 68 -1.35 -2.69 -0.02
C ILE B 68 -1.01 -4.04 -0.63
N ASN B 69 -0.67 -4.01 -1.92
CA ASN B 69 -0.51 -5.22 -2.72
C ASN B 69 -1.83 -5.95 -2.78
N PHE B 70 -2.57 -5.71 -3.87
CA PHE B 70 -3.93 -6.22 -4.04
C PHE B 70 -4.05 -7.66 -3.57
N GLY B 71 -4.69 -7.83 -2.41
CA GLY B 71 -4.90 -9.15 -1.87
C GLY B 71 -6.06 -9.84 -2.52
N ALA B 72 -7.23 -9.73 -1.90
CA ALA B 72 -8.41 -10.42 -2.43
C ALA B 72 -9.66 -9.55 -2.34
N GLY B 73 -10.62 -9.81 -3.20
CA GLY B 73 -11.88 -9.09 -3.12
C GLY B 73 -12.66 -9.49 -1.90
N ILE B 74 -13.01 -8.53 -1.06
CA ILE B 74 -13.69 -8.83 0.20
C ILE B 74 -15.12 -9.32 -0.05
N ASP B 75 -15.69 -8.90 -1.17
CA ASP B 75 -17.05 -9.26 -1.51
C ASP B 75 -17.11 -10.71 -1.98
N ASP B 76 -15.99 -11.22 -2.49
CA ASP B 76 -15.90 -12.60 -2.94
C ASP B 76 -16.02 -13.55 -1.76
N LEU B 77 -15.67 -13.05 -0.58
CA LEU B 77 -15.69 -13.86 0.64
C LEU B 77 -17.12 -14.10 1.11
N LYS B 78 -18.08 -13.51 0.41
CA LYS B 78 -19.48 -13.70 0.71
C LYS B 78 -20.01 -14.93 -0.02
N GLY B 79 -19.26 -15.38 -1.02
CA GLY B 79 -19.69 -16.51 -1.81
C GLY B 79 -18.86 -17.75 -1.52
N SER B 80 -19.33 -18.57 -0.60
CA SER B 80 -18.66 -19.81 -0.27
C SER B 80 -19.69 -20.85 0.17
N VAL A 1 21.58 8.42 7.35
CA VAL A 1 21.60 7.06 6.77
C VAL A 1 20.33 6.31 7.14
N ALA A 2 19.59 5.90 6.12
CA ALA A 2 18.36 5.14 6.32
C ALA A 2 18.01 4.37 5.05
N SER A 3 17.25 3.29 5.20
CA SER A 3 16.77 2.53 4.06
C SER A 3 15.73 3.35 3.30
N LYS A 4 15.85 3.39 1.98
CA LYS A 4 14.97 4.22 1.19
C LYS A 4 13.78 3.45 0.63
N ALA A 5 12.68 4.15 0.52
CA ALA A 5 11.49 3.63 -0.12
C ALA A 5 11.22 4.41 -1.40
N ILE A 6 11.21 3.74 -2.53
CA ILE A 6 11.07 4.41 -3.81
C ILE A 6 9.61 4.42 -4.23
N PHE A 7 9.03 5.60 -4.29
CA PHE A 7 7.64 5.74 -4.66
C PHE A 7 7.52 6.08 -6.14
N TYR A 8 7.21 5.06 -6.95
CA TYR A 8 7.04 5.25 -8.38
C TYR A 8 5.59 5.58 -8.71
N HIS A 9 5.38 6.70 -9.39
CA HIS A 9 4.05 7.08 -9.85
C HIS A 9 4.12 7.89 -11.14
N ALA A 10 2.97 8.29 -11.65
CA ALA A 10 2.90 8.97 -12.94
C ALA A 10 2.22 10.33 -12.84
N GLY A 11 2.15 10.87 -11.64
CA GLY A 11 1.55 12.18 -11.43
C GLY A 11 0.06 12.18 -11.72
N CYS A 12 -0.66 11.30 -11.04
CA CYS A 12 -2.10 11.20 -11.20
C CYS A 12 -2.79 11.36 -9.84
N PRO A 13 -4.04 11.86 -9.82
CA PRO A 13 -4.79 12.11 -8.58
C PRO A 13 -4.68 10.98 -7.55
N VAL A 14 -4.81 9.74 -8.02
CA VAL A 14 -4.76 8.58 -7.14
C VAL A 14 -3.39 8.46 -6.45
N CYS A 15 -2.31 8.57 -7.21
CA CYS A 15 -0.98 8.39 -6.65
C CYS A 15 -0.55 9.60 -5.85
N VAL A 16 -1.03 10.78 -6.23
CA VAL A 16 -0.78 12.00 -5.48
C VAL A 16 -1.37 11.89 -4.08
N SER A 17 -2.52 11.25 -3.98
CA SER A 17 -3.19 11.04 -2.71
C SER A 17 -2.37 10.07 -1.84
N ALA A 18 -1.82 9.04 -2.48
CA ALA A 18 -0.99 8.06 -1.78
C ALA A 18 0.32 8.70 -1.35
N GLU A 19 0.84 9.59 -2.18
CA GLU A 19 2.07 10.33 -1.90
C GLU A 19 1.90 11.21 -0.66
N GLN A 20 0.68 11.71 -0.47
CA GLN A 20 0.38 12.58 0.66
C GLN A 20 0.06 11.77 1.91
N ALA A 21 -0.66 10.67 1.74
CA ALA A 21 -1.10 9.87 2.87
C ALA A 21 -0.08 8.78 3.24
N VAL A 22 0.05 7.78 2.38
CA VAL A 22 0.89 6.62 2.69
C VAL A 22 2.37 6.99 2.73
N ALA A 23 2.80 7.81 1.79
CA ALA A 23 4.20 8.20 1.68
C ALA A 23 4.57 9.25 2.74
N ASN A 24 3.63 9.56 3.62
CA ASN A 24 3.91 10.44 4.75
C ASN A 24 3.70 9.67 6.06
N ALA A 25 2.87 8.62 5.99
CA ALA A 25 2.64 7.74 7.13
C ALA A 25 3.96 7.08 7.54
N ILE A 26 4.76 6.74 6.54
CA ILE A 26 6.12 6.29 6.79
C ILE A 26 7.01 7.52 6.95
N ASP A 27 7.52 7.72 8.17
CA ASP A 27 8.25 8.93 8.50
C ASP A 27 9.50 9.08 7.64
N PRO A 28 9.59 10.16 6.86
CA PRO A 28 10.73 10.42 5.96
C PRO A 28 12.03 10.65 6.72
N SER A 29 11.94 10.85 8.02
CA SER A 29 13.13 11.03 8.84
C SER A 29 13.47 9.74 9.57
N LYS A 30 12.72 8.69 9.26
CA LYS A 30 12.98 7.37 9.81
C LYS A 30 13.31 6.41 8.67
N TYR A 31 12.64 6.62 7.54
CA TYR A 31 12.94 5.93 6.29
C TYR A 31 12.99 6.95 5.17
N THR A 32 14.01 6.84 4.32
CA THR A 32 14.20 7.81 3.24
C THR A 32 13.18 7.60 2.14
N VAL A 33 12.18 8.47 2.08
CA VAL A 33 11.17 8.39 1.04
C VAL A 33 11.67 9.06 -0.24
N GLU A 34 11.93 8.25 -1.25
CA GLU A 34 12.43 8.77 -2.52
C GLU A 34 11.38 8.56 -3.60
N ILE A 35 10.83 9.66 -4.09
CA ILE A 35 9.75 9.62 -5.06
C ILE A 35 10.28 9.80 -6.49
N VAL A 36 9.89 8.91 -7.39
CA VAL A 36 10.37 8.95 -8.75
C VAL A 36 9.21 8.87 -9.74
N HIS A 37 9.19 9.78 -10.71
CA HIS A 37 8.17 9.78 -11.74
C HIS A 37 8.51 8.73 -12.79
N LEU A 38 7.62 7.77 -12.97
CA LEU A 38 7.88 6.64 -13.85
C LEU A 38 7.38 6.92 -15.27
N GLY A 39 6.43 7.85 -15.38
CA GLY A 39 5.77 8.08 -16.65
C GLY A 39 6.51 9.05 -17.56
N THR A 40 7.65 9.55 -17.10
CA THR A 40 8.43 10.51 -17.88
C THR A 40 9.60 9.85 -18.58
N ASP A 41 10.25 8.90 -17.91
CA ASP A 41 11.45 8.27 -18.44
C ASP A 41 11.26 6.77 -18.63
N LYS A 42 11.66 6.27 -19.79
CA LYS A 42 11.48 4.86 -20.12
C LYS A 42 12.67 4.03 -19.66
N ALA A 43 13.71 4.67 -19.15
CA ALA A 43 14.87 3.96 -18.64
C ALA A 43 14.58 3.40 -17.26
N ARG A 44 13.81 4.15 -16.48
CA ARG A 44 13.40 3.72 -15.15
C ARG A 44 12.35 2.62 -15.25
N ILE A 45 11.75 2.47 -16.43
CA ILE A 45 10.80 1.40 -16.67
C ILE A 45 11.49 0.05 -16.54
N ALA A 46 12.73 -0.02 -17.02
CA ALA A 46 13.52 -1.24 -16.90
C ALA A 46 13.87 -1.50 -15.43
N GLU A 47 14.08 -0.43 -14.68
CA GLU A 47 14.32 -0.54 -13.25
C GLU A 47 13.06 -1.03 -12.53
N ALA A 48 11.91 -0.58 -13.02
CA ALA A 48 10.63 -1.00 -12.47
C ALA A 48 10.43 -2.50 -12.65
N GLU A 49 10.76 -2.99 -13.83
CA GLU A 49 10.66 -4.43 -14.12
C GLU A 49 11.66 -5.22 -13.29
N LYS A 50 12.80 -4.61 -13.02
CA LYS A 50 13.88 -5.24 -12.27
C LYS A 50 13.55 -5.29 -10.78
N ALA A 51 12.78 -4.31 -10.31
CA ALA A 51 12.39 -4.23 -8.92
C ALA A 51 11.14 -5.07 -8.64
N GLY A 52 10.27 -5.17 -9.64
CA GLY A 52 9.06 -5.93 -9.48
C GLY A 52 7.82 -5.06 -9.45
N VAL A 53 7.89 -3.92 -10.13
CA VAL A 53 6.77 -3.00 -10.21
C VAL A 53 5.80 -3.44 -11.31
N LYS A 54 4.54 -3.58 -10.94
CA LYS A 54 3.50 -3.98 -11.89
C LYS A 54 2.62 -2.78 -12.23
N SER A 55 2.35 -1.94 -11.25
CA SER A 55 1.51 -0.78 -11.46
C SER A 55 1.88 0.35 -10.52
N VAL A 56 1.53 1.57 -10.90
CA VAL A 56 1.70 2.71 -10.02
C VAL A 56 0.37 3.03 -9.34
N PRO A 57 0.38 3.53 -8.11
CA PRO A 57 1.61 3.87 -7.37
C PRO A 57 2.26 2.65 -6.75
N ALA A 58 3.57 2.54 -6.93
CA ALA A 58 4.32 1.43 -6.37
C ALA A 58 5.35 1.94 -5.35
N LEU A 59 5.19 1.51 -4.11
CA LEU A 59 6.12 1.88 -3.06
C LEU A 59 7.15 0.78 -2.87
N VAL A 60 8.32 0.98 -3.42
CA VAL A 60 9.38 -0.02 -3.37
C VAL A 60 10.32 0.25 -2.19
N ILE A 61 10.10 -0.44 -1.10
CA ILE A 61 10.91 -0.24 0.10
C ILE A 61 12.10 -1.20 0.08
N ASP A 62 13.29 -0.64 -0.19
CA ASP A 62 14.55 -1.40 -0.27
C ASP A 62 14.60 -2.28 -1.52
N GLY A 63 13.45 -2.75 -1.94
CA GLY A 63 13.37 -3.67 -3.07
C GLY A 63 12.01 -4.34 -3.16
N ALA A 64 11.30 -4.34 -2.04
CA ALA A 64 9.95 -4.91 -2.01
C ALA A 64 8.94 -3.88 -2.49
N ALA A 65 8.24 -4.19 -3.56
CA ALA A 65 7.27 -3.27 -4.15
C ALA A 65 5.89 -3.47 -3.53
N PHE A 66 5.34 -2.40 -2.99
CA PHE A 66 4.00 -2.41 -2.44
C PHE A 66 3.10 -1.50 -3.26
N HIS A 67 2.16 -2.09 -3.98
CA HIS A 67 1.26 -1.33 -4.84
C HIS A 67 0.11 -0.73 -4.03
N ILE A 68 -0.01 0.58 -4.06
CA ILE A 68 -1.06 1.27 -3.32
C ILE A 68 -2.26 1.49 -4.21
N ASN A 69 -3.24 0.59 -4.10
CA ASN A 69 -4.42 0.60 -4.97
C ASN A 69 -3.99 0.36 -6.42
N PHE A 70 -4.89 0.63 -7.36
CA PHE A 70 -4.57 0.45 -8.76
C PHE A 70 -4.71 1.76 -9.52
N GLY A 71 -3.58 2.28 -9.98
CA GLY A 71 -3.58 3.48 -10.79
C GLY A 71 -3.40 3.15 -12.25
N ALA A 72 -2.17 2.87 -12.64
CA ALA A 72 -1.84 2.52 -14.01
C ALA A 72 -0.82 1.38 -14.05
N GLY A 73 -1.09 0.37 -14.86
CA GLY A 73 -0.20 -0.78 -14.94
C GLY A 73 0.89 -0.59 -15.96
N ILE A 74 2.08 -1.12 -15.67
CA ILE A 74 3.22 -0.98 -16.56
C ILE A 74 2.99 -1.73 -17.86
N ASP A 75 2.21 -2.81 -17.77
CA ASP A 75 1.85 -3.61 -18.94
C ASP A 75 1.17 -2.76 -20.00
N ASP A 76 0.31 -1.87 -19.54
CA ASP A 76 -0.48 -1.04 -20.43
C ASP A 76 0.30 0.18 -20.89
N LEU A 77 1.36 0.51 -20.16
CA LEU A 77 2.20 1.64 -20.50
C LEU A 77 3.08 1.33 -21.70
N LYS A 78 3.38 0.05 -21.89
CA LYS A 78 4.20 -0.39 -23.01
C LYS A 78 3.44 -0.24 -24.32
N GLY A 79 2.29 -0.89 -24.42
CA GLY A 79 1.49 -0.78 -25.63
C GLY A 79 0.37 -1.81 -25.65
N SER A 80 0.44 -2.71 -26.61
CA SER A 80 -0.55 -3.76 -26.73
C SER A 80 -0.10 -4.99 -25.95
N VAL B 1 -4.31 11.26 21.11
CA VAL B 1 -3.32 12.21 20.55
C VAL B 1 -2.68 11.63 19.28
N ALA B 2 -2.61 10.30 19.20
CA ALA B 2 -2.05 9.64 18.04
C ALA B 2 -3.14 9.08 17.14
N SER B 3 -3.08 9.45 15.87
CA SER B 3 -4.02 8.94 14.88
C SER B 3 -3.78 7.44 14.68
N LYS B 4 -4.85 6.69 14.48
CA LYS B 4 -4.73 5.25 14.34
C LYS B 4 -4.72 4.83 12.88
N ALA B 5 -3.95 3.78 12.62
CA ALA B 5 -3.87 3.18 11.29
C ALA B 5 -4.32 1.73 11.38
N ILE B 6 -5.41 1.40 10.71
CA ILE B 6 -6.00 0.08 10.83
C ILE B 6 -5.65 -0.80 9.64
N PHE B 7 -4.89 -1.85 9.91
CA PHE B 7 -4.47 -2.78 8.87
C PHE B 7 -5.41 -3.98 8.84
N TYR B 8 -6.02 -4.21 7.69
CA TYR B 8 -6.96 -5.32 7.53
C TYR B 8 -6.33 -6.42 6.71
N HIS B 9 -6.45 -7.66 7.18
CA HIS B 9 -5.95 -8.81 6.46
C HIS B 9 -6.74 -10.06 6.85
N ALA B 10 -6.36 -11.19 6.26
CA ALA B 10 -7.04 -12.45 6.53
C ALA B 10 -6.04 -13.58 6.71
N GLY B 11 -4.84 -13.21 7.13
CA GLY B 11 -3.79 -14.20 7.31
C GLY B 11 -3.31 -14.76 5.98
N CYS B 12 -2.80 -13.88 5.14
CA CYS B 12 -2.35 -14.25 3.81
C CYS B 12 -0.85 -13.99 3.67
N PRO B 13 -0.13 -14.79 2.87
CA PRO B 13 1.31 -14.61 2.64
C PRO B 13 1.65 -13.18 2.21
N VAL B 14 0.74 -12.60 1.43
CA VAL B 14 0.92 -11.24 0.93
C VAL B 14 0.98 -10.22 2.07
N CYS B 15 0.04 -10.32 3.01
CA CYS B 15 -0.05 -9.34 4.09
C CYS B 15 1.02 -9.58 5.15
N VAL B 16 1.59 -10.78 5.18
CA VAL B 16 2.68 -11.07 6.10
C VAL B 16 3.86 -10.15 5.80
N SER B 17 4.28 -10.14 4.54
CA SER B 17 5.37 -9.27 4.11
C SER B 17 4.97 -7.80 4.26
N ALA B 18 3.72 -7.49 3.89
CA ALA B 18 3.22 -6.12 3.97
C ALA B 18 3.23 -5.62 5.41
N GLU B 19 2.80 -6.46 6.33
CA GLU B 19 2.76 -6.13 7.75
C GLU B 19 4.18 -5.87 8.27
N GLN B 20 5.07 -6.81 8.00
CA GLN B 20 6.42 -6.78 8.54
C GLN B 20 7.31 -5.76 7.83
N ALA B 21 6.78 -5.13 6.79
CA ALA B 21 7.50 -4.06 6.11
C ALA B 21 6.83 -2.71 6.37
N VAL B 22 5.62 -2.54 5.85
CA VAL B 22 4.92 -1.26 5.94
C VAL B 22 4.46 -0.98 7.36
N ALA B 23 3.77 -1.94 7.97
CA ALA B 23 3.24 -1.78 9.32
C ALA B 23 4.35 -1.94 10.36
N ASN B 24 5.56 -2.20 9.89
CA ASN B 24 6.73 -2.28 10.75
C ASN B 24 7.41 -0.92 10.77
N ALA B 25 7.42 -0.26 9.60
CA ALA B 25 7.98 1.07 9.46
C ALA B 25 7.09 2.10 10.15
N ILE B 26 5.78 1.86 10.11
CA ILE B 26 4.84 2.70 10.81
C ILE B 26 4.64 2.17 12.23
N ASP B 27 5.39 2.73 13.16
CA ASP B 27 5.35 2.27 14.53
C ASP B 27 4.32 3.06 15.35
N PRO B 28 3.82 2.47 16.45
CA PRO B 28 2.75 3.06 17.28
C PRO B 28 3.11 4.42 17.89
N SER B 29 4.39 4.76 17.92
CA SER B 29 4.81 6.04 18.48
C SER B 29 4.60 7.16 17.47
N LYS B 30 4.29 6.79 16.24
CA LYS B 30 3.93 7.76 15.21
C LYS B 30 2.42 7.67 14.94
N TYR B 31 1.97 6.45 14.66
CA TYR B 31 0.54 6.20 14.46
C TYR B 31 0.14 4.92 15.18
N THR B 32 -1.01 4.94 15.83
CA THR B 32 -1.47 3.78 16.58
C THR B 32 -1.95 2.69 15.63
N VAL B 33 -1.18 1.61 15.51
CA VAL B 33 -1.49 0.54 14.58
C VAL B 33 -2.55 -0.40 15.15
N GLU B 34 -3.62 -0.57 14.40
CA GLU B 34 -4.67 -1.50 14.75
C GLU B 34 -4.78 -2.57 13.67
N ILE B 35 -4.39 -3.79 13.99
CA ILE B 35 -4.42 -4.86 13.01
C ILE B 35 -5.64 -5.76 13.24
N VAL B 36 -6.46 -5.89 12.20
CA VAL B 36 -7.70 -6.64 12.30
C VAL B 36 -7.72 -7.82 11.32
N HIS B 37 -7.94 -9.01 11.87
CA HIS B 37 -8.06 -10.21 11.05
C HIS B 37 -9.52 -10.40 10.66
N LEU B 38 -9.81 -10.28 9.37
CA LEU B 38 -11.19 -10.35 8.89
C LEU B 38 -11.64 -11.79 8.67
N GLY B 39 -10.71 -12.72 8.82
CA GLY B 39 -11.03 -14.12 8.63
C GLY B 39 -11.38 -14.80 9.94
N THR B 40 -12.27 -14.18 10.70
CA THR B 40 -12.68 -14.70 11.99
C THR B 40 -14.09 -14.23 12.35
N ASP B 41 -14.35 -12.94 12.16
CA ASP B 41 -15.65 -12.38 12.52
C ASP B 41 -16.28 -11.69 11.31
N LYS B 42 -17.52 -12.06 11.00
CA LYS B 42 -18.23 -11.49 9.87
C LYS B 42 -18.67 -10.06 10.16
N ALA B 43 -18.73 -9.70 11.43
CA ALA B 43 -19.07 -8.33 11.81
C ALA B 43 -17.94 -7.38 11.40
N ARG B 44 -16.72 -7.89 11.43
CA ARG B 44 -15.56 -7.13 10.99
C ARG B 44 -15.61 -6.90 9.50
N ILE B 45 -16.16 -7.87 8.78
CA ILE B 45 -16.34 -7.76 7.34
C ILE B 45 -17.27 -6.60 7.01
N ALA B 46 -18.34 -6.47 7.80
CA ALA B 46 -19.27 -5.36 7.64
C ALA B 46 -18.58 -4.03 7.92
N GLU B 47 -17.76 -4.01 8.97
CA GLU B 47 -17.03 -2.80 9.35
C GLU B 47 -15.99 -2.44 8.28
N ALA B 48 -15.44 -3.45 7.62
CA ALA B 48 -14.50 -3.23 6.53
C ALA B 48 -15.17 -2.48 5.40
N GLU B 49 -16.28 -3.02 4.89
CA GLU B 49 -17.02 -2.39 3.80
C GLU B 49 -17.58 -1.04 4.25
N LYS B 50 -17.85 -0.93 5.55
CA LYS B 50 -18.34 0.31 6.14
C LYS B 50 -17.28 1.42 6.03
N ALA B 51 -16.02 1.05 6.18
CA ALA B 51 -14.93 2.00 6.13
C ALA B 51 -14.48 2.26 4.69
N GLY B 52 -14.69 1.27 3.83
CA GLY B 52 -14.28 1.38 2.46
C GLY B 52 -13.28 0.30 2.07
N VAL B 53 -13.04 -0.61 2.99
CA VAL B 53 -12.12 -1.71 2.77
C VAL B 53 -12.80 -2.80 1.96
N LYS B 54 -12.54 -2.80 0.66
CA LYS B 54 -13.18 -3.74 -0.25
C LYS B 54 -12.27 -4.93 -0.52
N SER B 55 -11.05 -4.86 -0.01
CA SER B 55 -10.12 -5.97 -0.12
C SER B 55 -9.21 -6.03 1.10
N VAL B 56 -8.86 -7.24 1.53
CA VAL B 56 -7.84 -7.41 2.55
C VAL B 56 -6.46 -7.21 1.90
N PRO B 57 -5.35 -7.55 2.59
CA PRO B 57 -4.16 -6.72 2.65
C PRO B 57 -4.35 -5.28 2.18
N ALA B 58 -4.80 -4.47 3.15
CA ALA B 58 -5.01 -3.04 2.96
C ALA B 58 -4.79 -2.31 4.28
N LEU B 59 -4.47 -1.04 4.22
CA LEU B 59 -4.20 -0.26 5.43
C LEU B 59 -5.02 1.03 5.43
N VAL B 60 -5.77 1.23 6.50
CA VAL B 60 -6.62 2.41 6.65
C VAL B 60 -5.92 3.49 7.47
N ILE B 61 -5.70 4.64 6.87
CA ILE B 61 -5.05 5.75 7.55
C ILE B 61 -6.09 6.77 7.98
N ASP B 62 -6.34 6.84 9.30
CA ASP B 62 -7.31 7.78 9.91
C ASP B 62 -8.75 7.37 9.59
N GLY B 63 -9.00 7.11 8.32
CA GLY B 63 -10.34 6.78 7.87
C GLY B 63 -10.35 6.31 6.43
N ALA B 64 -9.38 6.77 5.65
CA ALA B 64 -9.27 6.37 4.25
C ALA B 64 -8.49 5.06 4.12
N ALA B 65 -9.09 4.09 3.45
CA ALA B 65 -8.48 2.80 3.27
C ALA B 65 -7.63 2.77 1.99
N PHE B 66 -6.38 2.36 2.14
CA PHE B 66 -5.50 2.20 1.00
C PHE B 66 -5.05 0.74 0.90
N HIS B 67 -5.42 0.10 -0.19
CA HIS B 67 -5.07 -1.30 -0.41
C HIS B 67 -3.60 -1.41 -0.79
N ILE B 68 -2.85 -2.22 -0.04
CA ILE B 68 -1.42 -2.33 -0.25
C ILE B 68 -1.09 -3.73 -0.76
N ASN B 69 -0.88 -3.81 -2.08
CA ASN B 69 -0.75 -5.09 -2.78
C ASN B 69 -2.05 -5.87 -2.64
N PHE B 70 -2.88 -5.80 -3.68
CA PHE B 70 -4.22 -6.38 -3.67
C PHE B 70 -4.21 -7.78 -3.07
N GLY B 71 -4.71 -7.87 -1.84
CA GLY B 71 -4.77 -9.14 -1.16
C GLY B 71 -5.96 -9.95 -1.62
N ALA B 72 -7.07 -9.80 -0.93
CA ALA B 72 -8.25 -10.59 -1.27
C ALA B 72 -9.53 -9.77 -1.19
N GLY B 73 -10.37 -9.87 -2.21
CA GLY B 73 -11.63 -9.16 -2.21
C GLY B 73 -12.46 -9.48 -0.98
N ILE B 74 -13.14 -8.48 -0.44
CA ILE B 74 -13.92 -8.64 0.79
C ILE B 74 -15.01 -9.70 0.62
N ASP B 75 -15.49 -9.86 -0.60
CA ASP B 75 -16.53 -10.83 -0.89
C ASP B 75 -15.96 -12.24 -0.95
N ASP B 76 -14.65 -12.33 -1.18
CA ASP B 76 -13.97 -13.61 -1.29
C ASP B 76 -13.88 -14.29 0.08
N LEU B 77 -13.83 -13.47 1.12
CA LEU B 77 -13.77 -13.96 2.49
C LEU B 77 -15.15 -14.43 2.96
N LYS B 78 -16.19 -13.87 2.35
CA LYS B 78 -17.56 -14.23 2.67
C LYS B 78 -17.86 -15.62 2.12
N GLY B 79 -17.57 -15.80 0.84
CA GLY B 79 -17.83 -17.04 0.17
C GLY B 79 -18.40 -16.80 -1.20
N SER B 80 -19.02 -17.83 -1.77
CA SER B 80 -19.65 -17.70 -3.07
C SER B 80 -20.82 -18.69 -3.16
N VAL A 1 21.58 4.79 7.49
CA VAL A 1 20.70 4.75 8.68
C VAL A 1 19.23 4.75 8.28
N ALA A 2 18.93 5.33 7.13
CA ALA A 2 17.58 5.32 6.59
C ALA A 2 17.49 4.35 5.42
N SER A 3 16.50 3.48 5.46
CA SER A 3 16.35 2.46 4.43
C SER A 3 15.78 3.06 3.14
N LYS A 4 16.20 2.50 2.02
CA LYS A 4 15.82 3.03 0.71
C LYS A 4 14.40 2.60 0.33
N ALA A 5 13.51 3.56 0.21
CA ALA A 5 12.12 3.27 -0.16
C ALA A 5 11.71 4.09 -1.37
N ILE A 6 11.51 3.41 -2.49
CA ILE A 6 11.22 4.09 -3.75
C ILE A 6 9.72 4.14 -4.01
N PHE A 7 9.20 5.32 -4.29
CA PHE A 7 7.80 5.48 -4.59
C PHE A 7 7.62 5.77 -6.08
N TYR A 8 7.28 4.73 -6.84
CA TYR A 8 7.08 4.85 -8.26
C TYR A 8 5.62 5.19 -8.58
N HIS A 9 5.41 6.28 -9.29
CA HIS A 9 4.07 6.67 -9.70
C HIS A 9 4.11 7.26 -11.11
N ALA A 10 2.92 7.50 -11.67
CA ALA A 10 2.83 8.04 -13.03
C ALA A 10 2.03 9.33 -13.04
N GLY A 11 1.85 9.93 -11.86
CA GLY A 11 1.11 11.17 -11.76
C GLY A 11 -0.39 10.97 -11.90
N CYS A 12 -0.84 9.75 -11.68
CA CYS A 12 -2.26 9.44 -11.74
C CYS A 12 -2.95 9.89 -10.45
N PRO A 13 -4.23 10.28 -10.52
CA PRO A 13 -4.99 10.72 -9.34
C PRO A 13 -5.00 9.66 -8.23
N VAL A 14 -4.87 8.40 -8.62
CA VAL A 14 -4.82 7.29 -7.66
C VAL A 14 -3.53 7.35 -6.85
N CYS A 15 -2.47 7.86 -7.46
CA CYS A 15 -1.16 7.93 -6.82
C CYS A 15 -1.16 9.02 -5.75
N VAL A 16 -1.99 10.03 -5.95
CA VAL A 16 -2.06 11.17 -5.04
C VAL A 16 -2.38 10.73 -3.61
N SER A 17 -3.43 9.92 -3.47
CA SER A 17 -3.88 9.47 -2.16
C SER A 17 -2.78 8.71 -1.42
N ALA A 18 -2.06 7.86 -2.15
CA ALA A 18 -0.99 7.06 -1.57
C ALA A 18 0.17 7.95 -1.12
N GLU A 19 0.53 8.91 -1.97
CA GLU A 19 1.61 9.83 -1.67
C GLU A 19 1.23 10.74 -0.52
N GLN A 20 -0.01 11.23 -0.54
CA GLN A 20 -0.50 12.17 0.46
C GLN A 20 -0.41 11.60 1.87
N ALA A 21 -1.04 10.46 2.08
CA ALA A 21 -1.13 9.90 3.42
C ALA A 21 0.01 8.93 3.71
N VAL A 22 0.13 7.89 2.90
CA VAL A 22 1.09 6.81 3.17
C VAL A 22 2.54 7.31 3.11
N ALA A 23 2.87 8.03 2.04
CA ALA A 23 4.23 8.53 1.86
C ALA A 23 4.59 9.60 2.88
N ASN A 24 3.58 10.14 3.56
CA ASN A 24 3.82 11.12 4.61
C ASN A 24 3.60 10.50 5.98
N ALA A 25 3.27 9.22 5.99
CA ALA A 25 3.14 8.47 7.23
C ALA A 25 4.46 7.78 7.56
N ILE A 26 5.20 7.46 6.50
CA ILE A 26 6.54 6.91 6.64
C ILE A 26 7.45 7.96 7.25
N ASP A 27 8.05 7.63 8.39
CA ASP A 27 8.92 8.59 9.05
C ASP A 27 10.31 8.55 8.44
N PRO A 28 10.82 9.73 8.01
CA PRO A 28 12.14 9.84 7.38
C PRO A 28 13.29 9.31 8.23
N SER A 29 13.06 9.19 9.53
CA SER A 29 14.07 8.65 10.43
C SER A 29 14.24 7.14 10.23
N LYS A 30 13.30 6.55 9.49
CA LYS A 30 13.33 5.12 9.22
C LYS A 30 13.68 4.86 7.76
N TYR A 31 12.94 5.49 6.86
CA TYR A 31 13.09 5.24 5.43
C TYR A 31 13.21 6.54 4.65
N THR A 32 13.93 6.49 3.54
CA THR A 32 14.01 7.61 2.62
C THR A 32 13.05 7.38 1.46
N VAL A 33 11.98 8.18 1.40
CA VAL A 33 10.96 8.02 0.38
C VAL A 33 11.36 8.74 -0.90
N GLU A 34 11.79 7.97 -1.90
CA GLU A 34 12.20 8.53 -3.17
C GLU A 34 11.01 8.66 -4.11
N ILE A 35 10.55 9.87 -4.32
CA ILE A 35 9.42 10.12 -5.21
C ILE A 35 9.88 10.09 -6.66
N VAL A 36 9.49 9.04 -7.38
CA VAL A 36 9.92 8.86 -8.77
C VAL A 36 8.73 8.83 -9.72
N HIS A 37 8.68 9.82 -10.59
CA HIS A 37 7.64 9.89 -11.61
C HIS A 37 8.08 9.14 -12.86
N LEU A 38 7.35 8.09 -13.21
CA LEU A 38 7.71 7.24 -14.34
C LEU A 38 7.34 7.87 -15.68
N GLY A 39 6.36 8.76 -15.66
CA GLY A 39 5.93 9.42 -16.89
C GLY A 39 6.87 10.56 -17.28
N THR A 40 8.15 10.33 -17.09
CA THR A 40 9.16 11.32 -17.38
C THR A 40 10.31 10.70 -18.16
N ASP A 41 10.71 9.50 -17.75
CA ASP A 41 11.87 8.83 -18.32
C ASP A 41 11.54 7.37 -18.63
N LYS A 42 11.84 6.93 -19.86
CA LYS A 42 11.51 5.58 -20.30
C LYS A 42 12.62 4.58 -19.97
N ALA A 43 13.69 5.05 -19.37
CA ALA A 43 14.75 4.15 -18.94
C ALA A 43 14.39 3.56 -17.58
N ARG A 44 13.67 4.36 -16.79
CA ARG A 44 13.20 3.93 -15.47
C ARG A 44 12.09 2.90 -15.59
N ILE A 45 11.59 2.68 -16.80
CA ILE A 45 10.60 1.64 -17.05
C ILE A 45 11.21 0.29 -16.72
N ALA A 46 12.43 0.06 -17.18
CA ALA A 46 13.15 -1.17 -16.89
C ALA A 46 13.51 -1.24 -15.42
N GLU A 47 13.91 -0.11 -14.87
CA GLU A 47 14.28 -0.01 -13.46
C GLU A 47 13.11 -0.38 -12.55
N ALA A 48 11.94 0.19 -12.83
CA ALA A 48 10.74 -0.12 -12.07
C ALA A 48 10.35 -1.59 -12.22
N GLU A 49 10.40 -2.08 -13.45
CA GLU A 49 10.12 -3.48 -13.74
C GLU A 49 11.06 -4.38 -12.96
N LYS A 50 12.33 -3.99 -12.93
CA LYS A 50 13.38 -4.72 -12.23
C LYS A 50 13.19 -4.62 -10.71
N ALA A 51 12.58 -3.53 -10.26
CA ALA A 51 12.33 -3.33 -8.84
C ALA A 51 11.11 -4.11 -8.36
N GLY A 52 10.35 -4.65 -9.31
CA GLY A 52 9.19 -5.44 -8.97
C GLY A 52 7.89 -4.67 -9.14
N VAL A 53 7.98 -3.50 -9.76
CA VAL A 53 6.81 -2.68 -9.99
C VAL A 53 5.96 -3.25 -11.11
N LYS A 54 4.76 -3.68 -10.77
CA LYS A 54 3.81 -4.20 -11.74
C LYS A 54 2.80 -3.13 -12.11
N SER A 55 2.60 -2.18 -11.19
CA SER A 55 1.64 -1.11 -11.39
C SER A 55 2.03 0.10 -10.54
N VAL A 56 1.38 1.23 -10.80
CA VAL A 56 1.62 2.44 -10.03
C VAL A 56 0.36 2.86 -9.30
N PRO A 57 0.50 3.45 -8.10
CA PRO A 57 1.80 3.68 -7.48
C PRO A 57 2.33 2.45 -6.73
N ALA A 58 3.64 2.29 -6.74
CA ALA A 58 4.28 1.16 -6.08
C ALA A 58 5.36 1.65 -5.12
N LEU A 59 5.31 1.18 -3.89
CA LEU A 59 6.28 1.54 -2.89
C LEU A 59 7.29 0.42 -2.69
N VAL A 60 8.47 0.59 -3.25
CA VAL A 60 9.54 -0.39 -3.13
C VAL A 60 10.32 -0.17 -1.85
N ILE A 61 9.96 -0.93 -0.82
CA ILE A 61 10.56 -0.79 0.48
C ILE A 61 11.78 -1.69 0.63
N ASP A 62 12.95 -1.09 0.48
CA ASP A 62 14.24 -1.77 0.69
C ASP A 62 14.42 -2.94 -0.28
N GLY A 63 13.62 -2.96 -1.34
CA GLY A 63 13.73 -4.01 -2.33
C GLY A 63 12.43 -4.74 -2.57
N ALA A 64 11.53 -4.66 -1.60
CA ALA A 64 10.23 -5.32 -1.72
C ALA A 64 9.18 -4.34 -2.23
N ALA A 65 8.53 -4.70 -3.33
CA ALA A 65 7.57 -3.82 -3.97
C ALA A 65 6.18 -3.96 -3.35
N PHE A 66 5.68 -2.89 -2.75
CA PHE A 66 4.34 -2.87 -2.21
C PHE A 66 3.49 -1.85 -2.95
N HIS A 67 2.61 -2.35 -3.80
CA HIS A 67 1.70 -1.50 -4.55
C HIS A 67 0.65 -0.93 -3.61
N ILE A 68 0.21 0.29 -3.88
CA ILE A 68 -0.81 0.94 -3.07
C ILE A 68 -1.90 1.53 -3.97
N ASN A 69 -3.05 0.87 -4.00
CA ASN A 69 -4.18 1.26 -4.85
C ASN A 69 -3.83 1.09 -6.33
N PHE A 70 -4.40 0.06 -6.94
CA PHE A 70 -4.14 -0.25 -8.34
C PHE A 70 -4.67 0.84 -9.24
N GLY A 71 -3.79 1.73 -9.69
CA GLY A 71 -4.18 2.78 -10.59
C GLY A 71 -3.94 2.41 -12.04
N ALA A 72 -2.68 2.26 -12.41
CA ALA A 72 -2.32 1.88 -13.77
C ALA A 72 -1.17 0.89 -13.74
N GLY A 73 -1.21 -0.08 -14.64
CA GLY A 73 -0.17 -1.10 -14.68
C GLY A 73 1.05 -0.64 -15.45
N ILE A 74 2.21 -1.20 -15.13
CA ILE A 74 3.44 -0.86 -15.83
C ILE A 74 3.37 -1.39 -17.25
N ASP A 75 2.56 -2.44 -17.43
CA ASP A 75 2.30 -3.02 -18.74
C ASP A 75 1.75 -1.96 -19.69
N ASP A 76 0.81 -1.17 -19.18
CA ASP A 76 0.16 -0.14 -19.98
C ASP A 76 1.10 1.02 -20.26
N LEU A 77 2.02 1.26 -19.34
CA LEU A 77 3.01 2.33 -19.49
C LEU A 77 4.12 1.90 -20.44
N LYS A 78 4.46 0.62 -20.38
CA LYS A 78 5.51 0.06 -21.21
C LYS A 78 5.00 -0.14 -22.64
N GLY A 79 3.76 -0.59 -22.75
CA GLY A 79 3.19 -0.87 -24.05
C GLY A 79 3.10 -2.36 -24.31
N SER A 80 2.57 -3.08 -23.34
CA SER A 80 2.47 -4.53 -23.43
C SER A 80 1.00 -4.94 -23.52
N VAL B 1 -3.50 13.15 14.87
CA VAL B 1 -2.18 13.13 15.52
C VAL B 1 -1.65 11.69 15.64
N ALA B 2 -2.41 10.85 16.35
CA ALA B 2 -2.02 9.48 16.58
C ALA B 2 -3.22 8.56 16.43
N SER B 3 -4.00 8.83 15.40
CA SER B 3 -5.22 8.08 15.13
C SER B 3 -4.92 6.61 14.84
N LYS B 4 -5.96 5.79 14.86
CA LYS B 4 -5.78 4.36 14.65
C LYS B 4 -5.81 4.01 13.16
N ALA B 5 -4.73 3.40 12.71
CA ALA B 5 -4.62 2.93 11.34
C ALA B 5 -5.01 1.46 11.29
N ILE B 6 -6.04 1.15 10.52
CA ILE B 6 -6.61 -0.18 10.52
C ILE B 6 -6.03 -1.02 9.38
N PHE B 7 -5.29 -2.06 9.74
CA PHE B 7 -4.74 -2.97 8.77
C PHE B 7 -5.67 -4.16 8.59
N TYR B 8 -6.48 -4.13 7.55
CA TYR B 8 -7.43 -5.21 7.29
C TYR B 8 -6.76 -6.31 6.49
N HIS B 9 -6.68 -7.49 7.08
CA HIS B 9 -6.07 -8.63 6.40
C HIS B 9 -6.92 -9.88 6.56
N ALA B 10 -6.43 -11.01 6.07
CA ALA B 10 -7.18 -12.25 6.10
C ALA B 10 -6.26 -13.44 6.41
N GLY B 11 -5.12 -13.16 7.02
CA GLY B 11 -4.18 -14.21 7.35
C GLY B 11 -3.43 -14.71 6.13
N CYS B 12 -2.68 -13.80 5.50
CA CYS B 12 -1.94 -14.13 4.29
C CYS B 12 -0.48 -13.70 4.43
N PRO B 13 0.44 -14.33 3.67
CA PRO B 13 1.86 -13.97 3.68
C PRO B 13 2.08 -12.50 3.32
N VAL B 14 1.21 -12.00 2.44
CA VAL B 14 1.21 -10.58 2.06
C VAL B 14 1.09 -9.69 3.28
N CYS B 15 0.26 -10.11 4.22
CA CYS B 15 -0.01 -9.34 5.43
C CYS B 15 1.20 -9.35 6.35
N VAL B 16 1.96 -10.44 6.30
CA VAL B 16 3.15 -10.58 7.13
C VAL B 16 4.27 -9.67 6.62
N SER B 17 4.50 -9.72 5.32
CA SER B 17 5.52 -8.89 4.68
C SER B 17 5.16 -7.40 4.81
N ALA B 18 3.89 -7.09 4.64
CA ALA B 18 3.42 -5.71 4.77
C ALA B 18 3.66 -5.20 6.19
N GLU B 19 3.54 -6.09 7.16
CA GLU B 19 3.79 -5.75 8.55
C GLU B 19 5.24 -5.37 8.78
N GLN B 20 6.14 -6.14 8.18
CA GLN B 20 7.58 -5.97 8.44
C GLN B 20 8.16 -4.80 7.64
N ALA B 21 7.43 -4.35 6.63
CA ALA B 21 7.90 -3.25 5.81
C ALA B 21 7.05 -2.00 5.98
N VAL B 22 5.78 -2.10 5.58
CA VAL B 22 4.89 -0.94 5.60
C VAL B 22 4.55 -0.53 7.03
N ALA B 23 4.17 -1.50 7.85
CA ALA B 23 3.81 -1.24 9.24
C ALA B 23 5.06 -0.94 10.08
N ASN B 24 6.22 -1.20 9.50
CA ASN B 24 7.49 -0.87 10.16
C ASN B 24 7.84 0.58 9.89
N ALA B 25 7.51 1.04 8.69
CA ALA B 25 7.76 2.42 8.29
C ALA B 25 6.87 3.38 9.08
N ILE B 26 5.64 2.94 9.34
CA ILE B 26 4.72 3.72 10.15
C ILE B 26 4.90 3.34 11.62
N ASP B 27 5.50 4.25 12.37
CA ASP B 27 5.83 4.00 13.77
C ASP B 27 4.56 3.85 14.61
N PRO B 28 4.52 2.82 15.48
CA PRO B 28 3.36 2.57 16.35
C PRO B 28 3.10 3.71 17.35
N SER B 29 4.12 4.53 17.59
CA SER B 29 3.98 5.67 18.48
C SER B 29 3.60 6.90 17.67
N LYS B 30 3.79 6.80 16.37
CA LYS B 30 3.44 7.87 15.45
C LYS B 30 1.95 7.81 15.13
N TYR B 31 1.50 6.61 14.80
CA TYR B 31 0.08 6.34 14.59
C TYR B 31 -0.28 4.99 15.20
N THR B 32 -1.51 4.88 15.68
CA THR B 32 -1.93 3.67 16.38
C THR B 32 -2.37 2.59 15.39
N VAL B 33 -1.45 1.71 15.03
CA VAL B 33 -1.73 0.68 14.05
C VAL B 33 -2.47 -0.50 14.68
N GLU B 34 -3.63 -0.83 14.11
CA GLU B 34 -4.42 -1.97 14.57
C GLU B 34 -4.59 -2.96 13.42
N ILE B 35 -4.17 -4.19 13.64
CA ILE B 35 -4.25 -5.21 12.59
C ILE B 35 -5.47 -6.10 12.80
N VAL B 36 -6.37 -6.08 11.82
CA VAL B 36 -7.67 -6.73 11.94
C VAL B 36 -7.81 -7.93 10.99
N HIS B 37 -8.13 -9.08 11.55
CA HIS B 37 -8.28 -10.31 10.77
C HIS B 37 -9.73 -10.46 10.30
N LEU B 38 -9.96 -10.22 9.01
CA LEU B 38 -11.31 -10.31 8.44
C LEU B 38 -11.63 -11.74 8.02
N GLY B 39 -10.60 -12.57 7.93
CA GLY B 39 -10.81 -13.94 7.50
C GLY B 39 -11.46 -14.79 8.57
N THR B 40 -11.56 -14.25 9.77
CA THR B 40 -12.12 -14.97 10.89
C THR B 40 -13.52 -14.45 11.24
N ASP B 41 -13.60 -13.18 11.60
CA ASP B 41 -14.84 -12.60 12.11
C ASP B 41 -15.62 -11.90 10.99
N LYS B 42 -16.93 -12.15 10.96
CA LYS B 42 -17.78 -11.64 9.89
C LYS B 42 -18.32 -10.24 10.23
N ALA B 43 -18.34 -9.89 11.51
CA ALA B 43 -18.84 -8.60 11.93
C ALA B 43 -17.86 -7.50 11.54
N ARG B 44 -16.57 -7.80 11.66
CA ARG B 44 -15.51 -6.89 11.26
C ARG B 44 -15.54 -6.67 9.75
N ILE B 45 -16.05 -7.65 9.00
CA ILE B 45 -16.20 -7.50 7.57
C ILE B 45 -17.22 -6.41 7.27
N ALA B 46 -18.28 -6.38 8.07
CA ALA B 46 -19.29 -5.33 7.95
C ALA B 46 -18.72 -3.99 8.37
N GLU B 47 -17.79 -4.01 9.32
CA GLU B 47 -17.08 -2.81 9.73
C GLU B 47 -16.29 -2.24 8.56
N ALA B 48 -15.64 -3.13 7.82
CA ALA B 48 -14.87 -2.73 6.65
C ALA B 48 -15.75 -2.03 5.62
N GLU B 49 -16.98 -2.50 5.47
CA GLU B 49 -17.95 -1.88 4.57
C GLU B 49 -18.24 -0.45 5.00
N LYS B 50 -18.35 -0.25 6.31
CA LYS B 50 -18.66 1.06 6.86
C LYS B 50 -17.43 1.95 6.88
N ALA B 51 -16.26 1.35 7.05
CA ALA B 51 -15.00 2.07 7.02
C ALA B 51 -14.71 2.58 5.61
N GLY B 52 -14.95 1.73 4.63
CA GLY B 52 -14.74 2.10 3.24
C GLY B 52 -13.69 1.23 2.56
N VAL B 53 -13.70 -0.06 2.88
CA VAL B 53 -12.73 -0.99 2.33
C VAL B 53 -13.39 -1.93 1.33
N LYS B 54 -12.87 -1.94 0.11
CA LYS B 54 -13.44 -2.79 -0.94
C LYS B 54 -12.60 -4.04 -1.15
N SER B 55 -11.37 -4.02 -0.68
CA SER B 55 -10.48 -5.15 -0.88
C SER B 55 -9.65 -5.43 0.38
N VAL B 56 -9.43 -6.70 0.68
CA VAL B 56 -8.59 -7.08 1.83
C VAL B 56 -7.11 -7.05 1.42
N PRO B 57 -6.18 -7.51 2.30
CA PRO B 57 -4.93 -6.84 2.58
C PRO B 57 -4.82 -5.40 2.08
N ALA B 58 -5.27 -4.51 2.95
CA ALA B 58 -5.25 -3.06 2.73
C ALA B 58 -4.97 -2.34 4.04
N LEU B 59 -4.57 -1.09 3.96
CA LEU B 59 -4.24 -0.30 5.14
C LEU B 59 -5.08 0.97 5.20
N VAL B 60 -5.90 1.09 6.23
CA VAL B 60 -6.76 2.25 6.41
C VAL B 60 -6.11 3.25 7.35
N ILE B 61 -5.53 4.30 6.79
CA ILE B 61 -4.83 5.30 7.58
C ILE B 61 -5.72 6.50 7.87
N ASP B 62 -6.00 6.71 9.16
CA ASP B 62 -6.73 7.89 9.64
C ASP B 62 -8.16 7.93 9.08
N GLY B 63 -8.61 6.82 8.51
CA GLY B 63 -9.97 6.74 7.98
C GLY B 63 -9.99 6.47 6.49
N ALA B 64 -8.90 6.77 5.82
CA ALA B 64 -8.80 6.54 4.37
C ALA B 64 -8.21 5.16 4.10
N ALA B 65 -8.91 4.37 3.29
CA ALA B 65 -8.49 3.02 3.00
C ALA B 65 -7.55 2.97 1.80
N PHE B 66 -6.33 2.52 2.03
CA PHE B 66 -5.36 2.37 0.96
C PHE B 66 -5.05 0.89 0.77
N HIS B 67 -5.49 0.35 -0.36
CA HIS B 67 -5.30 -1.06 -0.64
C HIS B 67 -3.83 -1.33 -0.99
N ILE B 68 -3.26 -2.37 -0.42
CA ILE B 68 -1.86 -2.69 -0.66
C ILE B 68 -1.77 -3.67 -1.83
N ASN B 69 -0.58 -4.22 -2.09
CA ASN B 69 -0.42 -5.38 -2.98
C ASN B 69 -1.68 -6.22 -2.99
N PHE B 70 -2.37 -6.21 -4.12
CA PHE B 70 -3.73 -6.75 -4.22
C PHE B 70 -3.86 -8.12 -3.58
N GLY B 71 -4.40 -8.14 -2.37
CA GLY B 71 -4.69 -9.38 -1.72
C GLY B 71 -5.96 -9.98 -2.25
N ALA B 72 -7.09 -9.60 -1.67
CA ALA B 72 -8.37 -10.04 -2.18
C ALA B 72 -9.37 -8.91 -2.14
N GLY B 73 -10.62 -9.18 -2.50
CA GLY B 73 -11.65 -8.18 -2.36
C GLY B 73 -12.62 -8.55 -1.26
N ILE B 74 -13.40 -7.59 -0.79
CA ILE B 74 -14.39 -7.87 0.23
C ILE B 74 -15.55 -8.65 -0.39
N ASP B 75 -15.69 -8.48 -1.70
CA ASP B 75 -16.71 -9.20 -2.48
C ASP B 75 -16.47 -10.70 -2.42
N ASP B 76 -15.21 -11.08 -2.26
CA ASP B 76 -14.83 -12.49 -2.18
C ASP B 76 -15.34 -13.12 -0.89
N LEU B 77 -15.12 -12.43 0.23
CA LEU B 77 -15.50 -12.96 1.53
C LEU B 77 -16.99 -12.78 1.79
N LYS B 78 -17.58 -11.76 1.19
CA LYS B 78 -18.99 -11.48 1.38
C LYS B 78 -19.85 -12.39 0.51
N GLY B 79 -19.35 -12.69 -0.69
CA GLY B 79 -20.08 -13.54 -1.61
C GLY B 79 -21.34 -12.88 -2.13
N SER B 80 -21.19 -11.68 -2.66
CA SER B 80 -22.33 -10.93 -3.17
C SER B 80 -21.96 -10.24 -4.48
N VAL A 1 19.01 2.95 9.64
CA VAL A 1 17.59 3.36 9.71
C VAL A 1 17.15 4.00 8.40
N ALA A 2 17.94 4.94 7.88
CA ALA A 2 17.61 5.61 6.63
C ALA A 2 17.97 4.74 5.44
N SER A 3 17.05 3.87 5.08
CA SER A 3 17.27 2.91 4.01
C SER A 3 16.63 3.39 2.70
N LYS A 4 16.95 2.70 1.61
CA LYS A 4 16.45 3.05 0.30
C LYS A 4 14.96 2.72 0.17
N ALA A 5 14.15 3.75 0.01
CA ALA A 5 12.72 3.57 -0.20
C ALA A 5 12.27 4.33 -1.45
N ILE A 6 11.94 3.59 -2.49
CA ILE A 6 11.53 4.18 -3.76
C ILE A 6 10.02 4.23 -3.88
N PHE A 7 9.48 5.38 -4.26
CA PHE A 7 8.05 5.52 -4.44
C PHE A 7 7.74 5.72 -5.93
N TYR A 8 7.27 4.66 -6.57
CA TYR A 8 6.92 4.72 -7.99
C TYR A 8 5.48 5.20 -8.15
N HIS A 9 5.26 6.16 -9.03
CA HIS A 9 3.92 6.62 -9.35
C HIS A 9 3.89 7.21 -10.75
N ALA A 10 2.69 7.40 -11.29
CA ALA A 10 2.55 7.91 -12.65
C ALA A 10 1.97 9.33 -12.64
N GLY A 11 1.88 9.93 -11.47
CA GLY A 11 1.33 11.27 -11.36
C GLY A 11 -0.18 11.27 -11.46
N CYS A 12 -0.81 10.22 -10.97
CA CYS A 12 -2.26 10.12 -10.99
C CYS A 12 -2.83 10.63 -9.67
N PRO A 13 -4.11 11.03 -9.64
CA PRO A 13 -4.79 11.48 -8.41
C PRO A 13 -4.63 10.46 -7.27
N VAL A 14 -4.75 9.18 -7.61
CA VAL A 14 -4.56 8.10 -6.64
C VAL A 14 -3.14 8.14 -6.07
N CYS A 15 -2.18 8.49 -6.92
CA CYS A 15 -0.79 8.57 -6.50
C CYS A 15 -0.60 9.72 -5.52
N VAL A 16 -1.29 10.83 -5.78
CA VAL A 16 -1.25 11.99 -4.91
C VAL A 16 -1.78 11.64 -3.52
N SER A 17 -2.90 10.93 -3.49
CA SER A 17 -3.50 10.51 -2.23
C SER A 17 -2.55 9.58 -1.47
N ALA A 18 -1.96 8.62 -2.18
CA ALA A 18 -1.04 7.67 -1.57
C ALA A 18 0.20 8.37 -1.04
N GLU A 19 0.67 9.37 -1.76
CA GLU A 19 1.84 10.14 -1.34
C GLU A 19 1.54 10.90 -0.06
N GLN A 20 0.54 11.76 -0.10
CA GLN A 20 0.25 12.68 0.99
C GLN A 20 -0.27 11.95 2.24
N ALA A 21 -0.64 10.69 2.08
CA ALA A 21 -1.07 9.89 3.21
C ALA A 21 0.02 8.96 3.70
N VAL A 22 0.43 8.02 2.85
CA VAL A 22 1.37 6.98 3.25
C VAL A 22 2.81 7.49 3.24
N ALA A 23 3.24 8.02 2.10
CA ALA A 23 4.62 8.48 1.95
C ALA A 23 4.90 9.67 2.84
N ASN A 24 3.88 10.50 3.04
CA ASN A 24 4.00 11.68 3.88
C ASN A 24 4.04 11.30 5.35
N ALA A 25 3.37 10.20 5.69
CA ALA A 25 3.40 9.68 7.05
C ALA A 25 4.80 9.20 7.41
N ILE A 26 5.50 8.68 6.41
CA ILE A 26 6.87 8.24 6.60
C ILE A 26 7.81 9.43 6.60
N ASP A 27 8.51 9.62 7.71
CA ASP A 27 9.44 10.73 7.86
C ASP A 27 10.65 10.53 6.96
N PRO A 28 10.98 11.54 6.14
CA PRO A 28 12.22 11.55 5.35
C PRO A 28 13.45 11.71 6.24
N SER A 29 13.19 11.89 7.53
CA SER A 29 14.24 11.96 8.54
C SER A 29 14.42 10.57 9.17
N LYS A 30 13.54 9.66 8.81
CA LYS A 30 13.58 8.30 9.32
C LYS A 30 14.03 7.34 8.22
N TYR A 31 13.38 7.43 7.06
CA TYR A 31 13.75 6.63 5.91
C TYR A 31 14.04 7.53 4.72
N THR A 32 14.82 7.04 3.78
CA THR A 32 15.16 7.82 2.60
C THR A 32 14.13 7.57 1.50
N VAL A 33 13.10 8.40 1.47
CA VAL A 33 12.02 8.26 0.51
C VAL A 33 12.33 9.01 -0.78
N GLU A 34 12.58 8.26 -1.84
CA GLU A 34 12.85 8.83 -3.14
C GLU A 34 11.71 8.53 -4.09
N ILE A 35 10.93 9.55 -4.39
CA ILE A 35 9.74 9.40 -5.22
C ILE A 35 10.08 9.56 -6.70
N VAL A 36 9.71 8.57 -7.50
CA VAL A 36 10.05 8.54 -8.91
C VAL A 36 8.79 8.63 -9.77
N HIS A 37 8.74 9.65 -10.63
CA HIS A 37 7.62 9.84 -11.52
C HIS A 37 7.85 9.04 -12.80
N LEU A 38 6.98 8.07 -13.06
CA LEU A 38 7.12 7.20 -14.23
C LEU A 38 6.37 7.75 -15.43
N GLY A 39 5.64 8.84 -15.23
CA GLY A 39 4.83 9.39 -16.30
C GLY A 39 5.60 10.34 -17.18
N THR A 40 6.78 9.93 -17.61
CA THR A 40 7.62 10.73 -18.48
C THR A 40 8.61 9.86 -19.25
N ASP A 41 9.39 9.07 -18.51
CA ASP A 41 10.45 8.28 -19.11
C ASP A 41 10.07 6.80 -19.20
N LYS A 42 10.29 6.22 -20.37
CA LYS A 42 9.94 4.82 -20.61
C LYS A 42 11.09 3.90 -20.20
N ALA A 43 12.28 4.45 -20.00
CA ALA A 43 13.41 3.64 -19.58
C ALA A 43 13.21 3.17 -18.15
N ARG A 44 12.57 4.01 -17.35
CA ARG A 44 12.24 3.67 -15.98
C ARG A 44 11.10 2.66 -15.90
N ILE A 45 10.45 2.41 -17.02
CA ILE A 45 9.50 1.30 -17.09
C ILE A 45 10.28 -0.01 -16.98
N ALA A 46 11.44 -0.05 -17.62
CA ALA A 46 12.34 -1.19 -17.50
C ALA A 46 12.94 -1.24 -16.11
N GLU A 47 13.16 -0.06 -15.52
CA GLU A 47 13.68 0.03 -14.16
C GLU A 47 12.68 -0.58 -13.17
N ALA A 48 11.41 -0.21 -13.32
CA ALA A 48 10.35 -0.73 -12.47
C ALA A 48 10.17 -2.23 -12.67
N GLU A 49 10.25 -2.67 -13.93
CA GLU A 49 10.15 -4.09 -14.25
C GLU A 49 11.35 -4.85 -13.66
N LYS A 50 12.50 -4.20 -13.69
CA LYS A 50 13.73 -4.74 -13.13
C LYS A 50 13.60 -4.93 -11.62
N ALA A 51 12.90 -4.01 -10.97
CA ALA A 51 12.64 -4.12 -9.55
C ALA A 51 11.55 -5.15 -9.27
N GLY A 52 10.51 -5.14 -10.10
CA GLY A 52 9.41 -6.07 -9.93
C GLY A 52 8.08 -5.37 -9.67
N VAL A 53 8.01 -4.11 -10.07
CA VAL A 53 6.81 -3.30 -9.85
C VAL A 53 5.79 -3.57 -10.95
N LYS A 54 4.54 -3.75 -10.56
CA LYS A 54 3.46 -4.02 -11.52
C LYS A 54 2.48 -2.85 -11.61
N SER A 55 2.26 -2.17 -10.50
CA SER A 55 1.26 -1.12 -10.45
C SER A 55 1.79 0.12 -9.74
N VAL A 56 1.15 1.25 -9.96
CA VAL A 56 1.48 2.47 -9.25
C VAL A 56 0.24 3.02 -8.56
N PRO A 57 0.40 3.64 -7.40
CA PRO A 57 1.71 3.86 -6.76
C PRO A 57 2.26 2.60 -6.08
N ALA A 58 3.57 2.52 -5.97
CA ALA A 58 4.22 1.40 -5.31
C ALA A 58 5.37 1.88 -4.44
N LEU A 59 5.44 1.38 -3.22
CA LEU A 59 6.47 1.77 -2.29
C LEU A 59 7.49 0.63 -2.15
N VAL A 60 8.66 0.81 -2.72
CA VAL A 60 9.70 -0.19 -2.69
C VAL A 60 10.57 -0.02 -1.44
N ILE A 61 10.34 -0.87 -0.46
CA ILE A 61 11.07 -0.82 0.80
C ILE A 61 12.22 -1.82 0.79
N ASP A 62 13.44 -1.31 0.66
CA ASP A 62 14.66 -2.13 0.73
C ASP A 62 14.70 -3.15 -0.41
N GLY A 63 13.90 -2.94 -1.44
CA GLY A 63 13.87 -3.84 -2.56
C GLY A 63 12.54 -4.55 -2.71
N ALA A 64 11.75 -4.53 -1.64
CA ALA A 64 10.43 -5.15 -1.66
C ALA A 64 9.37 -4.13 -2.06
N ALA A 65 8.76 -4.33 -3.21
CA ALA A 65 7.78 -3.39 -3.73
C ALA A 65 6.39 -3.64 -3.16
N PHE A 66 5.92 -2.71 -2.36
CA PHE A 66 4.58 -2.78 -1.81
C PHE A 66 3.67 -1.78 -2.50
N HIS A 67 2.79 -2.28 -3.35
CA HIS A 67 1.89 -1.44 -4.13
C HIS A 67 0.82 -0.84 -3.22
N ILE A 68 0.51 0.42 -3.45
CA ILE A 68 -0.47 1.13 -2.65
C ILE A 68 -1.69 1.47 -3.50
N ASN A 69 -2.67 0.57 -3.47
CA ASN A 69 -3.87 0.69 -4.32
C ASN A 69 -3.50 0.58 -5.80
N PHE A 70 -4.47 0.80 -6.67
CA PHE A 70 -4.24 0.67 -8.10
C PHE A 70 -4.70 1.92 -8.84
N GLY A 71 -3.73 2.73 -9.25
CA GLY A 71 -4.01 3.86 -10.09
C GLY A 71 -3.80 3.53 -11.55
N ALA A 72 -2.58 3.08 -11.85
CA ALA A 72 -2.24 2.64 -13.20
C ALA A 72 -1.37 1.39 -13.13
N GLY A 73 -1.36 0.62 -14.21
CA GLY A 73 -0.57 -0.59 -14.25
C GLY A 73 0.56 -0.49 -15.27
N ILE A 74 1.76 -0.91 -14.87
CA ILE A 74 2.91 -0.80 -15.75
C ILE A 74 2.75 -1.71 -16.97
N ASP A 75 2.12 -2.86 -16.77
CA ASP A 75 1.92 -3.83 -17.83
C ASP A 75 0.97 -3.28 -18.88
N ASP A 76 0.05 -2.43 -18.45
CA ASP A 76 -0.95 -1.84 -19.32
C ASP A 76 -0.33 -0.74 -20.17
N LEU A 77 0.61 -0.03 -19.59
CA LEU A 77 1.28 1.09 -20.25
C LEU A 77 2.48 0.63 -21.06
N LYS A 78 3.05 -0.50 -20.68
CA LYS A 78 4.24 -1.02 -21.32
C LYS A 78 3.91 -1.65 -22.68
N GLY A 79 4.32 -0.97 -23.73
CA GLY A 79 4.10 -1.47 -25.08
C GLY A 79 5.15 -0.93 -26.04
N SER A 80 5.25 -1.56 -27.20
CA SER A 80 6.24 -1.17 -28.19
C SER A 80 5.56 -0.92 -29.53
N VAL B 1 -0.45 14.14 16.01
CA VAL B 1 0.82 13.41 15.82
C VAL B 1 0.55 11.91 15.57
N ALA B 2 -0.48 11.38 16.22
CA ALA B 2 -0.78 9.96 16.13
C ALA B 2 -2.28 9.74 15.96
N SER B 3 -2.70 9.37 14.76
CA SER B 3 -4.09 9.07 14.50
C SER B 3 -4.29 7.55 14.45
N LYS B 4 -5.46 7.11 14.00
CA LYS B 4 -5.77 5.69 13.97
C LYS B 4 -5.57 5.11 12.58
N ALA B 5 -4.67 4.13 12.48
CA ALA B 5 -4.41 3.45 11.23
C ALA B 5 -4.81 1.98 11.35
N ILE B 6 -5.73 1.55 10.50
CA ILE B 6 -6.24 0.19 10.57
C ILE B 6 -5.49 -0.72 9.62
N PHE B 7 -5.23 -1.94 10.04
CA PHE B 7 -4.62 -2.92 9.16
C PHE B 7 -5.46 -4.18 9.15
N TYR B 8 -6.17 -4.41 8.05
CA TYR B 8 -6.99 -5.60 7.91
C TYR B 8 -6.19 -6.69 7.22
N HIS B 9 -6.16 -7.88 7.81
CA HIS B 9 -5.44 -9.00 7.23
C HIS B 9 -6.30 -10.26 7.27
N ALA B 10 -5.96 -11.22 6.44
CA ALA B 10 -6.69 -12.47 6.35
C ALA B 10 -5.82 -13.65 6.75
N GLY B 11 -4.63 -13.37 7.26
CA GLY B 11 -3.70 -14.42 7.63
C GLY B 11 -3.05 -15.05 6.41
N CYS B 12 -2.86 -14.25 5.38
CA CYS B 12 -2.25 -14.71 4.14
C CYS B 12 -0.75 -14.43 4.15
N PRO B 13 0.03 -15.07 3.26
CA PRO B 13 1.48 -14.81 3.15
C PRO B 13 1.77 -13.34 2.87
N VAL B 14 0.84 -12.69 2.18
CA VAL B 14 0.94 -11.27 1.88
C VAL B 14 0.95 -10.44 3.17
N CYS B 15 0.20 -10.92 4.16
CA CYS B 15 0.09 -10.21 5.44
C CYS B 15 1.42 -10.24 6.17
N VAL B 16 2.08 -11.39 6.17
CA VAL B 16 3.34 -11.57 6.87
C VAL B 16 4.38 -10.55 6.41
N SER B 17 4.62 -10.51 5.11
CA SER B 17 5.60 -9.60 4.55
C SER B 17 5.20 -8.14 4.76
N ALA B 18 3.90 -7.88 4.72
CA ALA B 18 3.37 -6.54 4.96
C ALA B 18 3.65 -6.10 6.39
N GLU B 19 3.50 -7.03 7.32
CA GLU B 19 3.80 -6.76 8.72
C GLU B 19 5.27 -6.46 8.91
N GLN B 20 6.12 -7.32 8.36
CA GLN B 20 7.56 -7.22 8.53
C GLN B 20 8.12 -5.89 8.00
N ALA B 21 7.53 -5.37 6.95
CA ALA B 21 8.01 -4.14 6.34
C ALA B 21 7.13 -2.95 6.71
N VAL B 22 5.91 -2.93 6.19
CA VAL B 22 5.02 -1.78 6.34
C VAL B 22 4.63 -1.55 7.80
N ALA B 23 4.21 -2.62 8.47
CA ALA B 23 3.74 -2.51 9.85
C ALA B 23 4.89 -2.28 10.82
N ASN B 24 6.12 -2.43 10.35
CA ASN B 24 7.29 -2.13 11.17
C ASN B 24 7.82 -0.74 10.86
N ALA B 25 7.54 -0.27 9.65
CA ALA B 25 7.94 1.08 9.25
C ALA B 25 7.12 2.12 9.98
N ILE B 26 5.87 1.79 10.26
CA ILE B 26 4.99 2.68 11.01
C ILE B 26 5.00 2.30 12.48
N ASP B 27 5.62 3.14 13.29
CA ASP B 27 5.71 2.90 14.73
C ASP B 27 4.35 3.06 15.40
N PRO B 28 3.97 2.12 16.27
CA PRO B 28 2.74 2.23 17.07
C PRO B 28 2.75 3.47 17.98
N SER B 29 3.94 3.91 18.36
CA SER B 29 4.08 5.12 19.15
C SER B 29 3.90 6.35 18.26
N LYS B 30 4.04 6.16 16.95
CA LYS B 30 3.91 7.24 16.00
C LYS B 30 2.47 7.35 15.51
N TYR B 31 1.86 6.20 15.25
CA TYR B 31 0.45 6.14 14.88
C TYR B 31 -0.20 4.92 15.51
N THR B 32 -1.45 5.05 15.91
CA THR B 32 -2.16 3.96 16.55
C THR B 32 -2.59 2.94 15.50
N VAL B 33 -1.77 1.92 15.31
CA VAL B 33 -2.05 0.90 14.31
C VAL B 33 -2.90 -0.22 14.91
N GLU B 34 -4.14 -0.31 14.43
CA GLU B 34 -5.05 -1.32 14.90
C GLU B 34 -5.20 -2.40 13.84
N ILE B 35 -4.64 -3.56 14.11
CA ILE B 35 -4.66 -4.66 13.16
C ILE B 35 -5.82 -5.60 13.47
N VAL B 36 -6.68 -5.80 12.48
CA VAL B 36 -7.88 -6.62 12.66
C VAL B 36 -7.95 -7.71 11.60
N HIS B 37 -8.21 -8.93 12.03
CA HIS B 37 -8.35 -10.05 11.11
C HIS B 37 -9.73 -10.03 10.47
N LEU B 38 -9.75 -9.99 9.14
CA LEU B 38 -11.01 -9.91 8.40
C LEU B 38 -11.08 -11.06 7.38
N GLY B 39 -10.26 -12.08 7.61
CA GLY B 39 -10.21 -13.19 6.67
C GLY B 39 -11.13 -14.33 7.05
N THR B 40 -11.87 -14.15 8.13
CA THR B 40 -12.80 -15.17 8.60
C THR B 40 -14.10 -14.57 9.16
N ASP B 41 -14.05 -13.31 9.58
CA ASP B 41 -15.22 -12.68 10.18
C ASP B 41 -16.08 -12.01 9.11
N LYS B 42 -17.30 -12.50 8.97
CA LYS B 42 -18.22 -11.98 7.96
C LYS B 42 -19.05 -10.82 8.50
N ALA B 43 -19.00 -10.60 9.79
CA ALA B 43 -19.77 -9.52 10.40
C ALA B 43 -19.16 -8.16 10.08
N ARG B 44 -17.82 -8.08 10.18
CA ARG B 44 -17.12 -6.83 9.95
C ARG B 44 -17.09 -6.46 8.47
N ILE B 45 -17.59 -7.33 7.61
CA ILE B 45 -17.65 -7.05 6.18
C ILE B 45 -18.52 -5.83 5.92
N ALA B 46 -19.66 -5.77 6.59
CA ALA B 46 -20.57 -4.64 6.46
C ALA B 46 -19.94 -3.37 7.02
N GLU B 47 -19.21 -3.52 8.12
CA GLU B 47 -18.53 -2.39 8.76
C GLU B 47 -17.40 -1.86 7.87
N ALA B 48 -16.58 -2.79 7.39
CA ALA B 48 -15.45 -2.45 6.53
C ALA B 48 -15.92 -1.75 5.27
N GLU B 49 -17.03 -2.23 4.72
CA GLU B 49 -17.61 -1.63 3.52
C GLU B 49 -18.00 -0.19 3.78
N LYS B 50 -18.52 0.08 4.97
CA LYS B 50 -18.92 1.44 5.35
C LYS B 50 -17.71 2.29 5.68
N ALA B 51 -16.57 1.64 5.89
CA ALA B 51 -15.33 2.34 6.18
C ALA B 51 -14.54 2.57 4.91
N GLY B 52 -15.03 2.04 3.80
CA GLY B 52 -14.37 2.23 2.52
C GLY B 52 -13.35 1.14 2.21
N VAL B 53 -13.38 0.09 3.01
CA VAL B 53 -12.45 -1.03 2.82
C VAL B 53 -13.05 -2.04 1.84
N LYS B 54 -12.42 -2.15 0.68
CA LYS B 54 -12.95 -3.02 -0.38
C LYS B 54 -12.09 -4.25 -0.57
N SER B 55 -10.96 -4.31 0.13
CA SER B 55 -10.12 -5.49 0.09
C SER B 55 -9.36 -5.68 1.41
N VAL B 56 -8.99 -6.92 1.70
CA VAL B 56 -8.19 -7.23 2.87
C VAL B 56 -6.70 -7.10 2.49
N PRO B 57 -5.72 -7.65 3.27
CA PRO B 57 -4.44 -7.02 3.52
C PRO B 57 -4.30 -5.61 2.94
N ALA B 58 -4.72 -4.65 3.75
CA ALA B 58 -4.73 -3.25 3.37
C ALA B 58 -4.50 -2.35 4.57
N LEU B 59 -3.96 -1.17 4.31
CA LEU B 59 -3.71 -0.19 5.36
C LEU B 59 -4.72 0.94 5.27
N VAL B 60 -5.60 1.02 6.26
CA VAL B 60 -6.66 2.02 6.26
C VAL B 60 -6.30 3.16 7.20
N ILE B 61 -5.75 4.23 6.65
CA ILE B 61 -5.32 5.36 7.45
C ILE B 61 -6.45 6.37 7.56
N ASP B 62 -6.99 6.51 8.78
CA ASP B 62 -8.06 7.48 9.07
C ASP B 62 -9.27 7.28 8.17
N GLY B 63 -9.51 6.04 7.76
CA GLY B 63 -10.66 5.76 6.92
C GLY B 63 -10.30 5.61 5.45
N ALA B 64 -9.10 6.03 5.09
CA ALA B 64 -8.65 5.90 3.72
C ALA B 64 -7.97 4.55 3.52
N ALA B 65 -8.60 3.69 2.74
CA ALA B 65 -8.11 2.33 2.53
C ALA B 65 -7.03 2.29 1.46
N PHE B 66 -5.81 2.03 1.87
CA PHE B 66 -4.71 1.83 0.94
C PHE B 66 -4.34 0.36 0.90
N HIS B 67 -4.86 -0.34 -0.09
CA HIS B 67 -4.66 -1.77 -0.21
C HIS B 67 -3.23 -2.08 -0.62
N ILE B 68 -2.60 -2.98 0.11
CA ILE B 68 -1.19 -3.29 -0.10
C ILE B 68 -1.01 -4.46 -1.07
N ASN B 69 -0.50 -4.16 -2.25
CA ASN B 69 -0.30 -5.14 -3.32
C ASN B 69 -1.64 -5.71 -3.79
N PHE B 70 -2.09 -6.74 -3.10
CA PHE B 70 -3.37 -7.38 -3.38
C PHE B 70 -3.57 -8.50 -2.37
N GLY B 71 -4.16 -8.15 -1.24
CA GLY B 71 -4.37 -9.14 -0.20
C GLY B 71 -5.54 -10.05 -0.51
N ALA B 72 -6.73 -9.60 -0.17
CA ALA B 72 -7.93 -10.39 -0.49
C ALA B 72 -9.04 -9.46 -0.95
N GLY B 73 -9.96 -9.96 -1.75
CA GLY B 73 -11.05 -9.13 -2.22
C GLY B 73 -12.28 -9.27 -1.35
N ILE B 74 -13.00 -8.17 -1.13
CA ILE B 74 -14.23 -8.21 -0.36
C ILE B 74 -15.27 -9.04 -1.11
N ASP B 75 -15.09 -9.12 -2.43
CA ASP B 75 -15.97 -9.90 -3.29
C ASP B 75 -15.87 -11.39 -2.97
N ASP B 76 -14.69 -11.82 -2.53
CA ASP B 76 -14.47 -13.21 -2.15
C ASP B 76 -15.40 -13.61 -1.01
N LEU B 77 -15.74 -12.65 -0.16
CA LEU B 77 -16.55 -12.92 1.01
C LEU B 77 -17.98 -12.44 0.81
N LYS B 78 -18.27 -11.86 -0.36
CA LYS B 78 -19.59 -11.31 -0.63
C LYS B 78 -20.53 -12.34 -1.24
N GLY B 79 -19.99 -13.52 -1.56
CA GLY B 79 -20.81 -14.58 -2.10
C GLY B 79 -21.63 -15.25 -1.03
N SER B 80 -20.98 -16.13 -0.29
CA SER B 80 -21.60 -16.82 0.82
C SER B 80 -20.53 -17.17 1.85
N VAL A 1 19.87 6.92 10.90
CA VAL A 1 20.03 5.73 10.03
C VAL A 1 18.71 5.39 9.35
N ALA A 2 18.78 4.91 8.12
CA ALA A 2 17.59 4.61 7.35
C ALA A 2 17.93 3.77 6.13
N SER A 3 16.97 2.98 5.67
CA SER A 3 17.12 2.24 4.43
C SER A 3 16.32 2.93 3.33
N LYS A 4 16.50 2.51 2.08
CA LYS A 4 15.90 3.20 0.95
C LYS A 4 14.50 2.68 0.65
N ALA A 5 13.57 3.61 0.47
CA ALA A 5 12.22 3.31 0.04
C ALA A 5 11.91 4.06 -1.25
N ILE A 6 11.68 3.33 -2.32
CA ILE A 6 11.52 3.94 -3.64
C ILE A 6 10.06 3.94 -4.06
N PHE A 7 9.47 5.12 -4.16
CA PHE A 7 8.08 5.23 -4.54
C PHE A 7 7.94 5.53 -6.03
N TYR A 8 7.44 4.55 -6.78
CA TYR A 8 7.27 4.70 -8.21
C TYR A 8 5.81 5.02 -8.55
N HIS A 9 5.60 6.08 -9.32
CA HIS A 9 4.28 6.40 -9.82
C HIS A 9 4.38 7.16 -11.14
N ALA A 10 3.24 7.45 -11.76
CA ALA A 10 3.23 8.09 -13.07
C ALA A 10 2.36 9.35 -13.06
N GLY A 11 2.13 9.91 -11.89
CA GLY A 11 1.32 11.11 -11.78
C GLY A 11 -0.16 10.85 -12.02
N CYS A 12 -0.81 10.30 -11.02
CA CYS A 12 -2.24 10.01 -11.09
C CYS A 12 -2.90 10.40 -9.77
N PRO A 13 -4.24 10.60 -9.77
CA PRO A 13 -4.98 10.96 -8.55
C PRO A 13 -4.67 10.03 -7.39
N VAL A 14 -4.61 8.73 -7.69
CA VAL A 14 -4.29 7.72 -6.70
C VAL A 14 -2.88 7.91 -6.15
N CYS A 15 -1.95 8.22 -7.06
CA CYS A 15 -0.57 8.44 -6.69
C CYS A 15 -0.44 9.60 -5.72
N VAL A 16 -1.21 10.65 -5.96
CA VAL A 16 -1.23 11.83 -5.09
C VAL A 16 -1.66 11.43 -3.68
N SER A 17 -2.74 10.67 -3.58
CA SER A 17 -3.26 10.22 -2.30
C SER A 17 -2.23 9.36 -1.57
N ALA A 18 -1.56 8.49 -2.31
CA ALA A 18 -0.54 7.62 -1.74
C ALA A 18 0.68 8.42 -1.30
N GLU A 19 1.04 9.42 -2.08
CA GLU A 19 2.24 10.22 -1.81
C GLU A 19 2.02 11.14 -0.61
N GLN A 20 0.87 11.78 -0.54
CA GLN A 20 0.58 12.71 0.54
C GLN A 20 0.33 11.99 1.86
N ALA A 21 -0.27 10.79 1.80
CA ALA A 21 -0.61 10.06 3.00
C ALA A 21 0.42 8.99 3.34
N VAL A 22 0.53 7.97 2.50
CA VAL A 22 1.36 6.82 2.79
C VAL A 22 2.85 7.19 2.75
N ALA A 23 3.25 7.98 1.75
CA ALA A 23 4.63 8.38 1.61
C ALA A 23 5.02 9.42 2.66
N ASN A 24 4.04 9.90 3.41
CA ASN A 24 4.30 10.78 4.55
C ASN A 24 4.27 9.98 5.84
N ALA A 25 3.56 8.85 5.81
CA ALA A 25 3.58 7.90 6.92
C ALA A 25 4.96 7.27 7.00
N ILE A 26 5.57 7.07 5.83
CA ILE A 26 6.95 6.67 5.75
C ILE A 26 7.82 7.88 6.03
N ASP A 27 8.17 8.06 7.30
CA ASP A 27 8.90 9.25 7.73
C ASP A 27 10.29 9.27 7.11
N PRO A 28 10.66 10.39 6.45
CA PRO A 28 11.96 10.55 5.80
C PRO A 28 13.13 10.47 6.79
N SER A 29 12.84 10.67 8.06
CA SER A 29 13.85 10.59 9.10
C SER A 29 14.02 9.15 9.56
N LYS A 30 13.07 8.32 9.20
CA LYS A 30 13.05 6.92 9.61
C LYS A 30 13.48 6.04 8.44
N TYR A 31 13.06 6.42 7.24
CA TYR A 31 13.44 5.72 6.02
C TYR A 31 13.71 6.72 4.91
N THR A 32 14.64 6.39 4.03
CA THR A 32 15.02 7.28 2.94
C THR A 32 14.06 7.12 1.77
N VAL A 33 13.05 7.99 1.71
CA VAL A 33 12.04 7.92 0.68
C VAL A 33 12.51 8.61 -0.58
N GLU A 34 12.60 7.86 -1.67
CA GLU A 34 12.96 8.41 -2.97
C GLU A 34 11.83 8.19 -3.96
N ILE A 35 11.21 9.27 -4.40
CA ILE A 35 10.06 9.17 -5.27
C ILE A 35 10.49 9.30 -6.74
N VAL A 36 10.22 8.26 -7.51
CA VAL A 36 10.63 8.23 -8.92
C VAL A 36 9.40 8.25 -9.83
N HIS A 37 9.38 9.21 -10.74
CA HIS A 37 8.26 9.37 -11.66
C HIS A 37 8.55 8.60 -12.95
N LEU A 38 7.65 7.69 -13.31
CA LEU A 38 7.85 6.84 -14.48
C LEU A 38 7.32 7.49 -15.74
N GLY A 39 6.72 8.67 -15.60
CA GLY A 39 6.22 9.39 -16.74
C GLY A 39 7.26 10.32 -17.33
N THR A 40 8.15 10.79 -16.47
CA THR A 40 9.22 11.68 -16.89
C THR A 40 10.20 10.96 -17.82
N ASP A 41 10.58 9.73 -17.46
CA ASP A 41 11.53 8.98 -18.26
C ASP A 41 11.02 7.57 -18.52
N LYS A 42 10.87 7.24 -19.80
CA LYS A 42 10.48 5.90 -20.21
C LYS A 42 11.63 4.93 -19.95
N ALA A 43 12.84 5.45 -19.92
CA ALA A 43 14.02 4.64 -19.62
C ALA A 43 13.95 4.09 -18.20
N ARG A 44 13.42 4.89 -17.30
CA ARG A 44 13.31 4.50 -15.90
C ARG A 44 12.17 3.50 -15.69
N ILE A 45 11.33 3.35 -16.72
CA ILE A 45 10.31 2.32 -16.70
C ILE A 45 10.96 0.94 -16.77
N ALA A 46 11.97 0.82 -17.62
CA ALA A 46 12.73 -0.42 -17.74
C ALA A 46 13.48 -0.70 -16.45
N GLU A 47 13.97 0.37 -15.82
CA GLU A 47 14.64 0.24 -14.54
C GLU A 47 13.68 -0.27 -13.47
N ALA A 48 12.50 0.33 -13.41
CA ALA A 48 11.48 -0.07 -12.46
C ALA A 48 11.07 -1.53 -12.67
N GLU A 49 10.92 -1.90 -13.94
CA GLU A 49 10.58 -3.27 -14.32
C GLU A 49 11.58 -4.25 -13.72
N LYS A 50 12.85 -4.00 -13.96
CA LYS A 50 13.92 -4.88 -13.52
C LYS A 50 14.16 -4.73 -12.01
N ALA A 51 13.55 -3.73 -11.41
CA ALA A 51 13.64 -3.52 -9.97
C ALA A 51 12.56 -4.31 -9.24
N GLY A 52 11.60 -4.82 -10.01
CA GLY A 52 10.55 -5.64 -9.42
C GLY A 52 9.22 -4.94 -9.35
N VAL A 53 9.07 -3.85 -10.08
CA VAL A 53 7.81 -3.12 -10.12
C VAL A 53 6.81 -3.85 -11.04
N LYS A 54 5.74 -4.31 -10.44
CA LYS A 54 4.73 -5.08 -11.16
C LYS A 54 3.59 -4.16 -11.62
N SER A 55 3.30 -3.14 -10.82
CA SER A 55 2.21 -2.23 -11.12
C SER A 55 2.49 -0.85 -10.49
N VAL A 56 1.63 0.11 -10.76
CA VAL A 56 1.74 1.44 -10.18
C VAL A 56 0.41 1.87 -9.58
N PRO A 57 0.45 2.66 -8.49
CA PRO A 57 1.71 3.10 -7.86
C PRO A 57 2.35 2.00 -7.00
N ALA A 58 3.67 2.03 -6.89
CA ALA A 58 4.39 1.02 -6.13
C ALA A 58 5.40 1.67 -5.20
N LEU A 59 5.23 1.48 -3.91
CA LEU A 59 6.15 2.00 -2.93
C LEU A 59 7.07 0.88 -2.47
N VAL A 60 8.29 0.88 -2.99
CA VAL A 60 9.27 -0.13 -2.66
C VAL A 60 9.90 0.17 -1.31
N ILE A 61 9.37 -0.43 -0.26
CA ILE A 61 9.83 -0.17 1.09
C ILE A 61 10.94 -1.13 1.46
N ASP A 62 12.16 -0.61 1.58
CA ASP A 62 13.32 -1.37 2.07
C ASP A 62 13.77 -2.41 1.05
N GLY A 63 13.04 -2.51 -0.06
CA GLY A 63 13.37 -3.48 -1.09
C GLY A 63 12.14 -4.17 -1.65
N ALA A 64 11.10 -4.29 -0.82
CA ALA A 64 9.88 -4.94 -1.23
C ALA A 64 8.91 -3.94 -1.83
N ALA A 65 8.41 -4.23 -3.03
CA ALA A 65 7.50 -3.32 -3.71
C ALA A 65 6.07 -3.47 -3.18
N PHE A 66 5.54 -2.39 -2.63
CA PHE A 66 4.17 -2.38 -2.13
C PHE A 66 3.29 -1.50 -3.01
N HIS A 67 2.43 -2.14 -3.78
CA HIS A 67 1.58 -1.46 -4.73
C HIS A 67 0.36 -0.86 -4.04
N ILE A 68 0.32 0.46 -3.93
CA ILE A 68 -0.74 1.14 -3.21
C ILE A 68 -1.89 1.47 -4.15
N ASN A 69 -2.98 0.72 -4.01
CA ASN A 69 -4.17 0.87 -4.86
C ASN A 69 -3.83 0.55 -6.32
N PHE A 70 -4.12 -0.68 -6.72
CA PHE A 70 -3.83 -1.13 -8.07
C PHE A 70 -4.62 -0.33 -9.10
N GLY A 71 -3.93 0.58 -9.79
CA GLY A 71 -4.55 1.35 -10.84
C GLY A 71 -4.14 0.86 -12.21
N ALA A 72 -2.84 0.75 -12.43
CA ALA A 72 -2.33 0.27 -13.70
C ALA A 72 -1.14 -0.66 -13.48
N GLY A 73 -1.12 -1.76 -14.23
CA GLY A 73 0.04 -2.65 -14.17
C GLY A 73 1.15 -2.13 -15.05
N ILE A 74 2.35 -2.67 -14.88
CA ILE A 74 3.49 -2.23 -15.68
C ILE A 74 3.39 -2.79 -17.11
N ASP A 75 2.43 -3.70 -17.29
CA ASP A 75 2.10 -4.21 -18.62
C ASP A 75 1.44 -3.12 -19.43
N ASP A 76 0.52 -2.39 -18.78
CA ASP A 76 -0.18 -1.27 -19.41
C ASP A 76 0.77 -0.09 -19.61
N LEU A 77 1.92 -0.16 -18.95
CA LEU A 77 2.92 0.88 -19.02
C LEU A 77 3.84 0.66 -20.23
N LYS A 78 3.65 -0.47 -20.89
CA LYS A 78 4.41 -0.79 -22.10
C LYS A 78 3.47 -1.09 -23.26
N GLY A 79 3.99 -0.99 -24.48
CA GLY A 79 3.20 -1.33 -25.65
C GLY A 79 3.29 -2.82 -25.96
N SER A 80 2.98 -3.64 -24.98
CA SER A 80 3.06 -5.08 -25.12
C SER A 80 1.72 -5.62 -25.63
N VAL B 1 -0.25 10.85 20.61
CA VAL B 1 -1.59 11.32 20.20
C VAL B 1 -1.67 11.40 18.67
N ALA B 2 -2.47 10.51 18.09
CA ALA B 2 -2.61 10.44 16.65
C ALA B 2 -3.97 9.89 16.26
N SER B 3 -4.17 9.62 14.98
CA SER B 3 -5.41 9.05 14.50
C SER B 3 -5.31 7.54 14.40
N LYS B 4 -6.40 6.90 14.00
CA LYS B 4 -6.47 5.45 13.96
C LYS B 4 -5.97 4.91 12.63
N ALA B 5 -5.01 3.98 12.69
CA ALA B 5 -4.52 3.30 11.51
C ALA B 5 -4.77 1.81 11.64
N ILE B 6 -5.84 1.33 11.04
CA ILE B 6 -6.25 -0.06 11.19
C ILE B 6 -5.97 -0.88 9.94
N PHE B 7 -5.08 -1.85 10.08
CA PHE B 7 -4.72 -2.72 8.97
C PHE B 7 -5.64 -3.94 8.96
N TYR B 8 -6.16 -4.27 7.79
CA TYR B 8 -7.07 -5.40 7.65
C TYR B 8 -6.55 -6.41 6.64
N HIS B 9 -6.39 -7.65 7.09
CA HIS B 9 -5.97 -8.72 6.20
C HIS B 9 -6.62 -10.04 6.59
N ALA B 10 -6.50 -11.03 5.72
CA ALA B 10 -7.11 -12.32 5.95
C ALA B 10 -6.06 -13.43 6.01
N GLY B 11 -4.83 -13.06 6.38
CA GLY B 11 -3.76 -14.04 6.49
C GLY B 11 -3.25 -14.50 5.15
N CYS B 12 -3.31 -13.62 4.16
CA CYS B 12 -2.81 -13.90 2.83
C CYS B 12 -1.32 -13.60 2.77
N PRO B 13 -0.54 -14.38 2.01
CA PRO B 13 0.90 -14.14 1.86
C PRO B 13 1.20 -12.71 1.40
N VAL B 14 0.32 -12.20 0.56
CA VAL B 14 0.42 -10.84 0.03
C VAL B 14 0.48 -9.81 1.16
N CYS B 15 -0.39 -9.96 2.15
CA CYS B 15 -0.48 -8.99 3.23
C CYS B 15 0.50 -9.30 4.36
N VAL B 16 1.15 -10.45 4.30
CA VAL B 16 2.15 -10.81 5.30
C VAL B 16 3.33 -9.84 5.20
N SER B 17 3.86 -9.70 4.00
CA SER B 17 4.95 -8.76 3.76
C SER B 17 4.49 -7.32 4.03
N ALA B 18 3.22 -7.04 3.70
CA ALA B 18 2.64 -5.73 3.92
C ALA B 18 2.61 -5.39 5.41
N GLU B 19 2.06 -6.31 6.21
CA GLU B 19 2.02 -6.14 7.65
C GLU B 19 3.43 -6.00 8.21
N GLN B 20 4.29 -6.95 7.87
CA GLN B 20 5.63 -7.02 8.41
C GLN B 20 6.42 -5.74 8.15
N ALA B 21 6.31 -5.20 6.95
CA ALA B 21 7.11 -4.04 6.56
C ALA B 21 6.43 -2.72 6.89
N VAL B 22 5.18 -2.56 6.46
CA VAL B 22 4.50 -1.29 6.58
C VAL B 22 4.13 -0.97 8.04
N ALA B 23 3.71 -1.98 8.78
CA ALA B 23 3.32 -1.78 10.17
C ALA B 23 4.54 -1.59 11.06
N ASN B 24 5.72 -1.89 10.53
CA ASN B 24 6.96 -1.65 11.25
C ASN B 24 7.57 -0.33 10.80
N ALA B 25 7.21 0.09 9.59
CA ALA B 25 7.61 1.39 9.09
C ALA B 25 6.81 2.48 9.80
N ILE B 26 5.50 2.26 9.91
CA ILE B 26 4.63 3.17 10.63
C ILE B 26 4.57 2.76 12.09
N ASP B 27 5.11 3.60 12.96
CA ASP B 27 5.15 3.30 14.39
C ASP B 27 3.95 3.89 15.11
N PRO B 28 3.54 3.24 16.22
CA PRO B 28 2.36 3.66 17.00
C PRO B 28 2.45 5.08 17.55
N SER B 29 3.67 5.61 17.65
CA SER B 29 3.86 6.97 18.13
C SER B 29 3.48 7.97 17.05
N LYS B 30 3.91 7.70 15.82
CA LYS B 30 3.58 8.54 14.69
C LYS B 30 2.11 8.38 14.32
N TYR B 31 1.64 7.14 14.28
CA TYR B 31 0.23 6.82 14.02
C TYR B 31 -0.18 5.60 14.85
N THR B 32 -1.34 5.67 15.47
CA THR B 32 -1.81 4.57 16.29
C THR B 32 -2.30 3.42 15.42
N VAL B 33 -1.42 2.45 15.20
CA VAL B 33 -1.69 1.33 14.31
C VAL B 33 -2.38 0.18 15.06
N GLU B 34 -3.25 -0.52 14.37
CA GLU B 34 -3.94 -1.68 14.91
C GLU B 34 -4.15 -2.71 13.80
N ILE B 35 -3.79 -3.96 14.09
CA ILE B 35 -3.91 -5.03 13.09
C ILE B 35 -5.16 -5.87 13.34
N VAL B 36 -6.04 -5.94 12.35
CA VAL B 36 -7.26 -6.72 12.48
C VAL B 36 -7.30 -7.81 11.41
N HIS B 37 -7.55 -9.05 11.85
CA HIS B 37 -7.61 -10.19 10.95
C HIS B 37 -9.06 -10.49 10.56
N LEU B 38 -9.36 -10.38 9.27
CA LEU B 38 -10.72 -10.60 8.78
C LEU B 38 -10.86 -12.03 8.24
N GLY B 39 -9.86 -12.85 8.50
CA GLY B 39 -9.87 -14.20 7.97
C GLY B 39 -10.54 -15.18 8.91
N THR B 40 -11.38 -14.67 9.80
CA THR B 40 -12.10 -15.52 10.74
C THR B 40 -13.45 -14.92 11.07
N ASP B 41 -13.45 -13.84 11.85
CA ASP B 41 -14.69 -13.20 12.28
C ASP B 41 -15.33 -12.45 11.12
N LYS B 42 -16.52 -12.89 10.75
CA LYS B 42 -17.22 -12.33 9.61
C LYS B 42 -18.11 -11.17 10.05
N ALA B 43 -18.33 -11.04 11.35
CA ALA B 43 -19.10 -9.94 11.88
C ALA B 43 -18.38 -8.61 11.65
N ARG B 44 -17.09 -8.60 11.97
CA ARG B 44 -16.26 -7.42 11.76
C ARG B 44 -16.17 -7.07 10.28
N ILE B 45 -16.29 -8.08 9.42
CA ILE B 45 -16.25 -7.87 7.97
C ILE B 45 -17.41 -6.99 7.53
N ALA B 46 -18.59 -7.26 8.08
CA ALA B 46 -19.78 -6.49 7.75
C ALA B 46 -19.67 -5.05 8.27
N GLU B 47 -18.91 -4.89 9.34
CA GLU B 47 -18.64 -3.57 9.90
C GLU B 47 -17.55 -2.88 9.10
N ALA B 48 -16.66 -3.69 8.53
CA ALA B 48 -15.57 -3.19 7.70
C ALA B 48 -16.13 -2.51 6.45
N GLU B 49 -17.23 -3.06 5.94
CA GLU B 49 -17.96 -2.44 4.83
C GLU B 49 -18.27 -0.99 5.16
N LYS B 50 -18.76 -0.79 6.38
CA LYS B 50 -19.24 0.51 6.83
C LYS B 50 -18.08 1.38 7.32
N ALA B 51 -16.92 0.78 7.48
CA ALA B 51 -15.72 1.50 7.91
C ALA B 51 -14.97 2.06 6.71
N GLY B 52 -15.28 1.54 5.53
CA GLY B 52 -14.64 2.01 4.32
C GLY B 52 -13.66 1.01 3.75
N VAL B 53 -13.66 -0.20 4.29
CA VAL B 53 -12.79 -1.25 3.80
C VAL B 53 -13.41 -1.86 2.53
N LYS B 54 -12.83 -1.53 1.39
CA LYS B 54 -13.39 -1.94 0.11
C LYS B 54 -12.75 -3.23 -0.36
N SER B 55 -11.51 -3.47 0.03
CA SER B 55 -10.83 -4.71 -0.28
C SER B 55 -9.88 -5.11 0.85
N VAL B 56 -9.56 -6.40 0.93
CA VAL B 56 -8.58 -6.90 1.88
C VAL B 56 -7.17 -6.74 1.30
N PRO B 57 -6.13 -7.29 1.97
CA PRO B 57 -4.85 -6.63 2.17
C PRO B 57 -4.85 -5.12 1.91
N ALA B 58 -5.25 -4.40 2.96
CA ALA B 58 -5.33 -2.94 2.95
C ALA B 58 -5.30 -2.42 4.39
N LEU B 59 -5.29 -1.10 4.56
CA LEU B 59 -5.32 -0.52 5.89
C LEU B 59 -5.99 0.86 5.86
N VAL B 60 -6.77 1.15 6.89
CA VAL B 60 -7.46 2.42 7.00
C VAL B 60 -6.64 3.38 7.86
N ILE B 61 -5.93 4.28 7.21
CA ILE B 61 -5.10 5.25 7.91
C ILE B 61 -5.85 6.56 8.07
N ASP B 62 -6.12 6.94 9.33
CA ASP B 62 -6.73 8.24 9.66
C ASP B 62 -8.21 8.26 9.30
N GLY B 63 -8.64 7.31 8.47
CA GLY B 63 -9.99 7.32 7.95
C GLY B 63 -10.02 7.05 6.45
N ALA B 64 -8.85 6.83 5.86
CA ALA B 64 -8.74 6.49 4.45
C ALA B 64 -8.15 5.11 4.28
N ALA B 65 -8.87 4.23 3.59
CA ALA B 65 -8.42 2.86 3.40
C ALA B 65 -7.53 2.71 2.17
N PHE B 66 -6.24 2.57 2.41
CA PHE B 66 -5.29 2.38 1.33
C PHE B 66 -5.00 0.89 1.17
N HIS B 67 -5.04 0.42 -0.06
CA HIS B 67 -4.86 -0.99 -0.34
C HIS B 67 -3.42 -1.26 -0.73
N ILE B 68 -2.74 -2.12 0.03
CA ILE B 68 -1.31 -2.33 -0.16
C ILE B 68 -1.06 -3.71 -0.75
N ASN B 69 -0.64 -3.73 -2.01
CA ASN B 69 -0.52 -4.95 -2.79
C ASN B 69 -1.90 -5.58 -2.95
N PHE B 70 -2.49 -5.36 -4.13
CA PHE B 70 -3.87 -5.74 -4.41
C PHE B 70 -4.18 -7.13 -3.88
N GLY B 71 -4.86 -7.18 -2.75
CA GLY B 71 -5.23 -8.43 -2.16
C GLY B 71 -6.50 -8.97 -2.77
N ALA B 72 -7.61 -8.78 -2.10
CA ALA B 72 -8.87 -9.31 -2.61
C ALA B 72 -10.00 -8.32 -2.38
N GLY B 73 -11.00 -8.34 -3.24
CA GLY B 73 -12.17 -7.52 -3.00
C GLY B 73 -12.95 -8.03 -1.81
N ILE B 74 -13.59 -7.14 -1.08
CA ILE B 74 -14.31 -7.54 0.13
C ILE B 74 -15.41 -8.55 -0.22
N ASP B 75 -16.00 -8.41 -1.40
CA ASP B 75 -17.10 -9.27 -1.83
C ASP B 75 -16.62 -10.62 -2.34
N ASP B 76 -15.31 -10.85 -2.30
CA ASP B 76 -14.76 -12.16 -2.63
C ASP B 76 -14.85 -13.07 -1.42
N LEU B 77 -14.92 -12.45 -0.25
CA LEU B 77 -15.12 -13.18 0.99
C LEU B 77 -16.57 -12.97 1.45
N LYS B 78 -17.03 -11.74 1.29
CA LYS B 78 -18.42 -11.37 1.58
C LYS B 78 -19.37 -12.14 0.67
N GLY B 79 -20.38 -12.75 1.27
CA GLY B 79 -21.35 -13.52 0.50
C GLY B 79 -22.75 -13.01 0.71
N SER B 80 -23.21 -12.20 -0.24
CA SER B 80 -24.50 -11.53 -0.13
C SER B 80 -24.53 -10.67 1.14
N VAL A 1 17.81 1.26 11.18
CA VAL A 1 18.57 1.48 9.92
C VAL A 1 17.73 2.29 8.94
N ALA A 2 18.32 3.33 8.37
CA ALA A 2 17.65 4.14 7.36
C ALA A 2 17.66 3.42 6.02
N SER A 3 16.65 2.59 5.80
CA SER A 3 16.54 1.81 4.58
C SER A 3 16.10 2.68 3.41
N LYS A 4 16.31 2.16 2.20
CA LYS A 4 15.94 2.87 0.99
C LYS A 4 14.51 2.54 0.60
N ALA A 5 13.66 3.55 0.53
CA ALA A 5 12.27 3.37 0.14
C ALA A 5 11.99 4.12 -1.16
N ILE A 6 11.71 3.37 -2.22
CA ILE A 6 11.47 3.98 -3.53
C ILE A 6 9.99 3.97 -3.87
N PHE A 7 9.44 5.13 -4.17
CA PHE A 7 8.03 5.24 -4.50
C PHE A 7 7.84 5.54 -5.98
N TYR A 8 7.28 4.57 -6.70
CA TYR A 8 7.04 4.71 -8.13
C TYR A 8 5.58 5.04 -8.39
N HIS A 9 5.32 6.03 -9.25
CA HIS A 9 3.97 6.33 -9.68
C HIS A 9 3.98 7.10 -11.00
N ALA A 10 2.80 7.27 -11.59
CA ALA A 10 2.69 7.89 -12.92
C ALA A 10 1.94 9.21 -12.87
N GLY A 11 1.74 9.74 -11.66
CA GLY A 11 1.06 11.02 -11.51
C GLY A 11 -0.45 10.90 -11.47
N CYS A 12 -0.94 9.66 -11.49
CA CYS A 12 -2.38 9.41 -11.44
C CYS A 12 -2.95 9.87 -10.10
N PRO A 13 -4.24 10.26 -10.08
CA PRO A 13 -4.92 10.71 -8.86
C PRO A 13 -4.79 9.69 -7.72
N VAL A 14 -4.91 8.41 -8.08
CA VAL A 14 -4.75 7.32 -7.12
C VAL A 14 -3.35 7.38 -6.48
N CYS A 15 -2.36 7.74 -7.28
CA CYS A 15 -0.99 7.82 -6.83
C CYS A 15 -0.78 9.04 -5.93
N VAL A 16 -1.42 10.15 -6.31
CA VAL A 16 -1.29 11.41 -5.58
C VAL A 16 -1.68 11.25 -4.11
N SER A 17 -2.79 10.56 -3.87
CA SER A 17 -3.25 10.31 -2.51
C SER A 17 -2.22 9.51 -1.73
N ALA A 18 -1.72 8.43 -2.34
CA ALA A 18 -0.76 7.56 -1.69
C ALA A 18 0.55 8.31 -1.42
N GLU A 19 1.00 9.06 -2.40
CA GLU A 19 2.25 9.82 -2.32
C GLU A 19 2.26 10.74 -1.10
N GLN A 20 1.32 11.66 -1.06
CA GLN A 20 1.34 12.71 -0.05
C GLN A 20 0.89 12.23 1.33
N ALA A 21 0.23 11.08 1.38
CA ALA A 21 -0.21 10.54 2.66
C ALA A 21 0.84 9.59 3.26
N VAL A 22 1.20 8.56 2.51
CA VAL A 22 2.07 7.51 3.02
C VAL A 22 3.50 8.01 3.21
N ALA A 23 3.98 8.82 2.28
CA ALA A 23 5.36 9.32 2.35
C ALA A 23 5.51 10.39 3.44
N ASN A 24 4.40 10.75 4.07
CA ASN A 24 4.44 11.66 5.21
C ASN A 24 4.17 10.90 6.50
N ALA A 25 3.54 9.74 6.37
CA ALA A 25 3.32 8.85 7.51
C ALA A 25 4.63 8.18 7.90
N ILE A 26 5.42 7.84 6.90
CA ILE A 26 6.76 7.32 7.12
C ILE A 26 7.75 8.47 7.09
N ASP A 27 8.32 8.80 8.25
CA ASP A 27 9.23 9.93 8.36
C ASP A 27 10.48 9.68 7.52
N PRO A 28 10.88 10.68 6.70
CA PRO A 28 12.03 10.58 5.82
C PRO A 28 13.34 10.40 6.58
N SER A 29 13.38 10.91 7.80
CA SER A 29 14.57 10.77 8.64
C SER A 29 14.62 9.38 9.28
N LYS A 30 13.50 8.69 9.24
CA LYS A 30 13.42 7.31 9.71
C LYS A 30 13.80 6.39 8.55
N TYR A 31 13.05 6.51 7.47
CA TYR A 31 13.33 5.80 6.23
C TYR A 31 13.26 6.79 5.08
N THR A 32 14.31 6.85 4.27
CA THR A 32 14.39 7.84 3.21
C THR A 32 13.51 7.46 2.02
N VAL A 33 12.40 8.18 1.86
CA VAL A 33 11.48 7.94 0.77
C VAL A 33 11.91 8.72 -0.48
N GLU A 34 12.24 7.99 -1.53
CA GLU A 34 12.68 8.59 -2.78
C GLU A 34 11.58 8.43 -3.83
N ILE A 35 11.13 9.55 -4.38
CA ILE A 35 10.01 9.53 -5.31
C ILE A 35 10.50 9.41 -6.75
N VAL A 36 9.91 8.49 -7.50
CA VAL A 36 10.24 8.31 -8.91
C VAL A 36 8.98 8.43 -9.76
N HIS A 37 8.92 9.47 -10.58
CA HIS A 37 7.78 9.68 -11.45
C HIS A 37 8.01 8.99 -12.78
N LEU A 38 7.15 8.02 -13.10
CA LEU A 38 7.31 7.21 -14.31
C LEU A 38 6.90 7.98 -15.56
N GLY A 39 6.34 9.17 -15.36
CA GLY A 39 5.93 9.99 -16.49
C GLY A 39 7.06 10.86 -16.98
N THR A 40 8.16 10.88 -16.22
CA THR A 40 9.32 11.68 -16.57
C THR A 40 10.22 10.92 -17.56
N ASP A 41 10.27 9.61 -17.43
CA ASP A 41 11.20 8.81 -18.21
C ASP A 41 10.74 7.36 -18.31
N LYS A 42 10.83 6.80 -19.52
CA LYS A 42 10.37 5.43 -19.77
C LYS A 42 11.39 4.40 -19.33
N ALA A 43 12.66 4.80 -19.22
CA ALA A 43 13.72 3.88 -18.83
C ALA A 43 13.58 3.51 -17.36
N ARG A 44 13.12 4.48 -16.56
CA ARG A 44 12.87 4.23 -15.15
C ARG A 44 11.60 3.38 -14.97
N ILE A 45 10.76 3.36 -15.99
CA ILE A 45 9.61 2.46 -16.01
C ILE A 45 10.11 1.02 -16.10
N ALA A 46 11.13 0.83 -16.94
CA ALA A 46 11.76 -0.48 -17.07
C ALA A 46 12.44 -0.88 -15.76
N GLU A 47 12.98 0.11 -15.07
CA GLU A 47 13.58 -0.11 -13.75
C GLU A 47 12.52 -0.63 -12.78
N ALA A 48 11.39 0.06 -12.72
CA ALA A 48 10.28 -0.34 -11.88
C ALA A 48 9.83 -1.75 -12.23
N GLU A 49 9.73 -2.02 -13.52
CA GLU A 49 9.36 -3.33 -14.03
C GLU A 49 10.33 -4.40 -13.53
N LYS A 50 11.62 -4.12 -13.63
CA LYS A 50 12.65 -5.05 -13.18
C LYS A 50 12.56 -5.31 -11.68
N ALA A 51 12.31 -4.24 -10.93
CA ALA A 51 12.22 -4.35 -9.47
C ALA A 51 11.01 -5.19 -9.06
N GLY A 52 9.89 -5.00 -9.74
CA GLY A 52 8.70 -5.75 -9.42
C GLY A 52 7.47 -4.86 -9.29
N VAL A 53 7.52 -3.69 -9.89
CA VAL A 53 6.40 -2.79 -9.90
C VAL A 53 5.50 -3.11 -11.09
N LYS A 54 4.36 -3.73 -10.80
CA LYS A 54 3.44 -4.17 -11.84
C LYS A 54 2.22 -3.25 -11.90
N SER A 55 2.11 -2.36 -10.94
CA SER A 55 1.00 -1.42 -10.89
C SER A 55 1.45 -0.11 -10.26
N VAL A 56 0.72 0.95 -10.55
CA VAL A 56 1.01 2.25 -9.96
C VAL A 56 -0.12 2.68 -9.03
N PRO A 57 0.21 3.25 -7.85
CA PRO A 57 1.59 3.43 -7.43
C PRO A 57 2.13 2.26 -6.60
N ALA A 58 3.44 2.26 -6.38
CA ALA A 58 4.08 1.20 -5.60
C ALA A 58 5.25 1.76 -4.79
N LEU A 59 5.45 1.23 -3.60
CA LEU A 59 6.56 1.65 -2.76
C LEU A 59 7.44 0.46 -2.42
N VAL A 60 8.71 0.55 -2.78
CA VAL A 60 9.66 -0.50 -2.53
C VAL A 60 10.33 -0.29 -1.18
N ILE A 61 9.96 -1.10 -0.21
CA ILE A 61 10.55 -1.02 1.12
C ILE A 61 11.77 -1.93 1.21
N ASP A 62 12.93 -1.36 0.93
CA ASP A 62 14.21 -2.07 1.03
C ASP A 62 14.18 -3.39 0.27
N GLY A 63 13.68 -3.35 -0.96
CA GLY A 63 13.65 -4.54 -1.78
C GLY A 63 12.24 -5.06 -2.03
N ALA A 64 11.40 -4.98 -1.02
CA ALA A 64 10.03 -5.47 -1.13
C ALA A 64 9.11 -4.40 -1.71
N ALA A 65 8.64 -4.63 -2.93
CA ALA A 65 7.80 -3.66 -3.63
C ALA A 65 6.32 -3.90 -3.32
N PHE A 66 5.73 -2.99 -2.54
CA PHE A 66 4.32 -3.08 -2.21
C PHE A 66 3.54 -1.99 -2.94
N HIS A 67 2.54 -2.40 -3.71
CA HIS A 67 1.70 -1.45 -4.42
C HIS A 67 0.74 -0.78 -3.45
N ILE A 68 0.84 0.53 -3.32
CA ILE A 68 0.02 1.26 -2.36
C ILE A 68 -1.21 1.85 -3.03
N ASN A 69 -2.34 1.21 -2.80
CA ASN A 69 -3.63 1.60 -3.37
C ASN A 69 -3.64 1.30 -4.87
N PHE A 70 -4.14 0.13 -5.21
CA PHE A 70 -4.17 -0.35 -6.59
C PHE A 70 -4.84 0.66 -7.52
N GLY A 71 -4.05 1.21 -8.43
CA GLY A 71 -4.58 2.14 -9.41
C GLY A 71 -4.65 1.52 -10.80
N ALA A 72 -3.52 1.46 -11.48
CA ALA A 72 -3.46 0.92 -12.83
C ALA A 72 -2.22 0.07 -13.02
N GLY A 73 -2.29 -0.88 -13.95
CA GLY A 73 -1.14 -1.72 -14.24
C GLY A 73 -0.08 -0.99 -15.03
N ILE A 74 1.18 -1.34 -14.78
CA ILE A 74 2.30 -0.67 -15.42
C ILE A 74 2.36 -1.02 -16.91
N ASP A 75 1.83 -2.19 -17.27
CA ASP A 75 1.85 -2.64 -18.66
C ASP A 75 0.77 -1.95 -19.48
N ASP A 76 -0.12 -1.24 -18.81
CA ASP A 76 -1.14 -0.45 -19.49
C ASP A 76 -0.51 0.81 -20.07
N LEU A 77 0.55 1.27 -19.41
CA LEU A 77 1.26 2.48 -19.82
C LEU A 77 2.26 2.17 -20.93
N LYS A 78 2.38 0.90 -21.27
CA LYS A 78 3.32 0.47 -22.31
C LYS A 78 2.84 0.89 -23.70
N GLY A 79 1.57 1.24 -23.79
CA GLY A 79 1.00 1.62 -25.07
C GLY A 79 1.08 3.12 -25.32
N SER A 80 2.15 3.74 -24.86
CA SER A 80 2.34 5.17 -25.05
C SER A 80 3.20 5.43 -26.29
N VAL B 1 1.32 14.09 13.94
CA VAL B 1 -0.06 13.83 14.40
C VAL B 1 -0.23 12.35 14.69
N ALA B 2 -0.90 12.03 15.79
CA ALA B 2 -1.18 10.65 16.13
C ALA B 2 -2.57 10.27 15.66
N SER B 3 -2.65 9.67 14.47
CA SER B 3 -3.92 9.32 13.88
C SER B 3 -4.16 7.81 13.91
N LYS B 4 -5.40 7.43 13.62
CA LYS B 4 -5.82 6.04 13.61
C LYS B 4 -5.43 5.35 12.30
N ALA B 5 -4.64 4.29 12.40
CA ALA B 5 -4.22 3.54 11.22
C ALA B 5 -4.69 2.10 11.31
N ILE B 6 -5.66 1.74 10.50
CA ILE B 6 -6.23 0.40 10.55
C ILE B 6 -5.65 -0.48 9.45
N PHE B 7 -5.29 -1.70 9.80
CA PHE B 7 -4.70 -2.63 8.86
C PHE B 7 -5.58 -3.86 8.71
N TYR B 8 -6.30 -3.97 7.60
CA TYR B 8 -7.16 -5.11 7.35
C TYR B 8 -6.43 -6.15 6.51
N HIS B 9 -6.54 -7.42 6.88
CA HIS B 9 -5.96 -8.49 6.08
C HIS B 9 -6.78 -9.76 6.19
N ALA B 10 -6.66 -10.64 5.21
CA ALA B 10 -7.53 -11.82 5.12
C ALA B 10 -6.82 -13.13 5.48
N GLY B 11 -5.68 -13.40 4.84
CA GLY B 11 -5.02 -14.67 5.06
C GLY B 11 -3.72 -14.50 5.79
N CYS B 12 -2.61 -14.76 5.09
CA CYS B 12 -1.29 -14.72 5.70
C CYS B 12 -0.19 -14.28 4.71
N PRO B 13 0.09 -15.05 3.62
CA PRO B 13 1.29 -14.80 2.79
C PRO B 13 1.34 -13.38 2.23
N VAL B 14 0.27 -12.95 1.58
CA VAL B 14 0.21 -11.63 0.97
C VAL B 14 0.28 -10.51 2.01
N CYS B 15 -0.40 -10.71 3.13
CA CYS B 15 -0.61 -9.63 4.07
C CYS B 15 0.44 -9.56 5.18
N VAL B 16 0.83 -10.71 5.73
CA VAL B 16 1.77 -10.74 6.87
C VAL B 16 3.10 -10.10 6.51
N SER B 17 3.56 -10.31 5.29
CA SER B 17 4.81 -9.71 4.83
C SER B 17 4.69 -8.18 4.85
N ALA B 18 3.58 -7.67 4.34
CA ALA B 18 3.33 -6.24 4.34
C ALA B 18 3.10 -5.72 5.76
N GLU B 19 2.44 -6.56 6.57
CA GLU B 19 2.17 -6.26 7.96
C GLU B 19 3.46 -5.95 8.70
N GLN B 20 4.39 -6.88 8.67
CA GLN B 20 5.64 -6.75 9.40
C GLN B 20 6.55 -5.69 8.79
N ALA B 21 6.34 -5.37 7.52
CA ALA B 21 7.12 -4.33 6.87
C ALA B 21 6.59 -2.94 7.21
N VAL B 22 5.33 -2.69 6.91
CA VAL B 22 4.74 -1.37 7.06
C VAL B 22 4.56 -1.00 8.53
N ALA B 23 4.15 -1.96 9.36
CA ALA B 23 3.89 -1.69 10.77
C ALA B 23 5.19 -1.50 11.54
N ASN B 24 6.32 -1.81 10.90
CA ASN B 24 7.62 -1.58 11.50
C ASN B 24 8.28 -0.36 10.85
N ALA B 25 7.68 0.11 9.76
CA ALA B 25 8.13 1.32 9.10
C ALA B 25 7.49 2.54 9.74
N ILE B 26 6.26 2.38 10.21
CA ILE B 26 5.54 3.44 10.88
C ILE B 26 5.51 3.19 12.38
N ASP B 27 5.87 4.20 13.16
CA ASP B 27 5.85 4.09 14.62
C ASP B 27 4.44 3.93 15.13
N PRO B 28 4.19 2.91 15.97
CA PRO B 28 2.88 2.69 16.58
C PRO B 28 2.48 3.84 17.50
N SER B 29 3.47 4.59 17.95
CA SER B 29 3.25 5.78 18.76
C SER B 29 2.81 6.94 17.87
N LYS B 30 3.37 6.98 16.66
CA LYS B 30 3.08 8.05 15.71
C LYS B 30 1.68 7.86 15.13
N TYR B 31 1.40 6.65 14.70
CA TYR B 31 0.07 6.29 14.23
C TYR B 31 -0.35 4.99 14.89
N THR B 32 -1.55 4.97 15.45
CA THR B 32 -2.03 3.80 16.16
C THR B 32 -2.47 2.73 15.18
N VAL B 33 -1.58 1.76 14.94
CA VAL B 33 -1.82 0.70 13.99
C VAL B 33 -2.68 -0.40 14.61
N GLU B 34 -3.92 -0.48 14.16
CA GLU B 34 -4.83 -1.52 14.60
C GLU B 34 -5.00 -2.57 13.50
N ILE B 35 -4.40 -3.73 13.72
CA ILE B 35 -4.41 -4.78 12.72
C ILE B 35 -5.61 -5.72 12.93
N VAL B 36 -6.35 -5.97 11.86
CA VAL B 36 -7.56 -6.76 11.94
C VAL B 36 -7.52 -7.95 10.98
N HIS B 37 -7.63 -9.16 11.54
CA HIS B 37 -7.64 -10.38 10.74
C HIS B 37 -9.09 -10.73 10.37
N LEU B 38 -9.38 -10.73 9.08
CA LEU B 38 -10.74 -10.97 8.59
C LEU B 38 -11.06 -12.46 8.56
N GLY B 39 -10.03 -13.28 8.47
CA GLY B 39 -10.22 -14.72 8.42
C GLY B 39 -10.68 -15.27 9.76
N THR B 40 -10.29 -14.59 10.82
CA THR B 40 -10.69 -15.01 12.17
C THR B 40 -12.14 -14.60 12.45
N ASP B 41 -12.51 -13.39 12.07
CA ASP B 41 -13.83 -12.87 12.35
C ASP B 41 -14.42 -12.19 11.13
N LYS B 42 -15.50 -12.76 10.60
CA LYS B 42 -16.12 -12.25 9.37
C LYS B 42 -16.96 -10.99 9.64
N ALA B 43 -17.18 -10.68 10.91
CA ALA B 43 -17.92 -9.46 11.26
C ALA B 43 -17.12 -8.24 10.89
N ARG B 44 -15.80 -8.39 10.89
CA ARG B 44 -14.89 -7.33 10.50
C ARG B 44 -14.92 -7.10 8.98
N ILE B 45 -15.40 -8.09 8.23
CA ILE B 45 -15.55 -7.93 6.79
C ILE B 45 -16.59 -6.86 6.50
N ALA B 46 -17.70 -6.94 7.21
CA ALA B 46 -18.76 -5.94 7.09
C ALA B 46 -18.26 -4.58 7.56
N GLU B 47 -17.40 -4.59 8.57
CA GLU B 47 -16.79 -3.38 9.10
C GLU B 47 -15.96 -2.68 8.02
N ALA B 48 -15.09 -3.44 7.36
CA ALA B 48 -14.26 -2.91 6.29
C ALA B 48 -15.12 -2.45 5.12
N GLU B 49 -16.18 -3.21 4.84
CA GLU B 49 -17.11 -2.89 3.78
C GLU B 49 -17.76 -1.54 4.03
N LYS B 50 -18.20 -1.33 5.27
CA LYS B 50 -18.82 -0.06 5.67
C LYS B 50 -17.80 1.08 5.59
N ALA B 51 -16.56 0.79 5.97
CA ALA B 51 -15.49 1.78 5.94
C ALA B 51 -15.19 2.22 4.52
N GLY B 52 -15.35 1.31 3.57
CA GLY B 52 -15.13 1.64 2.18
C GLY B 52 -14.00 0.86 1.56
N VAL B 53 -13.50 -0.14 2.28
CA VAL B 53 -12.41 -0.97 1.80
C VAL B 53 -12.96 -2.02 0.85
N LYS B 54 -12.74 -1.82 -0.45
CA LYS B 54 -13.25 -2.74 -1.45
C LYS B 54 -12.26 -3.86 -1.71
N SER B 55 -10.99 -3.50 -1.81
CA SER B 55 -9.93 -4.50 -1.92
C SER B 55 -9.22 -4.62 -0.58
N VAL B 56 -9.38 -5.74 0.09
CA VAL B 56 -8.78 -5.92 1.40
C VAL B 56 -7.28 -6.20 1.27
N PRO B 57 -6.63 -6.90 2.23
CA PRO B 57 -5.33 -6.50 2.74
C PRO B 57 -4.88 -5.11 2.29
N ALA B 58 -5.22 -4.13 3.15
CA ALA B 58 -5.03 -2.73 2.84
C ALA B 58 -4.70 -1.94 4.10
N LEU B 59 -4.17 -0.74 3.91
CA LEU B 59 -3.77 0.11 5.02
C LEU B 59 -4.63 1.37 5.06
N VAL B 60 -5.39 1.53 6.12
CA VAL B 60 -6.26 2.68 6.27
C VAL B 60 -5.56 3.78 7.09
N ILE B 61 -5.02 4.76 6.40
CA ILE B 61 -4.37 5.89 7.06
C ILE B 61 -5.38 6.99 7.31
N ASP B 62 -5.96 6.95 8.50
CA ASP B 62 -6.95 7.93 8.95
C ASP B 62 -8.02 8.20 7.89
N GLY B 63 -8.94 7.26 7.76
CA GLY B 63 -10.05 7.42 6.82
C GLY B 63 -9.70 7.01 5.40
N ALA B 64 -8.44 7.20 5.01
CA ALA B 64 -8.01 6.88 3.66
C ALA B 64 -7.54 5.43 3.56
N ALA B 65 -8.29 4.61 2.85
CA ALA B 65 -7.96 3.20 2.72
C ALA B 65 -7.10 2.96 1.49
N PHE B 66 -5.83 2.68 1.71
CA PHE B 66 -4.90 2.39 0.62
C PHE B 66 -4.82 0.88 0.40
N HIS B 67 -5.44 0.41 -0.67
CA HIS B 67 -5.47 -1.01 -0.98
C HIS B 67 -4.06 -1.54 -1.26
N ILE B 68 -3.53 -2.38 -0.38
CA ILE B 68 -2.14 -2.84 -0.53
C ILE B 68 -2.08 -3.96 -1.55
N ASN B 69 -1.69 -3.61 -2.76
CA ASN B 69 -1.77 -4.52 -3.91
C ASN B 69 -3.22 -4.92 -4.09
N PHE B 70 -3.44 -6.12 -4.60
CA PHE B 70 -4.75 -6.72 -4.52
C PHE B 70 -4.66 -7.90 -3.56
N GLY B 71 -4.70 -7.59 -2.27
CA GLY B 71 -4.60 -8.63 -1.26
C GLY B 71 -5.77 -9.56 -1.32
N ALA B 72 -6.94 -9.04 -1.01
CA ALA B 72 -8.17 -9.79 -1.18
C ALA B 72 -9.26 -8.88 -1.71
N GLY B 73 -10.43 -9.42 -1.97
CA GLY B 73 -11.52 -8.61 -2.48
C GLY B 73 -12.82 -8.95 -1.80
N ILE B 74 -13.63 -7.93 -1.52
CA ILE B 74 -14.94 -8.13 -0.90
C ILE B 74 -15.80 -9.05 -1.76
N ASP B 75 -15.74 -8.84 -3.07
CA ASP B 75 -16.48 -9.65 -4.03
C ASP B 75 -16.10 -11.11 -3.90
N ASP B 76 -14.83 -11.36 -3.59
CA ASP B 76 -14.29 -12.70 -3.54
C ASP B 76 -14.58 -13.37 -2.19
N LEU B 77 -14.56 -12.56 -1.14
CA LEU B 77 -14.83 -13.05 0.21
C LEU B 77 -16.32 -13.36 0.38
N LYS B 78 -17.14 -12.70 -0.43
CA LYS B 78 -18.58 -12.94 -0.41
C LYS B 78 -18.92 -14.29 -1.03
N GLY B 79 -18.95 -15.32 -0.18
CA GLY B 79 -19.29 -16.64 -0.63
C GLY B 79 -19.45 -17.60 0.52
N SER B 80 -19.99 -17.08 1.63
CA SER B 80 -20.16 -17.87 2.84
C SER B 80 -20.92 -17.03 3.87
N VAL A 1 19.40 1.51 9.98
CA VAL A 1 18.25 2.31 10.48
C VAL A 1 17.45 2.89 9.31
N ALA A 2 18.07 3.81 8.58
CA ALA A 2 17.38 4.48 7.49
C ALA A 2 17.74 3.88 6.13
N SER A 3 16.96 2.90 5.70
CA SER A 3 17.06 2.40 4.34
C SER A 3 16.06 3.15 3.47
N LYS A 4 16.24 3.10 2.16
CA LYS A 4 15.41 3.90 1.28
C LYS A 4 14.14 3.16 0.85
N ALA A 5 13.05 3.90 0.80
CA ALA A 5 11.78 3.40 0.32
C ALA A 5 11.36 4.19 -0.90
N ILE A 6 11.12 3.50 -2.00
CA ILE A 6 10.85 4.15 -3.27
C ILE A 6 9.36 4.28 -3.50
N PHE A 7 8.86 5.50 -3.46
CA PHE A 7 7.47 5.77 -3.79
C PHE A 7 7.35 5.98 -5.30
N TYR A 8 7.06 4.92 -6.01
CA TYR A 8 7.05 4.95 -7.46
C TYR A 8 5.64 5.16 -7.98
N HIS A 9 5.44 6.19 -8.78
CA HIS A 9 4.14 6.43 -9.40
C HIS A 9 4.30 7.08 -10.77
N ALA A 10 3.17 7.31 -11.44
CA ALA A 10 3.19 7.90 -12.77
C ALA A 10 2.21 9.06 -12.87
N GLY A 11 1.79 9.58 -11.72
CA GLY A 11 0.87 10.70 -11.70
C GLY A 11 -0.58 10.27 -11.60
N CYS A 12 -0.80 8.99 -11.41
CA CYS A 12 -2.15 8.45 -11.23
C CYS A 12 -2.77 9.01 -9.95
N PRO A 13 -4.00 9.55 -10.04
CA PRO A 13 -4.66 10.27 -8.94
C PRO A 13 -4.69 9.49 -7.62
N VAL A 14 -4.62 8.17 -7.71
CA VAL A 14 -4.66 7.32 -6.51
C VAL A 14 -3.39 7.48 -5.67
N CYS A 15 -2.35 8.08 -6.23
CA CYS A 15 -1.09 8.27 -5.51
C CYS A 15 -1.12 9.56 -4.71
N VAL A 16 -2.04 10.45 -5.05
CA VAL A 16 -2.13 11.75 -4.39
C VAL A 16 -2.48 11.58 -2.92
N SER A 17 -3.58 10.90 -2.65
CA SER A 17 -4.01 10.65 -1.28
C SER A 17 -3.06 9.66 -0.60
N ALA A 18 -2.56 8.70 -1.36
CA ALA A 18 -1.60 7.72 -0.85
C ALA A 18 -0.35 8.42 -0.35
N GLU A 19 0.05 9.47 -1.05
CA GLU A 19 1.21 10.26 -0.66
C GLU A 19 0.91 11.03 0.62
N GLN A 20 -0.32 11.53 0.74
CA GLN A 20 -0.73 12.34 1.87
C GLN A 20 -1.03 11.49 3.09
N ALA A 21 -1.05 10.17 2.91
CA ALA A 21 -1.31 9.25 4.00
C ALA A 21 -0.13 8.32 4.26
N VAL A 22 0.16 7.45 3.31
CA VAL A 22 1.21 6.45 3.46
C VAL A 22 2.59 7.10 3.44
N ALA A 23 2.81 7.96 2.46
CA ALA A 23 4.09 8.66 2.33
C ALA A 23 4.21 9.78 3.36
N ASN A 24 3.10 10.05 4.05
CA ASN A 24 3.10 11.02 5.14
C ASN A 24 3.46 10.32 6.43
N ALA A 25 3.06 9.06 6.55
CA ALA A 25 3.37 8.25 7.71
C ALA A 25 4.87 8.02 7.82
N ILE A 26 5.46 7.56 6.73
CA ILE A 26 6.90 7.31 6.70
C ILE A 26 7.64 8.58 6.28
N ASP A 27 8.35 9.16 7.22
CA ASP A 27 9.11 10.39 6.96
C ASP A 27 10.55 10.06 6.59
N PRO A 28 11.23 10.96 5.86
CA PRO A 28 12.59 10.74 5.36
C PRO A 28 13.65 10.68 6.47
N SER A 29 13.26 10.92 7.72
CA SER A 29 14.20 10.82 8.83
C SER A 29 14.33 9.36 9.26
N LYS A 30 13.21 8.64 9.23
CA LYS A 30 13.21 7.23 9.60
C LYS A 30 13.73 6.38 8.45
N TYR A 31 13.18 6.62 7.26
CA TYR A 31 13.61 5.93 6.05
C TYR A 31 13.79 6.92 4.93
N THR A 32 14.68 6.62 3.99
CA THR A 32 14.93 7.50 2.87
C THR A 32 13.79 7.41 1.87
N VAL A 33 12.77 8.24 2.05
CA VAL A 33 11.60 8.21 1.20
C VAL A 33 11.87 8.96 -0.10
N GLU A 34 12.10 8.21 -1.17
CA GLU A 34 12.35 8.80 -2.47
C GLU A 34 11.16 8.58 -3.38
N ILE A 35 10.54 9.66 -3.82
CA ILE A 35 9.41 9.60 -4.73
C ILE A 35 9.90 9.69 -6.17
N VAL A 36 9.56 8.69 -6.97
CA VAL A 36 10.05 8.61 -8.35
C VAL A 36 8.86 8.57 -9.32
N HIS A 37 9.00 9.28 -10.44
CA HIS A 37 7.92 9.42 -11.40
C HIS A 37 8.27 8.74 -12.72
N LEU A 38 7.42 7.81 -13.15
CA LEU A 38 7.64 7.08 -14.40
C LEU A 38 7.16 7.87 -15.61
N GLY A 39 6.17 8.73 -15.41
CA GLY A 39 5.52 9.41 -16.51
C GLY A 39 6.38 10.50 -17.15
N THR A 40 7.62 10.63 -16.69
CA THR A 40 8.53 11.60 -17.27
C THR A 40 9.76 10.90 -17.87
N ASP A 41 9.92 9.61 -17.57
CA ASP A 41 11.07 8.87 -18.04
C ASP A 41 10.75 7.38 -18.15
N LYS A 42 10.60 6.91 -19.38
CA LYS A 42 10.31 5.50 -19.62
C LYS A 42 11.59 4.69 -19.75
N ALA A 43 12.74 5.34 -19.58
CA ALA A 43 14.00 4.63 -19.52
C ALA A 43 14.07 3.84 -18.21
N ARG A 44 13.39 4.35 -17.20
CA ARG A 44 13.31 3.69 -15.90
C ARG A 44 12.19 2.66 -15.86
N ILE A 45 11.55 2.40 -16.99
CA ILE A 45 10.55 1.34 -17.06
C ILE A 45 11.23 -0.01 -16.83
N ALA A 46 12.40 -0.17 -17.44
CA ALA A 46 13.19 -1.38 -17.27
C ALA A 46 13.73 -1.45 -15.84
N GLU A 47 13.95 -0.29 -15.25
CA GLU A 47 14.41 -0.20 -13.87
C GLU A 47 13.28 -0.63 -12.93
N ALA A 48 12.05 -0.28 -13.31
CA ALA A 48 10.88 -0.67 -12.55
C ALA A 48 10.70 -2.18 -12.56
N GLU A 49 11.05 -2.80 -13.69
CA GLU A 49 11.01 -4.26 -13.81
C GLU A 49 11.93 -4.89 -12.78
N LYS A 50 13.08 -4.26 -12.55
CA LYS A 50 14.06 -4.74 -11.59
C LYS A 50 13.48 -4.69 -10.17
N ALA A 51 12.85 -3.57 -9.85
CA ALA A 51 12.28 -3.37 -8.53
C ALA A 51 11.03 -4.23 -8.32
N GLY A 52 10.45 -4.70 -9.42
CA GLY A 52 9.26 -5.52 -9.33
C GLY A 52 8.00 -4.69 -9.34
N VAL A 53 8.09 -3.52 -9.94
CA VAL A 53 6.94 -2.63 -10.03
C VAL A 53 6.01 -3.07 -11.16
N LYS A 54 4.88 -3.63 -10.77
CA LYS A 54 3.90 -4.13 -11.73
C LYS A 54 2.82 -3.09 -11.98
N SER A 55 2.64 -2.19 -11.02
CA SER A 55 1.66 -1.13 -11.14
C SER A 55 2.10 0.09 -10.33
N VAL A 56 1.54 1.24 -10.65
CA VAL A 56 1.81 2.45 -9.89
C VAL A 56 0.51 3.00 -9.31
N PRO A 57 0.57 3.57 -8.10
CA PRO A 57 1.82 3.74 -7.34
C PRO A 57 2.24 2.47 -6.61
N ALA A 58 3.52 2.37 -6.34
CA ALA A 58 4.08 1.24 -5.60
C ALA A 58 5.14 1.73 -4.62
N LEU A 59 5.04 1.28 -3.39
CA LEU A 59 6.01 1.63 -2.38
C LEU A 59 7.05 0.53 -2.26
N VAL A 60 8.22 0.77 -2.82
CA VAL A 60 9.30 -0.19 -2.81
C VAL A 60 10.11 -0.08 -1.52
N ILE A 61 9.78 -0.93 -0.57
CA ILE A 61 10.45 -0.91 0.73
C ILE A 61 11.62 -1.89 0.74
N ASP A 62 12.83 -1.34 0.59
CA ASP A 62 14.06 -2.14 0.63
C ASP A 62 14.18 -3.11 -0.55
N GLY A 63 13.21 -3.08 -1.45
CA GLY A 63 13.24 -3.95 -2.59
C GLY A 63 11.88 -4.52 -2.93
N ALA A 64 11.05 -4.69 -1.91
CA ALA A 64 9.71 -5.21 -2.11
C ALA A 64 8.75 -4.09 -2.49
N ALA A 65 8.13 -4.21 -3.66
CA ALA A 65 7.23 -3.20 -4.17
C ALA A 65 5.80 -3.47 -3.73
N PHE A 66 5.29 -2.63 -2.84
CA PHE A 66 3.91 -2.74 -2.40
C PHE A 66 3.04 -1.73 -3.14
N HIS A 67 2.24 -2.24 -4.05
CA HIS A 67 1.39 -1.39 -4.88
C HIS A 67 0.27 -0.78 -4.04
N ILE A 68 0.00 0.50 -4.25
CA ILE A 68 -1.03 1.18 -3.49
C ILE A 68 -2.24 1.46 -4.37
N ASN A 69 -3.29 0.67 -4.18
CA ASN A 69 -4.52 0.78 -4.96
C ASN A 69 -4.27 0.35 -6.41
N PHE A 70 -5.29 0.49 -7.24
CA PHE A 70 -5.16 0.21 -8.66
C PHE A 70 -5.12 1.51 -9.43
N GLY A 71 -3.94 1.89 -9.91
CA GLY A 71 -3.80 3.10 -10.67
C GLY A 71 -3.49 2.82 -12.12
N ALA A 72 -2.23 2.52 -12.39
CA ALA A 72 -1.79 2.23 -13.74
C ALA A 72 -0.81 1.07 -13.75
N GLY A 73 -1.16 -0.01 -14.44
CA GLY A 73 -0.26 -1.13 -14.56
C GLY A 73 0.92 -0.82 -15.45
N ILE A 74 2.06 -1.45 -15.18
CA ILE A 74 3.28 -1.19 -15.94
C ILE A 74 3.08 -1.56 -17.41
N ASP A 75 2.18 -2.50 -17.68
CA ASP A 75 1.89 -2.93 -19.04
C ASP A 75 1.42 -1.77 -19.91
N ASP A 76 0.62 -0.89 -19.32
CA ASP A 76 0.05 0.23 -20.07
C ASP A 76 1.07 1.34 -20.27
N LEU A 77 2.15 1.28 -19.50
CA LEU A 77 3.22 2.26 -19.61
C LEU A 77 4.38 1.69 -20.44
N LYS A 78 4.52 0.38 -20.41
CA LYS A 78 5.60 -0.29 -21.11
C LYS A 78 5.24 -0.50 -22.58
N GLY A 79 3.99 -0.88 -22.83
CA GLY A 79 3.55 -1.11 -24.19
C GLY A 79 2.94 0.13 -24.81
N SER A 80 2.49 0.01 -26.05
CA SER A 80 1.87 1.13 -26.74
C SER A 80 0.36 1.07 -26.56
N VAL B 1 -4.03 12.54 18.77
CA VAL B 1 -2.85 13.19 18.17
C VAL B 1 -2.34 12.38 16.99
N ALA B 2 -2.25 11.07 17.18
CA ALA B 2 -1.75 10.18 16.14
C ALA B 2 -2.90 9.68 15.27
N SER B 3 -2.65 9.59 13.98
CA SER B 3 -3.61 9.01 13.06
C SER B 3 -3.58 7.49 13.19
N LYS B 4 -4.74 6.87 13.18
CA LYS B 4 -4.84 5.44 13.44
C LYS B 4 -4.66 4.62 12.16
N ALA B 5 -3.53 3.95 12.05
CA ALA B 5 -3.24 3.13 10.89
C ALA B 5 -3.79 1.72 11.06
N ILE B 6 -4.88 1.44 10.37
CA ILE B 6 -5.55 0.15 10.47
C ILE B 6 -5.07 -0.78 9.36
N PHE B 7 -4.56 -1.93 9.73
CA PHE B 7 -4.12 -2.91 8.76
C PHE B 7 -5.13 -4.04 8.66
N TYR B 8 -5.92 -4.04 7.59
CA TYR B 8 -6.90 -5.10 7.36
C TYR B 8 -6.27 -6.23 6.58
N HIS B 9 -6.39 -7.45 7.10
CA HIS B 9 -5.86 -8.61 6.41
C HIS B 9 -6.79 -9.80 6.55
N ALA B 10 -6.42 -10.93 5.96
CA ALA B 10 -7.27 -12.11 5.96
C ALA B 10 -6.46 -13.39 6.22
N GLY B 11 -5.27 -13.23 6.78
CA GLY B 11 -4.44 -14.38 7.10
C GLY B 11 -3.56 -14.82 5.95
N CYS B 12 -3.87 -14.33 4.75
CA CYS B 12 -3.12 -14.67 3.54
C CYS B 12 -1.63 -14.35 3.71
N PRO B 13 -0.73 -15.11 3.05
CA PRO B 13 0.72 -14.90 3.14
C PRO B 13 1.14 -13.47 2.77
N VAL B 14 0.32 -12.81 1.95
CA VAL B 14 0.57 -11.42 1.57
C VAL B 14 0.59 -10.51 2.79
N CYS B 15 -0.22 -10.85 3.79
CA CYS B 15 -0.36 -10.02 4.99
C CYS B 15 0.95 -9.94 5.75
N VAL B 16 1.63 -11.08 5.87
CA VAL B 16 2.88 -11.16 6.61
C VAL B 16 3.92 -10.21 6.02
N SER B 17 4.07 -10.27 4.71
CA SER B 17 5.04 -9.43 4.01
C SER B 17 4.74 -7.95 4.22
N ALA B 18 3.44 -7.61 4.18
CA ALA B 18 3.02 -6.23 4.36
C ALA B 18 3.21 -5.77 5.81
N GLU B 19 2.97 -6.68 6.74
CA GLU B 19 3.13 -6.37 8.16
C GLU B 19 4.59 -6.13 8.51
N GLN B 20 5.46 -7.03 8.08
CA GLN B 20 6.88 -6.96 8.41
C GLN B 20 7.54 -5.75 7.74
N ALA B 21 7.02 -5.33 6.60
CA ALA B 21 7.59 -4.21 5.87
C ALA B 21 6.84 -2.91 6.19
N VAL B 22 5.62 -2.79 5.68
CA VAL B 22 4.86 -1.55 5.78
C VAL B 22 4.47 -1.24 7.23
N ALA B 23 3.87 -2.22 7.90
CA ALA B 23 3.36 -2.02 9.25
C ALA B 23 4.50 -1.95 10.27
N ASN B 24 5.72 -2.17 9.82
CA ASN B 24 6.89 -2.07 10.68
C ASN B 24 7.70 -0.83 10.33
N ALA B 25 7.38 -0.24 9.18
CA ALA B 25 8.04 0.97 8.73
C ALA B 25 7.40 2.21 9.36
N ILE B 26 6.12 2.09 9.70
CA ILE B 26 5.43 3.15 10.39
C ILE B 26 5.87 3.19 11.86
N ASP B 27 6.10 4.39 12.38
CA ASP B 27 6.53 4.53 13.77
C ASP B 27 5.33 4.41 14.70
N PRO B 28 5.36 3.43 15.61
CA PRO B 28 4.25 3.16 16.54
C PRO B 28 3.93 4.33 17.46
N SER B 29 4.91 5.19 17.69
CA SER B 29 4.71 6.34 18.55
C SER B 29 4.32 7.57 17.73
N LYS B 30 4.53 7.48 16.43
CA LYS B 30 4.16 8.55 15.52
C LYS B 30 2.71 8.38 15.10
N TYR B 31 2.35 7.15 14.73
CA TYR B 31 0.99 6.83 14.35
C TYR B 31 0.54 5.53 15.00
N THR B 32 -0.68 5.51 15.50
CA THR B 32 -1.20 4.35 16.22
C THR B 32 -1.63 3.26 15.23
N VAL B 33 -0.83 2.21 15.14
CA VAL B 33 -1.12 1.10 14.24
C VAL B 33 -2.04 0.08 14.92
N GLU B 34 -3.03 -0.41 14.19
CA GLU B 34 -3.92 -1.45 14.68
C GLU B 34 -4.20 -2.45 13.57
N ILE B 35 -3.88 -3.71 13.83
CA ILE B 35 -4.05 -4.76 12.84
C ILE B 35 -5.37 -5.47 13.04
N VAL B 36 -6.18 -5.53 11.99
CA VAL B 36 -7.50 -6.15 12.07
C VAL B 36 -7.60 -7.32 11.10
N HIS B 37 -7.76 -8.51 11.65
CA HIS B 37 -7.92 -9.72 10.87
C HIS B 37 -9.39 -9.96 10.58
N LEU B 38 -9.78 -9.85 9.31
CA LEU B 38 -11.18 -9.99 8.92
C LEU B 38 -11.54 -11.46 8.70
N GLY B 39 -10.57 -12.34 8.93
CA GLY B 39 -10.82 -13.76 8.80
C GLY B 39 -11.55 -14.32 10.01
N THR B 40 -11.49 -13.60 11.12
CA THR B 40 -12.16 -14.01 12.34
C THR B 40 -13.62 -13.60 12.32
N ASP B 41 -13.84 -12.32 12.55
CA ASP B 41 -15.19 -11.80 12.63
C ASP B 41 -15.73 -11.49 11.25
N LYS B 42 -16.62 -12.32 10.74
CA LYS B 42 -17.24 -12.10 9.45
C LYS B 42 -18.12 -10.85 9.50
N ALA B 43 -18.56 -10.50 10.70
CA ALA B 43 -19.35 -9.30 10.90
C ALA B 43 -18.54 -8.03 10.65
N ARG B 44 -17.22 -8.12 10.83
CA ARG B 44 -16.35 -6.98 10.61
C ARG B 44 -16.22 -6.67 9.13
N ILE B 45 -16.42 -7.69 8.30
CA ILE B 45 -16.35 -7.53 6.85
C ILE B 45 -17.37 -6.50 6.37
N ALA B 46 -18.58 -6.57 6.93
CA ALA B 46 -19.64 -5.64 6.58
C ALA B 46 -19.25 -4.21 6.98
N GLU B 47 -18.65 -4.08 8.16
CA GLU B 47 -18.22 -2.78 8.65
C GLU B 47 -17.07 -2.23 7.81
N ALA B 48 -16.19 -3.11 7.37
CA ALA B 48 -15.08 -2.72 6.51
C ALA B 48 -15.61 -2.20 5.19
N GLU B 49 -16.65 -2.85 4.68
CA GLU B 49 -17.29 -2.43 3.44
C GLU B 49 -17.91 -1.04 3.59
N LYS B 50 -18.51 -0.80 4.74
CA LYS B 50 -19.09 0.51 5.06
C LYS B 50 -18.01 1.57 5.17
N ALA B 51 -16.85 1.17 5.69
CA ALA B 51 -15.73 2.07 5.88
C ALA B 51 -15.11 2.47 4.55
N GLY B 52 -15.19 1.59 3.57
CA GLY B 52 -14.63 1.88 2.27
C GLY B 52 -13.52 0.91 1.89
N VAL B 53 -13.48 -0.22 2.57
CA VAL B 53 -12.50 -1.25 2.29
C VAL B 53 -13.01 -2.15 1.16
N LYS B 54 -12.44 -1.98 -0.02
CA LYS B 54 -12.89 -2.71 -1.20
C LYS B 54 -12.18 -4.05 -1.31
N SER B 55 -11.01 -4.14 -0.69
CA SER B 55 -10.26 -5.38 -0.66
C SER B 55 -9.40 -5.47 0.60
N VAL B 56 -9.15 -6.69 1.05
CA VAL B 56 -8.26 -6.91 2.19
C VAL B 56 -6.80 -6.96 1.70
N PRO B 57 -5.85 -7.49 2.51
CA PRO B 57 -4.56 -6.87 2.72
C PRO B 57 -4.43 -5.45 2.18
N ALA B 58 -4.73 -4.50 3.06
CA ALA B 58 -4.73 -3.08 2.75
C ALA B 58 -4.41 -2.27 3.99
N LEU B 59 -4.04 -1.00 3.80
CA LEU B 59 -3.69 -0.13 4.90
C LEU B 59 -4.64 1.07 4.96
N VAL B 60 -5.32 1.19 6.08
CA VAL B 60 -6.28 2.27 6.28
C VAL B 60 -5.67 3.35 7.18
N ILE B 61 -5.37 4.50 6.61
CA ILE B 61 -4.75 5.57 7.37
C ILE B 61 -5.82 6.49 7.97
N ASP B 62 -6.14 6.23 9.23
CA ASP B 62 -7.04 7.07 10.03
C ASP B 62 -8.42 7.20 9.37
N GLY B 63 -8.77 6.21 8.57
CA GLY B 63 -10.05 6.23 7.89
C GLY B 63 -9.92 6.01 6.39
N ALA B 64 -8.82 6.47 5.81
CA ALA B 64 -8.61 6.33 4.38
C ALA B 64 -8.01 4.98 4.04
N ALA B 65 -8.79 4.13 3.38
CA ALA B 65 -8.38 2.77 3.08
C ALA B 65 -7.64 2.68 1.74
N PHE B 66 -6.35 2.36 1.81
CA PHE B 66 -5.54 2.18 0.61
C PHE B 66 -5.11 0.71 0.50
N HIS B 67 -5.35 0.13 -0.66
CA HIS B 67 -5.07 -1.30 -0.86
C HIS B 67 -3.60 -1.54 -1.07
N ILE B 68 -3.07 -2.57 -0.42
CA ILE B 68 -1.66 -2.95 -0.57
C ILE B 68 -1.57 -4.18 -1.45
N ASN B 69 -1.21 -3.96 -2.71
CA ASN B 69 -1.23 -5.02 -3.72
C ASN B 69 -2.66 -5.52 -3.87
N PHE B 70 -2.81 -6.71 -4.41
CA PHE B 70 -4.13 -7.33 -4.44
C PHE B 70 -4.17 -8.46 -3.43
N GLY B 71 -4.55 -8.12 -2.20
CA GLY B 71 -4.68 -9.14 -1.19
C GLY B 71 -5.84 -10.05 -1.47
N ALA B 72 -7.01 -9.70 -0.98
CA ALA B 72 -8.21 -10.44 -1.35
C ALA B 72 -9.39 -9.50 -1.57
N GLY B 73 -10.22 -9.80 -2.54
CA GLY B 73 -11.41 -8.98 -2.76
C GLY B 73 -12.44 -9.19 -1.68
N ILE B 74 -13.04 -8.11 -1.19
CA ILE B 74 -14.05 -8.23 -0.13
C ILE B 74 -15.30 -8.91 -0.68
N ASP B 75 -15.47 -8.82 -1.99
CA ASP B 75 -16.58 -9.46 -2.68
C ASP B 75 -16.31 -10.96 -2.83
N ASP B 76 -15.03 -11.31 -2.89
CA ASP B 76 -14.59 -12.69 -3.02
C ASP B 76 -14.78 -13.42 -1.70
N LEU B 77 -14.62 -12.68 -0.60
CA LEU B 77 -14.82 -13.22 0.74
C LEU B 77 -16.25 -13.76 0.88
N LYS B 78 -17.19 -13.09 0.24
CA LYS B 78 -18.57 -13.54 0.22
C LYS B 78 -18.73 -14.59 -0.87
N GLY B 79 -18.43 -15.83 -0.56
CA GLY B 79 -18.53 -16.88 -1.54
C GLY B 79 -18.55 -18.25 -0.93
N SER B 80 -19.45 -19.09 -1.40
CA SER B 80 -19.54 -20.46 -0.95
C SER B 80 -19.27 -21.40 -2.12
#